data_6J6I
#
_entry.id   6J6I
#
loop_
_entity.id
_entity.type
_entity.pdbx_description
1 polymer 'Probable serine/threonine-protein kinase PBL2'
2 polymer 'Protein kinase superfamily protein'
3 polymer 'Disease resistance RPP13-like protein 4'
4 non-polymer "URIDINE-5'-MONOPHOSPHATE"
5 non-polymer "2'-DEOXYADENOSINE 5'-TRIPHOSPHATE"
#
loop_
_entity_poly.entity_id
_entity_poly.type
_entity_poly.pdbx_seq_one_letter_code
_entity_poly.pdbx_strand_id
1 'polypeptide(L)'
;MGNCLDSSAKVDNSNHSPHANSASSGSKVSSKTSRSTGPSGLSTTSYSTDSSFGPLPTLRTEGEILSSPNLKAFTFNELK
NATKNFRQDNLLGEGGFGCVFKGWIDQTSLTASRPGSGIVVAVKQLKPEGFQGHKEWLTEVNYLGQLSHPNLVLLVGYCA
EGENRLLVYEFMPKGSLENHLFRRGAQPLTWAIRMKVAVGAAKGLTFLHEAKSQVIYRDFKAANILLDADFNAKLSDFGL
AKAGPTGDNTHVSTKVIGTHGYAAPEYVATGRLTAKSDVYSFGVVLLELISGRRAMDNSNGGNEYSLVDWATPYLGDKRK
LFRIMDTKLGGQYPQKGAFTAANLALQCLNPDAKLRPKMSEVLVTLEQLESVAKPGTKHTQMESPRFHHSSVMQKSPVRY
SHDRPLLHMTPGASPLPSYTQSPRVR
;
A
2 'polypeptide(L)'
;MKKQYLKSGSGTRKEKDKAKRWFLDNGSIFLRELVADCNGKSIPIRSFSPEQILKATNNFDSSCFVSQDVYYKWYRGEIE
DRSYMIKRFSEDEITGKRHRVKEVYNDIVLSARMSNHSNFLQLLGCCLEFPFPVLVFEFAEHGAMNQRGGVIVNGEESLL
PWSVRLKIGKEIANAVTYLHTAFPKIIIHRDVKPMHVFLDKNWTAKLSDLSFSISLPEGKSRIEAEWVLGTFGYIDPLYH
KTCFVTEYTDVYSFGICLLVIITGKPAIMTISDGDLQGILSLVRELCENGKLDEVIDPRLMKDITSGQRLQVEACVVLAL
RCCKERDEDRPKMIQVAKELKQIEASLKNSS
;
B
3 'polypeptide(L)'
;MVDAVVTVFLEKTLNILEEKGRTVSDYRKQLEDLQSELKYMQSFLKDAERQKRTNETLRTLVADLRELVYEAEDILVDCQ
LADGDDGNEQRSSNAWLSRLHPARVPLQYKKSKRLQEINERITKIKSQVEPYFEFITPSNVGRDNGTDRWSSPVYDHTQV
VGLEGDKRKIKEWLFRSNDSQLLIMAFVGMGGLGKTTIAQEVFNDKEIEHRFERRIWVSVSQTFTEEQIMRSILRNLGDA
SVGDDIGTLLRKIQQYLLGKRYLIVMDDVWDKNLSWWDKIYQGLPRGQGGSVIVTTRSESVAKRVQARDDKTHRPELLSP
DNSWLLFCNVAFAANDGTCERPELEDVGKEIVTKCKGLPLTIKAVGGLLLCKDHVYHEWRRIAEHFQDELRGNTSETDNV
MSSLQLSYDELPSHLKSCILTLSLYPEDCVIPKQQLVHGWIGEGFVMWRNGRSATESGEDCFSGLTNRCLIEVVDKTYSG
TIITCKIHDMVRDLVIDIAKKDSFSNPEGLNCRHLGISGNFDEKQIKVNHKLRGVVSTTKTGEVNKLNSDLAKKFTDCKY
LRVLDISKSIFDAPLSEILDEIASLQHLACLSLSNTHPLIQFPRSMEDLHNLQILDASYCQNLKQLQPCIVLFKKLLVLD
MTNCGSLECFPKGIGSLVKLEVLLGFKPARSNNGCKLSEVKNLTNLRKLGLSLTRGDQIEEEELDSLINLSKLMSISINC
YDSYGDDLITKIDALTPPHQLHELSLQFYPGKSSPSWLSPHKLPMLRYMSICSGNLVKMQEPFWGNENTHWRIEGLMLSS
LSDLDMDWEVLQQSMPYLRTVTANWCPELESFAIEDVGFRGGVWMKTPLHRT
;
C,F,G,L,O
#
loop_
_chem_comp.id
_chem_comp.type
_chem_comp.name
_chem_comp.formula
DTP non-polymer '2'-DEOXYADENOSINE 5'-TRIPHOSPHATE' 'C10 H16 N5 O12 P3'
U5P non-polymer URIDINE-5'-MONOPHOSPHATE 'C9 H13 N2 O9 P'
#
# COMPACT_ATOMS: atom_id res chain seq x y z
N LYS A 135 20.85 76.49 -60.87
CA LYS A 135 19.58 75.90 -60.49
C LYS A 135 19.40 75.94 -58.98
N GLU A 136 20.52 75.86 -58.27
CA GLU A 136 20.55 76.04 -56.83
C GLU A 136 21.76 76.85 -56.40
N TRP A 137 22.42 77.53 -57.34
CA TRP A 137 23.75 78.06 -57.09
C TRP A 137 23.85 79.56 -57.26
N LEU A 138 23.36 80.10 -58.37
CA LEU A 138 23.31 81.55 -58.53
C LEU A 138 22.24 82.16 -57.65
N THR A 139 21.22 81.39 -57.30
CA THR A 139 20.22 81.84 -56.33
C THR A 139 20.84 82.05 -54.96
N GLU A 140 21.73 81.14 -54.56
CA GLU A 140 22.47 81.29 -53.30
C GLU A 140 23.33 82.54 -53.33
N VAL A 141 23.98 82.80 -54.47
CA VAL A 141 24.75 84.03 -54.65
C VAL A 141 23.86 85.25 -54.51
N ASN A 142 22.63 85.17 -55.03
CA ASN A 142 21.68 86.28 -54.94
C ASN A 142 21.29 86.57 -53.50
N TYR A 143 20.76 85.58 -52.78
CA TYR A 143 20.24 85.93 -51.46
C TYR A 143 21.35 86.05 -50.42
N LEU A 144 22.46 85.34 -50.56
CA LEU A 144 23.55 85.51 -49.61
C LEU A 144 24.38 86.75 -49.91
N GLY A 145 24.29 87.30 -51.13
CA GLY A 145 24.98 88.54 -51.43
C GLY A 145 24.36 89.78 -50.83
N GLN A 146 23.14 89.67 -50.32
CA GLN A 146 22.45 90.79 -49.70
C GLN A 146 22.47 90.73 -48.18
N LEU A 147 22.99 89.65 -47.60
CA LEU A 147 22.94 89.43 -46.15
C LEU A 147 24.26 89.90 -45.54
N SER A 148 24.25 91.13 -45.02
CA SER A 148 25.35 91.63 -44.20
C SER A 148 24.73 92.58 -43.17
N HIS A 149 24.36 92.02 -42.02
CA HIS A 149 23.70 92.83 -40.99
C HIS A 149 24.15 92.34 -39.63
N PRO A 150 24.40 93.24 -38.67
CA PRO A 150 25.10 92.84 -37.45
C PRO A 150 24.28 92.00 -36.47
N ASN A 151 22.95 92.03 -36.57
CA ASN A 151 22.14 91.18 -35.69
C ASN A 151 21.70 89.89 -36.37
N LEU A 152 22.41 89.45 -37.37
CA LEU A 152 22.25 88.14 -37.95
C LEU A 152 23.43 87.29 -37.57
N VAL A 153 23.32 86.00 -37.81
CA VAL A 153 24.51 85.14 -37.80
C VAL A 153 25.24 85.39 -39.12
N LEU A 154 26.46 85.91 -39.02
CA LEU A 154 27.21 86.30 -40.19
C LEU A 154 27.68 85.07 -40.96
N LEU A 155 27.94 85.26 -42.24
CA LEU A 155 28.29 84.16 -43.15
C LEU A 155 29.73 83.72 -42.86
N VAL A 156 29.87 82.96 -41.77
CA VAL A 156 31.14 82.33 -41.47
C VAL A 156 31.42 81.23 -42.47
N GLY A 157 30.45 80.34 -42.70
CA GLY A 157 30.63 79.27 -43.64
C GLY A 157 29.97 79.51 -44.97
N TYR A 158 30.76 79.93 -45.96
CA TYR A 158 30.32 79.92 -47.35
C TYR A 158 31.52 79.51 -48.21
N CYS A 159 31.31 78.48 -49.02
CA CYS A 159 32.34 77.80 -49.80
C CYS A 159 31.70 77.33 -51.08
N ALA A 160 32.30 76.32 -51.71
CA ALA A 160 31.59 75.55 -52.72
C ALA A 160 30.31 74.96 -52.13
N GLU A 161 30.46 74.04 -51.16
CA GLU A 161 29.38 73.45 -50.37
C GLU A 161 28.33 72.77 -51.26
N GLY A 162 28.77 71.70 -51.91
CA GLY A 162 27.91 70.94 -52.82
C GLY A 162 26.78 70.18 -52.15
N GLU A 163 26.79 70.08 -50.83
CA GLU A 163 25.85 69.27 -50.08
C GLU A 163 24.77 70.16 -49.46
N ASN A 164 23.94 69.55 -48.61
CA ASN A 164 22.93 70.25 -47.81
C ASN A 164 23.57 70.88 -46.58
N ARG A 165 22.75 71.26 -45.59
CA ARG A 165 23.28 71.92 -44.40
C ARG A 165 24.12 70.94 -43.58
N LEU A 166 25.41 71.24 -43.50
CA LEU A 166 26.33 70.64 -42.56
C LEU A 166 27.19 71.74 -41.96
N LEU A 167 26.65 72.96 -41.98
CA LEU A 167 27.43 74.16 -41.72
C LEU A 167 27.77 74.26 -40.24
N VAL A 168 28.94 74.84 -39.96
CA VAL A 168 29.32 75.22 -38.60
C VAL A 168 29.76 76.69 -38.70
N TYR A 169 28.81 77.59 -38.48
CA TYR A 169 29.13 79.00 -38.24
C TYR A 169 29.77 79.07 -36.87
N GLU A 170 31.11 79.17 -36.84
CA GLU A 170 32.00 78.42 -35.96
C GLU A 170 31.50 78.16 -34.55
N PHE A 171 31.27 79.22 -33.78
CA PHE A 171 30.95 79.03 -32.38
C PHE A 171 29.98 80.12 -31.92
N MET A 172 29.23 79.79 -30.88
CA MET A 172 28.40 80.75 -30.17
C MET A 172 28.71 80.61 -28.69
N PRO A 173 29.08 81.70 -28.01
CA PRO A 173 29.52 81.58 -26.61
C PRO A 173 28.41 81.23 -25.64
N LYS A 174 27.27 81.89 -25.76
CA LYS A 174 26.14 81.64 -24.86
C LYS A 174 24.99 80.91 -25.52
N GLY A 175 24.94 80.90 -26.86
CA GLY A 175 23.85 80.24 -27.55
C GLY A 175 22.56 81.03 -27.53
N SER A 176 21.43 80.35 -27.35
CA SER A 176 20.13 81.00 -27.39
C SER A 176 19.68 81.34 -25.97
N LEU A 177 18.47 81.87 -25.85
CA LEU A 177 17.90 82.23 -24.56
C LEU A 177 17.40 81.03 -23.77
N GLU A 178 17.22 79.88 -24.41
CA GLU A 178 16.93 78.67 -23.65
C GLU A 178 18.11 78.22 -22.82
N ASN A 179 19.32 78.65 -23.18
CA ASN A 179 20.51 78.37 -22.38
C ASN A 179 20.56 79.20 -21.10
N HIS A 180 19.68 80.15 -20.92
CA HIS A 180 19.67 80.92 -19.68
C HIS A 180 18.31 80.99 -19.03
N LEU A 181 17.23 81.00 -19.81
CA LEU A 181 15.91 81.16 -19.22
C LEU A 181 15.36 79.84 -18.67
N PHE A 182 15.61 78.73 -19.36
CA PHE A 182 14.84 77.54 -19.11
C PHE A 182 15.59 76.46 -18.34
N ARG A 183 16.91 76.55 -18.20
CA ARG A 183 17.62 75.77 -17.19
C ARG A 183 18.21 76.73 -16.18
N ARG A 184 18.22 76.30 -14.93
CA ARG A 184 18.38 77.22 -13.79
C ARG A 184 19.76 77.08 -13.15
N GLY A 185 20.78 76.85 -13.96
CA GLY A 185 22.13 76.73 -13.45
C GLY A 185 23.13 77.65 -14.12
N ALA A 186 22.76 78.17 -15.30
CA ALA A 186 23.71 79.00 -16.05
C ALA A 186 23.73 80.43 -15.54
N GLN A 187 22.59 81.12 -15.64
CA GLN A 187 22.48 82.50 -15.20
C GLN A 187 21.11 82.73 -14.58
N PRO A 188 21.01 83.63 -13.61
CA PRO A 188 19.71 84.18 -13.26
C PRO A 188 19.29 85.22 -14.28
N LEU A 189 18.02 85.59 -14.23
CA LEU A 189 17.51 86.60 -15.14
C LEU A 189 18.07 87.97 -14.77
N THR A 190 18.02 88.88 -15.74
CA THR A 190 18.50 90.24 -15.54
C THR A 190 17.33 91.17 -15.30
N TRP A 191 17.66 92.43 -15.03
CA TRP A 191 16.71 93.53 -15.08
C TRP A 191 16.51 93.96 -16.53
N ALA A 192 16.10 95.20 -16.74
CA ALA A 192 15.88 95.71 -18.10
C ALA A 192 17.19 95.82 -18.86
N ILE A 193 17.72 94.67 -19.26
CA ILE A 193 19.00 94.53 -19.96
C ILE A 193 18.75 93.73 -21.22
N ARG A 194 18.12 92.56 -21.06
CA ARG A 194 17.83 91.69 -22.17
C ARG A 194 16.69 92.21 -23.04
N MET A 195 15.91 93.16 -22.53
CA MET A 195 14.90 93.78 -23.37
C MET A 195 15.53 94.66 -24.44
N LYS A 196 16.70 95.24 -24.17
CA LYS A 196 17.41 95.95 -25.22
C LYS A 196 18.10 94.99 -26.17
N VAL A 197 18.39 93.76 -25.73
CA VAL A 197 18.80 92.72 -26.66
C VAL A 197 17.65 92.34 -27.56
N ALA A 198 16.43 92.35 -27.02
CA ALA A 198 15.25 92.15 -27.86
C ALA A 198 15.04 93.33 -28.82
N VAL A 199 15.41 94.53 -28.39
CA VAL A 199 15.41 95.68 -29.29
C VAL A 199 16.44 95.49 -30.39
N GLY A 200 17.58 94.86 -30.07
CA GLY A 200 18.55 94.55 -31.11
C GLY A 200 18.05 93.49 -32.09
N ALA A 201 17.30 92.51 -31.59
CA ALA A 201 16.67 91.53 -32.47
C ALA A 201 15.61 92.19 -33.34
N ALA A 202 14.87 93.13 -32.76
CA ALA A 202 13.95 93.95 -33.53
C ALA A 202 14.68 94.79 -34.57
N LYS A 203 15.91 95.21 -34.25
CA LYS A 203 16.66 96.03 -35.20
C LYS A 203 17.16 95.18 -36.38
N GLY A 204 17.55 93.93 -36.09
CA GLY A 204 17.79 92.99 -37.16
C GLY A 204 16.55 92.74 -38.01
N LEU A 205 15.38 92.74 -37.37
CA LEU A 205 14.15 92.64 -38.15
C LEU A 205 13.85 93.91 -38.94
N THR A 206 14.33 95.06 -38.46
CA THR A 206 14.22 96.26 -39.26
C THR A 206 15.18 96.23 -40.43
N PHE A 207 16.24 95.41 -40.35
CA PHE A 207 16.93 95.09 -41.59
C PHE A 207 16.16 94.09 -42.44
N LEU A 208 15.36 93.23 -41.79
CA LEU A 208 14.73 92.13 -42.50
C LEU A 208 13.55 92.58 -43.34
N HIS A 209 12.57 93.25 -42.75
CA HIS A 209 11.27 93.44 -43.39
C HIS A 209 11.16 94.68 -44.25
N GLU A 210 12.18 95.53 -44.29
CA GLU A 210 12.08 96.87 -44.87
C GLU A 210 12.82 97.01 -46.18
N ALA A 211 14.11 96.67 -46.20
CA ALA A 211 14.90 96.71 -47.42
C ALA A 211 14.63 95.51 -48.33
N LYS A 212 13.73 94.62 -47.94
CA LYS A 212 13.44 93.44 -48.73
C LYS A 212 12.58 93.79 -49.95
N SER A 213 12.54 92.86 -50.89
CA SER A 213 11.48 92.82 -51.89
C SER A 213 10.42 91.80 -51.45
N GLN A 214 10.84 90.56 -51.20
CA GLN A 214 10.06 89.63 -50.39
C GLN A 214 11.07 88.74 -49.66
N VAL A 215 11.45 89.14 -48.46
CA VAL A 215 12.30 88.33 -47.59
C VAL A 215 11.62 88.27 -46.22
N ILE A 216 11.24 87.07 -45.81
CA ILE A 216 10.45 86.85 -44.60
C ILE A 216 11.09 85.71 -43.81
N TYR A 217 11.38 85.97 -42.54
CA TYR A 217 12.24 85.09 -41.74
C TYR A 217 11.57 83.78 -41.34
N ARG A 218 10.25 83.79 -41.11
CA ARG A 218 9.32 82.66 -41.04
C ARG A 218 9.61 81.59 -39.97
N ASP A 219 10.61 81.79 -39.11
CA ASP A 219 10.90 80.78 -38.08
C ASP A 219 11.18 81.46 -36.73
N PHE A 220 10.28 82.33 -36.31
CA PHE A 220 10.51 83.09 -35.08
C PHE A 220 10.23 82.24 -33.85
N LYS A 221 11.28 81.84 -33.15
CA LYS A 221 11.13 81.34 -31.80
C LYS A 221 12.42 81.60 -31.04
N ALA A 222 12.37 81.33 -29.73
CA ALA A 222 13.46 81.69 -28.83
C ALA A 222 14.73 80.88 -29.06
N ALA A 223 14.67 79.77 -29.79
CA ALA A 223 15.88 79.03 -30.12
C ALA A 223 16.66 79.69 -31.24
N ASN A 224 16.04 80.59 -32.00
CA ASN A 224 16.70 81.20 -33.14
C ASN A 224 17.36 82.53 -32.79
N ILE A 225 16.79 83.31 -31.87
CA ILE A 225 17.51 84.46 -31.34
C ILE A 225 18.65 83.97 -30.43
N LEU A 226 19.84 84.51 -30.66
CA LEU A 226 21.06 83.98 -30.09
C LEU A 226 21.75 85.05 -29.25
N LEU A 227 22.87 84.67 -28.63
CA LEU A 227 23.59 85.53 -27.70
C LEU A 227 25.08 85.48 -27.93
N ASP A 228 25.72 86.65 -27.79
CA ASP A 228 27.16 86.75 -27.70
C ASP A 228 27.54 86.99 -26.25
N ALA A 229 28.84 87.20 -26.00
CA ALA A 229 29.28 87.63 -24.68
C ALA A 229 28.87 89.06 -24.38
N ASP A 230 28.64 89.87 -25.42
CA ASP A 230 28.20 91.25 -25.27
C ASP A 230 26.68 91.38 -25.29
N PHE A 231 25.96 90.28 -25.09
CA PHE A 231 24.50 90.19 -25.18
C PHE A 231 24.01 90.69 -26.54
N ASN A 232 24.42 90.01 -27.60
CA ASN A 232 24.11 90.40 -28.96
C ASN A 232 23.14 89.42 -29.59
N ALA A 233 22.03 89.94 -30.09
CA ALA A 233 21.03 89.11 -30.76
C ALA A 233 21.52 88.71 -32.15
N LYS A 234 21.30 87.43 -32.50
CA LYS A 234 21.66 86.94 -33.81
C LYS A 234 20.58 86.01 -34.33
N LEU A 235 20.44 85.98 -35.66
CA LEU A 235 19.41 85.21 -36.34
C LEU A 235 20.04 84.42 -37.48
N SER A 236 19.40 83.30 -37.81
CA SER A 236 19.94 82.39 -38.81
C SER A 236 18.81 81.54 -39.39
N ASP A 237 19.20 80.64 -40.30
CA ASP A 237 18.37 79.55 -40.84
C ASP A 237 17.12 80.10 -41.55
N PHE A 238 17.39 80.78 -42.66
CA PHE A 238 16.34 81.17 -43.58
C PHE A 238 15.80 79.97 -44.35
N THR A 250 5.21 73.05 -51.91
CA THR A 250 4.18 73.95 -51.38
C THR A 250 3.49 73.34 -50.16
N HIS A 251 2.51 72.47 -50.42
CA HIS A 251 1.67 71.91 -49.37
C HIS A 251 2.42 70.80 -48.65
N VAL A 252 2.64 70.98 -47.35
CA VAL A 252 3.29 69.98 -46.51
C VAL A 252 2.38 69.62 -45.36
N SER A 253 2.07 68.33 -45.21
CA SER A 253 1.16 67.88 -44.12
C SER A 253 1.79 68.05 -42.78
N THR A 254 3.03 67.60 -42.63
CA THR A 254 3.71 67.70 -41.34
C THR A 254 4.02 69.14 -40.99
N LYS A 255 3.46 69.60 -39.89
CA LYS A 255 3.66 70.97 -39.46
C LYS A 255 4.97 71.10 -38.70
N VAL A 256 5.82 72.03 -39.14
CA VAL A 256 7.10 72.31 -38.48
C VAL A 256 7.26 73.79 -38.15
N ILE A 257 6.57 74.67 -38.85
CA ILE A 257 6.71 76.11 -38.65
C ILE A 257 5.87 76.50 -37.43
N GLY A 258 6.55 76.77 -36.32
CA GLY A 258 5.85 77.17 -35.11
C GLY A 258 5.07 76.05 -34.49
N THR A 259 5.76 75.02 -34.00
CA THR A 259 5.12 73.87 -33.38
C THR A 259 4.70 74.13 -31.94
N HIS A 260 4.76 75.36 -31.48
CA HIS A 260 4.33 75.75 -30.15
C HIS A 260 3.64 77.09 -30.30
N GLY A 261 3.52 77.85 -29.21
CA GLY A 261 2.78 79.09 -29.23
C GLY A 261 3.38 80.27 -30.00
N TYR A 262 4.30 79.99 -30.91
CA TYR A 262 4.88 80.99 -31.81
C TYR A 262 4.10 81.13 -33.10
N ALA A 263 3.00 80.43 -33.26
CA ALA A 263 2.27 80.42 -34.53
C ALA A 263 1.13 81.43 -34.50
N ALA A 264 0.86 82.01 -35.65
CA ALA A 264 -0.25 82.94 -35.78
C ALA A 264 -1.55 82.16 -35.94
N PRO A 265 -2.64 82.62 -35.30
CA PRO A 265 -3.92 81.91 -35.44
C PRO A 265 -4.46 81.94 -36.85
N GLU A 266 -4.26 83.06 -37.56
CA GLU A 266 -4.61 83.10 -38.97
C GLU A 266 -3.68 82.23 -39.81
N TYR A 267 -2.46 81.96 -39.34
CA TYR A 267 -1.58 81.05 -40.08
C TYR A 267 -1.98 79.60 -39.85
N VAL A 268 -2.40 79.27 -38.63
CA VAL A 268 -2.95 77.96 -38.35
C VAL A 268 -4.23 77.75 -39.15
N ALA A 269 -5.04 78.80 -39.27
CA ALA A 269 -6.27 78.69 -40.03
C ALA A 269 -6.00 78.61 -41.54
N THR A 270 -4.96 79.27 -42.03
CA THR A 270 -4.75 79.34 -43.47
C THR A 270 -3.47 78.65 -43.92
N GLY A 271 -2.32 79.08 -43.43
CA GLY A 271 -1.06 78.59 -43.94
C GLY A 271 -0.31 79.57 -44.82
N ARG A 272 -0.83 80.76 -45.03
CA ARG A 272 -0.09 81.82 -45.69
C ARG A 272 0.65 82.61 -44.63
N LEU A 273 1.94 82.83 -44.83
CA LEU A 273 2.82 83.37 -43.81
C LEU A 273 3.21 84.79 -44.21
N THR A 274 2.74 85.78 -43.45
CA THR A 274 2.99 87.18 -43.75
C THR A 274 4.14 87.69 -42.91
N ALA A 275 4.46 88.97 -43.12
CA ALA A 275 5.30 89.73 -42.21
C ALA A 275 4.51 90.24 -41.01
N LYS A 276 3.21 90.03 -41.00
CA LYS A 276 2.34 90.40 -39.89
C LYS A 276 2.10 89.22 -38.97
N SER A 277 2.07 88.02 -39.52
CA SER A 277 2.34 86.83 -38.71
C SER A 277 3.72 86.90 -38.08
N ASP A 278 4.68 87.54 -38.76
CA ASP A 278 6.00 87.75 -38.17
C ASP A 278 5.94 88.67 -36.96
N VAL A 279 5.14 89.74 -37.03
CA VAL A 279 5.13 90.64 -35.89
C VAL A 279 4.30 90.05 -34.75
N TYR A 280 3.33 89.17 -35.08
CA TYR A 280 2.66 88.38 -34.04
C TYR A 280 3.64 87.45 -33.33
N SER A 281 4.49 86.77 -34.11
CA SER A 281 5.45 85.86 -33.53
C SER A 281 6.54 86.60 -32.78
N PHE A 282 6.90 87.80 -33.22
CA PHE A 282 7.83 88.61 -32.44
C PHE A 282 7.18 89.08 -31.14
N GLY A 283 5.87 89.31 -31.18
CA GLY A 283 5.15 89.63 -29.97
C GLY A 283 5.17 88.50 -28.95
N VAL A 284 4.98 87.26 -29.41
CA VAL A 284 5.05 86.16 -28.44
C VAL A 284 6.50 85.86 -28.04
N VAL A 285 7.48 86.23 -28.85
CA VAL A 285 8.87 86.22 -28.41
C VAL A 285 9.06 87.18 -27.24
N LEU A 286 8.48 88.38 -27.35
CA LEU A 286 8.53 89.35 -26.25
C LEU A 286 7.81 88.83 -25.01
N LEU A 287 6.64 88.20 -25.21
CA LEU A 287 5.90 87.56 -24.14
C LEU A 287 6.75 86.50 -23.42
N GLU A 288 7.49 85.71 -24.17
CA GLU A 288 8.29 84.66 -23.56
C GLU A 288 9.47 85.24 -22.79
N LEU A 289 10.16 86.22 -23.37
CA LEU A 289 11.36 86.76 -22.71
C LEU A 289 11.00 87.58 -21.48
N ILE A 290 9.78 88.11 -21.42
CA ILE A 290 9.33 88.74 -20.18
C ILE A 290 8.83 87.69 -19.20
N SER A 291 8.12 86.68 -19.69
CA SER A 291 7.39 85.78 -18.81
C SER A 291 8.17 84.53 -18.42
N GLY A 292 8.53 83.70 -19.41
CA GLY A 292 9.14 82.42 -19.11
C GLY A 292 8.18 81.25 -19.10
N ARG A 293 7.42 81.08 -20.18
CA ARG A 293 6.56 79.90 -20.33
C ARG A 293 7.36 78.70 -20.81
N LEU A 321 -3.71 94.52 -12.70
CA LEU A 321 -2.34 95.01 -12.57
C LEU A 321 -1.44 93.93 -11.98
N PHE A 322 -1.60 92.70 -12.47
CA PHE A 322 -0.81 91.57 -12.00
C PHE A 322 0.51 91.54 -12.77
N ARG A 323 1.42 92.40 -12.37
CA ARG A 323 2.73 92.51 -13.02
C ARG A 323 3.75 91.64 -12.27
N ILE A 324 3.46 90.34 -12.28
CA ILE A 324 4.27 89.35 -11.58
C ILE A 324 4.88 88.47 -12.66
N MET A 325 5.26 89.10 -13.77
CA MET A 325 6.01 88.43 -14.83
C MET A 325 7.39 87.97 -14.37
N ASP A 326 7.92 88.55 -13.30
CA ASP A 326 9.20 88.14 -12.74
C ASP A 326 8.99 87.50 -11.37
N THR A 327 9.87 86.56 -11.05
CA THR A 327 9.91 85.94 -9.73
C THR A 327 11.23 86.16 -9.02
N LYS A 328 12.21 86.78 -9.65
CA LYS A 328 13.52 87.01 -9.06
C LYS A 328 13.83 88.48 -8.82
N LEU A 329 13.40 89.37 -9.72
CA LEU A 329 13.70 90.79 -9.63
C LEU A 329 12.38 91.54 -9.79
N GLY A 330 11.64 91.67 -8.69
CA GLY A 330 10.29 92.20 -8.73
C GLY A 330 10.19 93.69 -8.50
N GLY A 331 11.13 94.46 -9.01
CA GLY A 331 11.08 95.90 -8.87
C GLY A 331 11.12 96.62 -10.20
N GLN A 332 10.43 96.08 -11.21
CA GLN A 332 10.45 96.65 -12.55
C GLN A 332 9.36 97.70 -12.77
N TYR A 333 8.51 97.92 -11.76
CA TYR A 333 7.50 98.99 -11.85
C TYR A 333 8.08 100.38 -12.11
N PRO A 334 9.16 100.86 -11.47
CA PRO A 334 9.74 102.13 -11.93
C PRO A 334 10.54 102.01 -13.21
N GLN A 335 10.83 100.80 -13.69
CA GLN A 335 11.66 100.68 -14.87
C GLN A 335 10.90 100.92 -16.16
N LYS A 336 9.56 100.90 -16.12
CA LYS A 336 8.63 101.33 -17.15
C LYS A 336 8.66 100.48 -18.42
N GLY A 337 9.58 99.52 -18.54
CA GLY A 337 9.53 98.57 -19.63
C GLY A 337 8.41 97.56 -19.48
N ALA A 338 7.96 97.34 -18.25
CA ALA A 338 6.75 96.55 -18.02
C ALA A 338 5.55 97.21 -18.68
N PHE A 339 5.39 98.52 -18.47
CA PHE A 339 4.27 99.27 -19.02
C PHE A 339 4.31 99.31 -20.55
N THR A 340 5.45 99.74 -21.11
CA THR A 340 5.57 99.89 -22.56
C THR A 340 5.53 98.53 -23.26
N ALA A 341 6.15 97.52 -22.65
CA ALA A 341 6.17 96.20 -23.27
C ALA A 341 4.81 95.52 -23.19
N ALA A 342 4.07 95.76 -22.09
CA ALA A 342 2.70 95.24 -22.03
C ALA A 342 1.78 95.97 -23.00
N ASN A 343 2.04 97.26 -23.24
CA ASN A 343 1.29 97.99 -24.27
C ASN A 343 1.55 97.41 -25.64
N LEU A 344 2.83 97.19 -25.97
CA LEU A 344 3.20 96.61 -27.26
C LEU A 344 2.68 95.18 -27.41
N ALA A 345 2.64 94.43 -26.32
CA ALA A 345 2.07 93.09 -26.32
C ALA A 345 0.57 93.14 -26.60
N LEU A 346 -0.19 93.75 -25.69
CA LEU A 346 -1.64 93.76 -25.76
C LEU A 346 -2.19 94.56 -26.94
N GLN A 347 -1.38 95.37 -27.60
CA GLN A 347 -1.77 95.93 -28.89
C GLN A 347 -1.34 95.03 -30.04
N CYS A 348 -0.22 94.33 -29.89
CA CYS A 348 0.31 93.48 -30.93
C CYS A 348 -0.39 92.12 -31.01
N LEU A 349 -0.87 91.62 -29.87
CA LEU A 349 -1.30 90.23 -29.73
C LEU A 349 -2.79 90.04 -29.96
N ASN A 350 -3.43 90.94 -30.69
CA ASN A 350 -4.84 90.78 -30.98
C ASN A 350 -5.00 89.82 -32.17
N PRO A 351 -6.07 89.03 -32.19
CA PRO A 351 -6.17 87.96 -33.20
C PRO A 351 -6.57 88.41 -34.59
N ASP A 352 -6.66 89.69 -34.88
CA ASP A 352 -7.00 90.11 -36.23
C ASP A 352 -5.73 90.30 -37.05
N ALA A 353 -5.87 90.90 -38.23
CA ALA A 353 -4.74 91.14 -39.10
C ALA A 353 -4.72 92.53 -39.70
N LYS A 354 -5.59 93.44 -39.28
CA LYS A 354 -5.71 94.74 -39.93
C LYS A 354 -5.52 95.89 -38.95
N LEU A 355 -5.07 95.62 -37.73
CA LEU A 355 -4.53 96.64 -36.84
C LEU A 355 -3.09 96.31 -36.46
N ARG A 356 -2.41 95.57 -37.32
CA ARG A 356 -1.12 94.99 -36.98
C ARG A 356 -0.05 96.06 -36.81
N PRO A 357 0.85 95.89 -35.85
CA PRO A 357 1.93 96.86 -35.66
C PRO A 357 3.00 96.75 -36.72
N LYS A 358 4.07 97.50 -36.53
CA LYS A 358 5.25 97.40 -37.37
C LYS A 358 6.46 97.53 -36.45
N MET A 359 7.59 96.99 -36.90
CA MET A 359 8.74 96.79 -36.02
C MET A 359 9.40 98.09 -35.57
N SER A 360 9.27 99.17 -36.36
CA SER A 360 9.90 100.43 -36.01
C SER A 360 9.27 101.05 -34.76
N GLU A 361 7.96 100.92 -34.62
CA GLU A 361 7.28 101.40 -33.42
C GLU A 361 7.67 100.58 -32.21
N VAL A 362 7.87 99.27 -32.39
CA VAL A 362 8.30 98.39 -31.32
C VAL A 362 9.72 98.75 -30.88
N LEU A 363 10.55 99.24 -31.81
CA LEU A 363 11.82 99.85 -31.41
C LEU A 363 11.59 101.10 -30.58
N VAL A 364 10.93 102.10 -31.18
CA VAL A 364 11.01 103.46 -30.66
C VAL A 364 10.13 103.70 -29.45
N THR A 365 9.21 102.79 -29.12
CA THR A 365 8.29 103.03 -28.02
C THR A 365 8.76 102.44 -26.70
N LEU A 366 10.07 102.32 -26.49
CA LEU A 366 10.58 102.08 -25.15
C LEU A 366 11.83 102.88 -24.80
N GLU A 367 12.60 103.35 -25.77
CA GLU A 367 13.87 104.02 -25.48
C GLU A 367 13.66 105.47 -25.07
N ASP B 17 9.40 36.47 -61.04
CA ASP B 17 10.28 37.63 -61.12
C ASP B 17 10.62 38.17 -59.74
N LYS B 18 10.75 39.50 -59.66
CA LYS B 18 10.91 40.22 -58.42
C LYS B 18 9.57 40.40 -57.70
N ALA B 19 8.46 40.03 -58.35
CA ALA B 19 7.14 40.11 -57.73
C ALA B 19 7.02 39.20 -56.52
N LYS B 20 7.75 38.07 -56.53
CA LYS B 20 7.82 37.21 -55.36
C LYS B 20 8.50 37.89 -54.20
N ARG B 21 9.49 38.75 -54.47
CA ARG B 21 10.17 39.44 -53.38
C ARG B 21 9.26 40.50 -52.75
N TRP B 22 8.57 41.28 -53.59
CA TRP B 22 7.49 42.16 -53.16
C TRP B 22 6.51 41.43 -52.25
N PHE B 23 6.02 40.27 -52.71
CA PHE B 23 5.04 39.49 -51.99
C PHE B 23 5.58 39.03 -50.63
N LEU B 24 6.68 38.28 -50.65
CA LEU B 24 7.26 37.68 -49.46
C LEU B 24 7.80 38.70 -48.46
N ASP B 25 7.94 39.97 -48.82
CA ASP B 25 8.32 40.94 -47.81
C ASP B 25 7.14 41.76 -47.31
N ASN B 26 6.34 42.33 -48.24
CA ASN B 26 5.23 43.20 -47.87
C ASN B 26 4.21 42.46 -47.04
N GLY B 27 3.88 41.22 -47.41
CA GLY B 27 2.90 40.51 -46.63
C GLY B 27 3.41 40.03 -45.29
N SER B 28 4.73 39.99 -45.09
CA SER B 28 5.24 39.55 -43.82
C SER B 28 5.13 40.67 -42.81
N ILE B 29 5.46 41.88 -43.26
CA ILE B 29 5.15 43.08 -42.48
C ILE B 29 3.66 43.15 -42.17
N PHE B 30 2.83 42.91 -43.21
CA PHE B 30 1.38 42.97 -43.12
C PHE B 30 0.82 42.01 -42.08
N LEU B 31 1.19 40.73 -42.20
CA LEU B 31 0.67 39.71 -41.30
C LEU B 31 1.18 39.92 -39.88
N ARG B 32 2.44 40.32 -39.72
CA ARG B 32 3.00 40.51 -38.39
C ARG B 32 2.25 41.60 -37.64
N GLU B 33 2.02 42.73 -38.28
CA GLU B 33 1.34 43.76 -37.49
C GLU B 33 -0.18 43.61 -37.47
N LEU B 34 -0.79 42.83 -38.37
CA LEU B 34 -2.21 42.59 -38.13
C LEU B 34 -2.43 41.54 -37.05
N VAL B 35 -1.50 40.60 -36.86
CA VAL B 35 -1.60 39.74 -35.69
C VAL B 35 -1.34 40.55 -34.44
N ALA B 36 -0.44 41.54 -34.52
CA ALA B 36 -0.19 42.42 -33.38
C ALA B 36 -1.41 43.26 -33.02
N ASP B 37 -2.23 43.62 -34.01
CA ASP B 37 -3.36 44.49 -33.73
C ASP B 37 -4.68 43.76 -33.49
N CYS B 38 -4.94 42.70 -34.24
CA CYS B 38 -6.27 42.12 -34.35
C CYS B 38 -6.33 40.67 -33.92
N ASN B 39 -5.18 40.05 -33.66
CA ASN B 39 -5.02 38.61 -33.35
C ASN B 39 -5.57 37.74 -34.47
N GLY B 40 -5.47 38.20 -35.71
CA GLY B 40 -5.86 37.38 -36.84
C GLY B 40 -7.34 37.34 -37.18
N LYS B 41 -8.19 37.46 -36.16
CA LYS B 41 -9.62 37.30 -36.31
C LYS B 41 -10.20 38.48 -37.07
N SER B 42 -10.30 38.36 -38.39
CA SER B 42 -10.48 39.53 -39.25
C SER B 42 -11.33 39.14 -40.45
N ILE B 43 -11.18 39.92 -41.52
CA ILE B 43 -12.14 40.06 -42.62
C ILE B 43 -11.66 39.27 -43.83
N PRO B 44 -12.56 38.70 -44.64
CA PRO B 44 -12.13 37.95 -45.84
C PRO B 44 -11.48 38.78 -46.93
N ILE B 45 -10.17 39.01 -46.79
CA ILE B 45 -9.40 39.68 -47.84
C ILE B 45 -9.33 38.78 -49.06
N ARG B 46 -9.51 39.34 -50.25
CA ARG B 46 -9.31 38.57 -51.47
C ARG B 46 -8.02 39.02 -52.15
N SER B 47 -7.17 38.06 -52.49
CA SER B 47 -5.94 38.34 -53.20
C SER B 47 -6.23 38.58 -54.67
N PHE B 48 -5.18 38.93 -55.41
CA PHE B 48 -5.33 39.28 -56.82
C PHE B 48 -4.12 38.83 -57.62
N SER B 49 -4.35 38.69 -58.92
CA SER B 49 -3.28 38.78 -59.90
C SER B 49 -3.00 40.25 -60.15
N PRO B 50 -1.84 40.60 -60.74
CA PRO B 50 -1.65 42.01 -61.09
C PRO B 50 -2.58 42.48 -62.19
N GLU B 51 -2.79 41.65 -63.21
CA GLU B 51 -3.40 42.08 -64.46
C GLU B 51 -4.85 42.50 -64.29
N GLN B 52 -5.53 42.00 -63.26
CA GLN B 52 -6.91 42.39 -63.00
C GLN B 52 -6.99 43.87 -62.64
N ILE B 53 -6.16 44.33 -61.71
CA ILE B 53 -6.22 45.75 -61.38
C ILE B 53 -5.39 46.59 -62.34
N LEU B 54 -4.48 45.98 -63.10
CA LEU B 54 -3.80 46.74 -64.14
C LEU B 54 -4.76 47.11 -65.27
N LYS B 55 -5.50 46.15 -65.80
CA LYS B 55 -6.46 46.47 -66.84
C LYS B 55 -7.73 47.10 -66.26
N ALA B 56 -7.96 46.97 -64.96
CA ALA B 56 -9.16 47.56 -64.37
C ALA B 56 -9.02 49.07 -64.25
N THR B 57 -7.81 49.55 -63.95
CA THR B 57 -7.53 50.97 -63.87
C THR B 57 -6.85 51.49 -65.13
N ASN B 58 -6.75 50.64 -66.16
CA ASN B 58 -6.09 50.94 -67.44
C ASN B 58 -4.64 51.37 -67.22
N ASN B 59 -3.92 50.51 -66.49
CA ASN B 59 -2.48 50.62 -66.22
C ASN B 59 -2.15 51.93 -65.49
N PHE B 60 -3.01 52.27 -64.51
CA PHE B 60 -2.84 53.34 -63.52
C PHE B 60 -2.90 54.75 -64.08
N ASP B 61 -3.00 54.91 -65.40
CA ASP B 61 -2.90 56.21 -66.04
C ASP B 61 -4.07 56.37 -66.98
N SER B 62 -5.16 56.94 -66.47
CA SER B 62 -6.37 57.15 -67.26
C SER B 62 -7.18 58.27 -66.61
N SER B 63 -8.43 58.40 -67.05
CA SER B 63 -9.38 59.32 -66.46
C SER B 63 -10.20 58.69 -65.35
N CYS B 64 -9.83 57.49 -64.90
CA CYS B 64 -10.53 56.81 -63.81
C CYS B 64 -10.03 57.25 -62.44
N PHE B 65 -9.26 58.32 -62.40
CA PHE B 65 -8.71 58.85 -61.16
C PHE B 65 -9.79 59.52 -60.34
N VAL B 66 -9.78 59.27 -59.02
CA VAL B 66 -10.74 59.93 -58.15
C VAL B 66 -10.04 61.09 -57.45
N SER B 67 -9.07 60.79 -56.60
CA SER B 67 -8.56 61.86 -55.74
C SER B 67 -7.25 61.46 -55.08
N GLN B 68 -6.37 62.43 -54.87
CA GLN B 68 -5.03 62.17 -54.39
C GLN B 68 -4.80 62.76 -53.01
N ASP B 69 -3.59 62.51 -52.51
CA ASP B 69 -3.09 63.00 -51.24
C ASP B 69 -1.57 62.83 -51.30
N VAL B 70 -0.90 62.89 -50.14
CA VAL B 70 0.55 62.80 -50.08
C VAL B 70 1.01 61.41 -50.50
N TYR B 71 0.58 60.39 -49.78
CA TYR B 71 1.06 59.04 -50.04
C TYR B 71 0.38 58.41 -51.24
N TYR B 72 -0.93 58.55 -51.34
CA TYR B 72 -1.76 57.63 -52.11
C TYR B 72 -2.53 58.36 -53.20
N LYS B 73 -3.22 57.56 -54.02
CA LYS B 73 -4.09 58.02 -55.08
C LYS B 73 -5.27 57.06 -55.22
N TRP B 74 -6.47 57.62 -55.29
CA TRP B 74 -7.71 56.89 -55.46
C TRP B 74 -8.09 56.86 -56.93
N TYR B 75 -8.29 55.65 -57.45
CA TYR B 75 -8.78 55.37 -58.79
C TYR B 75 -10.16 54.71 -58.71
N ARG B 76 -10.93 54.86 -59.78
CA ARG B 76 -12.04 53.96 -60.02
C ARG B 76 -11.51 52.72 -60.72
N GLY B 77 -12.38 51.75 -60.96
CA GLY B 77 -11.99 50.64 -61.80
C GLY B 77 -13.12 49.64 -61.93
N GLU B 78 -12.86 48.60 -62.71
CA GLU B 78 -13.88 47.59 -63.00
C GLU B 78 -13.19 46.25 -63.19
N ILE B 79 -13.46 45.32 -62.28
CA ILE B 79 -13.07 43.93 -62.43
C ILE B 79 -14.35 43.23 -62.83
N GLU B 80 -14.28 41.92 -63.17
CA GLU B 80 -15.33 41.22 -63.91
C GLU B 80 -16.69 41.31 -63.21
N ASP B 81 -17.65 41.84 -63.97
CA ASP B 81 -18.99 42.33 -63.65
C ASP B 81 -19.15 42.96 -62.27
N ARG B 82 -18.16 43.76 -61.84
CA ARG B 82 -18.35 44.66 -60.71
C ARG B 82 -17.33 45.77 -60.78
N SER B 83 -17.80 47.01 -60.70
CA SER B 83 -16.88 48.12 -60.53
C SER B 83 -16.42 48.19 -59.08
N TYR B 84 -15.17 48.59 -58.91
CA TYR B 84 -14.53 48.70 -57.61
C TYR B 84 -13.83 50.05 -57.52
N MET B 85 -13.32 50.34 -56.33
CA MET B 85 -12.49 51.52 -56.11
C MET B 85 -11.14 51.07 -55.60
N ILE B 86 -10.07 51.64 -56.14
CA ILE B 86 -8.72 51.12 -55.94
C ILE B 86 -7.86 52.22 -55.34
N LYS B 87 -7.05 51.88 -54.36
CA LYS B 87 -6.17 52.82 -53.69
C LYS B 87 -4.73 52.36 -53.84
N ARG B 88 -3.90 53.17 -54.49
CA ARG B 88 -2.49 52.84 -54.63
C ARG B 88 -1.65 53.80 -53.81
N PHE B 89 -0.58 53.29 -53.20
CA PHE B 89 0.39 54.13 -52.52
C PHE B 89 1.49 54.48 -53.49
N SER B 90 1.69 55.78 -53.72
CA SER B 90 2.66 56.24 -54.70
C SER B 90 4.07 55.93 -54.24
N GLU B 91 4.92 55.54 -55.20
CA GLU B 91 6.23 54.97 -54.88
C GLU B 91 7.19 56.00 -54.33
N ASP B 92 7.30 57.15 -55.02
CA ASP B 92 8.37 58.10 -54.73
C ASP B 92 8.20 58.74 -53.36
N GLU B 93 6.97 59.08 -53.00
CA GLU B 93 6.72 59.75 -51.74
C GLU B 93 6.96 58.84 -50.55
N ILE B 94 6.63 57.55 -50.68
CA ILE B 94 6.83 56.65 -49.55
C ILE B 94 8.26 56.13 -49.52
N THR B 95 8.97 56.16 -50.62
CA THR B 95 10.36 55.76 -50.65
C THR B 95 11.34 56.90 -50.37
N GLY B 96 10.84 58.13 -50.26
CA GLY B 96 11.78 59.17 -49.88
C GLY B 96 12.13 59.26 -48.41
N LYS B 97 11.44 58.51 -47.53
CA LYS B 97 11.54 58.80 -46.09
C LYS B 97 11.93 57.60 -45.24
N ARG B 98 11.64 56.37 -45.70
CA ARG B 98 12.18 55.13 -45.16
C ARG B 98 11.85 54.79 -43.70
N HIS B 99 11.05 55.61 -43.04
CA HIS B 99 10.66 55.36 -41.67
C HIS B 99 9.16 55.44 -41.48
N ARG B 100 8.45 56.10 -42.38
CA ARG B 100 7.00 56.25 -42.29
C ARG B 100 6.26 55.20 -43.11
N VAL B 101 6.86 54.02 -43.24
CA VAL B 101 6.23 52.91 -43.94
C VAL B 101 5.10 52.33 -43.11
N LYS B 102 5.13 52.51 -41.79
CA LYS B 102 4.19 51.88 -40.89
C LYS B 102 2.81 52.52 -40.91
N GLU B 103 2.69 53.77 -41.35
CA GLU B 103 1.36 54.37 -41.49
C GLU B 103 0.58 53.69 -42.59
N VAL B 104 1.26 53.19 -43.62
CA VAL B 104 0.61 52.38 -44.64
C VAL B 104 0.00 51.11 -44.03
N TYR B 105 0.79 50.40 -43.24
CA TYR B 105 0.33 49.11 -42.75
C TYR B 105 -0.73 49.25 -41.68
N ASN B 106 -0.66 50.28 -40.83
CA ASN B 106 -1.81 50.40 -39.96
C ASN B 106 -2.99 51.08 -40.65
N ASP B 107 -2.80 51.72 -41.80
CA ASP B 107 -3.96 52.08 -42.62
C ASP B 107 -4.69 50.85 -43.08
N ILE B 108 -3.97 49.84 -43.58
CA ILE B 108 -4.65 48.63 -44.06
C ILE B 108 -5.27 47.87 -42.90
N VAL B 109 -4.59 47.82 -41.75
CA VAL B 109 -5.14 47.07 -40.63
C VAL B 109 -6.36 47.76 -40.03
N LEU B 110 -6.32 49.09 -39.89
CA LEU B 110 -7.50 49.77 -39.37
C LEU B 110 -8.62 49.79 -40.39
N SER B 111 -8.31 49.79 -41.69
CA SER B 111 -9.38 49.68 -42.66
C SER B 111 -9.97 48.28 -42.70
N ALA B 112 -9.20 47.27 -42.30
CA ALA B 112 -9.78 45.95 -42.13
C ALA B 112 -10.67 45.89 -40.91
N ARG B 113 -10.25 46.53 -39.82
CA ARG B 113 -11.00 46.38 -38.58
C ARG B 113 -12.26 47.25 -38.58
N MET B 114 -12.24 48.41 -39.21
CA MET B 114 -13.44 49.24 -39.29
C MET B 114 -14.44 48.78 -40.34
N SER B 115 -14.20 47.68 -41.03
CA SER B 115 -15.09 47.34 -42.13
C SER B 115 -16.38 46.68 -41.68
N ASN B 116 -16.50 46.29 -40.42
CA ASN B 116 -17.74 45.69 -39.94
C ASN B 116 -18.76 46.73 -39.47
N HIS B 117 -18.48 48.01 -39.66
CA HIS B 117 -19.42 49.06 -39.37
C HIS B 117 -19.96 49.63 -40.68
N SER B 118 -21.20 50.11 -40.65
CA SER B 118 -21.89 50.44 -41.90
C SER B 118 -21.40 51.74 -42.52
N ASN B 119 -20.97 52.70 -41.71
CA ASN B 119 -20.60 54.01 -42.19
C ASN B 119 -19.14 54.10 -42.63
N PHE B 120 -18.53 52.98 -42.97
CA PHE B 120 -17.17 52.99 -43.49
C PHE B 120 -17.16 52.32 -44.85
N LEU B 121 -15.98 52.26 -45.40
CA LEU B 121 -15.75 51.98 -46.80
C LEU B 121 -14.96 50.68 -46.80
N GLN B 122 -15.67 49.56 -47.01
CA GLN B 122 -15.18 48.26 -46.59
C GLN B 122 -14.04 47.78 -47.48
N LEU B 123 -13.01 47.25 -46.84
CA LEU B 123 -11.91 46.64 -47.57
C LEU B 123 -12.39 45.33 -48.16
N LEU B 124 -12.38 45.20 -49.48
CA LEU B 124 -12.80 43.96 -50.09
C LEU B 124 -11.65 43.04 -50.46
N GLY B 125 -10.44 43.54 -50.45
CA GLY B 125 -9.31 42.69 -50.80
C GLY B 125 -8.05 43.51 -50.92
N CYS B 126 -6.97 42.80 -51.20
CA CYS B 126 -5.65 43.37 -51.25
C CYS B 126 -4.79 42.60 -52.24
N CYS B 127 -3.99 43.33 -53.02
CA CYS B 127 -2.92 42.73 -53.80
C CYS B 127 -1.64 43.39 -53.34
N LEU B 128 -0.61 42.57 -53.13
CA LEU B 128 0.49 42.90 -52.23
C LEU B 128 1.84 42.60 -52.87
N GLU B 129 1.85 42.42 -54.17
CA GLU B 129 3.04 42.29 -55.00
C GLU B 129 3.48 43.61 -55.58
N PHE B 130 2.97 44.71 -55.06
CA PHE B 130 3.10 46.02 -55.67
C PHE B 130 3.85 46.93 -54.70
N PRO B 131 4.12 48.21 -55.07
CA PRO B 131 4.15 49.27 -54.05
C PRO B 131 3.02 49.14 -53.04
N PHE B 132 3.35 49.49 -51.83
CA PHE B 132 3.58 48.44 -50.85
C PHE B 132 2.45 47.40 -50.74
N PRO B 133 1.22 47.66 -50.23
CA PRO B 133 0.07 47.01 -50.89
C PRO B 133 -0.71 47.94 -51.79
N VAL B 134 -1.66 47.39 -52.54
CA VAL B 134 -2.68 48.16 -53.24
C VAL B 134 -4.04 47.65 -52.78
N LEU B 135 -4.90 48.57 -52.36
CA LEU B 135 -6.16 48.19 -51.75
C LEU B 135 -7.32 48.30 -52.71
N VAL B 136 -8.40 47.59 -52.38
CA VAL B 136 -9.62 47.63 -53.17
C VAL B 136 -10.82 47.68 -52.24
N PHE B 137 -11.84 48.40 -52.68
CA PHE B 137 -12.99 48.75 -51.86
C PHE B 137 -14.23 48.69 -52.72
N GLU B 138 -15.38 48.60 -52.08
CA GLU B 138 -16.62 48.53 -52.83
C GLU B 138 -16.94 49.87 -53.46
N PHE B 139 -17.82 49.83 -54.46
CA PHE B 139 -18.02 50.95 -55.35
C PHE B 139 -18.93 52.00 -54.74
N ALA B 140 -18.64 53.26 -55.05
CA ALA B 140 -19.50 54.38 -54.70
C ALA B 140 -19.68 55.24 -55.94
N GLU B 141 -20.93 55.41 -56.38
CA GLU B 141 -21.14 56.02 -57.69
C GLU B 141 -20.95 57.54 -57.66
N HIS B 142 -21.38 58.19 -56.60
CA HIS B 142 -20.82 59.50 -56.33
C HIS B 142 -19.36 59.32 -55.89
N GLY B 143 -18.51 60.25 -56.28
CA GLY B 143 -17.11 60.15 -55.98
C GLY B 143 -16.79 60.53 -54.55
N ALA B 144 -15.55 60.95 -54.33
CA ALA B 144 -15.20 61.58 -53.08
C ALA B 144 -15.87 62.94 -52.99
N MET B 145 -16.00 63.44 -51.79
CA MET B 145 -16.62 64.74 -51.61
C MET B 145 -15.54 65.83 -51.71
N ASN B 146 -15.93 66.95 -52.31
CA ASN B 146 -15.00 67.98 -52.76
C ASN B 146 -14.76 68.94 -51.61
N GLN B 147 -14.19 70.12 -51.90
CA GLN B 147 -14.27 71.24 -50.98
C GLN B 147 -15.67 71.83 -50.86
N ARG B 148 -16.63 71.37 -51.67
CA ARG B 148 -18.02 71.76 -51.53
C ARG B 148 -19.03 70.62 -51.63
N GLY B 149 -18.72 69.50 -52.26
CA GLY B 149 -19.74 68.49 -52.47
C GLY B 149 -19.40 67.45 -53.53
N GLY B 150 -20.31 67.22 -54.47
CA GLY B 150 -20.12 66.16 -55.45
C GLY B 150 -19.11 66.55 -56.51
N VAL B 151 -18.24 65.61 -56.86
CA VAL B 151 -17.21 65.83 -57.87
C VAL B 151 -17.71 65.38 -59.23
N ILE B 152 -18.95 64.90 -59.26
CA ILE B 152 -19.66 64.70 -60.51
C ILE B 152 -19.91 66.07 -61.16
N VAL B 153 -20.25 66.05 -62.47
CA VAL B 153 -20.37 67.20 -63.37
C VAL B 153 -21.19 68.34 -62.78
N ASN B 154 -22.16 68.02 -61.91
CA ASN B 154 -22.69 68.91 -60.88
C ASN B 154 -21.57 69.67 -60.14
N LEU B 159 -24.72 70.94 -56.43
CA LEU B 159 -26.12 70.81 -56.05
C LEU B 159 -26.33 69.52 -55.27
N LEU B 160 -26.59 69.67 -53.99
CA LEU B 160 -27.03 68.59 -53.12
C LEU B 160 -28.18 69.08 -52.27
N PRO B 161 -29.27 68.32 -52.18
CA PRO B 161 -30.38 68.71 -51.32
C PRO B 161 -29.96 68.69 -49.86
N TRP B 162 -30.61 69.55 -49.07
CA TRP B 162 -30.08 69.82 -47.73
C TRP B 162 -30.32 68.68 -46.76
N SER B 163 -31.43 67.94 -46.92
CA SER B 163 -31.68 66.79 -46.05
C SER B 163 -30.61 65.72 -46.24
N VAL B 164 -30.11 65.56 -47.46
CA VAL B 164 -28.98 64.68 -47.72
C VAL B 164 -27.74 65.14 -46.97
N ARG B 165 -27.54 66.46 -46.91
CA ARG B 165 -26.36 66.99 -46.24
C ARG B 165 -26.43 66.80 -44.73
N LEU B 166 -27.62 66.99 -44.17
CA LEU B 166 -27.80 66.76 -42.74
C LEU B 166 -27.63 65.28 -42.40
N LYS B 167 -28.11 64.41 -43.29
CA LYS B 167 -27.96 62.98 -43.09
C LYS B 167 -26.50 62.55 -43.13
N ILE B 168 -25.72 63.09 -44.08
CA ILE B 168 -24.34 62.63 -44.18
C ILE B 168 -23.50 63.22 -43.05
N GLY B 169 -23.85 64.42 -42.57
CA GLY B 169 -23.22 64.92 -41.36
C GLY B 169 -23.46 64.04 -40.17
N LYS B 170 -24.70 63.57 -40.00
CA LYS B 170 -25.03 62.61 -38.95
C LYS B 170 -24.24 61.33 -39.08
N GLU B 171 -24.06 60.85 -40.32
CA GLU B 171 -23.39 59.58 -40.54
C GLU B 171 -21.90 59.64 -40.24
N ILE B 172 -21.21 60.69 -40.70
CA ILE B 172 -19.78 60.69 -40.37
C ILE B 172 -19.54 61.15 -38.94
N ALA B 173 -20.53 61.77 -38.29
CA ALA B 173 -20.48 61.88 -36.83
C ALA B 173 -20.52 60.52 -36.16
N ASN B 174 -21.40 59.63 -36.64
CA ASN B 174 -21.47 58.27 -36.10
C ASN B 174 -20.16 57.54 -36.31
N ALA B 175 -19.51 57.75 -37.46
CA ALA B 175 -18.27 57.04 -37.75
C ALA B 175 -17.13 57.53 -36.87
N VAL B 176 -17.06 58.84 -36.60
CA VAL B 176 -16.02 59.35 -35.72
C VAL B 176 -16.24 58.87 -34.29
N THR B 177 -17.50 58.79 -33.84
CA THR B 177 -17.76 58.20 -32.53
C THR B 177 -17.38 56.73 -32.48
N TYR B 178 -17.53 56.02 -33.60
CA TYR B 178 -17.11 54.63 -33.67
C TYR B 178 -15.61 54.50 -33.50
N LEU B 179 -14.85 55.43 -34.06
CA LEU B 179 -13.41 55.40 -33.81
C LEU B 179 -13.09 55.71 -32.35
N HIS B 180 -13.78 56.66 -31.74
CA HIS B 180 -13.38 57.04 -30.39
C HIS B 180 -13.82 56.04 -29.33
N THR B 181 -14.89 55.27 -29.55
CA THR B 181 -15.55 54.59 -28.44
C THR B 181 -15.60 53.09 -28.52
N ALA B 182 -15.38 52.49 -29.69
CA ALA B 182 -15.71 51.07 -29.84
C ALA B 182 -14.64 50.14 -29.30
N PHE B 183 -13.52 50.62 -28.81
CA PHE B 183 -12.38 49.77 -28.52
C PHE B 183 -11.74 50.19 -27.21
N PRO B 184 -10.99 49.31 -26.56
CA PRO B 184 -10.20 49.75 -25.41
C PRO B 184 -9.06 50.68 -25.78
N LYS B 185 -8.62 50.70 -27.03
CA LYS B 185 -7.64 51.67 -27.50
C LYS B 185 -8.33 52.68 -28.41
N ILE B 186 -8.25 53.95 -28.04
CA ILE B 186 -9.01 54.99 -28.70
C ILE B 186 -8.26 55.41 -29.97
N ILE B 187 -8.81 55.05 -31.13
CA ILE B 187 -8.27 55.53 -32.39
C ILE B 187 -8.75 56.95 -32.61
N ILE B 188 -7.83 57.87 -32.89
CA ILE B 188 -8.17 59.27 -33.10
C ILE B 188 -7.72 59.65 -34.50
N HIS B 189 -8.67 59.73 -35.42
CA HIS B 189 -8.43 60.14 -36.79
C HIS B 189 -8.35 61.65 -36.81
N ARG B 190 -7.13 62.18 -36.76
CA ARG B 190 -6.95 63.63 -36.74
C ARG B 190 -7.26 64.27 -38.07
N ASP B 191 -7.27 63.50 -39.15
CA ASP B 191 -7.62 64.06 -40.46
C ASP B 191 -9.07 63.72 -40.82
N VAL B 192 -10.00 64.21 -40.00
CA VAL B 192 -11.40 64.19 -40.40
C VAL B 192 -11.64 65.37 -41.32
N LYS B 193 -12.18 65.10 -42.50
CA LYS B 193 -12.02 66.02 -43.60
C LYS B 193 -13.10 65.74 -44.63
N PRO B 194 -13.59 66.76 -45.34
CA PRO B 194 -14.54 66.50 -46.43
C PRO B 194 -13.92 65.79 -47.62
N MET B 195 -12.60 65.68 -47.70
CA MET B 195 -11.96 64.97 -48.80
C MET B 195 -11.98 63.46 -48.65
N HIS B 196 -12.37 62.92 -47.50
CA HIS B 196 -12.30 61.48 -47.30
C HIS B 196 -13.66 60.80 -47.32
N VAL B 197 -14.74 61.54 -47.37
CA VAL B 197 -16.08 61.00 -47.34
C VAL B 197 -16.48 60.59 -48.75
N PHE B 198 -16.97 59.36 -48.90
CA PHE B 198 -17.52 58.90 -50.15
C PHE B 198 -19.02 58.77 -50.04
N LEU B 199 -19.69 58.71 -51.18
CA LEU B 199 -21.15 58.65 -51.22
C LEU B 199 -21.58 57.60 -52.21
N ASP B 200 -22.46 56.70 -51.77
CA ASP B 200 -22.89 55.58 -52.58
C ASP B 200 -24.16 55.93 -53.36
N LYS B 201 -24.85 54.89 -53.86
CA LYS B 201 -26.13 55.05 -54.53
C LYS B 201 -27.17 55.69 -53.61
N ASN B 202 -27.18 55.30 -52.35
CA ASN B 202 -28.19 55.74 -51.41
C ASN B 202 -27.73 56.92 -50.55
N TRP B 203 -26.65 57.58 -50.96
CA TRP B 203 -26.07 58.74 -50.27
C TRP B 203 -25.71 58.44 -48.81
N THR B 204 -25.19 57.24 -48.56
CA THR B 204 -24.72 56.93 -47.21
C THR B 204 -23.22 57.21 -47.18
N ALA B 205 -22.81 58.05 -46.24
CA ALA B 205 -21.42 58.50 -46.18
C ALA B 205 -20.51 57.41 -45.64
N LYS B 206 -19.27 57.38 -46.14
CA LYS B 206 -18.31 56.34 -45.79
C LYS B 206 -16.94 56.98 -45.64
N LEU B 207 -16.39 56.99 -44.44
CA LEU B 207 -15.04 57.49 -44.24
C LEU B 207 -14.02 56.49 -44.75
N SER B 208 -12.77 56.92 -44.79
CA SER B 208 -11.65 56.09 -45.21
C SER B 208 -10.37 56.74 -44.71
N ASP B 209 -9.24 56.21 -45.21
CA ASP B 209 -7.92 56.84 -45.12
C ASP B 209 -7.45 57.01 -43.67
N LEU B 210 -7.40 55.90 -42.96
CA LEU B 210 -6.99 55.92 -41.56
C LEU B 210 -5.48 55.89 -41.38
N SER B 211 -4.72 56.29 -42.41
CA SER B 211 -3.27 56.23 -42.36
C SER B 211 -2.68 57.20 -41.36
N PHE B 212 -3.36 58.31 -41.11
CA PHE B 212 -2.79 59.34 -40.26
C PHE B 212 -3.11 59.14 -38.80
N SER B 213 -4.12 58.35 -38.49
CA SER B 213 -4.58 58.19 -37.11
C SER B 213 -3.57 57.40 -36.29
N ILE B 214 -3.60 57.61 -34.97
CA ILE B 214 -2.78 56.83 -34.07
C ILE B 214 -3.69 56.18 -33.03
N SER B 215 -3.20 55.10 -32.45
CA SER B 215 -3.88 54.46 -31.34
C SER B 215 -3.33 55.04 -30.05
N LEU B 216 -4.22 55.52 -29.20
CA LEU B 216 -3.81 55.79 -27.84
C LEU B 216 -3.53 54.48 -27.14
N PRO B 217 -2.62 54.46 -26.17
CA PRO B 217 -2.50 53.29 -25.31
C PRO B 217 -3.72 53.12 -24.44
N GLU B 218 -3.82 51.94 -23.83
CA GLU B 218 -5.04 51.56 -23.12
C GLU B 218 -5.20 52.37 -21.85
N GLY B 219 -6.44 52.79 -21.60
CA GLY B 219 -6.80 53.46 -20.37
C GLY B 219 -6.53 54.95 -20.34
N LYS B 220 -5.66 55.46 -21.21
CA LYS B 220 -5.26 56.85 -21.20
C LYS B 220 -5.84 57.57 -22.40
N SER B 221 -6.59 58.64 -22.14
CA SER B 221 -7.21 59.44 -23.19
C SER B 221 -6.34 60.61 -23.61
N ARG B 222 -5.06 60.58 -23.30
CA ARG B 222 -4.19 61.73 -23.53
C ARG B 222 -2.76 61.24 -23.56
N ILE B 223 -2.12 61.29 -24.73
CA ILE B 223 -0.67 61.13 -24.83
C ILE B 223 -0.14 62.17 -25.79
N GLU B 224 1.17 62.40 -25.69
CA GLU B 224 1.86 63.30 -26.61
C GLU B 224 2.30 62.52 -27.83
N ALA B 225 2.04 63.08 -29.00
CA ALA B 225 2.74 62.63 -30.20
C ALA B 225 4.06 63.35 -30.25
N GLU B 226 4.86 63.13 -31.29
CA GLU B 226 6.12 63.84 -31.36
C GLU B 226 6.36 64.52 -32.71
N TRP B 227 5.35 64.53 -33.58
CA TRP B 227 5.23 65.59 -34.56
C TRP B 227 3.76 65.87 -34.78
N VAL B 228 3.46 66.99 -35.43
CA VAL B 228 2.10 67.45 -35.66
C VAL B 228 1.88 67.56 -37.17
N LEU B 229 0.75 67.06 -37.64
CA LEU B 229 0.59 66.97 -39.08
C LEU B 229 -0.87 67.04 -39.47
N GLY B 230 -1.10 67.48 -40.71
CA GLY B 230 -2.38 67.31 -41.37
C GLY B 230 -3.18 68.56 -41.67
N THR B 231 -3.14 69.00 -42.94
CA THR B 231 -4.11 69.88 -43.62
C THR B 231 -4.53 71.15 -42.87
N PHE B 232 -3.73 72.22 -43.05
CA PHE B 232 -4.02 73.60 -42.65
C PHE B 232 -5.48 73.98 -42.67
N GLY B 233 -5.98 74.53 -41.57
CA GLY B 233 -7.39 74.80 -41.45
C GLY B 233 -8.21 73.69 -40.85
N TYR B 234 -7.57 72.67 -40.31
CA TYR B 234 -8.27 71.61 -39.58
C TYR B 234 -7.48 71.19 -38.35
N ILE B 235 -6.72 72.10 -37.75
CA ILE B 235 -5.53 71.69 -37.02
C ILE B 235 -5.82 71.37 -35.57
N ASP B 236 -6.83 72.02 -34.96
CA ASP B 236 -6.95 72.22 -33.52
C ASP B 236 -5.67 72.87 -33.03
N PRO B 237 -5.57 74.21 -33.10
CA PRO B 237 -4.38 74.92 -32.63
C PRO B 237 -3.97 74.66 -31.19
N LEU B 238 -4.88 74.13 -30.37
CA LEU B 238 -4.50 73.49 -29.11
C LEU B 238 -3.46 72.40 -29.36
N TYR B 239 -3.74 71.53 -30.33
CA TYR B 239 -2.79 70.48 -30.64
C TYR B 239 -1.58 71.02 -31.39
N HIS B 240 -1.75 72.12 -32.12
CA HIS B 240 -0.61 72.72 -32.80
C HIS B 240 0.37 73.34 -31.82
N LYS B 241 -0.14 73.86 -30.71
CA LYS B 241 0.75 74.37 -29.68
C LYS B 241 1.31 73.22 -28.85
N THR B 242 0.42 72.46 -28.21
CA THR B 242 0.80 71.57 -27.13
C THR B 242 1.41 70.27 -27.58
N CYS B 243 0.99 69.77 -28.75
CA CYS B 243 1.40 68.46 -29.30
C CYS B 243 1.10 67.33 -28.31
N PHE B 244 -0.15 67.28 -27.86
CA PHE B 244 -0.68 66.03 -27.32
C PHE B 244 -2.11 65.87 -27.79
N VAL B 245 -2.49 64.61 -28.00
CA VAL B 245 -3.75 64.27 -28.65
C VAL B 245 -4.79 64.03 -27.58
N THR B 246 -5.95 64.66 -27.73
CA THR B 246 -7.17 64.26 -27.04
C THR B 246 -8.24 64.05 -28.09
N GLU B 247 -9.40 63.58 -27.64
CA GLU B 247 -10.49 63.35 -28.57
C GLU B 247 -11.12 64.65 -29.05
N TYR B 248 -10.91 65.76 -28.34
CA TYR B 248 -11.43 67.04 -28.77
C TYR B 248 -10.70 67.58 -30.00
N THR B 249 -9.44 67.18 -30.19
CA THR B 249 -8.67 67.52 -31.38
C THR B 249 -9.31 66.96 -32.64
N ASP B 250 -10.10 65.91 -32.51
CA ASP B 250 -10.94 65.39 -33.57
C ASP B 250 -12.23 66.18 -33.70
N VAL B 251 -12.75 66.67 -32.58
CA VAL B 251 -14.04 67.35 -32.56
C VAL B 251 -13.95 68.68 -33.29
N TYR B 252 -12.81 69.37 -33.16
CA TYR B 252 -12.64 70.65 -33.84
C TYR B 252 -12.59 70.47 -35.36
N SER B 253 -11.86 69.47 -35.82
CA SER B 253 -11.80 69.17 -37.25
C SER B 253 -13.17 68.77 -37.78
N PHE B 254 -13.93 68.01 -36.99
CA PHE B 254 -15.29 67.66 -37.37
C PHE B 254 -16.19 68.89 -37.46
N GLY B 255 -15.97 69.85 -36.56
CA GLY B 255 -16.73 71.08 -36.60
C GLY B 255 -16.52 71.84 -37.88
N ILE B 256 -15.25 71.99 -38.28
CA ILE B 256 -14.95 72.66 -39.54
C ILE B 256 -15.46 71.84 -40.73
N CYS B 257 -15.52 70.51 -40.58
CA CYS B 257 -16.13 69.67 -41.61
C CYS B 257 -17.58 70.02 -41.85
N LEU B 258 -18.40 70.05 -40.80
CA LEU B 258 -19.80 70.36 -41.10
C LEU B 258 -20.04 71.83 -41.38
N LEU B 259 -19.11 72.72 -40.97
CA LEU B 259 -19.11 74.07 -41.52
C LEU B 259 -18.97 74.08 -43.04
N VAL B 260 -18.04 73.28 -43.57
CA VAL B 260 -17.86 73.21 -45.01
C VAL B 260 -19.06 72.52 -45.67
N ILE B 261 -19.68 71.57 -44.97
CA ILE B 261 -20.89 70.91 -45.49
C ILE B 261 -22.02 71.91 -45.66
N ILE B 262 -22.24 72.75 -44.65
CA ILE B 262 -23.30 73.75 -44.74
C ILE B 262 -22.95 74.82 -45.75
N THR B 263 -21.84 75.54 -45.53
CA THR B 263 -21.58 76.78 -46.26
C THR B 263 -21.19 76.53 -47.71
N GLY B 264 -20.47 75.43 -47.97
CA GLY B 264 -20.02 75.18 -49.32
C GLY B 264 -18.88 76.04 -49.78
N LYS B 265 -18.26 76.80 -48.89
CA LYS B 265 -17.04 77.54 -49.12
C LYS B 265 -15.86 76.70 -48.65
N PRO B 266 -14.74 76.71 -49.35
CA PRO B 266 -13.58 75.93 -48.89
C PRO B 266 -13.01 76.50 -47.60
N ALA B 267 -12.35 75.62 -46.84
CA ALA B 267 -11.79 76.04 -45.56
C ALA B 267 -10.65 77.03 -45.75
N ILE B 268 -9.93 76.92 -46.84
CA ILE B 268 -9.02 77.96 -47.29
C ILE B 268 -9.69 78.65 -48.47
N MET B 269 -9.99 79.93 -48.30
CA MET B 269 -10.68 80.70 -49.32
C MET B 269 -9.91 81.98 -49.56
N THR B 270 -10.06 82.54 -50.76
CA THR B 270 -9.51 83.83 -51.10
C THR B 270 -10.58 84.76 -51.61
N ILE B 271 -10.42 86.05 -51.30
CA ILE B 271 -11.01 87.13 -52.07
C ILE B 271 -9.87 88.09 -52.36
N SER B 272 -9.16 87.85 -53.46
CA SER B 272 -8.22 88.77 -54.11
C SER B 272 -7.03 89.24 -53.27
N ASP B 273 -6.89 88.76 -52.04
CA ASP B 273 -5.97 89.36 -51.07
C ASP B 273 -5.24 88.27 -50.32
N GLY B 274 -4.09 87.85 -50.86
CA GLY B 274 -3.14 87.01 -50.17
C GLY B 274 -3.57 85.59 -49.90
N ASP B 275 -4.79 85.19 -50.29
CA ASP B 275 -5.41 83.91 -50.01
C ASP B 275 -5.45 83.63 -48.50
N LEU B 276 -6.24 84.43 -47.81
CA LEU B 276 -6.45 84.25 -46.38
C LEU B 276 -7.92 84.53 -46.07
N GLN B 277 -8.67 83.48 -45.77
CA GLN B 277 -10.03 83.59 -45.22
C GLN B 277 -10.17 82.48 -44.20
N GLY B 278 -9.99 82.81 -42.93
CA GLY B 278 -10.34 81.88 -41.88
C GLY B 278 -11.85 81.72 -41.85
N ILE B 279 -12.33 80.56 -42.33
CA ILE B 279 -13.75 80.40 -42.61
C ILE B 279 -14.58 80.38 -41.33
N LEU B 280 -14.05 79.81 -40.25
CA LEU B 280 -14.80 79.79 -39.01
C LEU B 280 -14.80 81.16 -38.33
N SER B 281 -13.77 81.96 -38.56
CA SER B 281 -13.81 83.36 -38.13
C SER B 281 -14.89 84.12 -38.88
N LEU B 282 -15.04 83.82 -40.17
CA LEU B 282 -16.10 84.44 -40.96
C LEU B 282 -17.47 84.03 -40.47
N VAL B 283 -17.64 82.76 -40.11
CA VAL B 283 -18.94 82.30 -39.66
C VAL B 283 -19.25 82.85 -38.28
N ARG B 284 -18.26 82.99 -37.41
CA ARG B 284 -18.56 83.56 -36.10
C ARG B 284 -18.79 85.08 -36.17
N GLU B 285 -18.17 85.79 -37.11
CA GLU B 285 -18.52 87.20 -37.22
C GLU B 285 -19.87 87.40 -37.91
N LEU B 286 -20.22 86.56 -38.89
CA LEU B 286 -21.58 86.62 -39.42
C LEU B 286 -22.61 86.13 -38.42
N CYS B 287 -22.20 85.35 -37.44
CA CYS B 287 -23.08 85.02 -36.32
C CYS B 287 -23.32 86.25 -35.46
N GLU B 288 -22.24 86.88 -34.99
CA GLU B 288 -22.40 87.98 -34.05
C GLU B 288 -22.82 89.29 -34.70
N ASN B 289 -22.61 89.45 -36.01
CA ASN B 289 -22.99 90.68 -36.69
C ASN B 289 -24.03 90.47 -37.78
N GLY B 290 -23.75 89.58 -38.74
CA GLY B 290 -24.70 89.36 -39.83
C GLY B 290 -25.94 88.59 -39.42
N LYS B 291 -25.88 87.91 -38.26
CA LYS B 291 -27.02 87.29 -37.59
C LYS B 291 -27.64 86.17 -38.42
N LEU B 292 -26.79 85.25 -38.86
CA LEU B 292 -27.15 83.91 -39.32
C LEU B 292 -28.02 83.89 -40.58
N ASP B 293 -28.15 85.01 -41.28
CA ASP B 293 -29.05 85.07 -42.42
C ASP B 293 -28.29 84.97 -43.74
N GLU B 294 -27.00 84.67 -43.70
CA GLU B 294 -26.16 84.67 -44.88
C GLU B 294 -25.42 83.35 -45.07
N VAL B 295 -25.69 82.37 -44.20
CA VAL B 295 -25.02 81.08 -44.26
C VAL B 295 -25.85 80.03 -44.97
N ILE B 296 -26.88 80.45 -45.70
CA ILE B 296 -27.84 79.50 -46.27
C ILE B 296 -27.72 79.62 -47.79
N ASP B 297 -26.47 79.75 -48.26
CA ASP B 297 -26.09 79.02 -49.47
C ASP B 297 -26.80 79.42 -50.75
N PRO B 298 -26.35 80.44 -51.47
CA PRO B 298 -27.09 80.94 -52.66
C PRO B 298 -27.37 79.91 -53.77
N ARG B 299 -26.77 78.73 -53.75
CA ARG B 299 -27.20 77.61 -54.57
C ARG B 299 -28.29 76.77 -53.89
N LEU B 300 -28.77 77.17 -52.71
CA LEU B 300 -29.76 76.40 -51.96
C LEU B 300 -30.87 77.30 -51.42
N MET B 301 -30.91 78.58 -51.81
CA MET B 301 -31.90 79.51 -51.27
C MET B 301 -33.31 79.20 -51.78
N LYS B 302 -33.42 78.58 -52.95
CA LYS B 302 -34.69 78.17 -53.51
C LYS B 302 -35.29 76.93 -52.83
N ASP B 303 -34.63 76.37 -51.83
CA ASP B 303 -35.23 75.33 -51.00
C ASP B 303 -36.37 75.93 -50.18
N ILE B 304 -37.26 75.05 -49.71
CA ILE B 304 -38.48 75.50 -49.05
C ILE B 304 -38.16 76.18 -47.72
N THR B 305 -37.21 75.61 -46.97
CA THR B 305 -36.62 76.20 -45.75
C THR B 305 -37.67 76.67 -44.76
N SER B 306 -38.76 75.91 -44.62
CA SER B 306 -39.86 76.35 -43.79
C SER B 306 -39.50 76.19 -42.33
N GLY B 307 -39.32 74.95 -41.90
CA GLY B 307 -38.72 74.63 -40.63
C GLY B 307 -37.29 74.20 -40.76
N GLN B 308 -36.78 74.12 -41.98
CA GLN B 308 -35.40 73.74 -42.20
C GLN B 308 -34.42 74.83 -41.77
N ARG B 309 -34.87 76.09 -41.69
CA ARG B 309 -33.96 77.18 -41.32
C ARG B 309 -33.49 77.04 -39.88
N LEU B 310 -34.44 76.90 -38.95
CA LEU B 310 -34.13 76.86 -37.52
C LEU B 310 -33.21 75.69 -37.18
N GLN B 311 -33.29 74.59 -37.93
CA GLN B 311 -32.34 73.51 -37.72
C GLN B 311 -31.04 73.67 -38.48
N VAL B 312 -31.01 74.43 -39.59
CA VAL B 312 -29.73 74.87 -40.14
C VAL B 312 -28.97 75.67 -39.09
N GLU B 313 -29.62 76.66 -38.51
CA GLU B 313 -28.91 77.48 -37.54
C GLU B 313 -28.72 76.76 -36.20
N ALA B 314 -29.53 75.75 -35.90
CA ALA B 314 -29.21 74.88 -34.76
C ALA B 314 -27.93 74.09 -35.01
N CYS B 315 -27.75 73.59 -36.25
CA CYS B 315 -26.50 72.93 -36.60
C CYS B 315 -25.33 73.89 -36.58
N VAL B 316 -25.55 75.16 -36.94
CA VAL B 316 -24.46 76.13 -36.95
C VAL B 316 -24.05 76.49 -35.52
N VAL B 317 -25.03 76.67 -34.62
CA VAL B 317 -24.73 76.92 -33.22
C VAL B 317 -24.03 75.71 -32.60
N LEU B 318 -24.42 74.50 -33.00
CA LEU B 318 -23.74 73.29 -32.54
C LEU B 318 -22.31 73.23 -33.05
N ALA B 319 -22.10 73.56 -34.32
CA ALA B 319 -20.77 73.49 -34.92
C ALA B 319 -19.85 74.54 -34.33
N LEU B 320 -20.38 75.72 -34.03
CA LEU B 320 -19.59 76.72 -33.34
C LEU B 320 -19.39 76.35 -31.88
N ARG B 321 -20.29 75.54 -31.31
CA ARG B 321 -20.09 75.06 -29.96
C ARG B 321 -18.95 74.06 -29.90
N CYS B 322 -18.79 73.24 -30.94
CA CYS B 322 -17.71 72.27 -30.97
C CYS B 322 -16.45 72.79 -31.63
N CYS B 323 -16.27 74.11 -31.71
CA CYS B 323 -15.01 74.68 -32.17
C CYS B 323 -14.57 75.83 -31.27
N LYS B 324 -14.93 75.77 -30.00
CA LYS B 324 -14.58 76.84 -29.08
C LYS B 324 -13.10 76.74 -28.70
N GLU B 325 -12.62 77.79 -28.04
CA GLU B 325 -11.19 77.97 -27.84
C GLU B 325 -10.62 77.08 -26.75
N ARG B 326 -11.47 76.54 -25.88
CA ARG B 326 -11.03 75.60 -24.87
C ARG B 326 -11.81 74.32 -25.03
N ASP B 327 -11.15 73.18 -24.81
CA ASP B 327 -11.81 71.90 -25.05
C ASP B 327 -12.82 71.55 -23.97
N GLU B 328 -12.76 72.22 -22.81
CA GLU B 328 -13.78 71.99 -21.80
C GLU B 328 -15.13 72.53 -22.25
N ASP B 329 -15.13 73.60 -23.03
CA ASP B 329 -16.36 74.13 -23.60
C ASP B 329 -16.85 73.32 -24.79
N ARG B 330 -16.02 72.43 -25.33
CA ARG B 330 -16.43 71.61 -26.46
C ARG B 330 -17.17 70.38 -25.96
N PRO B 331 -18.19 69.93 -26.68
CA PRO B 331 -18.86 68.68 -26.32
C PRO B 331 -18.03 67.47 -26.73
N LYS B 332 -18.28 66.36 -26.05
CA LYS B 332 -17.73 65.10 -26.51
C LYS B 332 -18.46 64.65 -27.77
N MET B 333 -17.84 63.72 -28.49
CA MET B 333 -18.27 63.43 -29.85
C MET B 333 -19.56 62.62 -29.85
N ILE B 334 -19.75 61.78 -28.82
CA ILE B 334 -21.00 61.05 -28.61
C ILE B 334 -22.16 62.01 -28.53
N GLN B 335 -21.99 63.08 -27.76
CA GLN B 335 -23.04 64.07 -27.59
C GLN B 335 -23.35 64.79 -28.88
N VAL B 336 -22.31 65.17 -29.64
CA VAL B 336 -22.46 65.89 -30.90
C VAL B 336 -23.28 65.09 -31.88
N ALA B 337 -23.00 63.80 -31.99
CA ALA B 337 -23.80 62.96 -32.87
C ALA B 337 -25.21 62.77 -32.35
N LYS B 338 -25.41 62.69 -31.03
CA LYS B 338 -26.76 62.58 -30.48
C LYS B 338 -27.60 63.81 -30.79
N GLU B 339 -27.04 65.00 -30.58
CA GLU B 339 -27.83 66.18 -30.83
C GLU B 339 -28.00 66.46 -32.32
N LEU B 340 -27.09 65.99 -33.19
CA LEU B 340 -27.39 65.98 -34.62
C LEU B 340 -28.57 65.09 -34.96
N LYS B 341 -28.65 63.93 -34.32
CA LYS B 341 -29.81 63.06 -34.52
C LYS B 341 -31.11 63.73 -34.04
N GLN B 342 -31.04 64.44 -32.92
CA GLN B 342 -32.21 65.19 -32.43
C GLN B 342 -32.61 66.28 -33.42
N ILE B 343 -31.62 66.93 -34.05
CA ILE B 343 -31.89 67.95 -35.05
C ILE B 343 -32.62 67.38 -36.25
N GLU B 344 -32.14 66.26 -36.81
CA GLU B 344 -32.90 65.74 -37.95
C GLU B 344 -34.20 65.05 -37.52
N ALA B 345 -34.34 64.66 -36.26
CA ALA B 345 -35.59 64.10 -35.79
C ALA B 345 -36.57 65.15 -35.31
N SER B 346 -36.19 66.43 -35.39
CA SER B 346 -37.14 67.50 -35.05
C SER B 346 -38.33 67.54 -36.01
N LEU B 347 -38.14 67.17 -37.27
CA LEU B 347 -39.25 67.14 -38.20
C LEU B 347 -39.86 65.75 -38.30
N THR C 23 14.42 -16.60 -36.87
CA THR C 23 14.39 -15.16 -36.63
C THR C 23 13.31 -14.50 -37.48
N VAL C 24 12.87 -15.20 -38.51
CA VAL C 24 11.85 -14.66 -39.40
C VAL C 24 10.52 -15.40 -39.23
N SER C 25 10.56 -16.71 -38.95
CA SER C 25 9.34 -17.50 -38.82
C SER C 25 8.58 -17.16 -37.55
N ASP C 26 9.26 -16.65 -36.53
CA ASP C 26 8.63 -16.30 -35.26
C ASP C 26 8.18 -14.85 -35.20
N TYR C 27 8.24 -14.13 -36.33
CA TYR C 27 7.98 -12.69 -36.35
C TYR C 27 6.58 -12.36 -35.91
N ARG C 28 5.60 -13.22 -36.20
CA ARG C 28 4.27 -12.98 -35.67
C ARG C 28 4.23 -13.22 -34.18
N LYS C 29 4.88 -14.30 -33.71
CA LYS C 29 4.86 -14.66 -32.30
C LYS C 29 5.58 -13.63 -31.47
N GLN C 30 6.77 -13.24 -31.90
CA GLN C 30 7.52 -12.19 -31.23
C GLN C 30 6.89 -10.82 -31.45
N LEU C 31 5.95 -10.69 -32.38
CA LEU C 31 5.06 -9.55 -32.35
C LEU C 31 4.12 -9.63 -31.15
N GLU C 32 3.34 -10.71 -31.08
CA GLU C 32 2.09 -10.67 -30.33
C GLU C 32 2.31 -10.67 -28.81
N ASP C 33 3.38 -11.28 -28.33
CA ASP C 33 3.72 -11.20 -26.92
C ASP C 33 3.98 -9.77 -26.50
N LEU C 34 4.61 -8.98 -27.37
CA LEU C 34 4.73 -7.55 -27.12
C LEU C 34 3.36 -6.89 -27.06
N GLN C 35 2.46 -7.29 -27.96
CA GLN C 35 1.08 -6.83 -27.89
C GLN C 35 0.38 -7.32 -26.63
N SER C 36 0.84 -8.41 -26.04
CA SER C 36 0.33 -8.77 -24.73
C SER C 36 0.99 -7.91 -23.66
N GLU C 37 2.30 -7.66 -23.79
CA GLU C 37 3.07 -7.16 -22.66
C GLU C 37 2.76 -5.71 -22.38
N LEU C 38 2.66 -4.91 -23.44
CA LEU C 38 2.12 -3.55 -23.35
C LEU C 38 0.75 -3.58 -22.71
N LYS C 39 -0.09 -4.53 -23.11
CA LYS C 39 -1.42 -4.74 -22.56
C LYS C 39 -1.39 -4.95 -21.05
N TYR C 40 -0.34 -5.57 -20.53
CA TYR C 40 -0.29 -5.66 -19.09
C TYR C 40 0.28 -4.41 -18.46
N MET C 41 1.33 -3.84 -19.05
CA MET C 41 2.16 -2.92 -18.27
C MET C 41 1.47 -1.57 -18.10
N GLN C 42 0.73 -1.13 -19.12
CA GLN C 42 -0.06 0.08 -18.95
C GLN C 42 -1.23 -0.15 -18.01
N SER C 43 -1.73 -1.39 -17.93
CA SER C 43 -2.72 -1.68 -16.90
C SER C 43 -2.08 -1.65 -15.53
N PHE C 44 -0.81 -2.05 -15.45
CA PHE C 44 -0.05 -1.80 -14.23
C PHE C 44 0.09 -0.32 -13.97
N LEU C 45 0.25 0.47 -15.03
CA LEU C 45 0.29 1.92 -14.91
C LEU C 45 -1.10 2.53 -14.83
N LYS C 46 -2.13 1.71 -14.66
CA LYS C 46 -3.43 2.20 -14.21
C LYS C 46 -3.69 1.78 -12.78
N ASP C 47 -2.68 1.25 -12.10
CA ASP C 47 -2.84 0.78 -10.73
C ASP C 47 -1.88 1.44 -9.77
N ALA C 48 -0.63 1.63 -10.17
CA ALA C 48 0.40 2.15 -9.27
C ALA C 48 0.15 3.58 -8.83
N GLU C 49 -0.50 4.39 -9.67
CA GLU C 49 -0.85 5.74 -9.26
C GLU C 49 -2.08 5.77 -8.37
N ARG C 50 -2.82 4.66 -8.27
CA ARG C 50 -3.90 4.56 -7.31
C ARG C 50 -3.43 4.03 -5.97
N GLN C 51 -2.12 3.90 -5.79
CA GLN C 51 -1.54 3.32 -4.59
C GLN C 51 -0.92 4.42 -3.72
N LYS C 52 -1.26 4.39 -2.45
CA LYS C 52 -0.63 5.28 -1.48
C LYS C 52 0.64 4.61 -0.93
N ARG C 53 1.47 5.42 -0.26
CA ARG C 53 2.77 5.02 0.29
C ARG C 53 3.66 4.47 -0.82
N THR C 54 4.04 5.38 -1.71
CA THR C 54 4.95 5.07 -2.81
C THR C 54 6.37 5.36 -2.36
N ASN C 55 7.16 4.31 -2.17
CA ASN C 55 8.57 4.47 -1.87
C ASN C 55 9.36 4.76 -3.14
N GLU C 56 10.69 4.80 -3.00
CA GLU C 56 11.53 5.34 -4.07
C GLU C 56 11.67 4.37 -5.23
N THR C 57 11.80 3.07 -4.95
CA THR C 57 11.95 2.09 -6.02
C THR C 57 10.69 2.01 -6.87
N LEU C 58 9.52 2.17 -6.23
CA LEU C 58 8.27 2.16 -6.97
C LEU C 58 8.17 3.34 -7.92
N ARG C 59 8.51 4.53 -7.44
CA ARG C 59 8.37 5.70 -8.29
C ARG C 59 9.44 5.72 -9.39
N THR C 60 10.62 5.15 -9.13
CA THR C 60 11.62 5.09 -10.20
C THR C 60 11.23 4.08 -11.28
N LEU C 61 10.70 2.91 -10.89
CA LEU C 61 10.39 2.00 -11.99
C LEU C 61 9.10 2.38 -12.69
N VAL C 62 8.18 3.10 -12.04
CA VAL C 62 7.08 3.70 -12.80
C VAL C 62 7.61 4.76 -13.75
N ALA C 63 8.60 5.54 -13.29
CA ALA C 63 9.13 6.63 -14.10
C ALA C 63 9.88 6.13 -15.34
N ASP C 64 10.47 4.93 -15.29
CA ASP C 64 11.02 4.46 -16.57
C ASP C 64 10.12 3.46 -17.30
N LEU C 65 9.14 2.84 -16.64
CA LEU C 65 8.17 2.07 -17.39
C LEU C 65 7.27 2.94 -18.25
N ARG C 66 7.06 4.21 -17.86
CA ARG C 66 6.29 5.09 -18.74
C ARG C 66 7.02 5.37 -20.04
N GLU C 67 8.33 5.63 -19.96
CA GLU C 67 9.13 5.82 -21.17
C GLU C 67 9.19 4.53 -21.97
N LEU C 68 9.20 3.39 -21.27
CA LEU C 68 9.25 2.11 -21.97
C LEU C 68 7.92 1.81 -22.67
N VAL C 69 6.80 2.23 -22.08
CA VAL C 69 5.50 2.15 -22.75
C VAL C 69 5.48 3.00 -24.01
N TYR C 70 6.02 4.23 -23.91
CA TYR C 70 6.12 5.10 -25.08
C TYR C 70 6.94 4.47 -26.18
N GLU C 71 8.06 3.84 -25.83
CA GLU C 71 8.90 3.19 -26.83
C GLU C 71 8.22 1.97 -27.45
N ALA C 72 7.52 1.20 -26.62
CA ALA C 72 6.87 -0.02 -27.10
C ALA C 72 5.74 0.30 -28.05
N GLU C 73 4.82 1.20 -27.66
CA GLU C 73 3.76 1.57 -28.59
C GLU C 73 4.25 2.50 -29.66
N ASP C 74 5.48 3.01 -29.55
CA ASP C 74 6.07 3.76 -30.64
C ASP C 74 6.49 2.82 -31.76
N ILE C 75 7.19 1.73 -31.41
CA ILE C 75 7.67 0.85 -32.48
C ILE C 75 6.64 -0.19 -32.85
N LEU C 76 5.54 -0.30 -32.09
CA LEU C 76 4.52 -1.29 -32.40
C LEU C 76 3.71 -0.92 -33.62
N VAL C 77 3.68 0.37 -34.00
CA VAL C 77 2.89 0.81 -35.13
C VAL C 77 3.57 0.41 -36.45
N ASP C 78 4.85 0.07 -36.41
CA ASP C 78 5.56 -0.39 -37.60
C ASP C 78 5.13 -1.77 -38.09
N CYS C 79 4.27 -2.50 -37.38
CA CYS C 79 3.84 -3.80 -37.86
C CYS C 79 2.75 -3.70 -38.93
N GLN C 80 2.23 -2.51 -39.20
CA GLN C 80 1.30 -2.32 -40.30
C GLN C 80 2.00 -1.71 -41.51
N LEU C 107 12.56 -5.28 -45.06
CA LEU C 107 12.19 -6.67 -44.88
C LEU C 107 11.44 -6.89 -43.57
N GLN C 108 11.03 -8.13 -43.34
CA GLN C 108 10.42 -8.53 -42.09
C GLN C 108 11.45 -9.06 -41.10
N TYR C 109 12.69 -8.57 -41.19
CA TYR C 109 13.81 -9.05 -40.40
C TYR C 109 14.34 -7.99 -39.45
N LYS C 110 14.47 -6.75 -39.93
CA LYS C 110 14.91 -5.65 -39.06
C LYS C 110 13.86 -5.34 -38.00
N LYS C 111 12.58 -5.47 -38.38
CA LYS C 111 11.51 -5.32 -37.41
C LYS C 111 11.55 -6.41 -36.35
N SER C 112 11.90 -7.64 -36.75
CA SER C 112 12.08 -8.70 -35.77
C SER C 112 13.27 -8.44 -34.86
N LYS C 113 14.33 -7.82 -35.38
CA LYS C 113 15.43 -7.37 -34.52
C LYS C 113 14.96 -6.35 -33.49
N ARG C 114 14.12 -5.41 -33.90
CA ARG C 114 13.63 -4.39 -32.98
C ARG C 114 12.72 -4.99 -31.90
N LEU C 115 11.83 -5.90 -32.31
CA LEU C 115 10.97 -6.61 -31.36
C LEU C 115 11.81 -7.40 -30.37
N GLN C 116 12.87 -8.06 -30.85
CA GLN C 116 13.70 -8.88 -30.00
C GLN C 116 14.45 -8.05 -28.97
N GLU C 117 15.04 -6.94 -29.41
CA GLU C 117 15.84 -6.15 -28.49
C GLU C 117 14.97 -5.45 -27.45
N ILE C 118 13.76 -5.00 -27.82
CA ILE C 118 12.98 -4.36 -26.77
C ILE C 118 12.33 -5.39 -25.85
N ASN C 119 12.04 -6.61 -26.35
CA ASN C 119 11.55 -7.64 -25.45
C ASN C 119 12.61 -8.06 -24.45
N GLU C 120 13.86 -8.20 -24.91
CA GLU C 120 14.95 -8.49 -24.00
C GLU C 120 15.19 -7.37 -23.00
N ARG C 121 15.00 -6.11 -23.43
CA ARG C 121 15.14 -4.97 -22.52
C ARG C 121 14.08 -5.00 -21.42
N ILE C 122 12.82 -5.27 -21.79
CA ILE C 122 11.74 -5.27 -20.81
C ILE C 122 11.89 -6.43 -19.83
N THR C 123 12.19 -7.63 -20.34
CA THR C 123 12.37 -8.77 -19.44
C THR C 123 13.58 -8.59 -18.54
N LYS C 124 14.63 -7.94 -19.04
CA LYS C 124 15.81 -7.70 -18.22
C LYS C 124 15.53 -6.71 -17.11
N ILE C 125 14.76 -5.64 -17.38
CA ILE C 125 14.52 -4.69 -16.30
C ILE C 125 13.54 -5.27 -15.29
N LYS C 126 12.62 -6.14 -15.73
CA LYS C 126 11.74 -6.84 -14.78
C LYS C 126 12.55 -7.71 -13.83
N SER C 127 13.39 -8.59 -14.37
CA SER C 127 14.18 -9.47 -13.53
C SER C 127 15.28 -8.72 -12.78
N GLN C 128 15.57 -7.50 -13.20
CA GLN C 128 16.57 -6.68 -12.53
C GLN C 128 16.00 -5.92 -11.34
N VAL C 129 14.73 -5.55 -11.39
CA VAL C 129 14.14 -4.77 -10.31
C VAL C 129 13.33 -5.61 -9.32
N GLU C 130 12.91 -6.83 -9.69
CA GLU C 130 12.07 -7.65 -8.81
C GLU C 130 12.65 -8.04 -7.44
N PRO C 131 13.95 -8.36 -7.26
CA PRO C 131 14.42 -8.66 -5.90
C PRO C 131 14.42 -7.48 -4.94
N TYR C 132 14.46 -6.24 -5.43
CA TYR C 132 14.38 -5.11 -4.52
C TYR C 132 12.99 -4.97 -3.91
N PHE C 133 11.97 -5.45 -4.61
CA PHE C 133 10.66 -5.56 -4.00
C PHE C 133 10.53 -6.83 -3.19
N GLU C 134 11.34 -7.84 -3.50
CA GLU C 134 11.40 -9.01 -2.61
C GLU C 134 11.98 -8.66 -1.24
N PHE C 135 12.87 -7.67 -1.16
CA PHE C 135 13.63 -7.47 0.07
C PHE C 135 12.80 -6.80 1.16
N ILE C 136 12.34 -5.58 0.91
CA ILE C 136 11.69 -4.81 1.97
C ILE C 136 10.27 -5.30 2.19
N THR C 137 9.81 -5.18 3.42
CA THR C 137 8.44 -5.50 3.79
C THR C 137 7.64 -4.21 3.91
N PRO C 138 6.44 -4.14 3.34
CA PRO C 138 5.63 -2.92 3.37
C PRO C 138 5.04 -2.65 4.76
N ASP C 148 -2.31 12.84 6.88
CA ASP C 148 -3.76 12.94 6.88
C ASP C 148 -4.17 14.41 6.85
N ARG C 149 -5.29 14.70 6.21
CA ARG C 149 -5.77 16.07 6.04
C ARG C 149 -7.11 16.23 6.74
N TRP C 150 -7.25 17.32 7.48
CA TRP C 150 -8.45 17.56 8.27
C TRP C 150 -8.65 19.06 8.42
N SER C 151 -9.77 19.43 9.03
CA SER C 151 -10.10 20.83 9.22
C SER C 151 -10.92 20.96 10.50
N SER C 152 -11.16 22.20 10.91
CA SER C 152 -11.72 22.47 12.23
C SER C 152 -12.25 23.89 12.26
N PRO C 153 -13.28 24.17 13.07
CA PRO C 153 -13.76 25.54 13.22
C PRO C 153 -12.90 26.44 14.09
N VAL C 154 -11.67 26.05 14.43
CA VAL C 154 -10.82 26.83 15.31
C VAL C 154 -9.78 27.55 14.45
N TYR C 155 -9.82 28.88 14.46
CA TYR C 155 -8.88 29.68 13.70
C TYR C 155 -8.50 30.89 14.55
N ASP C 156 -7.75 31.82 13.96
CA ASP C 156 -7.03 32.80 14.74
C ASP C 156 -7.69 34.18 14.74
N HIS C 157 -8.46 34.50 13.69
CA HIS C 157 -9.24 35.74 13.50
C HIS C 157 -8.45 37.03 13.74
N THR C 158 -7.14 37.00 13.57
CA THR C 158 -6.33 38.21 13.59
C THR C 158 -5.54 38.40 12.30
N GLN C 159 -5.12 37.32 11.67
CA GLN C 159 -4.44 37.40 10.38
C GLN C 159 -5.41 37.39 9.21
N VAL C 160 -6.71 37.33 9.48
CA VAL C 160 -7.70 37.27 8.40
C VAL C 160 -7.79 38.65 7.77
N VAL C 161 -7.19 38.81 6.61
CA VAL C 161 -7.20 40.07 5.90
C VAL C 161 -8.51 40.17 5.12
N GLY C 162 -9.04 41.40 5.05
CA GLY C 162 -10.45 41.73 4.88
C GLY C 162 -11.37 40.88 4.02
N LEU C 163 -12.43 40.39 4.65
CA LEU C 163 -13.43 39.54 4.01
C LEU C 163 -14.83 39.99 4.39
N GLU C 164 -14.97 41.19 4.95
CA GLU C 164 -16.21 41.60 5.59
C GLU C 164 -17.34 41.84 4.61
N GLY C 165 -17.04 42.13 3.35
CA GLY C 165 -18.10 42.22 2.36
C GLY C 165 -18.67 40.86 2.03
N ASP C 166 -17.79 39.88 1.82
CA ASP C 166 -18.23 38.51 1.57
C ASP C 166 -18.88 37.92 2.81
N LYS C 167 -18.34 38.23 3.99
CA LYS C 167 -18.94 37.81 5.25
C LYS C 167 -20.34 38.36 5.41
N ARG C 168 -20.52 39.63 5.04
CA ARG C 168 -21.83 40.27 5.10
C ARG C 168 -22.81 39.61 4.15
N LYS C 169 -22.38 39.38 2.91
CA LYS C 169 -23.24 38.78 1.89
C LYS C 169 -23.68 37.38 2.29
N ILE C 170 -22.76 36.59 2.84
CA ILE C 170 -23.11 35.23 3.25
C ILE C 170 -23.99 35.26 4.50
N LYS C 171 -23.84 36.28 5.37
CA LYS C 171 -24.76 36.38 6.50
C LYS C 171 -26.16 36.77 6.05
N GLU C 172 -26.30 37.64 5.05
CA GLU C 172 -27.65 37.92 4.58
C GLU C 172 -28.20 36.78 3.73
N TRP C 173 -27.33 35.92 3.19
CA TRP C 173 -27.83 34.68 2.60
C TRP C 173 -28.38 33.74 3.67
N LEU C 174 -27.68 33.63 4.81
CA LEU C 174 -28.13 32.73 5.86
C LEU C 174 -29.33 33.28 6.62
N PHE C 175 -29.55 34.59 6.61
CA PHE C 175 -30.72 35.14 7.28
C PHE C 175 -32.02 34.81 6.57
N ARG C 176 -31.98 34.38 5.31
CA ARG C 176 -33.17 34.02 4.56
C ARG C 176 -33.38 32.52 4.48
N SER C 177 -33.01 31.78 5.53
CA SER C 177 -33.07 30.33 5.47
C SER C 177 -34.49 29.80 5.56
N ASN C 178 -35.39 30.52 6.23
CA ASN C 178 -36.77 30.08 6.33
C ASN C 178 -37.55 30.27 5.03
N ASP C 179 -36.99 30.99 4.07
CA ASP C 179 -37.68 31.19 2.79
C ASP C 179 -37.73 29.91 1.98
N SER C 180 -36.75 29.04 2.13
CA SER C 180 -36.71 27.76 1.44
C SER C 180 -36.96 26.64 2.44
N GLN C 181 -37.10 25.41 1.91
CA GLN C 181 -37.27 24.27 2.78
C GLN C 181 -35.95 23.82 3.38
N LEU C 182 -34.88 23.88 2.60
CA LEU C 182 -33.55 23.52 3.09
C LEU C 182 -32.54 24.30 2.26
N LEU C 183 -32.05 25.40 2.82
CA LEU C 183 -31.10 26.24 2.12
C LEU C 183 -29.73 25.56 2.08
N ILE C 184 -29.24 25.29 0.87
CA ILE C 184 -27.92 24.71 0.68
C ILE C 184 -27.09 25.65 -0.17
N MET C 185 -25.81 25.75 0.15
CA MET C 185 -24.91 26.76 -0.38
C MET C 185 -23.60 26.09 -0.74
N ALA C 186 -22.87 26.69 -1.66
CA ALA C 186 -21.61 26.12 -2.12
C ALA C 186 -20.54 27.20 -2.17
N PHE C 187 -19.34 26.84 -1.73
CA PHE C 187 -18.17 27.70 -1.83
C PHE C 187 -17.21 27.02 -2.78
N VAL C 188 -17.10 27.54 -4.00
CA VAL C 188 -16.38 26.89 -5.08
C VAL C 188 -15.18 27.74 -5.46
N GLY C 189 -14.01 27.11 -5.51
CA GLY C 189 -12.80 27.80 -5.91
C GLY C 189 -11.67 26.82 -6.02
N MET C 190 -10.50 27.33 -6.41
CA MET C 190 -9.34 26.47 -6.55
C MET C 190 -8.72 26.21 -5.17
N GLY C 191 -7.65 25.41 -5.16
CA GLY C 191 -7.07 24.96 -3.90
C GLY C 191 -6.30 26.05 -3.21
N GLY C 192 -6.59 26.24 -1.92
CA GLY C 192 -5.91 27.26 -1.14
C GLY C 192 -6.30 28.66 -1.54
N LEU C 193 -7.57 28.98 -1.40
CA LEU C 193 -8.10 30.26 -1.85
C LEU C 193 -8.81 31.03 -0.75
N GLY C 194 -9.35 30.35 0.25
CA GLY C 194 -10.01 31.06 1.34
C GLY C 194 -11.36 30.49 1.70
N LYS C 195 -11.67 29.29 1.21
CA LYS C 195 -13.00 28.74 1.36
C LYS C 195 -13.28 28.31 2.79
N THR C 196 -12.38 27.52 3.38
CA THR C 196 -12.58 27.10 4.75
C THR C 196 -12.44 28.28 5.71
N THR C 197 -11.61 29.26 5.35
CA THR C 197 -11.46 30.42 6.22
C THR C 197 -12.68 31.31 6.18
N ILE C 198 -13.33 31.44 5.02
CA ILE C 198 -14.55 32.25 5.00
C ILE C 198 -15.69 31.50 5.66
N ALA C 199 -15.68 30.15 5.62
CA ALA C 199 -16.69 29.40 6.35
C ALA C 199 -16.51 29.54 7.86
N GLN C 200 -15.26 29.42 8.33
CA GLN C 200 -14.97 29.63 9.74
C GLN C 200 -15.24 31.06 10.17
N GLU C 201 -15.01 32.02 9.29
CA GLU C 201 -15.32 33.40 9.60
C GLU C 201 -16.83 33.62 9.69
N VAL C 202 -17.61 32.86 8.92
CA VAL C 202 -19.06 33.01 9.00
C VAL C 202 -19.58 32.42 10.30
N PHE C 203 -19.43 31.11 10.51
CA PHE C 203 -20.25 30.56 11.57
C PHE C 203 -19.58 30.58 12.94
N ASN C 204 -18.45 31.27 13.08
CA ASN C 204 -17.97 31.64 14.40
C ASN C 204 -18.37 33.05 14.78
N ASP C 205 -19.23 33.69 14.00
CA ASP C 205 -19.76 34.98 14.38
C ASP C 205 -20.84 34.77 15.44
N LYS C 206 -21.17 35.85 16.15
CA LYS C 206 -22.12 35.74 17.25
C LYS C 206 -23.55 35.68 16.76
N GLU C 207 -23.88 36.42 15.69
CA GLU C 207 -25.25 36.50 15.24
C GLU C 207 -25.74 35.18 14.64
N ILE C 208 -24.82 34.40 14.08
CA ILE C 208 -25.18 33.08 13.59
C ILE C 208 -25.53 32.14 14.73
N GLU C 209 -24.76 32.20 15.83
CA GLU C 209 -25.11 31.44 17.02
C GLU C 209 -26.39 31.95 17.68
N HIS C 210 -26.72 33.23 17.52
CA HIS C 210 -28.06 33.68 17.87
C HIS C 210 -29.12 33.04 16.98
N ARG C 211 -28.83 32.90 15.68
CA ARG C 211 -29.78 32.30 14.78
C ARG C 211 -29.80 30.78 14.90
N PHE C 212 -28.68 30.14 14.60
CA PHE C 212 -28.61 28.68 14.61
C PHE C 212 -28.15 28.19 15.98
N GLU C 213 -28.87 27.20 16.51
CA GLU C 213 -28.57 26.76 17.86
C GLU C 213 -27.64 25.56 17.86
N ARG C 214 -27.53 24.86 16.74
CA ARG C 214 -26.61 23.73 16.62
C ARG C 214 -25.78 23.89 15.35
N ARG C 215 -24.48 24.11 15.53
CA ARG C 215 -23.56 24.35 14.43
C ARG C 215 -22.64 23.14 14.34
N ILE C 216 -22.57 22.54 13.15
CA ILE C 216 -21.88 21.28 12.95
C ILE C 216 -20.82 21.44 11.88
N TRP C 217 -19.57 21.17 12.24
CA TRP C 217 -18.48 21.11 11.29
C TRP C 217 -18.19 19.66 10.97
N VAL C 218 -18.12 19.32 9.69
CA VAL C 218 -17.82 17.97 9.24
C VAL C 218 -16.69 18.03 8.23
N SER C 219 -15.58 17.38 8.55
CA SER C 219 -14.41 17.38 7.67
C SER C 219 -14.44 16.12 6.82
N VAL C 220 -14.93 16.25 5.60
CA VAL C 220 -14.94 15.16 4.63
C VAL C 220 -13.66 15.27 3.80
N SER C 221 -12.73 14.37 4.01
CA SER C 221 -11.51 14.41 3.23
C SER C 221 -11.75 13.77 1.86
N GLN C 222 -10.68 13.64 1.08
CA GLN C 222 -10.80 12.91 -0.18
C GLN C 222 -10.85 11.41 0.04
N THR C 223 -10.40 10.93 1.19
CA THR C 223 -10.48 9.52 1.56
C THR C 223 -11.31 9.43 2.81
N PHE C 224 -12.41 8.69 2.75
CA PHE C 224 -13.39 8.72 3.83
C PHE C 224 -14.22 7.44 3.80
N THR C 225 -15.23 7.42 4.67
CA THR C 225 -16.32 6.47 4.61
C THR C 225 -17.55 7.15 5.17
N GLU C 226 -18.72 6.54 4.92
CA GLU C 226 -19.97 7.12 5.40
C GLU C 226 -20.07 7.07 6.92
N GLU C 227 -19.57 5.98 7.51
CA GLU C 227 -19.71 5.71 8.93
C GLU C 227 -19.07 6.80 9.77
N GLN C 228 -17.84 7.18 9.44
CA GLN C 228 -17.16 8.19 10.25
C GLN C 228 -17.78 9.57 10.04
N ILE C 229 -18.35 9.83 8.87
CA ILE C 229 -19.04 11.10 8.61
C ILE C 229 -20.25 11.23 9.52
N MET C 230 -21.10 10.21 9.52
CA MET C 230 -22.33 10.33 10.30
C MET C 230 -22.09 10.21 11.80
N ARG C 231 -21.07 9.45 12.23
CA ARG C 231 -20.80 9.47 13.66
C ARG C 231 -20.11 10.76 14.07
N SER C 232 -19.40 11.43 13.16
CA SER C 232 -18.88 12.75 13.48
C SER C 232 -20.00 13.77 13.56
N ILE C 233 -21.06 13.59 12.76
CA ILE C 233 -22.26 14.42 12.91
C ILE C 233 -22.88 14.21 14.28
N LEU C 234 -22.94 12.96 14.75
CA LEU C 234 -23.47 12.73 16.09
C LEU C 234 -22.55 13.24 17.19
N ARG C 235 -21.24 13.21 16.97
CA ARG C 235 -20.31 13.77 17.95
C ARG C 235 -20.45 15.28 18.05
N ASN C 236 -20.67 15.94 16.92
CA ASN C 236 -20.97 17.37 16.95
C ASN C 236 -22.34 17.66 17.53
N LEU C 237 -23.28 16.71 17.46
CA LEU C 237 -24.58 16.90 18.08
C LEU C 237 -24.55 16.75 19.60
N GLY C 238 -23.43 16.33 20.18
CA GLY C 238 -23.34 16.16 21.61
C GLY C 238 -23.68 14.79 22.11
N ASP C 239 -24.19 13.92 21.24
CA ASP C 239 -24.37 12.52 21.60
C ASP C 239 -23.01 11.84 21.73
N ALA C 240 -22.95 10.82 22.57
CA ALA C 240 -21.70 10.12 22.81
C ALA C 240 -21.32 9.27 21.61
N SER C 241 -20.03 8.99 21.50
CA SER C 241 -19.50 8.17 20.42
C SER C 241 -19.90 6.73 20.67
N VAL C 242 -21.01 6.30 20.08
CA VAL C 242 -21.52 4.95 20.27
C VAL C 242 -21.01 4.08 19.13
N GLY C 243 -20.38 2.96 19.49
CA GLY C 243 -20.02 1.95 18.49
C GLY C 243 -21.27 1.33 17.92
N ASP C 244 -21.60 1.66 16.67
CA ASP C 244 -22.96 1.48 16.20
C ASP C 244 -22.95 1.32 14.69
N ASP C 245 -24.05 0.80 14.14
CA ASP C 245 -24.16 0.59 12.71
C ASP C 245 -25.00 1.68 12.05
N ILE C 246 -25.12 1.60 10.73
CA ILE C 246 -25.31 2.78 9.90
C ILE C 246 -26.74 3.31 10.00
N GLY C 247 -27.73 2.43 9.85
CA GLY C 247 -29.11 2.86 9.85
C GLY C 247 -29.58 3.40 11.19
N THR C 248 -29.05 2.83 12.28
CA THR C 248 -29.29 3.37 13.61
C THR C 248 -28.70 4.77 13.74
N LEU C 249 -27.54 5.01 13.10
CA LEU C 249 -26.97 6.34 13.10
C LEU C 249 -27.81 7.34 12.32
N LEU C 250 -28.37 6.94 11.19
CA LEU C 250 -29.28 7.83 10.48
C LEU C 250 -30.55 8.10 11.28
N ARG C 251 -31.05 7.10 11.99
CA ARG C 251 -32.21 7.32 12.84
C ARG C 251 -31.90 8.30 13.96
N LYS C 252 -30.72 8.18 14.56
CA LYS C 252 -30.33 9.11 15.63
C LYS C 252 -30.15 10.52 15.09
N ILE C 253 -29.49 10.67 13.93
CA ILE C 253 -29.31 11.98 13.31
C ILE C 253 -30.63 12.63 12.96
N GLN C 254 -31.60 11.84 12.51
CA GLN C 254 -32.93 12.39 12.27
C GLN C 254 -33.60 12.77 13.58
N GLN C 255 -33.43 11.97 14.63
CA GLN C 255 -34.15 12.22 15.87
C GLN C 255 -33.61 13.42 16.64
N TYR C 256 -32.31 13.70 16.55
CA TYR C 256 -31.79 14.85 17.30
C TYR C 256 -32.01 16.18 16.61
N LEU C 257 -32.74 16.24 15.50
CA LEU C 257 -32.89 17.46 14.75
C LEU C 257 -34.36 17.86 14.57
N LEU C 258 -35.19 17.61 15.58
CA LEU C 258 -36.58 18.02 15.50
C LEU C 258 -36.75 19.42 16.09
N GLY C 259 -37.31 20.33 15.30
CA GLY C 259 -37.58 21.67 15.76
C GLY C 259 -36.35 22.52 16.00
N LYS C 260 -35.22 22.16 15.40
CA LYS C 260 -33.95 22.81 15.70
C LYS C 260 -33.39 23.43 14.42
N ARG C 261 -33.12 24.72 14.48
CA ARG C 261 -32.61 25.46 13.32
C ARG C 261 -31.13 25.14 13.16
N TYR C 262 -30.83 24.13 12.35
CA TYR C 262 -29.51 23.55 12.30
C TYR C 262 -28.70 24.11 11.13
N LEU C 263 -27.39 24.17 11.34
CA LEU C 263 -26.42 24.63 10.34
C LEU C 263 -25.30 23.62 10.30
N ILE C 264 -25.10 22.98 9.16
CA ILE C 264 -23.98 22.07 8.98
C ILE C 264 -23.07 22.61 7.89
N VAL C 265 -21.77 22.47 8.09
CA VAL C 265 -20.77 22.92 7.13
C VAL C 265 -19.91 21.74 6.78
N MET C 266 -19.98 21.30 5.53
CA MET C 266 -19.29 20.11 5.09
C MET C 266 -18.14 20.55 4.19
N ASP C 267 -16.94 20.16 4.58
CA ASP C 267 -15.72 20.73 4.02
C ASP C 267 -15.04 19.74 3.10
N ASP C 268 -14.45 20.26 2.03
CA ASP C 268 -13.60 19.51 1.09
C ASP C 268 -14.34 18.35 0.44
N VAL C 269 -15.56 18.61 0.00
CA VAL C 269 -16.36 17.58 -0.63
C VAL C 269 -15.88 17.38 -2.06
N TRP C 270 -15.58 16.13 -2.41
CA TRP C 270 -15.09 15.78 -3.75
C TRP C 270 -16.18 15.04 -4.52
N ASP C 271 -15.84 14.70 -5.77
CA ASP C 271 -16.76 14.01 -6.66
C ASP C 271 -16.47 12.52 -6.76
N LYS C 272 -16.05 11.89 -5.68
CA LYS C 272 -15.66 10.49 -5.67
C LYS C 272 -16.57 9.74 -4.72
N ASN C 273 -17.40 8.86 -5.28
CA ASN C 273 -18.43 8.08 -4.56
C ASN C 273 -19.37 8.99 -3.77
N LEU C 274 -19.83 10.05 -4.43
CA LEU C 274 -20.58 11.15 -3.82
C LEU C 274 -22.01 10.78 -3.45
N SER C 275 -22.46 9.56 -3.77
CA SER C 275 -23.84 9.12 -3.54
C SER C 275 -24.23 9.12 -2.06
N TRP C 276 -23.25 9.13 -1.15
CA TRP C 276 -23.50 9.29 0.28
C TRP C 276 -24.33 10.52 0.59
N TRP C 277 -24.17 11.58 -0.22
CA TRP C 277 -24.97 12.79 -0.09
C TRP C 277 -26.46 12.48 -0.12
N ASP C 278 -26.94 11.82 -1.18
CA ASP C 278 -28.35 11.52 -1.16
C ASP C 278 -28.63 10.15 -0.56
N LYS C 279 -27.78 9.70 0.35
CA LYS C 279 -28.18 8.76 1.39
C LYS C 279 -28.38 9.46 2.72
N ILE C 280 -27.92 10.71 2.86
CA ILE C 280 -28.19 11.49 4.06
C ILE C 280 -29.03 12.72 3.80
N TYR C 281 -29.24 13.09 2.52
CA TYR C 281 -30.02 14.28 2.21
C TYR C 281 -31.49 14.09 2.58
N GLN C 282 -31.99 12.86 2.48
CA GLN C 282 -33.35 12.59 2.93
C GLN C 282 -33.45 12.45 4.44
N GLY C 283 -32.32 12.29 5.11
CA GLY C 283 -32.31 12.22 6.57
C GLY C 283 -32.30 13.55 7.27
N LEU C 284 -32.30 14.64 6.54
CA LEU C 284 -32.24 15.96 7.16
C LEU C 284 -33.63 16.56 7.20
N PRO C 285 -34.07 17.05 8.36
CA PRO C 285 -35.43 17.59 8.46
C PRO C 285 -35.56 18.92 7.72
N ARG C 286 -36.66 19.05 7.00
CA ARG C 286 -36.91 20.22 6.17
C ARG C 286 -37.96 21.11 6.80
N GLY C 287 -38.04 22.34 6.30
CA GLY C 287 -38.97 23.32 6.79
C GLY C 287 -38.61 23.95 8.12
N GLN C 288 -37.50 23.55 8.73
CA GLN C 288 -37.08 24.10 10.01
C GLN C 288 -36.15 25.28 9.85
N GLY C 289 -35.77 25.62 8.63
CA GLY C 289 -34.81 26.68 8.41
C GLY C 289 -33.38 26.24 8.45
N GLY C 290 -33.11 24.95 8.27
CA GLY C 290 -31.75 24.46 8.31
C GLY C 290 -30.95 24.88 7.10
N SER C 291 -29.63 24.85 7.24
CA SER C 291 -28.75 25.34 6.20
C SER C 291 -27.51 24.46 6.12
N VAL C 292 -27.11 24.15 4.89
CA VAL C 292 -25.93 23.35 4.61
C VAL C 292 -24.98 24.23 3.82
N ILE C 293 -23.70 24.24 4.19
CA ILE C 293 -22.68 24.97 3.46
C ILE C 293 -21.63 23.96 3.03
N VAL C 294 -21.55 23.71 1.73
CA VAL C 294 -20.59 22.76 1.19
C VAL C 294 -19.45 23.54 0.59
N THR C 295 -18.25 23.40 1.15
CA THR C 295 -17.07 24.05 0.59
C THR C 295 -16.31 23.01 -0.21
N THR C 296 -15.92 23.35 -1.43
CA THR C 296 -15.42 22.34 -2.36
C THR C 296 -14.57 22.98 -3.44
N ARG C 297 -14.01 22.13 -4.30
CA ARG C 297 -13.18 22.58 -5.41
C ARG C 297 -13.82 22.34 -6.76
N SER C 298 -15.14 22.20 -6.82
CA SER C 298 -15.77 21.83 -8.08
C SER C 298 -17.12 22.51 -8.22
N GLU C 299 -17.48 22.83 -9.46
CA GLU C 299 -18.85 23.18 -9.77
C GLU C 299 -19.70 21.97 -10.09
N SER C 300 -19.06 20.86 -10.46
CA SER C 300 -19.80 19.63 -10.74
C SER C 300 -20.46 19.11 -9.48
N VAL C 301 -19.77 19.17 -8.35
CA VAL C 301 -20.42 18.82 -7.11
C VAL C 301 -21.37 19.91 -6.65
N ALA C 302 -21.20 21.15 -7.13
CA ALA C 302 -22.14 22.19 -6.77
C ALA C 302 -23.46 22.02 -7.48
N LYS C 303 -23.45 21.38 -8.65
CA LYS C 303 -24.69 21.02 -9.32
C LYS C 303 -25.20 19.64 -8.94
N ARG C 304 -24.32 18.73 -8.52
CA ARG C 304 -24.78 17.44 -8.04
C ARG C 304 -25.46 17.57 -6.69
N VAL C 305 -24.92 18.42 -5.82
CA VAL C 305 -25.65 18.85 -4.61
C VAL C 305 -26.78 19.79 -4.96
N GLN C 306 -26.72 20.43 -6.14
CA GLN C 306 -27.67 21.42 -6.68
C GLN C 306 -28.04 22.48 -5.64
N ALA C 307 -27.04 23.30 -5.29
CA ALA C 307 -27.24 24.40 -4.37
C ALA C 307 -28.20 25.44 -4.93
N ARG C 308 -27.74 26.18 -5.94
CA ARG C 308 -28.48 27.02 -6.87
C ARG C 308 -27.39 27.62 -7.76
N ASP C 309 -27.78 28.21 -8.88
CA ASP C 309 -26.80 28.92 -9.69
C ASP C 309 -26.40 30.26 -9.07
N ASP C 310 -27.21 30.78 -8.16
CA ASP C 310 -26.92 32.05 -7.51
C ASP C 310 -26.36 31.91 -6.11
N LYS C 311 -26.70 30.84 -5.39
CA LYS C 311 -26.21 30.67 -4.04
C LYS C 311 -24.75 30.24 -3.95
N THR C 312 -24.07 30.01 -5.07
CA THR C 312 -22.66 29.67 -5.01
C THR C 312 -21.83 30.92 -4.85
N HIS C 313 -20.93 30.90 -3.86
CA HIS C 313 -19.99 32.00 -3.62
C HIS C 313 -18.62 31.58 -4.09
N ARG C 314 -17.94 32.46 -4.81
CA ARG C 314 -16.60 32.19 -5.30
C ARG C 314 -15.65 33.24 -4.73
N PRO C 315 -14.74 32.87 -3.83
CA PRO C 315 -13.78 33.84 -3.33
C PRO C 315 -12.80 34.25 -4.41
N GLU C 316 -12.28 35.46 -4.30
CA GLU C 316 -11.40 36.02 -5.31
C GLU C 316 -9.99 36.13 -4.76
N LEU C 317 -9.05 36.30 -5.68
CA LEU C 317 -7.65 36.49 -5.32
C LEU C 317 -7.47 37.81 -4.60
N LEU C 318 -6.40 37.91 -3.83
CA LEU C 318 -6.21 39.05 -2.95
C LEU C 318 -5.65 40.24 -3.72
N SER C 319 -6.05 41.43 -3.29
CA SER C 319 -5.50 42.67 -3.82
C SER C 319 -4.06 42.83 -3.32
N PRO C 320 -3.22 43.61 -4.04
CA PRO C 320 -1.81 43.74 -3.62
C PRO C 320 -1.62 44.42 -2.27
N ASP C 321 -2.50 45.35 -1.90
CA ASP C 321 -2.41 45.94 -0.57
C ASP C 321 -2.76 44.91 0.51
N ASN C 322 -3.84 44.15 0.27
CA ASN C 322 -4.27 43.15 1.24
C ASN C 322 -3.25 42.02 1.36
N SER C 323 -2.70 41.59 0.23
CA SER C 323 -1.68 40.56 0.26
C SER C 323 -0.39 41.07 0.89
N TRP C 324 -0.09 42.37 0.73
CA TRP C 324 1.10 42.91 1.36
C TRP C 324 0.97 42.97 2.87
N LEU C 325 -0.19 43.38 3.40
CA LEU C 325 -0.22 43.36 4.86
C LEU C 325 -0.43 41.96 5.41
N LEU C 326 -0.94 41.02 4.60
CA LEU C 326 -0.89 39.63 5.00
C LEU C 326 0.55 39.14 5.13
N PHE C 327 1.40 39.48 4.16
CA PHE C 327 2.79 39.05 4.21
C PHE C 327 3.56 39.74 5.32
N CYS C 328 3.21 40.98 5.64
CA CYS C 328 3.81 41.64 6.80
C CYS C 328 3.37 40.97 8.09
N ASN C 329 2.10 40.57 8.16
CA ASN C 329 1.58 39.96 9.38
C ASN C 329 2.15 38.56 9.59
N VAL C 330 2.56 37.90 8.52
CA VAL C 330 3.14 36.57 8.64
C VAL C 330 4.65 36.62 8.83
N ALA C 331 5.37 37.27 7.91
CA ALA C 331 6.82 37.18 7.88
C ALA C 331 7.47 37.97 9.00
N PHE C 332 7.04 39.22 9.19
CA PHE C 332 7.63 40.06 10.24
C PHE C 332 6.87 39.91 11.55
N ALA C 333 6.65 38.67 11.97
CA ALA C 333 5.79 38.38 13.12
C ALA C 333 6.40 38.78 14.45
N ALA C 334 7.69 39.12 14.48
CA ALA C 334 8.33 39.51 15.74
C ALA C 334 7.83 40.87 16.21
N ASN C 335 8.01 41.90 15.41
CA ASN C 335 7.67 43.27 15.79
C ASN C 335 6.29 43.61 15.25
N ASP C 336 5.29 42.89 15.76
CA ASP C 336 3.86 43.23 15.64
C ASP C 336 3.39 43.21 14.18
N GLY C 337 4.01 42.39 13.35
CA GLY C 337 3.62 42.34 11.94
C GLY C 337 3.97 43.58 11.16
N THR C 338 5.01 44.30 11.58
CA THR C 338 5.41 45.54 10.93
C THR C 338 6.81 45.38 10.34
N CYS C 339 7.05 46.05 9.22
CA CYS C 339 8.37 46.05 8.62
C CYS C 339 9.30 46.95 9.42
N GLU C 340 10.51 46.48 9.67
CA GLU C 340 11.45 47.19 10.53
C GLU C 340 12.51 47.96 9.76
N ARG C 341 13.03 47.38 8.68
CA ARG C 341 14.11 47.98 7.93
C ARG C 341 13.66 48.13 6.47
N PRO C 342 13.91 49.28 5.86
CA PRO C 342 13.30 49.60 4.57
C PRO C 342 14.03 49.07 3.34
N GLU C 343 15.17 48.40 3.49
CA GLU C 343 15.84 47.86 2.30
C GLU C 343 15.21 46.56 1.82
N LEU C 344 14.27 46.00 2.57
CA LEU C 344 13.59 44.77 2.19
C LEU C 344 12.23 45.00 1.56
N GLU C 345 11.77 46.26 1.51
CA GLU C 345 10.40 46.51 1.07
C GLU C 345 10.25 46.36 -0.43
N ASP C 346 11.27 46.73 -1.20
CA ASP C 346 11.16 46.60 -2.65
C ASP C 346 11.21 45.13 -3.06
N VAL C 347 12.15 44.37 -2.49
CA VAL C 347 12.25 42.95 -2.77
C VAL C 347 11.05 42.20 -2.21
N GLY C 348 10.59 42.61 -1.03
CA GLY C 348 9.41 42.00 -0.43
C GLY C 348 8.15 42.22 -1.24
N LYS C 349 7.92 43.46 -1.70
CA LYS C 349 6.76 43.74 -2.52
C LYS C 349 6.88 43.10 -3.89
N GLU C 350 8.10 42.91 -4.40
CA GLU C 350 8.27 42.16 -5.63
C GLU C 350 7.85 40.70 -5.45
N ILE C 351 8.25 40.08 -4.34
CA ILE C 351 7.85 38.69 -4.05
C ILE C 351 6.33 38.60 -3.88
N VAL C 352 5.74 39.57 -3.19
CA VAL C 352 4.30 39.52 -2.92
C VAL C 352 3.50 39.73 -4.20
N THR C 353 3.90 40.68 -5.04
CA THR C 353 3.20 40.86 -6.31
C THR C 353 3.49 39.73 -7.29
N LYS C 354 4.54 38.96 -7.06
CA LYS C 354 4.78 37.82 -7.93
C LYS C 354 4.08 36.55 -7.44
N CYS C 355 3.68 36.50 -6.16
CA CYS C 355 2.92 35.35 -5.66
C CYS C 355 1.51 35.28 -6.27
N LYS C 356 0.96 36.44 -6.66
CA LYS C 356 -0.31 36.56 -7.39
C LYS C 356 -1.50 36.00 -6.62
N GLY C 357 -1.79 36.62 -5.48
CA GLY C 357 -3.12 36.51 -4.92
C GLY C 357 -3.47 35.35 -4.02
N LEU C 358 -2.85 34.19 -4.18
CA LEU C 358 -3.20 33.06 -3.34
C LEU C 358 -2.68 33.27 -1.93
N PRO C 359 -3.52 33.12 -0.90
CA PRO C 359 -3.02 33.22 0.47
C PRO C 359 -2.12 32.07 0.85
N LEU C 360 -2.28 30.92 0.19
CA LEU C 360 -1.48 29.75 0.52
C LEU C 360 -0.01 29.96 0.19
N THR C 361 0.29 30.45 -1.02
CA THR C 361 1.67 30.71 -1.40
C THR C 361 2.27 31.84 -0.58
N ILE C 362 1.46 32.84 -0.23
CA ILE C 362 1.96 33.96 0.57
C ILE C 362 2.33 33.52 1.97
N LYS C 363 1.48 32.71 2.60
CA LYS C 363 1.83 32.20 3.94
C LYS C 363 2.95 31.17 3.86
N ALA C 364 3.10 30.47 2.74
CA ALA C 364 4.23 29.57 2.61
C ALA C 364 5.55 30.32 2.47
N VAL C 365 5.56 31.40 1.70
CA VAL C 365 6.77 32.21 1.57
C VAL C 365 7.07 32.93 2.88
N GLY C 366 6.02 33.30 3.61
CA GLY C 366 6.23 33.89 4.93
C GLY C 366 6.83 32.92 5.92
N GLY C 367 6.34 31.67 5.92
CA GLY C 367 6.94 30.65 6.77
C GLY C 367 8.32 30.26 6.33
N LEU C 368 8.62 30.39 5.04
CA LEU C 368 9.97 30.14 4.55
C LEU C 368 10.94 31.22 4.99
N LEU C 369 10.54 32.48 4.86
CA LEU C 369 11.40 33.59 5.26
C LEU C 369 11.39 33.85 6.76
N LEU C 370 10.55 33.15 7.52
CA LEU C 370 10.53 33.37 8.97
C LEU C 370 11.77 32.79 9.63
N CYS C 371 12.38 31.77 9.04
CA CYS C 371 13.55 31.12 9.61
C CYS C 371 14.85 31.60 8.97
N LYS C 372 14.92 32.87 8.59
CA LYS C 372 16.15 33.45 8.05
C LYS C 372 16.59 34.61 8.94
N ASP C 373 17.68 35.25 8.53
CA ASP C 373 18.29 36.32 9.34
C ASP C 373 18.00 37.70 8.76
N HIS C 374 17.08 37.79 7.80
CA HIS C 374 16.51 39.05 7.29
C HIS C 374 17.54 39.94 6.62
N VAL C 375 18.64 39.38 6.16
CA VAL C 375 19.60 40.16 5.39
C VAL C 375 19.24 40.05 3.92
N TYR C 376 19.77 40.98 3.13
CA TYR C 376 19.22 41.30 1.82
C TYR C 376 19.40 40.19 0.80
N HIS C 377 20.46 39.40 0.91
CA HIS C 377 20.86 38.57 -0.23
C HIS C 377 19.97 37.36 -0.42
N GLU C 378 19.57 36.66 0.65
CA GLU C 378 18.67 35.52 0.46
C GLU C 378 17.28 35.98 0.03
N TRP C 379 16.86 37.16 0.48
CA TRP C 379 15.59 37.74 0.03
C TRP C 379 15.64 38.05 -1.45
N ARG C 380 16.76 38.59 -1.93
CA ARG C 380 16.87 38.91 -3.36
C ARG C 380 16.92 37.65 -4.22
N ARG C 381 17.64 36.63 -3.75
CA ARG C 381 17.72 35.43 -4.59
C ARG C 381 16.43 34.62 -4.56
N ILE C 382 15.69 34.65 -3.44
CA ILE C 382 14.36 34.06 -3.44
C ILE C 382 13.43 34.86 -4.33
N ALA C 383 13.64 36.18 -4.42
CA ALA C 383 12.91 36.98 -5.39
C ALA C 383 13.26 36.62 -6.83
N GLU C 384 14.44 36.07 -7.09
CA GLU C 384 14.74 35.66 -8.45
C GLU C 384 14.86 34.15 -8.66
N HIS C 385 14.94 33.35 -7.60
CA HIS C 385 14.70 31.90 -7.67
C HIS C 385 13.54 31.60 -6.74
N PHE C 386 12.39 31.28 -7.31
CA PHE C 386 11.16 31.21 -6.53
C PHE C 386 10.53 29.83 -6.54
N GLN C 387 10.38 29.23 -7.72
CA GLN C 387 9.67 27.98 -7.85
C GLN C 387 10.44 26.80 -7.25
N ASP C 388 11.77 26.88 -7.23
CA ASP C 388 12.61 25.76 -6.84
C ASP C 388 12.61 25.50 -5.34
N GLU C 389 12.10 26.44 -4.54
CA GLU C 389 12.06 26.30 -3.09
C GLU C 389 10.72 25.81 -2.59
N LEU C 390 9.64 26.30 -3.19
CA LEU C 390 8.31 25.85 -2.85
C LEU C 390 8.02 24.46 -3.39
N ARG C 391 8.88 23.90 -4.24
CA ARG C 391 8.79 22.49 -4.57
C ARG C 391 9.71 21.64 -3.71
N GLY C 392 10.53 22.25 -2.87
CA GLY C 392 11.24 21.52 -1.84
C GLY C 392 10.44 21.54 -0.55
N ASN C 393 9.54 22.52 -0.47
CA ASN C 393 8.56 22.68 0.62
C ASN C 393 9.25 22.89 1.97
N THR C 394 10.40 23.56 1.94
CA THR C 394 11.35 23.67 3.06
C THR C 394 11.66 22.27 3.60
N SER C 395 11.98 21.37 2.66
CA SER C 395 12.13 19.93 2.88
C SER C 395 10.89 19.34 3.56
N GLU C 396 9.75 19.46 2.86
CA GLU C 396 8.51 18.75 3.16
C GLU C 396 7.96 19.10 4.55
N THR C 397 7.53 20.36 4.70
CA THR C 397 6.87 20.78 5.92
C THR C 397 5.55 21.52 5.70
N ASP C 398 5.42 22.32 4.63
CA ASP C 398 4.20 23.09 4.40
C ASP C 398 3.37 22.56 3.25
N ASN C 399 4.03 22.17 2.16
CA ASN C 399 3.46 21.39 1.06
C ASN C 399 2.33 22.08 0.33
N VAL C 400 2.64 23.19 -0.34
CA VAL C 400 1.73 23.76 -1.33
C VAL C 400 1.54 22.80 -2.48
N MET C 401 2.65 22.19 -2.93
CA MET C 401 2.62 21.29 -4.07
C MET C 401 1.78 20.05 -3.80
N SER C 402 1.72 19.60 -2.55
CA SER C 402 0.82 18.49 -2.24
C SER C 402 -0.64 18.92 -2.30
N SER C 403 -0.93 20.14 -1.84
CA SER C 403 -2.31 20.60 -1.81
C SER C 403 -2.85 20.87 -3.19
N LEU C 404 -1.98 21.16 -4.16
CA LEU C 404 -2.47 21.21 -5.53
C LEU C 404 -2.35 19.88 -6.25
N GLN C 405 -1.40 19.03 -5.85
CA GLN C 405 -1.23 17.76 -6.52
C GLN C 405 -2.33 16.79 -6.12
N LEU C 406 -2.97 16.99 -4.97
CA LEU C 406 -4.13 16.15 -4.66
C LEU C 406 -5.33 16.53 -5.51
N SER C 407 -5.40 17.78 -5.96
CA SER C 407 -6.40 18.13 -6.95
C SER C 407 -6.02 17.59 -8.32
N TYR C 408 -4.73 17.46 -8.58
CA TYR C 408 -4.30 16.80 -9.82
C TYR C 408 -4.62 15.31 -9.80
N ASP C 409 -4.52 14.68 -8.64
CA ASP C 409 -4.51 13.23 -8.53
C ASP C 409 -5.88 12.61 -8.36
N GLU C 410 -6.95 13.33 -8.68
CA GLU C 410 -8.26 12.71 -8.75
C GLU C 410 -8.90 12.88 -10.12
N LEU C 411 -8.13 13.24 -11.12
CA LEU C 411 -8.63 13.27 -12.46
C LEU C 411 -8.68 11.86 -13.03
N PRO C 412 -9.56 11.59 -13.98
CA PRO C 412 -9.39 10.41 -14.83
C PRO C 412 -8.13 10.53 -15.66
N SER C 413 -7.63 9.38 -16.13
CA SER C 413 -6.30 9.31 -16.72
C SER C 413 -6.22 10.08 -18.03
N HIS C 414 -7.29 10.06 -18.82
CA HIS C 414 -7.31 10.87 -20.02
C HIS C 414 -7.37 12.35 -19.68
N LEU C 415 -8.05 12.72 -18.59
CA LEU C 415 -8.00 14.11 -18.17
C LEU C 415 -6.66 14.47 -17.56
N LYS C 416 -5.95 13.50 -16.99
CA LYS C 416 -4.57 13.75 -16.57
C LYS C 416 -3.69 14.09 -17.76
N SER C 417 -3.83 13.31 -18.84
CA SER C 417 -3.10 13.59 -20.06
C SER C 417 -3.50 14.94 -20.67
N CYS C 418 -4.79 15.27 -20.63
CA CYS C 418 -5.25 16.53 -21.21
C CYS C 418 -4.78 17.73 -20.40
N ILE C 419 -4.74 17.62 -19.07
CA ILE C 419 -4.26 18.75 -18.29
C ILE C 419 -2.76 18.84 -18.34
N LEU C 420 -2.08 17.74 -18.70
CA LEU C 420 -0.63 17.76 -18.70
C LEU C 420 -0.04 18.59 -19.83
N THR C 421 -0.78 18.81 -20.92
CA THR C 421 -0.23 19.54 -22.06
C THR C 421 -0.20 21.05 -21.85
N LEU C 422 -0.68 21.56 -20.74
CA LEU C 422 -0.62 23.00 -20.47
C LEU C 422 0.67 23.41 -19.79
N SER C 423 1.65 22.50 -19.70
CA SER C 423 3.01 22.84 -19.31
C SER C 423 3.86 23.24 -20.49
N LEU C 424 3.22 23.66 -21.57
CA LEU C 424 3.87 23.81 -22.86
C LEU C 424 3.72 25.23 -23.37
N TYR C 425 3.28 26.14 -22.51
CA TYR C 425 2.86 27.49 -22.82
C TYR C 425 3.66 28.51 -22.01
N PRO C 426 3.78 29.75 -22.49
CA PRO C 426 4.50 30.79 -21.74
C PRO C 426 3.75 31.31 -20.52
N GLU C 427 4.27 32.41 -19.95
CA GLU C 427 4.07 32.75 -18.54
C GLU C 427 2.60 33.05 -18.23
N ASP C 428 1.98 33.97 -18.96
CA ASP C 428 0.57 34.27 -18.72
C ASP C 428 -0.18 34.42 -20.02
N CYS C 429 0.14 33.59 -21.00
CA CYS C 429 -0.53 33.65 -22.29
C CYS C 429 -1.98 33.22 -22.17
N VAL C 430 -2.82 33.75 -23.04
CA VAL C 430 -4.25 33.50 -23.00
C VAL C 430 -4.54 32.47 -24.07
N ILE C 431 -4.78 31.23 -23.63
CA ILE C 431 -4.79 30.08 -24.52
C ILE C 431 -6.16 29.93 -25.17
N PRO C 432 -6.25 29.83 -26.50
CA PRO C 432 -7.55 29.55 -27.12
C PRO C 432 -7.98 28.12 -26.86
N LYS C 433 -9.29 27.95 -26.68
CA LYS C 433 -9.86 26.63 -26.42
C LYS C 433 -9.69 25.71 -27.63
N GLN C 434 -9.85 26.26 -28.83
CA GLN C 434 -9.97 25.46 -30.04
C GLN C 434 -8.69 24.71 -30.36
N GLN C 435 -7.55 25.34 -30.12
CA GLN C 435 -6.26 24.70 -30.37
C GLN C 435 -6.02 23.54 -29.41
N LEU C 436 -6.39 23.72 -28.14
CA LEU C 436 -6.27 22.65 -27.15
C LEU C 436 -7.17 21.47 -27.51
N VAL C 437 -8.41 21.76 -27.90
CA VAL C 437 -9.35 20.71 -28.23
C VAL C 437 -8.91 19.95 -29.47
N HIS C 438 -8.36 20.66 -30.46
CA HIS C 438 -7.90 19.95 -31.65
C HIS C 438 -6.64 19.15 -31.39
N GLY C 439 -5.76 19.61 -30.49
CA GLY C 439 -4.61 18.79 -30.12
C GLY C 439 -5.02 17.52 -29.38
N TRP C 440 -6.00 17.64 -28.49
CA TRP C 440 -6.49 16.49 -27.75
C TRP C 440 -7.17 15.49 -28.66
N ILE C 441 -7.92 15.96 -29.65
CA ILE C 441 -8.53 15.05 -30.61
C ILE C 441 -7.47 14.42 -31.49
N GLY C 442 -6.47 15.21 -31.89
CA GLY C 442 -5.42 14.77 -32.78
C GLY C 442 -4.57 13.66 -32.23
N GLU C 443 -3.79 13.93 -31.18
CA GLU C 443 -2.85 12.89 -30.79
C GLU C 443 -3.46 11.84 -29.88
N GLY C 444 -4.75 11.89 -29.62
CA GLY C 444 -5.46 10.72 -29.11
C GLY C 444 -5.62 10.65 -27.61
N PHE C 445 -5.81 11.79 -26.95
CA PHE C 445 -6.20 11.77 -25.54
C PHE C 445 -7.69 11.63 -25.37
N VAL C 446 -8.43 11.58 -26.46
CA VAL C 446 -9.88 11.49 -26.45
C VAL C 446 -10.29 10.23 -27.20
N MET C 447 -11.04 9.36 -26.55
CA MET C 447 -11.64 8.21 -27.22
C MET C 447 -13.15 8.42 -27.31
N TRP C 448 -13.77 7.73 -28.24
CA TRP C 448 -15.20 7.92 -28.48
C TRP C 448 -15.78 6.68 -29.12
N ARG C 449 -16.94 6.28 -28.65
CA ARG C 449 -17.71 5.36 -29.49
C ARG C 449 -19.17 5.74 -29.63
N ASN C 450 -19.81 6.23 -28.56
CA ASN C 450 -21.26 6.30 -28.50
C ASN C 450 -21.80 7.63 -29.03
N GLY C 451 -21.34 8.00 -30.22
CA GLY C 451 -21.84 9.22 -30.85
C GLY C 451 -21.11 10.49 -30.43
N ARG C 452 -20.55 10.52 -29.22
CA ARG C 452 -19.81 11.68 -28.76
C ARG C 452 -18.46 11.75 -29.45
N SER C 453 -18.44 11.99 -30.76
CA SER C 453 -17.30 11.53 -31.54
C SER C 453 -16.11 12.47 -31.45
N ALA C 454 -16.23 13.68 -31.98
CA ALA C 454 -15.05 14.54 -32.02
C ALA C 454 -15.21 15.80 -31.20
N THR C 455 -16.16 16.65 -31.54
CA THR C 455 -16.12 18.00 -30.98
C THR C 455 -16.72 18.05 -29.60
N GLU C 456 -17.84 17.37 -29.40
CA GLU C 456 -18.51 17.36 -28.10
C GLU C 456 -17.70 16.62 -27.04
N SER C 457 -16.86 15.67 -27.42
CA SER C 457 -15.97 15.05 -26.44
C SER C 457 -14.84 15.98 -26.05
N GLY C 458 -14.34 16.79 -26.99
CA GLY C 458 -13.43 17.85 -26.60
C GLY C 458 -14.10 18.89 -25.73
N GLU C 459 -15.38 19.15 -25.99
CA GLU C 459 -16.15 20.09 -25.18
C GLU C 459 -16.31 19.61 -23.75
N ASP C 460 -16.66 18.33 -23.57
CA ASP C 460 -16.88 17.91 -22.19
C ASP C 460 -15.58 17.54 -21.48
N CYS C 461 -14.50 17.24 -22.20
CA CYS C 461 -13.19 17.18 -21.54
C CYS C 461 -12.75 18.56 -21.07
N PHE C 462 -12.97 19.59 -21.90
CA PHE C 462 -12.59 20.94 -21.49
C PHE C 462 -13.46 21.43 -20.34
N SER C 463 -14.74 21.09 -20.35
CA SER C 463 -15.60 21.47 -19.23
C SER C 463 -15.29 20.66 -18.00
N GLY C 464 -14.82 19.41 -18.17
CA GLY C 464 -14.37 18.64 -17.02
C GLY C 464 -13.13 19.23 -16.39
N LEU C 465 -12.24 19.80 -17.20
CA LEU C 465 -11.08 20.47 -16.60
C LEU C 465 -11.46 21.81 -15.96
N THR C 466 -12.36 22.57 -16.58
CA THR C 466 -12.73 23.85 -15.97
C THR C 466 -13.65 23.68 -14.78
N ASN C 467 -14.30 22.53 -14.64
CA ASN C 467 -15.12 22.27 -13.46
C ASN C 467 -14.32 21.75 -12.29
N ARG C 468 -13.05 21.41 -12.47
CA ARG C 468 -12.19 21.09 -11.36
C ARG C 468 -11.47 22.31 -10.81
N CYS C 469 -11.80 23.50 -11.32
CA CYS C 469 -11.11 24.76 -11.05
C CYS C 469 -9.61 24.67 -11.33
N LEU C 470 -9.24 23.94 -12.37
CA LEU C 470 -7.86 23.94 -12.83
C LEU C 470 -7.62 24.94 -13.93
N ILE C 471 -8.50 25.02 -14.91
CA ILE C 471 -8.42 25.98 -16.00
C ILE C 471 -9.54 26.99 -15.80
N GLU C 472 -9.19 28.26 -15.79
CA GLU C 472 -10.18 29.31 -15.66
C GLU C 472 -10.41 29.98 -17.01
N VAL C 473 -11.61 30.53 -17.19
CA VAL C 473 -11.98 31.13 -18.45
C VAL C 473 -11.43 32.54 -18.52
N VAL C 474 -11.43 33.12 -19.73
CA VAL C 474 -11.01 34.50 -19.93
C VAL C 474 -12.16 35.35 -20.47
N ASP C 475 -12.71 34.96 -21.62
CA ASP C 475 -13.87 35.64 -22.17
C ASP C 475 -14.88 34.63 -22.68
N LYS C 476 -16.14 35.05 -22.67
CA LYS C 476 -17.26 34.18 -22.98
C LYS C 476 -18.21 34.96 -23.88
N THR C 477 -18.77 34.30 -24.88
CA THR C 477 -19.61 34.99 -25.84
C THR C 477 -21.01 35.20 -25.26
N TYR C 478 -21.94 35.66 -26.11
CA TYR C 478 -23.33 35.79 -25.70
C TYR C 478 -23.95 34.43 -25.46
N SER C 479 -23.50 33.41 -26.18
CA SER C 479 -24.10 32.08 -26.16
C SER C 479 -23.51 31.19 -25.10
N GLY C 480 -22.75 31.73 -24.16
CA GLY C 480 -22.17 30.96 -23.08
C GLY C 480 -20.98 30.11 -23.45
N THR C 481 -20.65 29.97 -24.73
CA THR C 481 -19.50 29.16 -25.09
C THR C 481 -18.21 29.91 -24.79
N ILE C 482 -17.15 29.14 -24.60
CA ILE C 482 -15.87 29.65 -24.13
C ILE C 482 -14.91 29.60 -25.30
N ILE C 483 -14.11 30.65 -25.47
CA ILE C 483 -13.17 30.73 -26.57
C ILE C 483 -11.73 30.78 -26.11
N THR C 484 -11.43 31.49 -25.02
CA THR C 484 -10.07 31.59 -24.51
C THR C 484 -10.03 31.31 -23.02
N CYS C 485 -8.95 30.68 -22.58
CA CYS C 485 -8.80 30.26 -21.20
C CYS C 485 -7.35 30.41 -20.77
N LYS C 486 -7.15 30.48 -19.46
CA LYS C 486 -5.81 30.58 -18.90
C LYS C 486 -5.78 29.80 -17.60
N ILE C 487 -4.58 29.68 -17.03
CA ILE C 487 -4.40 28.95 -15.77
C ILE C 487 -3.57 29.79 -14.81
N HIS C 488 -3.76 29.53 -13.53
CA HIS C 488 -2.95 30.14 -12.50
C HIS C 488 -1.55 29.50 -12.54
N ASP C 489 -0.53 30.30 -12.23
CA ASP C 489 0.84 29.87 -12.49
C ASP C 489 1.33 28.81 -11.52
N MET C 490 0.73 28.69 -10.33
CA MET C 490 1.11 27.60 -9.44
C MET C 490 0.64 26.26 -10.00
N VAL C 491 -0.54 26.26 -10.61
CA VAL C 491 -0.97 25.10 -11.38
C VAL C 491 -0.03 24.86 -12.55
N ARG C 492 0.50 25.94 -13.13
CA ARG C 492 1.34 25.81 -14.32
C ARG C 492 2.67 25.14 -13.98
N ASP C 493 3.34 25.60 -12.93
CA ASP C 493 4.61 24.92 -12.64
C ASP C 493 4.41 23.61 -11.90
N LEU C 494 3.24 23.37 -11.30
CA LEU C 494 2.89 22.01 -10.90
C LEU C 494 2.86 21.07 -12.11
N VAL C 495 2.21 21.50 -13.19
CA VAL C 495 2.11 20.66 -14.37
C VAL C 495 3.47 20.56 -15.07
N ILE C 496 4.32 21.59 -14.94
CA ILE C 496 5.70 21.49 -15.44
C ILE C 496 6.48 20.44 -14.65
N ASP C 497 6.37 20.47 -13.33
CA ASP C 497 7.09 19.52 -12.49
C ASP C 497 6.59 18.09 -12.68
N ILE C 498 5.32 17.92 -13.04
CA ILE C 498 4.85 16.59 -13.40
C ILE C 498 5.32 16.22 -14.80
N ALA C 499 5.51 17.21 -15.67
CA ALA C 499 6.15 16.94 -16.94
C ALA C 499 7.67 16.78 -16.82
N LYS C 500 8.25 17.14 -15.68
CA LYS C 500 9.66 16.86 -15.40
C LYS C 500 9.90 15.38 -15.15
N LYS C 501 8.84 14.61 -14.94
CA LYS C 501 8.81 13.16 -14.97
C LYS C 501 8.88 12.68 -16.41
N ASP C 502 8.21 11.55 -16.69
CA ASP C 502 8.06 10.93 -18.01
C ASP C 502 7.97 11.91 -19.18
N SER C 503 8.63 11.58 -20.29
CA SER C 503 9.28 12.58 -21.15
C SER C 503 8.34 13.40 -22.02
N PHE C 504 7.09 13.53 -21.56
CA PHE C 504 6.07 14.45 -22.06
C PHE C 504 6.62 15.83 -22.44
N SER C 505 7.21 16.53 -21.47
CA SER C 505 7.77 17.85 -21.77
C SER C 505 8.96 18.08 -20.83
N ASN C 506 10.15 17.80 -21.33
CA ASN C 506 11.47 18.02 -20.73
C ASN C 506 11.98 19.45 -20.56
N PRO C 507 11.36 20.50 -21.17
CA PRO C 507 12.06 21.28 -22.22
C PRO C 507 13.43 21.87 -21.89
N GLU C 508 14.38 20.93 -21.72
CA GLU C 508 15.80 21.09 -21.89
C GLU C 508 16.35 19.68 -22.05
N GLY C 509 17.44 19.56 -22.80
CA GLY C 509 18.03 18.25 -22.99
C GLY C 509 17.42 17.45 -24.12
N LEU C 510 17.60 16.13 -24.09
CA LEU C 510 17.34 15.29 -25.25
C LEU C 510 15.91 14.77 -25.30
N ASN C 511 15.50 14.00 -24.30
CA ASN C 511 14.35 13.12 -24.41
C ASN C 511 13.07 13.91 -24.23
N CYS C 512 12.40 14.20 -25.33
CA CYS C 512 11.09 14.83 -25.32
C CYS C 512 10.14 14.01 -26.18
N ARG C 513 8.86 14.05 -25.80
CA ARG C 513 7.84 13.42 -26.61
C ARG C 513 7.08 14.40 -27.48
N HIS C 514 7.04 15.68 -27.11
CA HIS C 514 6.50 16.73 -27.94
C HIS C 514 7.01 18.08 -27.44
N LEU C 515 6.91 19.07 -28.32
CA LEU C 515 7.62 20.32 -28.13
C LEU C 515 6.72 21.49 -28.52
N GLY C 516 6.89 22.59 -27.83
CA GLY C 516 6.16 23.81 -28.14
C GLY C 516 7.10 24.96 -28.39
N ILE C 517 6.89 25.65 -29.51
CA ILE C 517 7.77 26.74 -29.92
C ILE C 517 7.18 28.07 -29.47
N SER C 518 8.04 28.92 -28.94
CA SER C 518 7.71 30.28 -28.56
C SER C 518 8.07 31.22 -29.72
N GLY C 519 8.14 32.51 -29.46
CA GLY C 519 8.36 33.46 -30.53
C GLY C 519 9.82 33.60 -30.93
N ASN C 520 10.01 33.81 -32.25
CA ASN C 520 11.26 34.24 -32.87
C ASN C 520 12.40 33.24 -32.67
N PHE C 521 12.18 32.03 -33.19
CA PHE C 521 13.23 31.01 -33.25
C PHE C 521 13.83 30.90 -34.63
N ASP C 522 14.00 32.03 -35.32
CA ASP C 522 14.74 32.06 -36.57
C ASP C 522 16.22 31.75 -36.39
N GLU C 523 16.76 32.00 -35.20
CA GLU C 523 18.19 31.95 -34.97
C GLU C 523 18.62 31.11 -33.77
N LYS C 524 17.69 30.63 -32.95
CA LYS C 524 18.07 30.02 -31.69
C LYS C 524 18.17 28.49 -31.74
N GLN C 525 17.67 27.86 -32.80
CA GLN C 525 17.98 26.46 -33.18
C GLN C 525 17.56 25.47 -32.08
N ILE C 526 16.23 25.33 -31.96
CA ILE C 526 15.64 24.37 -31.04
C ILE C 526 16.09 22.95 -31.40
N LYS C 527 16.59 22.24 -30.40
CA LYS C 527 16.93 20.82 -30.56
C LYS C 527 15.67 20.00 -30.78
N VAL C 528 15.76 19.06 -31.73
CA VAL C 528 14.64 18.22 -32.14
C VAL C 528 15.19 16.82 -32.34
N ASN C 529 14.79 15.87 -31.50
CA ASN C 529 15.14 14.49 -31.73
C ASN C 529 14.02 13.82 -32.53
N HIS C 530 14.11 12.51 -32.71
CA HIS C 530 13.24 11.80 -33.63
C HIS C 530 12.01 11.23 -32.95
N LYS C 531 11.75 11.60 -31.69
CA LYS C 531 10.57 11.06 -31.03
C LYS C 531 9.33 11.89 -31.38
N LEU C 532 9.27 13.13 -30.86
CA LEU C 532 8.39 14.24 -31.27
C LEU C 532 6.96 13.93 -31.69
N ARG C 533 6.12 13.44 -30.78
CA ARG C 533 4.74 13.15 -31.14
C ARG C 533 3.90 14.40 -31.42
N GLY C 534 4.34 15.58 -31.05
CA GLY C 534 3.61 16.79 -31.36
C GLY C 534 4.54 17.99 -31.45
N VAL C 535 4.15 18.97 -32.24
CA VAL C 535 4.85 20.25 -32.32
C VAL C 535 3.80 21.34 -32.34
N VAL C 536 3.71 22.11 -31.25
CA VAL C 536 2.70 23.16 -31.19
C VAL C 536 3.39 24.51 -31.20
N SER C 537 2.61 25.55 -31.52
CA SER C 537 3.10 26.91 -31.61
C SER C 537 2.34 27.75 -30.59
N THR C 538 3.05 28.21 -29.57
CA THR C 538 2.44 28.92 -28.45
C THR C 538 2.89 30.37 -28.50
N THR C 539 1.94 31.27 -28.75
CA THR C 539 2.21 32.70 -28.82
C THR C 539 1.44 33.43 -27.72
N LYS C 540 2.01 34.54 -27.27
CA LYS C 540 1.46 35.27 -26.14
C LYS C 540 0.62 36.44 -26.66
N THR C 541 -0.51 36.06 -27.28
CA THR C 541 -1.58 36.91 -27.84
C THR C 541 -1.06 38.16 -28.56
N GLY C 542 -0.37 37.92 -29.68
CA GLY C 542 0.02 39.02 -30.54
C GLY C 542 1.36 38.89 -31.23
N GLU C 543 2.23 38.02 -30.74
CA GLU C 543 3.51 37.83 -31.40
C GLU C 543 3.40 36.77 -32.48
N VAL C 544 4.38 36.77 -33.37
CA VAL C 544 4.44 35.82 -34.47
C VAL C 544 5.80 35.12 -34.41
N ASN C 545 5.78 33.79 -34.47
CA ASN C 545 6.98 32.98 -34.35
C ASN C 545 7.79 33.13 -35.64
N LYS C 546 8.85 33.93 -35.60
CA LYS C 546 9.71 34.07 -36.77
C LYS C 546 10.54 32.81 -36.95
N LEU C 547 10.24 32.05 -38.00
CA LEU C 547 10.87 30.77 -38.24
C LEU C 547 11.63 30.77 -39.55
N ASN C 548 12.70 30.01 -39.60
CA ASN C 548 13.51 29.81 -40.79
C ASN C 548 13.12 28.50 -41.47
N SER C 549 13.91 28.11 -42.47
CA SER C 549 13.51 27.00 -43.31
C SER C 549 13.97 25.65 -42.75
N ASP C 550 15.14 25.59 -42.12
CA ASP C 550 15.72 24.32 -41.74
C ASP C 550 14.98 23.64 -40.59
N LEU C 551 14.42 24.43 -39.66
CA LEU C 551 13.59 23.85 -38.61
C LEU C 551 12.34 23.21 -39.20
N ALA C 552 11.73 23.87 -40.18
CA ALA C 552 10.56 23.30 -40.83
C ALA C 552 10.91 22.13 -41.72
N LYS C 553 12.15 22.05 -42.19
CA LYS C 553 12.60 20.82 -42.87
C LYS C 553 12.80 19.69 -41.88
N LYS C 554 13.32 20.00 -40.69
CA LYS C 554 13.54 18.97 -39.69
C LYS C 554 12.27 18.55 -38.99
N PHE C 555 11.18 19.32 -39.12
CA PHE C 555 9.89 18.84 -38.67
C PHE C 555 9.42 17.65 -39.48
N THR C 556 9.73 17.62 -40.77
CA THR C 556 9.33 16.51 -41.62
C THR C 556 10.25 15.30 -41.48
N ASP C 557 11.30 15.39 -40.66
CA ASP C 557 12.14 14.23 -40.40
C ASP C 557 11.61 13.36 -39.27
N CYS C 558 10.66 13.86 -38.49
CA CYS C 558 10.10 13.11 -37.38
C CYS C 558 9.12 12.08 -37.90
N LYS C 559 9.44 10.80 -37.70
CA LYS C 559 8.59 9.72 -38.21
C LYS C 559 7.27 9.66 -37.48
N TYR C 560 7.28 9.92 -36.17
CA TYR C 560 6.12 9.70 -35.32
C TYR C 560 5.67 11.06 -34.82
N LEU C 561 4.85 11.75 -35.61
CA LEU C 561 4.44 13.12 -35.33
C LEU C 561 2.96 13.22 -35.63
N ARG C 562 2.15 13.31 -34.59
CA ARG C 562 0.70 13.28 -34.76
C ARG C 562 0.06 14.66 -34.78
N VAL C 563 0.66 15.63 -34.09
CA VAL C 563 0.12 16.97 -34.00
C VAL C 563 1.13 17.94 -34.59
N LEU C 564 0.73 18.65 -35.63
CA LEU C 564 1.54 19.70 -36.22
C LEU C 564 0.63 20.89 -36.47
N ASP C 565 0.63 21.84 -35.54
CA ASP C 565 -0.14 23.06 -35.69
C ASP C 565 0.80 24.26 -35.62
N ILE C 566 0.72 25.10 -36.65
CA ILE C 566 1.60 26.25 -36.82
C ILE C 566 0.68 27.46 -36.91
N SER C 567 0.56 28.21 -35.83
CA SER C 567 -0.53 29.18 -35.72
C SER C 567 -0.11 30.61 -36.04
N LYS C 568 1.07 31.05 -35.60
CA LYS C 568 1.52 32.42 -35.88
C LYS C 568 2.96 32.32 -36.33
N SER C 569 3.20 32.12 -37.62
CA SER C 569 4.57 32.01 -38.08
C SER C 569 4.73 32.60 -39.47
N ILE C 570 5.89 33.21 -39.69
CA ILE C 570 6.29 33.74 -40.98
C ILE C 570 7.54 32.98 -41.43
N PHE C 571 7.46 32.36 -42.60
CA PHE C 571 8.54 31.55 -43.11
C PHE C 571 9.28 32.29 -44.22
N ASP C 572 10.41 31.72 -44.63
CA ASP C 572 11.26 32.32 -45.64
C ASP C 572 10.89 31.89 -47.06
N ALA C 573 10.55 30.62 -47.24
CA ALA C 573 10.19 30.06 -48.53
C ALA C 573 8.70 29.77 -48.52
N PRO C 574 8.09 29.60 -49.69
CA PRO C 574 6.70 29.12 -49.72
C PRO C 574 6.58 27.72 -49.15
N LEU C 575 5.43 27.45 -48.53
CA LEU C 575 5.19 26.21 -47.83
C LEU C 575 4.91 25.03 -48.74
N SER C 576 4.83 25.25 -50.05
CA SER C 576 4.63 24.14 -50.98
C SER C 576 5.86 23.26 -51.07
N GLU C 577 7.04 23.88 -51.15
CA GLU C 577 8.28 23.11 -51.21
C GLU C 577 8.89 22.87 -49.84
N ILE C 578 8.45 23.60 -48.82
CA ILE C 578 8.94 23.35 -47.47
C ILE C 578 8.40 22.04 -46.94
N LEU C 579 7.10 21.85 -47.04
CA LEU C 579 6.45 20.63 -46.57
C LEU C 579 6.24 19.65 -47.71
N ASP C 580 7.17 19.61 -48.66
CA ASP C 580 7.03 18.72 -49.80
C ASP C 580 7.21 17.26 -49.42
N GLU C 581 8.00 16.98 -48.38
CA GLU C 581 8.29 15.62 -47.96
C GLU C 581 7.44 15.18 -46.78
N ILE C 582 6.19 15.63 -46.72
CA ILE C 582 5.23 15.12 -45.73
C ILE C 582 4.69 13.75 -46.08
N ALA C 583 5.12 13.17 -47.20
CA ALA C 583 4.88 11.75 -47.42
C ALA C 583 5.61 10.89 -46.41
N SER C 584 6.75 11.38 -45.92
CA SER C 584 7.45 10.72 -44.82
C SER C 584 6.62 10.75 -43.54
N LEU C 585 5.84 11.82 -43.34
CA LEU C 585 4.82 11.81 -42.29
C LEU C 585 3.73 10.82 -42.68
N GLN C 586 3.46 9.87 -41.80
CA GLN C 586 2.44 8.87 -42.07
C GLN C 586 1.32 8.91 -41.05
N HIS C 587 1.65 8.96 -39.78
CA HIS C 587 0.64 8.99 -38.72
C HIS C 587 0.46 10.42 -38.20
N LEU C 588 0.04 11.28 -39.11
CA LEU C 588 -0.25 12.67 -38.79
C LEU C 588 -1.77 12.82 -38.66
N ALA C 589 -2.21 13.44 -37.58
CA ALA C 589 -3.63 13.53 -37.31
C ALA C 589 -4.23 14.91 -37.50
N CYS C 590 -3.49 15.98 -37.22
CA CYS C 590 -4.04 17.31 -37.33
C CYS C 590 -3.06 18.26 -37.99
N LEU C 591 -3.61 19.25 -38.68
CA LEU C 591 -2.84 20.36 -39.23
C LEU C 591 -3.67 21.62 -39.11
N SER C 592 -3.21 22.59 -38.34
CA SER C 592 -3.83 23.91 -38.36
C SER C 592 -2.76 24.84 -38.91
N LEU C 593 -2.75 24.99 -40.23
CA LEU C 593 -1.88 25.95 -40.88
C LEU C 593 -2.54 27.32 -40.95
N SER C 594 -2.98 27.82 -39.81
CA SER C 594 -3.61 29.13 -39.74
C SER C 594 -2.55 30.21 -39.66
N ASN C 595 -2.81 31.33 -40.33
CA ASN C 595 -2.08 32.59 -40.22
C ASN C 595 -0.58 32.45 -40.47
N THR C 596 -0.26 31.97 -41.67
CA THR C 596 1.11 31.90 -42.15
C THR C 596 1.23 32.69 -43.44
N HIS C 597 2.29 33.51 -43.56
CA HIS C 597 2.44 34.35 -44.74
C HIS C 597 2.71 33.56 -46.03
N PRO C 598 3.75 32.72 -46.14
CA PRO C 598 4.08 32.20 -47.46
C PRO C 598 3.19 31.06 -47.96
N LEU C 599 2.05 30.82 -47.31
CA LEU C 599 1.14 29.78 -47.73
C LEU C 599 0.28 30.29 -48.88
N ILE C 600 0.45 29.69 -50.04
CA ILE C 600 -0.44 29.89 -51.19
C ILE C 600 -1.07 28.57 -51.62
N GLN C 601 -0.24 27.54 -51.80
CA GLN C 601 -0.72 26.21 -52.14
C GLN C 601 -0.06 25.20 -51.20
N PHE C 602 -0.88 24.50 -50.43
CA PHE C 602 -0.37 23.42 -49.60
C PHE C 602 0.11 22.28 -50.51
N PRO C 603 1.15 21.52 -50.10
CA PRO C 603 1.90 20.69 -51.05
C PRO C 603 1.09 19.53 -51.61
N ARG C 604 1.50 19.12 -52.81
CA ARG C 604 0.78 18.10 -53.57
C ARG C 604 1.22 16.69 -53.25
N SER C 605 1.99 16.49 -52.18
CA SER C 605 2.38 15.15 -51.77
C SER C 605 1.43 14.63 -50.70
N MET C 606 0.19 15.11 -50.71
CA MET C 606 -0.78 14.84 -49.67
C MET C 606 -1.74 13.71 -50.07
N GLU C 607 -1.24 12.71 -50.77
CA GLU C 607 -2.06 11.58 -51.16
C GLU C 607 -1.94 10.41 -50.21
N ASP C 608 -0.78 10.24 -49.59
CA ASP C 608 -0.57 9.14 -48.66
C ASP C 608 -0.92 9.48 -47.23
N LEU C 609 -1.32 10.71 -46.94
CA LEU C 609 -1.83 11.00 -45.61
C LEU C 609 -3.22 10.43 -45.46
N HIS C 610 -3.30 9.17 -45.06
CA HIS C 610 -4.58 8.49 -44.99
C HIS C 610 -5.23 8.56 -43.63
N ASN C 611 -4.57 9.15 -42.63
CA ASN C 611 -5.19 9.22 -41.30
C ASN C 611 -5.94 10.54 -41.15
N LEU C 612 -5.19 11.64 -41.01
CA LEU C 612 -5.58 13.05 -41.18
C LEU C 612 -6.97 13.37 -40.63
N GLN C 613 -7.10 13.29 -39.31
CA GLN C 613 -8.42 13.32 -38.70
C GLN C 613 -9.09 14.68 -38.82
N ILE C 614 -8.34 15.77 -38.64
CA ILE C 614 -8.88 17.09 -38.93
C ILE C 614 -7.92 17.80 -39.87
N LEU C 615 -8.37 18.93 -40.41
CA LEU C 615 -7.56 19.76 -41.29
C LEU C 615 -8.06 21.18 -41.15
N ASP C 616 -7.23 22.04 -40.59
CA ASP C 616 -7.60 23.42 -40.32
C ASP C 616 -6.69 24.35 -41.10
N ALA C 617 -7.30 25.36 -41.71
CA ALA C 617 -6.56 26.50 -42.26
C ALA C 617 -7.55 27.67 -42.23
N SER C 618 -7.44 28.46 -41.17
CA SER C 618 -8.35 29.57 -40.96
C SER C 618 -7.58 30.88 -41.04
N TYR C 619 -8.26 31.91 -41.56
CA TYR C 619 -7.76 33.28 -41.67
C TYR C 619 -6.49 33.38 -42.50
N CYS C 620 -6.29 32.48 -43.46
CA CYS C 620 -5.22 32.58 -44.43
C CYS C 620 -5.84 33.04 -45.74
N GLN C 621 -5.60 34.30 -46.08
CA GLN C 621 -6.37 34.96 -47.12
C GLN C 621 -5.97 34.55 -48.52
N ASN C 622 -4.84 33.87 -48.68
CA ASN C 622 -4.36 33.45 -49.99
C ASN C 622 -4.24 31.92 -50.03
N LEU C 623 -5.37 31.27 -50.31
CA LEU C 623 -5.45 29.82 -50.47
C LEU C 623 -6.28 29.55 -51.72
N LYS C 624 -5.63 29.52 -52.87
CA LYS C 624 -6.38 29.51 -54.13
C LYS C 624 -7.03 28.17 -54.40
N GLN C 625 -6.23 27.11 -54.52
CA GLN C 625 -6.73 25.81 -54.92
C GLN C 625 -6.64 24.85 -53.74
N LEU C 626 -7.74 24.18 -53.43
CA LEU C 626 -7.69 22.99 -52.60
C LEU C 626 -7.66 21.77 -53.51
N GLN C 627 -6.72 20.88 -53.25
CA GLN C 627 -6.41 19.75 -54.10
C GLN C 627 -7.55 18.72 -54.05
N PRO C 628 -7.68 17.88 -55.08
CA PRO C 628 -8.70 16.82 -55.03
C PRO C 628 -8.34 15.64 -54.14
N CYS C 629 -7.23 15.67 -53.42
CA CYS C 629 -6.85 14.60 -52.51
C CYS C 629 -7.46 14.73 -51.13
N ILE C 630 -8.38 15.68 -50.93
CA ILE C 630 -9.05 15.85 -49.65
C ILE C 630 -10.48 15.33 -49.87
N VAL C 631 -10.58 14.33 -50.74
CA VAL C 631 -11.83 13.65 -50.98
C VAL C 631 -11.75 12.18 -50.54
N LEU C 632 -10.65 11.52 -50.87
CA LEU C 632 -10.63 10.06 -50.90
C LEU C 632 -10.29 9.43 -49.56
N PHE C 633 -9.78 10.18 -48.59
CA PHE C 633 -9.23 9.52 -47.40
C PHE C 633 -10.28 9.21 -46.35
N LYS C 634 -11.50 9.74 -46.50
CA LYS C 634 -12.74 9.39 -45.80
C LYS C 634 -12.68 9.22 -44.28
N LYS C 635 -11.68 9.81 -43.63
CA LYS C 635 -11.56 9.71 -42.18
C LYS C 635 -11.29 11.09 -41.60
N LEU C 636 -12.08 12.06 -42.04
CA LEU C 636 -11.93 13.44 -41.62
C LEU C 636 -13.00 13.78 -40.60
N LEU C 637 -12.67 14.69 -39.69
CA LEU C 637 -13.62 15.14 -38.69
C LEU C 637 -13.93 16.62 -38.80
N VAL C 638 -12.92 17.48 -38.93
CA VAL C 638 -13.10 18.92 -38.99
C VAL C 638 -12.37 19.44 -40.22
N LEU C 639 -13.10 20.17 -41.07
CA LEU C 639 -12.52 20.94 -42.17
C LEU C 639 -12.94 22.39 -41.96
N ASP C 640 -11.96 23.26 -41.73
CA ASP C 640 -12.22 24.58 -41.14
C ASP C 640 -11.50 25.66 -41.95
N MET C 641 -12.20 26.24 -42.92
CA MET C 641 -11.73 27.41 -43.65
C MET C 641 -12.67 28.57 -43.32
N THR C 642 -12.40 29.27 -42.22
CA THR C 642 -13.15 30.49 -41.92
C THR C 642 -12.42 31.70 -42.47
N ASN C 643 -13.16 32.54 -43.18
CA ASN C 643 -12.72 33.87 -43.65
C ASN C 643 -11.53 33.80 -44.59
N CYS C 644 -11.32 32.66 -45.25
CA CYS C 644 -10.30 32.58 -46.29
C CYS C 644 -10.90 33.14 -47.56
N GLY C 645 -10.55 34.38 -47.87
CA GLY C 645 -11.20 35.11 -48.95
C GLY C 645 -10.94 34.57 -50.33
N SER C 646 -9.70 34.69 -50.80
CA SER C 646 -9.35 34.23 -52.14
C SER C 646 -9.25 32.71 -52.12
N LEU C 647 -10.32 32.06 -52.53
CA LEU C 647 -10.39 30.60 -52.48
C LEU C 647 -11.41 30.14 -53.51
N GLU C 648 -11.06 29.10 -54.27
CA GLU C 648 -11.89 28.61 -55.38
C GLU C 648 -12.90 27.56 -54.94
N CYS C 649 -13.26 27.67 -53.67
CA CYS C 649 -14.55 27.44 -53.04
C CYS C 649 -15.03 26.01 -52.82
N PHE C 650 -14.41 24.97 -53.46
CA PHE C 650 -14.05 23.63 -52.95
C PHE C 650 -13.61 22.69 -54.06
N PRO C 651 -13.07 21.51 -53.72
CA PRO C 651 -13.11 20.38 -54.67
C PRO C 651 -14.50 19.75 -54.78
N LYS C 652 -14.59 18.64 -55.50
CA LYS C 652 -15.88 18.07 -55.90
C LYS C 652 -16.48 17.17 -54.83
N GLY C 653 -15.78 16.11 -54.44
CA GLY C 653 -16.37 15.11 -53.58
C GLY C 653 -16.35 15.39 -52.10
N ILE C 654 -16.97 16.50 -51.69
CA ILE C 654 -17.05 16.82 -50.27
C ILE C 654 -18.04 15.89 -49.58
N GLY C 655 -19.14 15.57 -50.24
CA GLY C 655 -20.09 14.62 -49.71
C GLY C 655 -19.67 13.17 -49.76
N SER C 656 -18.49 12.89 -50.32
CA SER C 656 -18.00 11.51 -50.36
C SER C 656 -17.58 11.04 -48.97
N LEU C 657 -16.70 11.80 -48.31
CA LEU C 657 -16.37 11.51 -46.92
C LEU C 657 -17.56 11.89 -46.03
N VAL C 658 -17.84 11.04 -45.06
CA VAL C 658 -19.10 11.11 -44.34
C VAL C 658 -18.91 11.36 -42.84
N LYS C 659 -17.75 11.05 -42.26
CA LYS C 659 -17.61 11.04 -40.81
C LYS C 659 -17.15 12.38 -40.24
N LEU C 660 -17.45 13.49 -40.91
CA LEU C 660 -16.98 14.78 -40.42
C LEU C 660 -18.10 15.50 -39.68
N GLU C 661 -17.70 16.37 -38.76
CA GLU C 661 -18.64 17.05 -37.88
C GLU C 661 -18.69 18.55 -38.07
N VAL C 662 -17.58 19.18 -38.47
CA VAL C 662 -17.52 20.63 -38.58
C VAL C 662 -17.10 20.97 -40.00
N LEU C 663 -17.90 21.82 -40.65
CA LEU C 663 -17.62 22.26 -42.02
C LEU C 663 -17.90 23.76 -42.06
N LEU C 664 -16.85 24.56 -41.91
CA LEU C 664 -16.98 26.01 -41.81
C LEU C 664 -16.41 26.68 -43.04
N GLY C 665 -17.15 27.66 -43.56
CA GLY C 665 -16.77 28.34 -44.78
C GLY C 665 -16.93 27.45 -46.00
N PHE C 666 -18.17 27.12 -46.33
CA PHE C 666 -18.41 26.13 -47.37
C PHE C 666 -18.17 26.71 -48.76
N LYS C 667 -18.69 27.93 -49.01
CA LYS C 667 -18.67 28.62 -50.31
C LYS C 667 -19.24 27.75 -51.42
N PRO C 668 -20.56 27.57 -51.50
CA PRO C 668 -21.13 26.66 -52.51
C PRO C 668 -20.91 27.17 -53.93
N ALA C 669 -20.41 26.28 -54.77
CA ALA C 669 -19.83 26.64 -56.06
C ALA C 669 -20.91 26.97 -57.09
N ARG C 670 -20.46 27.25 -58.31
CA ARG C 670 -21.33 27.55 -59.43
C ARG C 670 -21.68 26.24 -60.13
N SER C 671 -22.19 26.33 -61.36
CA SER C 671 -22.70 25.16 -62.08
C SER C 671 -21.62 24.13 -62.42
N ASN C 672 -20.70 24.48 -63.31
CA ASN C 672 -19.60 23.57 -63.64
C ASN C 672 -18.35 23.91 -62.83
N ASN C 673 -18.52 24.01 -61.52
CA ASN C 673 -17.45 24.37 -60.61
C ASN C 673 -17.63 23.62 -59.31
N GLY C 674 -16.51 23.32 -58.65
CA GLY C 674 -16.42 22.90 -57.25
C GLY C 674 -17.39 21.85 -56.75
N CYS C 675 -18.26 22.26 -55.83
CA CYS C 675 -19.32 21.40 -55.34
C CYS C 675 -20.50 22.26 -54.91
N LYS C 676 -21.70 21.76 -55.11
CA LYS C 676 -22.92 22.49 -54.82
C LYS C 676 -23.40 22.14 -53.41
N LEU C 677 -24.63 22.50 -53.08
CA LEU C 677 -25.23 22.12 -51.81
C LEU C 677 -25.97 20.79 -51.86
N SER C 678 -25.85 20.05 -52.96
CA SER C 678 -26.61 18.81 -53.10
C SER C 678 -26.06 17.71 -52.21
N GLU C 679 -24.74 17.62 -52.11
CA GLU C 679 -24.10 16.57 -51.32
C GLU C 679 -24.13 16.86 -49.82
N VAL C 680 -24.60 18.04 -49.41
CA VAL C 680 -24.72 18.35 -48.00
C VAL C 680 -25.79 17.47 -47.35
N LYS C 681 -26.77 17.02 -48.13
CA LYS C 681 -27.71 16.00 -47.67
C LYS C 681 -27.03 14.68 -47.35
N ASN C 682 -25.87 14.40 -47.94
CA ASN C 682 -25.14 13.18 -47.63
C ASN C 682 -24.43 13.25 -46.30
N LEU C 683 -24.18 14.45 -45.78
CA LEU C 683 -23.33 14.63 -44.61
C LEU C 683 -24.19 14.58 -43.35
N THR C 684 -24.60 13.37 -43.01
CA THR C 684 -25.59 13.17 -41.95
C THR C 684 -25.01 13.25 -40.55
N ASN C 685 -23.72 13.54 -40.40
CA ASN C 685 -23.10 13.55 -39.08
C ASN C 685 -22.69 14.92 -38.59
N LEU C 686 -22.77 15.96 -39.42
CA LEU C 686 -22.21 17.22 -38.99
C LEU C 686 -23.18 17.96 -38.07
N ARG C 687 -22.60 18.82 -37.23
CA ARG C 687 -23.36 19.58 -36.25
C ARG C 687 -23.02 21.06 -36.22
N LYS C 688 -21.91 21.47 -36.81
CA LYS C 688 -21.62 22.88 -37.04
C LYS C 688 -21.39 23.08 -38.52
N LEU C 689 -21.97 24.14 -39.07
CA LEU C 689 -21.93 24.35 -40.52
C LEU C 689 -21.82 25.85 -40.77
N GLY C 690 -20.91 26.22 -41.67
CA GLY C 690 -20.66 27.61 -41.96
C GLY C 690 -20.77 27.95 -43.43
N LEU C 691 -21.74 28.79 -43.78
CA LEU C 691 -21.95 29.20 -45.15
C LEU C 691 -21.42 30.61 -45.36
N SER C 692 -20.92 30.85 -46.57
CA SER C 692 -20.56 32.19 -46.99
C SER C 692 -20.90 32.35 -48.47
N LEU C 693 -21.65 33.41 -48.77
CA LEU C 693 -22.29 33.56 -50.06
C LEU C 693 -21.80 34.82 -50.75
N THR C 694 -21.64 34.75 -52.08
CA THR C 694 -21.07 35.85 -52.84
C THR C 694 -22.03 36.44 -53.85
N ARG C 695 -22.69 35.61 -54.65
CA ARG C 695 -23.65 36.11 -55.62
C ARG C 695 -24.74 35.07 -55.83
N GLY C 696 -25.57 35.27 -56.85
CA GLY C 696 -26.81 34.54 -56.94
C GLY C 696 -26.65 33.09 -57.37
N ASP C 697 -25.72 32.83 -58.27
CA ASP C 697 -25.55 31.48 -58.81
C ASP C 697 -24.71 30.58 -57.91
N GLN C 698 -24.44 30.98 -56.68
CA GLN C 698 -23.79 30.10 -55.72
C GLN C 698 -24.66 28.92 -55.33
N ILE C 699 -25.99 29.09 -55.37
CA ILE C 699 -26.92 28.05 -54.96
C ILE C 699 -27.88 27.77 -56.11
N GLU C 700 -28.50 26.61 -56.03
CA GLU C 700 -29.34 26.06 -57.09
C GLU C 700 -30.75 25.89 -56.56
N GLU C 701 -31.73 25.87 -57.48
CA GLU C 701 -33.15 25.90 -57.12
C GLU C 701 -33.56 24.66 -56.34
N GLU C 702 -33.45 23.48 -56.93
CA GLU C 702 -33.92 22.28 -56.23
C GLU C 702 -32.98 21.84 -55.11
N GLU C 703 -31.85 22.50 -54.91
CA GLU C 703 -31.02 22.30 -53.73
C GLU C 703 -31.44 23.18 -52.56
N LEU C 704 -32.45 24.03 -52.74
CA LEU C 704 -32.85 24.95 -51.67
C LEU C 704 -33.51 24.27 -50.48
N ASP C 705 -33.87 23.00 -50.60
CA ASP C 705 -34.30 22.19 -49.45
C ASP C 705 -33.19 21.28 -48.96
N SER C 706 -31.93 21.68 -49.13
CA SER C 706 -30.81 20.82 -48.77
C SER C 706 -30.50 20.82 -47.28
N LEU C 707 -31.23 21.56 -46.46
CA LEU C 707 -30.90 21.71 -45.05
C LEU C 707 -32.08 21.32 -44.17
N ILE C 708 -32.81 20.27 -44.54
CA ILE C 708 -33.92 19.78 -43.74
C ILE C 708 -33.67 18.37 -43.23
N ASN C 709 -32.72 17.66 -43.83
CA ASN C 709 -32.47 16.29 -43.45
C ASN C 709 -31.23 16.13 -42.59
N LEU C 710 -30.61 17.23 -42.18
CA LEU C 710 -29.47 17.17 -41.26
C LEU C 710 -30.03 16.94 -39.87
N SER C 711 -29.99 15.69 -39.41
CA SER C 711 -30.66 15.33 -38.17
C SER C 711 -29.90 15.83 -36.95
N LYS C 712 -28.58 15.77 -36.98
CA LYS C 712 -27.76 16.07 -35.82
C LYS C 712 -27.15 17.47 -35.86
N LEU C 713 -27.75 18.37 -36.63
CA LEU C 713 -27.19 19.70 -36.79
C LEU C 713 -27.53 20.58 -35.60
N MET C 714 -26.58 21.42 -35.19
CA MET C 714 -26.76 22.30 -34.04
C MET C 714 -26.66 23.76 -34.36
N SER C 715 -25.74 24.17 -35.24
CA SER C 715 -25.49 25.59 -35.44
C SER C 715 -25.22 25.89 -36.90
N ILE C 716 -25.59 27.10 -37.31
CA ILE C 716 -25.43 27.60 -38.68
C ILE C 716 -24.86 29.00 -38.60
N SER C 717 -23.80 29.27 -39.37
CA SER C 717 -23.29 30.62 -39.53
C SER C 717 -23.32 30.99 -41.01
N ILE C 718 -23.92 32.13 -41.32
CA ILE C 718 -24.07 32.59 -42.70
C ILE C 718 -23.30 33.89 -42.85
N ASN C 719 -22.37 33.91 -43.80
CA ASN C 719 -21.45 35.03 -43.99
C ASN C 719 -21.68 35.62 -45.39
N CYS C 720 -22.67 36.50 -45.51
CA CYS C 720 -22.96 37.14 -46.79
C CYS C 720 -22.21 38.45 -46.92
N TYR C 721 -20.88 38.38 -46.78
CA TYR C 721 -20.04 39.56 -46.73
C TYR C 721 -19.90 40.23 -48.09
N ASP C 722 -19.36 39.52 -49.06
CA ASP C 722 -19.13 40.08 -50.39
C ASP C 722 -20.32 39.71 -51.27
N SER C 723 -21.49 40.17 -50.89
CA SER C 723 -22.71 39.92 -51.64
C SER C 723 -22.80 40.88 -52.81
N TYR C 724 -23.49 40.45 -53.86
CA TYR C 724 -23.54 41.22 -55.10
C TYR C 724 -24.94 41.74 -55.43
N GLY C 725 -25.93 40.87 -55.59
CA GLY C 725 -27.19 41.26 -56.19
C GLY C 725 -28.39 40.81 -55.38
N ASP C 726 -29.56 41.31 -55.79
CA ASP C 726 -30.81 40.98 -55.12
C ASP C 726 -31.28 39.57 -55.42
N ASP C 727 -30.72 38.93 -56.45
CA ASP C 727 -31.01 37.52 -56.73
C ASP C 727 -30.56 36.63 -55.58
N LEU C 728 -29.43 36.96 -54.95
CA LEU C 728 -28.99 36.27 -53.74
C LEU C 728 -29.99 36.45 -52.61
N ILE C 729 -30.56 37.65 -52.49
CA ILE C 729 -31.54 37.91 -51.43
C ILE C 729 -32.81 37.12 -51.67
N THR C 730 -33.24 37.00 -52.93
CA THR C 730 -34.43 36.23 -53.22
C THR C 730 -34.18 34.73 -53.10
N LYS C 731 -32.96 34.27 -53.38
CA LYS C 731 -32.68 32.85 -53.32
C LYS C 731 -32.27 32.37 -51.94
N ILE C 732 -31.90 33.27 -51.02
CA ILE C 732 -31.66 32.85 -49.64
C ILE C 732 -32.95 32.36 -48.99
N ASP C 733 -34.07 33.03 -49.26
CA ASP C 733 -35.30 32.88 -48.49
C ASP C 733 -35.96 31.51 -48.58
N ALA C 734 -35.42 30.59 -49.39
CA ALA C 734 -35.91 29.22 -49.42
C ALA C 734 -35.01 28.25 -48.67
N LEU C 735 -33.86 28.69 -48.20
CA LEU C 735 -32.98 27.85 -47.39
C LEU C 735 -33.58 27.72 -46.00
N THR C 736 -34.22 26.59 -45.73
CA THR C 736 -34.86 26.36 -44.45
C THR C 736 -33.97 25.49 -43.58
N PRO C 737 -33.60 25.97 -42.39
CA PRO C 737 -32.85 25.14 -41.43
C PRO C 737 -33.72 24.04 -40.87
N PRO C 738 -33.16 23.03 -40.19
CA PRO C 738 -34.00 22.00 -39.58
C PRO C 738 -34.76 22.55 -38.39
N HIS C 739 -35.75 21.77 -37.96
CA HIS C 739 -36.57 22.22 -36.83
C HIS C 739 -35.81 22.18 -35.52
N GLN C 740 -34.77 21.37 -35.43
CA GLN C 740 -33.80 21.50 -34.36
C GLN C 740 -32.66 22.40 -34.83
N LEU C 741 -32.38 23.43 -34.05
CA LEU C 741 -31.34 24.39 -34.39
C LEU C 741 -31.07 25.15 -33.10
N HIS C 742 -29.81 25.20 -32.67
CA HIS C 742 -29.52 25.78 -31.38
C HIS C 742 -29.01 27.21 -31.48
N GLU C 743 -28.16 27.49 -32.46
CA GLU C 743 -27.62 28.83 -32.67
C GLU C 743 -27.61 29.13 -34.14
N LEU C 744 -28.02 30.33 -34.54
CA LEU C 744 -27.70 30.79 -35.88
C LEU C 744 -27.14 32.20 -35.81
N SER C 745 -26.22 32.48 -36.73
CA SER C 745 -25.56 33.77 -36.81
C SER C 745 -25.44 34.16 -38.27
N LEU C 746 -26.47 34.84 -38.78
CA LEU C 746 -26.34 35.56 -40.03
C LEU C 746 -25.68 36.90 -39.72
N GLN C 747 -24.68 37.27 -40.50
CA GLN C 747 -23.81 38.35 -40.07
C GLN C 747 -23.51 39.43 -41.10
N PHE C 748 -23.82 39.25 -42.37
CA PHE C 748 -23.71 40.46 -43.18
C PHE C 748 -24.94 40.75 -44.03
N TYR C 749 -25.64 39.71 -44.54
CA TYR C 749 -27.06 39.66 -44.90
C TYR C 749 -27.59 40.89 -45.64
N PRO C 750 -27.38 41.00 -46.95
CA PRO C 750 -27.73 42.24 -47.66
C PRO C 750 -29.23 42.52 -47.77
N GLY C 751 -30.10 41.58 -47.37
CA GLY C 751 -31.52 41.81 -47.49
C GLY C 751 -32.03 42.87 -46.53
N LYS C 752 -33.23 43.36 -46.81
CA LYS C 752 -33.82 44.43 -46.02
C LYS C 752 -34.87 43.93 -45.04
N SER C 753 -35.59 42.87 -45.38
CA SER C 753 -36.55 42.26 -44.48
C SER C 753 -35.93 41.05 -43.81
N SER C 754 -36.73 40.37 -42.99
CA SER C 754 -36.30 39.11 -42.42
C SER C 754 -36.29 38.04 -43.51
N PRO C 755 -35.49 36.97 -43.34
CA PRO C 755 -35.39 35.95 -44.40
C PRO C 755 -36.61 35.06 -44.62
N SER C 756 -37.73 35.35 -43.97
CA SER C 756 -39.05 34.73 -44.11
C SER C 756 -39.11 33.28 -43.64
N TRP C 757 -38.05 32.74 -43.04
CA TRP C 757 -38.19 31.55 -42.22
C TRP C 757 -37.96 31.84 -40.75
N LEU C 758 -37.49 33.02 -40.41
CA LEU C 758 -37.19 33.38 -39.03
C LEU C 758 -38.48 33.52 -38.27
N SER C 759 -38.98 32.38 -37.79
CA SER C 759 -40.29 32.27 -37.17
C SER C 759 -40.23 31.09 -36.21
N PRO C 760 -41.00 31.12 -35.13
CA PRO C 760 -41.09 29.93 -34.27
C PRO C 760 -41.76 28.73 -34.93
N HIS C 761 -42.46 28.93 -36.05
CA HIS C 761 -43.05 27.80 -36.75
C HIS C 761 -41.99 27.00 -37.50
N LYS C 762 -41.02 27.68 -38.11
CA LYS C 762 -40.03 26.98 -38.91
C LYS C 762 -38.89 26.41 -38.08
N LEU C 763 -38.64 27.00 -36.91
CA LEU C 763 -37.59 26.51 -36.02
C LEU C 763 -38.01 26.80 -34.58
N PRO C 764 -38.59 25.82 -33.90
CA PRO C 764 -39.16 26.09 -32.57
C PRO C 764 -38.11 26.14 -31.47
N MET C 765 -37.07 25.31 -31.60
CA MET C 765 -36.13 25.07 -30.52
C MET C 765 -34.90 25.97 -30.60
N LEU C 766 -35.03 27.16 -31.17
CA LEU C 766 -33.91 28.09 -31.21
C LEU C 766 -33.72 28.73 -29.84
N ARG C 767 -32.50 28.68 -29.33
CA ARG C 767 -32.20 29.26 -28.03
C ARG C 767 -31.31 30.49 -28.10
N TYR C 768 -30.28 30.46 -28.94
CA TYR C 768 -29.32 31.55 -29.05
C TYR C 768 -29.30 32.04 -30.49
N MET C 769 -29.06 33.34 -30.65
CA MET C 769 -29.19 33.98 -31.96
C MET C 769 -28.44 35.30 -31.95
N SER C 770 -27.66 35.55 -33.01
CA SER C 770 -27.00 36.83 -33.14
C SER C 770 -27.16 37.35 -34.57
N ILE C 771 -27.29 38.66 -34.68
CA ILE C 771 -27.31 39.34 -35.96
C ILE C 771 -26.25 40.43 -35.92
N CYS C 772 -25.21 40.27 -36.73
CA CYS C 772 -24.17 41.27 -36.91
C CYS C 772 -24.64 42.27 -37.98
N SER C 773 -23.69 42.97 -38.61
CA SER C 773 -23.92 43.99 -39.64
C SER C 773 -24.90 43.55 -40.74
N GLY C 774 -25.57 44.51 -41.35
CA GLY C 774 -26.55 44.14 -42.35
C GLY C 774 -27.29 45.34 -42.89
N ASN C 775 -27.95 45.12 -44.02
CA ASN C 775 -28.85 46.08 -44.63
C ASN C 775 -30.29 45.85 -44.21
N LEU C 776 -30.50 45.24 -43.05
CA LEU C 776 -31.83 44.81 -42.64
C LEU C 776 -32.58 46.02 -42.09
N VAL C 777 -33.82 46.19 -42.54
CA VAL C 777 -34.59 47.37 -42.20
C VAL C 777 -35.62 47.03 -41.12
N LYS C 778 -36.46 46.04 -41.39
CA LYS C 778 -37.47 45.65 -40.43
C LYS C 778 -37.74 44.16 -40.53
N MET C 779 -38.45 43.65 -39.53
CA MET C 779 -38.81 42.24 -39.48
C MET C 779 -40.21 42.06 -40.04
N GLN C 780 -40.41 40.93 -40.71
CA GLN C 780 -41.71 40.62 -41.28
C GLN C 780 -42.68 40.17 -40.19
N GLU C 781 -43.94 40.04 -40.57
CA GLU C 781 -44.97 39.53 -39.69
C GLU C 781 -44.84 38.07 -39.23
N PRO C 782 -44.28 37.13 -40.01
CA PRO C 782 -43.97 35.82 -39.42
C PRO C 782 -42.91 35.84 -38.32
N PHE C 783 -42.10 36.90 -38.22
CA PHE C 783 -41.08 36.96 -37.18
C PHE C 783 -41.69 37.09 -35.79
N TRP C 784 -42.89 37.64 -35.68
CA TRP C 784 -43.52 37.76 -34.37
C TRP C 784 -44.36 36.51 -34.06
N GLY C 785 -45.38 36.26 -34.87
CA GLY C 785 -46.17 35.03 -34.82
C GLY C 785 -46.81 34.71 -33.48
N ASN C 786 -47.42 35.71 -32.84
CA ASN C 786 -47.72 35.64 -31.41
C ASN C 786 -49.16 35.25 -31.13
N GLU C 787 -49.76 34.37 -31.94
CA GLU C 787 -51.11 33.91 -31.62
C GLU C 787 -51.07 32.95 -30.44
N ASN C 788 -50.27 31.90 -30.52
CA ASN C 788 -49.93 31.05 -29.38
C ASN C 788 -48.47 30.67 -29.34
N THR C 789 -47.76 30.69 -30.46
CA THR C 789 -46.37 30.25 -30.50
C THR C 789 -45.44 31.38 -30.08
N HIS C 790 -44.34 31.01 -29.44
CA HIS C 790 -43.32 31.95 -29.03
C HIS C 790 -41.96 31.37 -29.35
N TRP C 791 -40.92 32.16 -29.13
CA TRP C 791 -39.60 31.79 -29.60
C TRP C 791 -38.95 30.73 -28.73
N ARG C 792 -39.14 30.81 -27.40
CA ARG C 792 -38.33 30.10 -26.41
C ARG C 792 -36.85 30.34 -26.65
N ILE C 793 -36.51 31.59 -26.95
CA ILE C 793 -35.15 32.01 -27.24
C ILE C 793 -34.59 32.61 -25.97
N GLU C 794 -33.29 32.59 -25.84
CA GLU C 794 -32.74 32.98 -24.54
C GLU C 794 -31.64 34.01 -24.62
N GLY C 795 -30.79 33.96 -25.64
CA GLY C 795 -29.72 34.94 -25.82
C GLY C 795 -29.82 35.56 -27.19
N LEU C 796 -29.74 36.89 -27.23
CA LEU C 796 -29.93 37.63 -28.47
C LEU C 796 -28.88 38.71 -28.58
N MET C 797 -28.34 38.87 -29.79
CA MET C 797 -27.30 39.86 -30.04
C MET C 797 -27.57 40.60 -31.33
N LEU C 798 -27.52 41.93 -31.28
CA LEU C 798 -27.73 42.79 -32.44
C LEU C 798 -26.52 43.71 -32.53
N SER C 799 -25.55 43.37 -33.39
CA SER C 799 -24.25 44.02 -33.24
C SER C 799 -24.21 45.41 -33.88
N SER C 800 -24.28 45.50 -35.20
CA SER C 800 -24.09 46.80 -35.86
C SER C 800 -25.14 46.96 -36.94
N LEU C 801 -26.31 47.47 -36.55
CA LEU C 801 -27.42 47.63 -37.47
C LEU C 801 -27.87 49.08 -37.45
N SER C 802 -27.74 49.76 -38.57
CA SER C 802 -28.12 51.16 -38.69
C SER C 802 -29.45 51.36 -39.39
N ASP C 803 -30.14 50.27 -39.76
CA ASP C 803 -31.45 50.37 -40.41
C ASP C 803 -32.53 49.58 -39.68
N LEU C 804 -32.17 48.83 -38.64
CA LEU C 804 -33.09 47.92 -37.97
C LEU C 804 -33.94 48.67 -36.93
N ASP C 805 -35.25 48.56 -37.06
CA ASP C 805 -36.19 49.23 -36.16
C ASP C 805 -37.21 48.24 -35.64
N MET C 806 -37.32 48.15 -34.32
CA MET C 806 -38.36 47.36 -33.65
C MET C 806 -38.54 47.92 -32.25
N ASP C 807 -39.50 47.35 -31.53
CA ASP C 807 -39.83 47.78 -30.18
C ASP C 807 -39.19 46.89 -29.13
N TRP C 808 -39.51 47.18 -27.87
CA TRP C 808 -38.96 46.47 -26.73
C TRP C 808 -39.99 45.62 -26.00
N GLU C 809 -41.14 46.21 -25.66
CA GLU C 809 -42.21 45.43 -25.04
C GLU C 809 -42.85 44.46 -26.02
N VAL C 810 -42.74 44.71 -27.32
CA VAL C 810 -43.21 43.75 -28.30
C VAL C 810 -42.28 42.53 -28.32
N LEU C 811 -40.98 42.77 -28.14
CA LEU C 811 -40.05 41.65 -27.94
C LEU C 811 -40.34 40.91 -26.65
N GLN C 812 -40.61 41.64 -25.57
CA GLN C 812 -40.85 41.00 -24.29
C GLN C 812 -42.18 40.25 -24.25
N GLN C 813 -43.13 40.60 -25.10
CA GLN C 813 -44.33 39.79 -25.22
C GLN C 813 -44.23 38.76 -26.34
N SER C 814 -43.17 38.81 -27.15
CA SER C 814 -42.94 37.78 -28.16
C SER C 814 -41.84 36.81 -27.79
N MET C 815 -40.95 37.18 -26.87
CA MET C 815 -39.86 36.32 -26.42
C MET C 815 -39.92 36.23 -24.91
N PRO C 816 -40.72 35.30 -24.36
CA PRO C 816 -40.92 35.26 -22.92
C PRO C 816 -39.76 34.68 -22.12
N TYR C 817 -38.73 34.15 -22.78
CA TYR C 817 -37.69 33.41 -22.09
C TYR C 817 -36.31 34.05 -22.27
N LEU C 818 -36.26 35.36 -22.49
CA LEU C 818 -34.99 36.03 -22.62
C LEU C 818 -34.29 36.14 -21.28
N ARG C 819 -32.96 36.16 -21.34
CA ARG C 819 -32.13 36.49 -20.19
C ARG C 819 -31.32 37.76 -20.45
N THR C 820 -30.54 37.78 -21.53
CA THR C 820 -29.70 38.91 -21.89
C THR C 820 -29.87 39.24 -23.35
N VAL C 821 -29.88 40.54 -23.67
CA VAL C 821 -29.90 41.03 -25.03
C VAL C 821 -28.75 42.01 -25.17
N THR C 822 -27.73 41.64 -25.94
CA THR C 822 -26.52 42.44 -26.07
C THR C 822 -26.55 43.16 -27.42
N ALA C 823 -26.89 44.43 -27.40
CA ALA C 823 -26.85 45.27 -28.59
C ALA C 823 -25.92 46.45 -28.33
N ASN C 824 -25.06 46.76 -29.28
CA ASN C 824 -24.05 47.78 -29.05
C ASN C 824 -23.84 48.80 -30.15
N TRP C 825 -24.36 48.58 -31.37
CA TRP C 825 -24.35 49.65 -32.38
C TRP C 825 -25.68 49.62 -33.12
N CYS C 826 -26.67 50.32 -32.58
CA CYS C 826 -27.97 50.47 -33.22
C CYS C 826 -28.46 51.87 -32.90
N PRO C 827 -28.13 52.85 -33.74
CA PRO C 827 -28.37 54.25 -33.41
C PRO C 827 -29.82 54.71 -33.55
N GLU C 828 -30.78 53.80 -33.66
CA GLU C 828 -32.10 54.12 -34.15
C GLU C 828 -33.24 53.51 -33.36
N LEU C 829 -32.97 52.70 -32.35
CA LEU C 829 -34.07 52.15 -31.55
C LEU C 829 -34.50 53.13 -30.47
N GLU C 830 -33.58 53.41 -29.53
CA GLU C 830 -33.79 54.28 -28.36
C GLU C 830 -35.06 53.93 -27.58
N SER C 831 -35.35 52.64 -27.50
CA SER C 831 -36.50 52.17 -26.76
C SER C 831 -36.16 51.00 -25.86
N PHE C 832 -34.91 50.53 -25.89
CA PHE C 832 -34.57 49.35 -25.10
C PHE C 832 -34.19 49.77 -23.68
N ALA C 833 -34.09 48.76 -22.83
CA ALA C 833 -33.81 48.99 -21.42
C ALA C 833 -32.34 49.20 -21.13
N ILE C 834 -31.46 48.97 -22.10
CA ILE C 834 -30.03 49.15 -21.87
C ILE C 834 -29.68 50.63 -21.87
N GLU C 835 -28.44 50.93 -21.45
CA GLU C 835 -28.05 52.30 -21.18
C GLU C 835 -27.97 53.15 -22.45
N ASP C 836 -27.42 52.59 -23.52
CA ASP C 836 -27.55 53.19 -24.84
C ASP C 836 -27.50 52.09 -25.89
N VAL C 837 -28.56 51.99 -26.69
CA VAL C 837 -28.58 51.04 -27.80
C VAL C 837 -27.81 51.59 -28.99
N GLY C 838 -27.37 52.82 -28.92
CA GLY C 838 -26.72 53.47 -30.01
C GLY C 838 -25.23 53.21 -29.94
N PHE C 839 -24.46 54.16 -29.41
CA PHE C 839 -23.02 54.13 -29.58
C PHE C 839 -22.36 53.04 -28.75
N ARG C 840 -22.59 53.03 -27.45
CA ARG C 840 -22.04 51.98 -26.62
C ARG C 840 -23.03 50.83 -26.53
N GLY C 841 -22.78 49.89 -25.62
CA GLY C 841 -23.63 48.72 -25.52
C GLY C 841 -23.88 48.34 -24.07
N GLY C 842 -25.00 47.67 -23.87
CA GLY C 842 -25.34 47.08 -22.59
C GLY C 842 -25.72 45.63 -22.78
N VAL C 843 -26.14 44.95 -21.72
CA VAL C 843 -26.48 43.55 -21.81
C VAL C 843 -27.92 43.24 -21.41
N TRP C 844 -28.56 44.09 -20.60
CA TRP C 844 -29.88 43.85 -20.00
C TRP C 844 -29.92 42.49 -19.30
N MET C 845 -29.14 42.40 -18.23
CA MET C 845 -29.18 41.22 -17.39
C MET C 845 -30.36 41.32 -16.45
N LYS C 846 -31.47 40.69 -16.81
CA LYS C 846 -32.69 40.78 -16.03
C LYS C 846 -32.61 39.90 -14.79
N THR C 847 -33.63 40.01 -13.94
CA THR C 847 -33.68 39.25 -12.70
C THR C 847 -34.04 37.80 -12.97
N THR D 23 10.69 -35.60 -29.77
CA THR D 23 9.48 -34.86 -30.08
C THR D 23 8.27 -35.78 -30.19
N VAL D 24 8.56 -37.07 -30.37
CA VAL D 24 7.49 -38.06 -30.48
C VAL D 24 7.42 -38.94 -29.24
N SER D 25 8.56 -39.25 -28.64
CA SER D 25 8.59 -40.16 -27.48
C SER D 25 8.00 -39.50 -26.24
N ASP D 26 8.01 -38.18 -26.17
CA ASP D 26 7.48 -37.44 -25.02
C ASP D 26 6.03 -37.03 -25.20
N TYR D 27 5.37 -37.53 -26.25
CA TYR D 27 4.01 -37.11 -26.60
C TYR D 27 3.01 -37.41 -25.50
N ARG D 28 3.19 -38.50 -24.77
CA ARG D 28 2.33 -38.75 -23.62
C ARG D 28 2.63 -37.75 -22.50
N LYS D 29 3.93 -37.51 -22.24
CA LYS D 29 4.33 -36.64 -21.15
C LYS D 29 3.89 -35.21 -21.42
N GLN D 30 4.18 -34.73 -22.62
CA GLN D 30 3.74 -33.40 -23.01
C GLN D 30 2.24 -33.33 -23.23
N LEU D 31 1.55 -34.48 -23.28
CA LEU D 31 0.11 -34.47 -23.08
C LEU D 31 -0.22 -34.13 -21.64
N GLU D 32 0.27 -34.95 -20.71
CA GLU D 32 -0.36 -35.05 -19.39
C GLU D 32 -0.13 -33.84 -18.52
N ASP D 33 1.00 -33.15 -18.67
CA ASP D 33 1.23 -31.89 -17.97
C ASP D 33 0.18 -30.85 -18.35
N LEU D 34 -0.22 -30.83 -19.63
CA LEU D 34 -1.33 -29.99 -20.05
C LEU D 34 -2.61 -30.42 -19.33
N GLN D 35 -2.83 -31.74 -19.22
CA GLN D 35 -3.94 -32.24 -18.43
C GLN D 35 -3.81 -31.90 -16.95
N SER D 36 -2.59 -31.67 -16.48
CA SER D 36 -2.47 -31.13 -15.13
C SER D 36 -2.76 -29.63 -15.14
N GLU D 37 -2.27 -28.92 -16.16
CA GLU D 37 -2.19 -27.47 -16.06
C GLU D 37 -3.57 -26.84 -16.18
N LEU D 38 -4.37 -27.34 -17.12
CA LEU D 38 -5.79 -27.00 -17.18
C LEU D 38 -6.46 -27.28 -15.84
N LYS D 39 -6.13 -28.44 -15.24
CA LYS D 39 -6.63 -28.84 -13.93
C LYS D 39 -6.30 -27.81 -12.85
N TYR D 40 -5.19 -27.10 -12.98
CA TYR D 40 -4.97 -26.06 -12.00
C TYR D 40 -5.67 -24.76 -12.38
N MET D 41 -5.64 -24.40 -13.66
CA MET D 41 -5.91 -23.00 -13.99
C MET D 41 -7.41 -22.70 -13.89
N GLN D 42 -8.25 -23.66 -14.26
CA GLN D 42 -9.68 -23.47 -14.05
C GLN D 42 -10.02 -23.51 -12.58
N SER D 43 -9.25 -24.24 -11.76
CA SER D 43 -9.44 -24.14 -10.33
C SER D 43 -9.03 -22.77 -9.83
N PHE D 44 -8.01 -22.18 -10.46
CA PHE D 44 -7.71 -20.77 -10.22
C PHE D 44 -8.87 -19.90 -10.64
N LEU D 45 -9.53 -20.27 -11.75
CA LEU D 45 -10.73 -19.57 -12.18
C LEU D 45 -11.97 -20.01 -11.44
N LYS D 46 -11.82 -20.79 -10.37
CA LYS D 46 -12.88 -20.95 -9.39
C LYS D 46 -12.56 -20.21 -8.11
N ASP D 47 -11.53 -19.39 -8.12
CA ASP D 47 -11.10 -18.67 -6.93
C ASP D 47 -11.08 -17.16 -7.13
N ALA D 48 -10.60 -16.71 -8.28
CA ALA D 48 -10.42 -15.28 -8.52
C ALA D 48 -11.72 -14.51 -8.57
N GLU D 49 -12.81 -15.14 -8.99
CA GLU D 49 -14.11 -14.48 -8.95
C GLU D 49 -14.72 -14.49 -7.56
N ARG D 50 -14.17 -15.26 -6.63
CA ARG D 50 -14.58 -15.18 -5.24
C ARG D 50 -13.78 -14.16 -4.46
N GLN D 51 -12.96 -13.37 -5.13
CA GLN D 51 -12.07 -12.41 -4.51
C GLN D 51 -12.60 -11.01 -4.70
N LYS D 52 -12.65 -10.26 -3.61
CA LYS D 52 -12.98 -8.84 -3.67
C LYS D 52 -11.72 -8.03 -3.89
N ARG D 53 -11.90 -6.76 -4.26
CA ARG D 53 -10.82 -5.81 -4.60
C ARG D 53 -9.97 -6.36 -5.74
N THR D 54 -10.60 -6.43 -6.91
CA THR D 54 -9.94 -6.87 -8.13
C THR D 54 -9.40 -5.65 -8.85
N ASN D 55 -8.08 -5.52 -8.88
CA ASN D 55 -7.44 -4.47 -9.64
C ASN D 55 -7.36 -4.85 -11.12
N GLU D 56 -6.68 -4.02 -11.90
CA GLU D 56 -6.77 -4.12 -13.35
C GLU D 56 -5.97 -5.29 -13.89
N THR D 57 -4.78 -5.55 -13.32
CA THR D 57 -3.96 -6.65 -13.81
C THR D 57 -4.63 -8.00 -13.54
N LEU D 58 -5.34 -8.09 -12.41
CA LEU D 58 -6.04 -9.32 -12.08
C LEU D 58 -7.17 -9.58 -13.07
N ARG D 59 -7.96 -8.55 -13.38
CA ARG D 59 -9.08 -8.78 -14.28
C ARG D 59 -8.63 -8.99 -15.72
N THR D 60 -7.49 -8.41 -16.11
CA THR D 60 -6.98 -8.67 -17.46
C THR D 60 -6.43 -10.08 -17.59
N LEU D 61 -5.70 -10.56 -16.57
CA LEU D 61 -5.18 -11.90 -16.79
C LEU D 61 -6.24 -12.97 -16.57
N VAL D 62 -7.29 -12.69 -15.78
CA VAL D 62 -8.44 -13.60 -15.78
C VAL D 62 -9.13 -13.58 -17.15
N ALA D 63 -9.23 -12.39 -17.75
CA ALA D 63 -9.92 -12.24 -19.03
C ALA D 63 -9.19 -12.95 -20.17
N ASP D 64 -7.87 -13.09 -20.11
CA ASP D 64 -7.27 -13.91 -21.16
C ASP D 64 -6.97 -15.34 -20.73
N LEU D 65 -6.91 -15.65 -19.43
CA LEU D 65 -6.85 -17.05 -19.03
C LEU D 65 -8.13 -17.79 -19.33
N ARG D 66 -9.27 -17.11 -19.38
CA ARG D 66 -10.50 -17.81 -19.77
C ARG D 66 -10.45 -18.25 -21.23
N GLU D 67 -9.96 -17.37 -22.11
CA GLU D 67 -9.79 -17.76 -23.51
C GLU D 67 -8.72 -18.83 -23.65
N LEU D 68 -7.71 -18.79 -22.79
CA LEU D 68 -6.67 -19.80 -22.85
C LEU D 68 -7.17 -21.15 -22.35
N VAL D 69 -8.09 -21.16 -21.38
CA VAL D 69 -8.75 -22.39 -20.95
C VAL D 69 -9.59 -22.97 -22.09
N TYR D 70 -10.32 -22.09 -22.80
CA TYR D 70 -11.09 -22.55 -23.95
C TYR D 70 -10.21 -23.17 -25.02
N GLU D 71 -9.05 -22.56 -25.28
CA GLU D 71 -8.14 -23.10 -26.28
C GLU D 71 -7.52 -24.41 -25.83
N ALA D 72 -7.18 -24.52 -24.54
CA ALA D 72 -6.53 -25.72 -24.04
C ALA D 72 -7.48 -26.90 -24.05
N GLU D 73 -8.70 -26.74 -23.50
CA GLU D 73 -9.65 -27.85 -23.56
C GLU D 73 -10.26 -27.98 -24.94
N ASP D 74 -10.03 -27.03 -25.84
CA ASP D 74 -10.42 -27.20 -27.22
C ASP D 74 -9.50 -28.17 -27.91
N ILE D 75 -8.18 -27.99 -27.76
CA ILE D 75 -7.27 -28.87 -28.48
C ILE D 75 -6.97 -30.14 -27.70
N LEU D 76 -7.40 -30.21 -26.44
CA LEU D 76 -7.13 -31.41 -25.64
C LEU D 76 -7.98 -32.59 -26.08
N VAL D 77 -9.10 -32.34 -26.74
CA VAL D 77 -9.99 -33.42 -27.16
C VAL D 77 -9.39 -34.19 -28.34
N ASP D 78 -8.41 -33.60 -29.04
CA ASP D 78 -7.75 -34.27 -30.15
C ASP D 78 -6.85 -35.44 -29.72
N CYS D 79 -6.64 -35.68 -28.43
CA CYS D 79 -5.82 -36.81 -28.02
C CYS D 79 -6.56 -38.13 -28.07
N GLN D 80 -7.86 -38.11 -28.32
CA GLN D 80 -8.60 -39.36 -28.53
C GLN D 80 -8.83 -39.61 -30.02
N LEU D 107 -0.48 -37.96 -38.04
CA LEU D 107 0.51 -38.60 -37.19
C LEU D 107 0.39 -38.14 -35.75
N GLN D 108 1.24 -38.70 -34.89
CA GLN D 108 1.35 -38.28 -33.50
C GLN D 108 2.42 -37.21 -33.32
N TYR D 109 2.66 -36.40 -34.35
CA TYR D 109 3.73 -35.41 -34.39
C TYR D 109 3.20 -33.99 -34.46
N LYS D 110 2.18 -33.76 -35.29
CA LYS D 110 1.55 -32.44 -35.38
C LYS D 110 0.81 -32.11 -34.09
N LYS D 111 0.21 -33.12 -33.46
CA LYS D 111 -0.41 -32.93 -32.17
C LYS D 111 0.62 -32.59 -31.10
N SER D 112 1.81 -33.19 -31.17
CA SER D 112 2.88 -32.82 -30.25
C SER D 112 3.36 -31.40 -30.49
N LYS D 113 3.36 -30.94 -31.75
CA LYS D 113 3.63 -29.53 -32.05
C LYS D 113 2.61 -28.62 -31.39
N ARG D 114 1.33 -29.00 -31.46
CA ARG D 114 0.28 -28.16 -30.86
C ARG D 114 0.40 -28.11 -29.35
N LEU D 115 0.66 -29.27 -28.72
CA LEU D 115 0.86 -29.32 -27.28
C LEU D 115 2.06 -28.47 -26.87
N GLN D 116 3.14 -28.53 -27.66
CA GLN D 116 4.34 -27.79 -27.34
C GLN D 116 4.13 -26.29 -27.43
N GLU D 117 3.47 -25.83 -28.50
CA GLU D 117 3.31 -24.39 -28.66
C GLU D 117 2.33 -23.82 -27.64
N ILE D 118 1.28 -24.56 -27.25
CA ILE D 118 0.40 -23.95 -26.26
C ILE D 118 1.00 -24.05 -24.86
N ASN D 119 1.83 -25.07 -24.59
CA ASN D 119 2.51 -25.12 -23.30
C ASN D 119 3.51 -23.97 -23.17
N GLU D 120 4.24 -23.68 -24.25
CA GLU D 120 5.15 -22.54 -24.23
C GLU D 120 4.41 -21.23 -24.10
N ARG D 121 3.22 -21.13 -24.70
CA ARG D 121 2.40 -19.92 -24.58
C ARG D 121 1.95 -19.70 -23.13
N ILE D 122 1.48 -20.76 -22.48
CA ILE D 122 0.97 -20.64 -21.11
C ILE D 122 2.11 -20.30 -20.14
N THR D 123 3.23 -21.01 -20.26
CA THR D 123 4.36 -20.72 -19.38
C THR D 123 4.93 -19.32 -19.62
N LYS D 124 4.90 -18.86 -20.87
CA LYS D 124 5.40 -17.52 -21.15
C LYS D 124 4.49 -16.45 -20.57
N ILE D 125 3.17 -16.64 -20.63
CA ILE D 125 2.32 -15.58 -20.07
C ILE D 125 2.37 -15.61 -18.55
N LYS D 126 2.57 -16.78 -17.94
CA LYS D 126 2.77 -16.86 -16.49
C LYS D 126 4.01 -16.08 -16.06
N SER D 127 5.15 -16.38 -16.67
CA SER D 127 6.39 -15.70 -16.31
C SER D 127 6.40 -14.25 -16.78
N GLN D 128 5.49 -13.88 -17.68
CA GLN D 128 5.39 -12.52 -18.16
C GLN D 128 4.54 -11.65 -17.25
N VAL D 129 3.54 -12.23 -16.58
CA VAL D 129 2.66 -11.43 -15.74
C VAL D 129 3.01 -11.49 -14.26
N GLU D 130 3.78 -12.49 -13.82
CA GLU D 130 4.09 -12.64 -12.39
C GLU D 130 4.84 -11.47 -11.69
N PRO D 131 5.81 -10.77 -12.31
CA PRO D 131 6.43 -9.65 -11.59
C PRO D 131 5.50 -8.46 -11.35
N TYR D 132 4.44 -8.29 -12.13
CA TYR D 132 3.52 -7.19 -11.86
C TYR D 132 2.71 -7.45 -10.61
N PHE D 133 2.53 -8.72 -10.25
CA PHE D 133 1.96 -9.03 -8.94
C PHE D 133 3.02 -9.03 -7.87
N GLU D 134 4.29 -9.22 -8.25
CA GLU D 134 5.36 -9.01 -7.29
C GLU D 134 5.49 -7.56 -6.85
N PHE D 135 5.15 -6.61 -7.73
CA PHE D 135 5.48 -5.21 -7.46
C PHE D 135 4.55 -4.59 -6.41
N ILE D 136 3.26 -4.52 -6.71
CA ILE D 136 2.34 -3.78 -5.84
C ILE D 136 2.02 -4.59 -4.60
N THR D 137 1.77 -3.88 -3.51
CA THR D 137 1.34 -4.48 -2.26
C THR D 137 -0.16 -4.31 -2.10
N PRO D 138 -0.91 -5.35 -1.74
CA PRO D 138 -2.37 -5.26 -1.61
C PRO D 138 -2.80 -4.45 -0.38
N ASP D 148 -19.61 -0.52 0.43
CA ASP D 148 -20.46 -1.27 1.34
C ASP D 148 -21.92 -0.90 1.08
N ARG D 149 -22.82 -1.86 1.27
CA ARG D 149 -24.23 -1.69 0.99
C ARG D 149 -25.03 -1.84 2.28
N TRP D 150 -25.97 -0.91 2.49
CA TRP D 150 -26.75 -0.90 3.72
C TRP D 150 -28.11 -0.27 3.43
N SER D 151 -28.96 -0.28 4.45
CA SER D 151 -30.30 0.25 4.31
C SER D 151 -30.75 0.79 5.66
N SER D 152 -31.89 1.49 5.65
CA SER D 152 -32.32 2.26 6.81
C SER D 152 -33.79 2.57 6.69
N PRO D 153 -34.50 2.72 7.80
CA PRO D 153 -35.91 3.13 7.74
C PRO D 153 -36.14 4.61 7.45
N VAL D 154 -35.14 5.36 7.03
CA VAL D 154 -35.27 6.79 6.78
C VAL D 154 -35.38 7.02 5.29
N TYR D 155 -36.53 7.54 4.86
CA TYR D 155 -36.76 7.83 3.46
C TYR D 155 -37.51 9.15 3.37
N ASP D 156 -37.94 9.52 2.15
CA ASP D 156 -38.32 10.89 1.87
C ASP D 156 -39.84 11.10 1.83
N HIS D 157 -40.59 10.04 1.50
CA HIS D 157 -42.08 9.99 1.44
C HIS D 157 -42.72 11.11 0.65
N THR D 158 -42.01 11.69 -0.31
CA THR D 158 -42.59 12.64 -1.24
C THR D 158 -42.44 12.20 -2.68
N GLN D 159 -41.35 11.53 -3.02
CA GLN D 159 -41.15 10.98 -4.35
C GLN D 159 -41.76 9.60 -4.51
N VAL D 160 -42.38 9.06 -3.47
CA VAL D 160 -42.94 7.71 -3.53
C VAL D 160 -44.20 7.76 -4.38
N VAL D 161 -44.10 7.31 -5.61
CA VAL D 161 -45.22 7.31 -6.53
C VAL D 161 -46.08 6.07 -6.23
N GLY D 162 -47.40 6.23 -6.36
CA GLY D 162 -48.44 5.47 -5.68
C GLY D 162 -48.27 4.00 -5.38
N LEU D 163 -48.38 3.68 -4.08
CA LEU D 163 -48.25 2.32 -3.57
C LEU D 163 -49.35 2.02 -2.55
N GLU D 164 -50.39 2.85 -2.50
CA GLU D 164 -51.34 2.82 -1.40
C GLU D 164 -52.22 1.58 -1.42
N GLY D 165 -52.41 0.94 -2.58
CA GLY D 165 -53.13 -0.32 -2.59
C GLY D 165 -52.31 -1.43 -1.96
N ASP D 166 -51.03 -1.51 -2.34
CA ASP D 166 -50.13 -2.50 -1.75
C ASP D 166 -49.88 -2.19 -0.27
N LYS D 167 -49.76 -0.90 0.05
CA LYS D 167 -49.62 -0.48 1.45
C LYS D 167 -50.83 -0.89 2.27
N ARG D 168 -52.03 -0.73 1.69
CA ARG D 168 -53.26 -1.13 2.37
C ARG D 168 -53.29 -2.63 2.59
N LYS D 169 -52.97 -3.41 1.55
CA LYS D 169 -53.00 -4.86 1.63
C LYS D 169 -52.01 -5.39 2.67
N ILE D 170 -50.82 -4.81 2.72
CA ILE D 170 -49.84 -5.25 3.71
C ILE D 170 -50.24 -4.80 5.11
N LYS D 171 -50.94 -3.68 5.24
CA LYS D 171 -51.42 -3.31 6.57
C LYS D 171 -52.54 -4.23 7.05
N GLU D 172 -53.43 -4.68 6.15
CA GLU D 172 -54.42 -5.64 6.61
C GLU D 172 -53.82 -7.03 6.79
N TRP D 173 -52.67 -7.31 6.17
CA TRP D 173 -51.94 -8.53 6.52
C TRP D 173 -51.35 -8.41 7.92
N LEU D 174 -50.80 -7.25 8.28
CA LEU D 174 -50.21 -7.10 9.59
C LEU D 174 -51.24 -6.96 10.70
N PHE D 175 -52.46 -6.56 10.37
CA PHE D 175 -53.50 -6.47 11.40
C PHE D 175 -53.98 -7.84 11.88
N ARG D 176 -53.69 -8.91 11.16
CA ARG D 176 -54.08 -10.25 11.54
C ARG D 176 -52.93 -11.05 12.15
N SER D 177 -52.03 -10.38 12.88
CA SER D 177 -50.84 -11.05 13.38
C SER D 177 -51.14 -11.97 14.54
N ASN D 178 -52.18 -11.67 15.33
CA ASN D 178 -52.53 -12.53 16.45
C ASN D 178 -53.21 -13.82 16.01
N ASP D 179 -53.60 -13.93 14.74
CA ASP D 179 -54.23 -15.16 14.27
C ASP D 179 -53.25 -16.31 14.18
N SER D 180 -51.98 -16.02 13.95
CA SER D 180 -50.93 -17.03 13.91
C SER D 180 -50.04 -16.90 15.14
N GLN D 181 -49.13 -17.86 15.30
CA GLN D 181 -48.18 -17.79 16.40
C GLN D 181 -47.06 -16.82 16.11
N LEU D 182 -46.59 -16.79 14.86
CA LEU D 182 -45.55 -15.86 14.45
C LEU D 182 -45.73 -15.60 12.96
N LEU D 183 -46.35 -14.47 12.64
CA LEU D 183 -46.60 -14.11 11.24
C LEU D 183 -45.31 -13.68 10.57
N ILE D 184 -44.91 -14.42 9.54
CA ILE D 184 -43.74 -14.08 8.76
C ILE D 184 -44.16 -13.86 7.31
N MET D 185 -43.53 -12.89 6.67
CA MET D 185 -43.94 -12.38 5.37
C MET D 185 -42.71 -12.19 4.50
N ALA D 186 -42.90 -12.25 3.19
CA ALA D 186 -41.78 -12.12 2.27
C ALA D 186 -42.12 -11.14 1.16
N PHE D 187 -41.15 -10.31 0.80
CA PHE D 187 -41.26 -9.40 -0.33
C PHE D 187 -40.25 -9.85 -1.36
N VAL D 188 -40.73 -10.48 -2.42
CA VAL D 188 -39.88 -11.15 -3.40
C VAL D 188 -39.98 -10.42 -4.73
N GLY D 189 -38.83 -10.07 -5.30
CA GLY D 189 -38.80 -9.43 -6.60
C GLY D 189 -37.37 -9.30 -7.07
N MET D 190 -37.21 -8.75 -8.27
CA MET D 190 -35.88 -8.56 -8.82
C MET D 190 -35.23 -7.33 -8.20
N GLY D 191 -33.99 -7.07 -8.61
CA GLY D 191 -33.20 -6.03 -7.97
C GLY D 191 -33.65 -4.64 -8.39
N GLY D 192 -33.87 -3.78 -7.40
CA GLY D 192 -34.29 -2.42 -7.66
C GLY D 192 -35.72 -2.35 -8.17
N LEU D 193 -36.65 -2.82 -7.36
CA LEU D 193 -38.05 -2.90 -7.77
C LEU D 193 -38.99 -2.16 -6.84
N GLY D 194 -38.63 -1.99 -5.56
CA GLY D 194 -39.48 -1.27 -4.65
C GLY D 194 -39.71 -1.97 -3.33
N LYS D 195 -38.89 -2.98 -3.04
CA LYS D 195 -39.12 -3.83 -1.88
C LYS D 195 -38.80 -3.11 -0.58
N THR D 196 -37.61 -2.52 -0.49
CA THR D 196 -37.26 -1.79 0.72
C THR D 196 -38.10 -0.53 0.85
N THR D 197 -38.52 0.06 -0.27
CA THR D 197 -39.34 1.26 -0.19
C THR D 197 -40.75 0.92 0.27
N ILE D 198 -41.30 -0.22 -0.14
CA ILE D 198 -42.62 -0.55 0.36
C ILE D 198 -42.55 -1.01 1.81
N ALA D 199 -41.41 -1.57 2.24
CA ALA D 199 -41.26 -1.90 3.65
C ALA D 199 -41.16 -0.65 4.51
N GLN D 200 -40.37 0.33 4.06
CA GLN D 200 -40.27 1.62 4.75
C GLN D 200 -41.58 2.37 4.72
N GLU D 201 -42.34 2.24 3.64
CA GLU D 201 -43.66 2.86 3.57
C GLU D 201 -44.62 2.20 4.54
N VAL D 202 -44.46 0.91 4.79
CA VAL D 202 -45.35 0.24 5.73
C VAL D 202 -45.03 0.66 7.15
N PHE D 203 -43.83 0.37 7.66
CA PHE D 203 -43.73 0.46 9.10
C PHE D 203 -43.28 1.84 9.58
N ASN D 204 -43.24 2.84 8.70
CA ASN D 204 -43.20 4.22 9.15
C ASN D 204 -44.57 4.87 9.18
N ASP D 205 -45.63 4.09 8.98
CA ASP D 205 -46.97 4.61 9.14
C ASP D 205 -47.29 4.71 10.63
N LYS D 206 -48.32 5.50 10.95
CA LYS D 206 -48.64 5.75 12.34
C LYS D 206 -49.39 4.59 12.97
N GLU D 207 -50.27 3.94 12.20
CA GLU D 207 -51.11 2.88 12.76
C GLU D 207 -50.31 1.64 13.12
N ILE D 208 -49.19 1.40 12.43
CA ILE D 208 -48.31 0.30 12.79
C ILE D 208 -47.62 0.58 14.11
N GLU D 209 -47.18 1.81 14.33
CA GLU D 209 -46.63 2.19 15.63
C GLU D 209 -47.68 2.18 16.73
N HIS D 210 -48.95 2.41 16.39
CA HIS D 210 -50.02 2.13 17.35
C HIS D 210 -50.11 0.64 17.65
N ARG D 211 -49.94 -0.21 16.63
CA ARG D 211 -50.02 -1.65 16.85
C ARG D 211 -48.74 -2.18 17.48
N PHE D 212 -47.62 -2.07 16.77
CA PHE D 212 -46.36 -2.61 17.23
C PHE D 212 -45.60 -1.55 18.04
N GLU D 213 -45.10 -1.97 19.20
CA GLU D 213 -44.46 -1.00 20.08
C GLU D 213 -42.96 -0.99 19.89
N ARG D 214 -42.39 -2.04 19.31
CA ARG D 214 -40.96 -2.09 19.01
C ARG D 214 -40.76 -2.50 17.57
N ARG D 215 -40.24 -1.58 16.77
CA ARG D 215 -40.02 -1.78 15.35
C ARG D 215 -38.53 -1.85 15.10
N ILE D 216 -38.08 -2.93 14.46
CA ILE D 216 -36.66 -3.22 14.32
C ILE D 216 -36.32 -3.37 12.85
N TRP D 217 -35.40 -2.54 12.37
CA TRP D 217 -34.84 -2.66 11.04
C TRP D 217 -33.49 -3.33 11.14
N VAL D 218 -33.28 -4.38 10.34
CA VAL D 218 -32.00 -5.10 10.32
C VAL D 218 -31.54 -5.19 8.88
N SER D 219 -30.36 -4.64 8.61
CA SER D 219 -29.81 -4.64 7.25
C SER D 219 -28.84 -5.80 7.13
N VAL D 220 -29.30 -6.91 6.58
CA VAL D 220 -28.46 -8.07 6.31
C VAL D 220 -27.95 -7.93 4.89
N SER D 221 -26.67 -7.64 4.73
CA SER D 221 -26.11 -7.54 3.39
C SER D 221 -25.81 -8.93 2.86
N GLN D 222 -25.19 -8.98 1.68
CA GLN D 222 -24.75 -10.26 1.15
C GLN D 222 -23.49 -10.76 1.84
N THR D 223 -22.75 -9.86 2.50
CA THR D 223 -21.58 -10.21 3.29
C THR D 223 -21.85 -9.79 4.72
N PHE D 224 -21.81 -10.74 5.65
CA PHE D 224 -22.28 -10.46 7.00
C PHE D 224 -21.64 -11.45 7.96
N THR D 225 -22.10 -11.38 9.21
CA THR D 225 -21.88 -12.41 10.21
C THR D 225 -23.07 -12.38 11.16
N GLU D 226 -23.19 -13.43 11.97
CA GLU D 226 -24.31 -13.54 12.89
C GLU D 226 -24.20 -12.50 14.00
N GLU D 227 -22.97 -12.25 14.45
CA GLU D 227 -22.71 -11.39 15.60
C GLU D 227 -23.21 -9.97 15.39
N GLN D 228 -22.91 -9.39 14.23
CA GLN D 228 -23.34 -8.02 13.97
C GLN D 228 -24.85 -7.93 13.76
N ILE D 229 -25.46 -9.00 13.24
CA ILE D 229 -26.91 -9.04 13.08
C ILE D 229 -27.60 -8.99 14.43
N MET D 230 -27.19 -9.86 15.35
CA MET D 230 -27.89 -9.91 16.62
C MET D 230 -27.54 -8.73 17.52
N ARG D 231 -26.33 -8.18 17.41
CA ARG D 231 -26.09 -6.97 18.19
C ARG D 231 -26.77 -5.77 17.58
N SER D 232 -27.03 -5.77 16.27
CA SER D 232 -27.84 -4.72 15.69
C SER D 232 -29.30 -4.84 16.12
N ILE D 233 -29.76 -6.07 16.33
CA ILE D 233 -31.09 -6.29 16.93
C ILE D 233 -31.14 -5.69 18.33
N LEU D 234 -30.08 -5.90 19.12
CA LEU D 234 -30.06 -5.30 20.45
C LEU D 234 -29.92 -3.78 20.41
N ARG D 235 -29.20 -3.24 19.43
CA ARG D 235 -29.11 -1.79 19.29
C ARG D 235 -30.44 -1.17 18.91
N ASN D 236 -31.21 -1.86 18.08
CA ASN D 236 -32.57 -1.41 17.79
C ASN D 236 -33.51 -1.60 18.97
N LEU D 237 -33.21 -2.56 19.87
CA LEU D 237 -34.00 -2.72 21.07
C LEU D 237 -33.75 -1.66 22.12
N GLY D 238 -32.76 -0.80 21.92
CA GLY D 238 -32.46 0.23 22.89
C GLY D 238 -31.44 -0.16 23.93
N ASP D 239 -31.05 -1.43 23.98
CA ASP D 239 -29.94 -1.83 24.83
C ASP D 239 -28.63 -1.28 24.27
N ALA D 240 -27.67 -1.05 25.16
CA ALA D 240 -26.40 -0.48 24.75
C ALA D 240 -25.58 -1.52 23.98
N SER D 241 -24.66 -1.01 23.17
CA SER D 241 -23.78 -1.85 22.38
C SER D 241 -22.74 -2.47 23.32
N VAL D 242 -23.02 -3.68 23.79
CA VAL D 242 -22.15 -4.38 24.70
C VAL D 242 -21.22 -5.29 23.91
N GLY D 243 -19.91 -5.14 24.14
CA GLY D 243 -18.95 -6.09 23.58
C GLY D 243 -19.15 -7.45 24.21
N ASP D 244 -19.69 -8.41 23.47
CA ASP D 244 -20.30 -9.56 24.10
C ASP D 244 -20.28 -10.73 23.12
N ASP D 245 -20.47 -11.94 23.65
CA ASP D 245 -20.46 -13.14 22.83
C ASP D 245 -21.88 -13.64 22.56
N ILE D 246 -21.98 -14.70 21.76
CA ILE D 246 -23.15 -14.93 20.91
C ILE D 246 -24.34 -15.40 21.73
N GLY D 247 -24.13 -16.42 22.58
CA GLY D 247 -25.25 -16.99 23.33
C GLY D 247 -25.83 -16.03 24.35
N THR D 248 -24.99 -15.19 24.94
CA THR D 248 -25.47 -14.13 25.80
C THR D 248 -26.33 -13.13 25.02
N LEU D 249 -25.97 -12.86 23.76
CA LEU D 249 -26.78 -12.01 22.92
C LEU D 249 -28.13 -12.62 22.59
N LEU D 250 -28.18 -13.93 22.33
CA LEU D 250 -29.48 -14.58 22.12
C LEU D 250 -30.32 -14.57 23.40
N ARG D 251 -29.67 -14.73 24.56
CA ARG D 251 -30.42 -14.64 25.81
C ARG D 251 -30.99 -13.25 26.02
N LYS D 252 -30.21 -12.21 25.69
CA LYS D 252 -30.70 -10.84 25.84
C LYS D 252 -31.84 -10.56 24.87
N ILE D 253 -31.71 -10.99 23.61
CA ILE D 253 -32.76 -10.80 22.62
C ILE D 253 -34.03 -11.51 23.02
N GLN D 254 -33.93 -12.70 23.61
CA GLN D 254 -35.11 -13.37 24.13
C GLN D 254 -35.69 -12.61 25.32
N GLN D 255 -34.84 -12.08 26.19
CA GLN D 255 -35.34 -11.46 27.42
C GLN D 255 -36.00 -10.11 27.16
N TYR D 256 -35.56 -9.36 26.16
CA TYR D 256 -36.18 -8.06 25.93
C TYR D 256 -37.48 -8.13 25.14
N LEU D 257 -38.00 -9.32 24.85
CA LEU D 257 -39.18 -9.45 24.01
C LEU D 257 -40.30 -10.21 24.71
N LEU D 258 -40.46 -10.03 26.01
CA LEU D 258 -41.56 -10.66 26.72
C LEU D 258 -42.77 -9.74 26.75
N GLY D 259 -43.90 -10.26 26.26
CA GLY D 259 -45.14 -9.51 26.28
C GLY D 259 -45.18 -8.32 25.35
N LYS D 260 -44.33 -8.29 24.33
CA LYS D 260 -44.17 -7.13 23.47
C LYS D 260 -44.49 -7.51 22.04
N ARG D 261 -45.44 -6.78 21.44
CA ARG D 261 -45.89 -7.05 20.08
C ARG D 261 -44.83 -6.50 19.13
N TYR D 262 -43.89 -7.34 18.73
CA TYR D 262 -42.70 -6.90 18.04
C TYR D 262 -42.84 -7.09 16.53
N LEU D 263 -42.16 -6.20 15.80
CA LEU D 263 -42.11 -6.21 14.34
C LEU D 263 -40.66 -6.05 13.92
N ILE D 264 -40.11 -7.05 13.24
CA ILE D 264 -38.76 -6.94 12.72
C ILE D 264 -38.82 -7.02 11.20
N VAL D 265 -37.99 -6.23 10.54
CA VAL D 265 -37.92 -6.20 9.09
C VAL D 265 -36.48 -6.49 8.71
N MET D 266 -36.26 -7.62 8.06
CA MET D 266 -34.91 -8.06 7.72
C MET D 266 -34.75 -7.91 6.22
N ASP D 267 -33.74 -7.14 5.83
CA ASP D 267 -33.62 -6.64 4.47
C ASP D 267 -32.49 -7.36 3.75
N ASP D 268 -32.71 -7.61 2.45
CA ASP D 268 -31.69 -8.14 1.52
C ASP D 268 -31.16 -9.50 1.98
N VAL D 269 -32.06 -10.38 2.38
CA VAL D 269 -31.67 -11.70 2.84
C VAL D 269 -31.35 -12.57 1.62
N TRP D 270 -30.18 -13.18 1.62
CA TRP D 270 -29.73 -14.03 0.54
C TRP D 270 -29.74 -15.49 0.96
N ASP D 271 -29.37 -16.37 0.03
CA ASP D 271 -29.35 -17.80 0.26
C ASP D 271 -27.94 -18.33 0.52
N LYS D 272 -27.11 -17.56 1.20
CA LYS D 272 -25.73 -17.92 1.44
C LYS D 272 -25.50 -18.03 2.94
N ASN D 273 -25.25 -19.26 3.40
CA ASN D 273 -25.07 -19.59 4.82
C ASN D 273 -26.29 -19.16 5.65
N LEU D 274 -27.48 -19.46 5.15
CA LEU D 274 -28.75 -18.96 5.66
C LEU D 274 -29.18 -19.62 6.97
N SER D 275 -28.40 -20.61 7.46
CA SER D 275 -28.75 -21.36 8.67
C SER D 275 -28.85 -20.49 9.92
N TRP D 276 -28.26 -19.28 9.90
CA TRP D 276 -28.42 -18.31 10.97
C TRP D 276 -29.87 -18.03 11.29
N TRP D 277 -30.75 -18.10 10.27
CA TRP D 277 -32.19 -17.94 10.46
C TRP D 277 -32.72 -18.90 11.51
N ASP D 278 -32.49 -20.20 11.34
CA ASP D 278 -32.99 -21.08 12.38
C ASP D 278 -31.95 -21.35 13.44
N LYS D 279 -31.03 -20.41 13.65
CA LYS D 279 -30.39 -20.25 14.94
C LYS D 279 -30.97 -19.09 15.73
N ILE D 280 -31.77 -18.24 15.10
CA ILE D 280 -32.47 -17.18 15.81
C ILE D 280 -33.98 -17.32 15.73
N TYR D 281 -34.51 -18.21 14.89
CA TYR D 281 -35.94 -18.38 14.79
C TYR D 281 -36.54 -18.99 16.05
N GLN D 282 -35.78 -19.83 16.74
CA GLN D 282 -36.24 -20.36 18.01
C GLN D 282 -36.06 -19.36 19.14
N GLY D 283 -35.26 -18.31 18.93
CA GLY D 283 -35.09 -17.29 19.93
C GLY D 283 -36.14 -16.21 19.93
N LEU D 284 -37.13 -16.30 19.06
CA LEU D 284 -38.15 -15.28 18.98
C LEU D 284 -39.40 -15.74 19.70
N PRO D 285 -39.95 -14.94 20.60
CA PRO D 285 -41.13 -15.37 21.36
C PRO D 285 -42.37 -15.44 20.49
N ARG D 286 -43.14 -16.51 20.67
CA ARG D 286 -44.31 -16.78 19.86
C ARG D 286 -45.57 -16.52 20.66
N GLY D 287 -46.69 -16.42 19.93
CA GLY D 287 -47.98 -16.17 20.55
C GLY D 287 -48.21 -14.74 20.98
N GLN D 288 -47.23 -13.85 20.82
CA GLN D 288 -47.37 -12.46 21.22
C GLN D 288 -47.88 -11.59 20.10
N GLY D 289 -48.08 -12.13 18.90
CA GLY D 289 -48.47 -11.34 17.76
C GLY D 289 -47.32 -10.71 17.01
N GLY D 290 -46.10 -11.23 17.17
CA GLY D 290 -44.97 -10.67 16.48
C GLY D 290 -44.99 -10.96 14.99
N SER D 291 -44.25 -10.14 14.25
CA SER D 291 -44.28 -10.22 12.79
C SER D 291 -42.89 -9.97 12.25
N VAL D 292 -42.51 -10.79 11.27
CA VAL D 292 -41.23 -10.66 10.58
C VAL D 292 -41.53 -10.38 9.12
N ILE D 293 -40.83 -9.41 8.55
CA ILE D 293 -40.95 -9.10 7.13
C ILE D 293 -39.57 -9.25 6.51
N VAL D 294 -39.41 -10.26 5.67
CA VAL D 294 -38.15 -10.53 5.01
C VAL D 294 -38.25 -10.02 3.58
N THR D 295 -37.45 -9.03 3.24
CA THR D 295 -37.41 -8.54 1.87
C THR D 295 -36.18 -9.13 1.20
N THR D 296 -36.37 -9.67 0.00
CA THR D 296 -35.32 -10.50 -0.59
C THR D 296 -35.48 -10.56 -2.10
N ARG D 297 -34.54 -11.23 -2.76
CA ARG D 297 -34.57 -11.41 -4.20
C ARG D 297 -34.80 -12.85 -4.61
N SER D 298 -35.40 -13.68 -3.75
CA SER D 298 -35.53 -15.09 -4.07
C SER D 298 -36.82 -15.65 -3.52
N GLU D 299 -37.38 -16.61 -4.23
CA GLU D 299 -38.44 -17.44 -3.68
C GLU D 299 -37.89 -18.64 -2.91
N SER D 300 -36.64 -19.02 -3.20
CA SER D 300 -36.02 -20.12 -2.48
C SER D 300 -35.83 -19.78 -1.01
N VAL D 301 -35.43 -18.55 -0.72
CA VAL D 301 -35.39 -18.13 0.67
C VAL D 301 -36.78 -17.88 1.21
N ALA D 302 -37.76 -17.62 0.35
CA ALA D 302 -39.12 -17.42 0.83
C ALA D 302 -39.73 -18.75 1.28
N LYS D 303 -39.28 -19.86 0.69
CA LYS D 303 -39.69 -21.17 1.16
C LYS D 303 -38.77 -21.72 2.24
N ARG D 304 -37.51 -21.32 2.27
CA ARG D 304 -36.62 -21.75 3.34
C ARG D 304 -36.99 -21.08 4.66
N VAL D 305 -37.35 -19.79 4.61
CA VAL D 305 -38.00 -19.13 5.73
C VAL D 305 -39.43 -19.62 5.91
N GLN D 306 -40.02 -20.18 4.85
CA GLN D 306 -41.40 -20.68 4.75
C GLN D 306 -42.42 -19.69 5.33
N ALA D 307 -42.54 -18.55 4.63
CA ALA D 307 -43.51 -17.53 5.00
C ALA D 307 -44.93 -18.04 4.88
N ARG D 308 -45.39 -18.22 3.64
CA ARG D 308 -46.57 -18.97 3.20
C ARG D 308 -46.56 -18.77 1.69
N ASP D 309 -47.38 -19.56 0.98
CA ASP D 309 -47.50 -19.34 -0.46
C ASP D 309 -48.35 -18.11 -0.76
N ASP D 310 -49.16 -17.67 0.20
CA ASP D 310 -50.03 -16.52 0.00
C ASP D 310 -49.51 -15.24 0.64
N LYS D 311 -48.74 -15.34 1.72
CA LYS D 311 -48.22 -14.15 2.37
C LYS D 311 -47.07 -13.48 1.64
N THR D 312 -46.59 -14.02 0.53
CA THR D 312 -45.55 -13.36 -0.24
C THR D 312 -46.15 -12.26 -1.11
N HIS D 313 -45.59 -11.07 -1.02
CA HIS D 313 -45.99 -9.93 -1.85
C HIS D 313 -44.94 -9.70 -2.91
N ARG D 314 -45.38 -9.50 -4.14
CA ARG D 314 -44.47 -9.23 -5.25
C ARG D 314 -44.81 -7.88 -5.84
N PRO D 315 -43.94 -6.88 -5.71
CA PRO D 315 -44.21 -5.58 -6.33
C PRO D 315 -44.10 -5.68 -7.84
N GLU D 316 -44.86 -4.83 -8.51
CA GLU D 316 -44.93 -4.85 -9.96
C GLU D 316 -44.23 -3.64 -10.55
N LEU D 317 -43.94 -3.74 -11.84
CA LEU D 317 -43.33 -2.64 -12.58
C LEU D 317 -44.30 -1.46 -12.66
N LEU D 318 -43.74 -0.28 -12.87
CA LEU D 318 -44.53 0.93 -12.79
C LEU D 318 -45.30 1.17 -14.10
N SER D 319 -46.48 1.76 -13.96
CA SER D 319 -47.26 2.18 -15.11
C SER D 319 -46.61 3.39 -15.77
N PRO D 320 -46.86 3.63 -17.06
CA PRO D 320 -46.19 4.75 -17.73
C PRO D 320 -46.56 6.13 -17.19
N ASP D 321 -47.79 6.32 -16.69
CA ASP D 321 -48.13 7.58 -16.04
C ASP D 321 -47.37 7.75 -14.74
N ASN D 322 -47.31 6.69 -13.93
CA ASN D 322 -46.62 6.74 -12.65
C ASN D 322 -45.13 6.92 -12.84
N SER D 323 -44.56 6.21 -13.81
CA SER D 323 -43.15 6.37 -14.10
C SER D 323 -42.84 7.74 -14.68
N TRP D 324 -43.78 8.32 -15.43
CA TRP D 324 -43.55 9.66 -15.98
C TRP D 324 -43.56 10.72 -14.89
N LEU D 325 -44.48 10.64 -13.92
CA LEU D 325 -44.37 11.68 -12.91
C LEU D 325 -43.26 11.39 -11.91
N LEU D 326 -42.80 10.14 -11.79
CA LEU D 326 -41.56 9.88 -11.09
C LEU D 326 -40.37 10.56 -11.75
N PHE D 327 -40.29 10.45 -13.08
CA PHE D 327 -39.18 11.07 -13.80
C PHE D 327 -39.27 12.58 -13.78
N CYS D 328 -40.48 13.14 -13.78
CA CYS D 328 -40.61 14.58 -13.61
C CYS D 328 -40.19 15.01 -12.21
N ASN D 329 -40.52 14.22 -11.20
CA ASN D 329 -40.19 14.57 -9.83
C ASN D 329 -38.69 14.45 -9.57
N VAL D 330 -37.99 13.62 -10.34
CA VAL D 330 -36.55 13.49 -10.16
C VAL D 330 -35.78 14.47 -11.03
N ALA D 331 -36.02 14.45 -12.35
CA ALA D 331 -35.16 15.17 -13.28
C ALA D 331 -35.40 16.67 -13.24
N PHE D 332 -36.66 17.10 -13.25
CA PHE D 332 -36.98 18.52 -13.22
C PHE D 332 -37.16 19.00 -11.79
N ALA D 333 -36.19 18.70 -10.92
CA ALA D 333 -36.32 18.95 -9.50
C ALA D 333 -36.22 20.42 -9.13
N ALA D 334 -35.82 21.29 -10.06
CA ALA D 334 -35.71 22.71 -9.76
C ALA D 334 -37.09 23.34 -9.58
N ASN D 335 -37.93 23.27 -10.62
CA ASN D 335 -39.23 23.94 -10.60
C ASN D 335 -40.29 22.92 -10.20
N ASP D 336 -40.18 22.46 -8.95
CA ASP D 336 -41.24 21.74 -8.22
C ASP D 336 -41.59 20.40 -8.89
N GLY D 337 -40.63 19.79 -9.57
CA GLY D 337 -40.90 18.54 -10.26
C GLY D 337 -41.82 18.67 -11.44
N THR D 338 -41.84 19.82 -12.09
CA THR D 338 -42.73 20.08 -13.22
C THR D 338 -41.89 20.35 -14.46
N CYS D 339 -42.42 19.92 -15.61
CA CYS D 339 -41.76 20.20 -16.87
C CYS D 339 -41.96 21.65 -17.25
N GLU D 340 -40.90 22.30 -17.71
CA GLU D 340 -40.93 23.74 -17.98
C GLU D 340 -41.07 24.07 -19.45
N ARG D 341 -40.40 23.32 -20.32
CA ARG D 341 -40.39 23.60 -21.75
C ARG D 341 -40.86 22.35 -22.49
N PRO D 342 -41.75 22.52 -23.47
CA PRO D 342 -42.44 21.36 -24.06
C PRO D 342 -41.70 20.65 -25.17
N GLU D 343 -40.52 21.10 -25.58
CA GLU D 343 -39.81 20.36 -26.63
C GLU D 343 -39.07 19.14 -26.09
N LEU D 344 -39.06 18.94 -24.79
CA LEU D 344 -38.40 17.80 -24.17
C LEU D 344 -39.37 16.70 -23.80
N GLU D 345 -40.67 16.92 -23.97
CA GLU D 345 -41.66 15.96 -23.47
C GLU D 345 -41.73 14.72 -24.32
N ASP D 346 -41.56 14.86 -25.64
CA ASP D 346 -41.61 13.69 -26.50
C ASP D 346 -40.39 12.81 -26.31
N VAL D 347 -39.20 13.42 -26.26
CA VAL D 347 -37.97 12.69 -26.03
C VAL D 347 -37.94 12.14 -24.61
N GLY D 348 -38.44 12.92 -23.64
CA GLY D 348 -38.51 12.47 -22.27
C GLY D 348 -39.43 11.28 -22.07
N LYS D 349 -40.63 11.34 -22.65
CA LYS D 349 -41.55 10.21 -22.56
C LYS D 349 -41.05 9.01 -23.34
N GLU D 350 -40.28 9.23 -24.42
CA GLU D 350 -39.65 8.10 -25.09
C GLU D 350 -38.63 7.41 -24.20
N ILE D 351 -37.81 8.19 -23.47
CA ILE D 351 -36.84 7.61 -22.55
C ILE D 351 -37.54 6.87 -21.42
N VAL D 352 -38.63 7.45 -20.90
CA VAL D 352 -39.33 6.85 -19.77
C VAL D 352 -40.03 5.56 -20.18
N THR D 353 -40.69 5.56 -21.35
CA THR D 353 -41.32 4.33 -21.81
C THR D 353 -40.29 3.30 -22.27
N LYS D 354 -39.05 3.72 -22.52
CA LYS D 354 -38.04 2.75 -22.87
C LYS D 354 -37.30 2.20 -21.65
N CYS D 355 -37.37 2.89 -20.50
CA CYS D 355 -36.77 2.38 -19.27
C CYS D 355 -37.51 1.15 -18.74
N LYS D 356 -38.80 1.03 -19.05
CA LYS D 356 -39.64 -0.14 -18.77
C LYS D 356 -39.74 -0.45 -17.27
N GLY D 357 -40.33 0.47 -16.53
CA GLY D 357 -40.91 0.13 -15.25
C GLY D 357 -40.04 0.12 -14.01
N LEU D 358 -38.75 -0.14 -14.12
CA LEU D 358 -37.91 -0.18 -12.92
C LEU D 358 -37.70 1.23 -12.38
N PRO D 359 -37.95 1.46 -11.09
CA PRO D 359 -37.65 2.77 -10.52
C PRO D 359 -36.17 3.07 -10.44
N LEU D 360 -35.34 2.03 -10.39
CA LEU D 360 -33.90 2.23 -10.29
C LEU D 360 -33.33 2.86 -11.54
N THR D 361 -33.68 2.34 -12.71
CA THR D 361 -33.19 2.92 -13.96
C THR D 361 -33.76 4.30 -14.20
N ILE D 362 -35.00 4.54 -13.77
CA ILE D 362 -35.62 5.85 -13.95
C ILE D 362 -34.94 6.90 -13.09
N LYS D 363 -34.66 6.58 -11.82
CA LYS D 363 -33.94 7.53 -10.99
C LYS D 363 -32.49 7.67 -11.40
N ALA D 364 -31.90 6.63 -12.01
CA ALA D 364 -30.55 6.77 -12.52
C ALA D 364 -30.49 7.70 -13.73
N VAL D 365 -31.45 7.58 -14.64
CA VAL D 365 -31.50 8.48 -15.80
C VAL D 365 -31.85 9.89 -15.35
N GLY D 366 -32.66 10.02 -14.30
CA GLY D 366 -32.94 11.34 -13.75
C GLY D 366 -31.73 11.99 -13.13
N GLY D 367 -30.93 11.21 -12.38
CA GLY D 367 -29.70 11.73 -11.84
C GLY D 367 -28.65 12.00 -12.90
N LEU D 368 -28.71 11.27 -14.02
CA LEU D 368 -27.81 11.55 -15.13
C LEU D 368 -28.19 12.84 -15.85
N LEU D 369 -29.47 13.05 -16.11
CA LEU D 369 -29.91 14.26 -16.78
C LEU D 369 -30.03 15.46 -15.85
N LEU D 370 -29.82 15.28 -14.55
CA LEU D 370 -29.90 16.41 -13.64
C LEU D 370 -28.70 17.33 -13.79
N CYS D 371 -27.56 16.81 -14.23
CA CYS D 371 -26.34 17.60 -14.38
C CYS D 371 -26.10 18.03 -15.83
N LYS D 372 -27.15 18.31 -16.57
CA LYS D 372 -27.04 18.82 -17.93
C LYS D 372 -27.72 20.19 -18.02
N ASP D 373 -27.71 20.75 -19.23
CA ASP D 373 -28.22 22.10 -19.45
C ASP D 373 -29.59 22.10 -20.13
N HIS D 374 -30.23 20.93 -20.21
CA HIS D 374 -31.63 20.77 -20.62
C HIS D 374 -31.88 21.20 -22.06
N VAL D 375 -30.86 21.22 -22.89
CA VAL D 375 -31.06 21.50 -24.30
C VAL D 375 -31.28 20.19 -25.03
N TYR D 376 -31.84 20.28 -26.24
CA TYR D 376 -32.51 19.15 -26.88
C TYR D 376 -31.55 18.04 -27.29
N HIS D 377 -30.32 18.37 -27.63
CA HIS D 377 -29.49 17.42 -28.37
C HIS D 377 -28.96 16.29 -27.50
N GLU D 378 -28.50 16.58 -26.27
CA GLU D 378 -28.04 15.48 -25.42
C GLU D 378 -29.20 14.60 -24.97
N TRP D 379 -30.39 15.19 -24.80
CA TRP D 379 -31.58 14.41 -24.49
C TRP D 379 -31.93 13.47 -25.63
N ARG D 380 -31.83 13.95 -26.87
CA ARG D 380 -32.15 13.11 -28.02
C ARG D 380 -31.13 11.99 -28.19
N ARG D 381 -29.85 12.29 -27.99
CA ARG D 381 -28.87 11.23 -28.18
C ARG D 381 -28.87 10.21 -27.04
N ILE D 382 -29.19 10.65 -25.83
CA ILE D 382 -29.41 9.68 -24.75
C ILE D 382 -30.65 8.86 -25.02
N ALA D 383 -31.66 9.45 -25.68
CA ALA D 383 -32.80 8.66 -26.14
C ALA D 383 -32.43 7.66 -27.23
N GLU D 384 -31.35 7.88 -27.97
CA GLU D 384 -30.94 6.88 -28.94
C GLU D 384 -29.62 6.17 -28.63
N HIS D 385 -28.83 6.66 -27.69
CA HIS D 385 -27.74 5.89 -27.09
C HIS D 385 -28.03 5.82 -25.59
N PHE D 386 -28.42 4.64 -25.12
CA PHE D 386 -28.95 4.51 -23.77
C PHE D 386 -28.13 3.60 -22.89
N GLN D 387 -27.80 2.40 -23.38
CA GLN D 387 -27.12 1.40 -22.57
C GLN D 387 -25.68 1.77 -22.27
N ASP D 388 -25.04 2.56 -23.13
CA ASP D 388 -23.62 2.84 -23.02
C ASP D 388 -23.29 3.83 -21.92
N GLU D 389 -24.28 4.52 -21.37
CA GLU D 389 -24.06 5.50 -20.32
C GLU D 389 -24.33 4.94 -18.94
N LEU D 390 -25.37 4.12 -18.81
CA LEU D 390 -25.67 3.45 -17.56
C LEU D 390 -24.69 2.33 -17.25
N ARG D 391 -23.83 1.95 -18.19
CA ARG D 391 -22.71 1.08 -17.88
C ARG D 391 -21.44 1.86 -17.60
N GLY D 392 -21.46 3.17 -17.77
CA GLY D 392 -20.38 4.01 -17.28
C GLY D 392 -20.72 4.53 -15.90
N ASN D 393 -22.03 4.49 -15.60
CA ASN D 393 -22.59 4.84 -14.28
C ASN D 393 -22.30 6.28 -13.89
N THR D 394 -22.26 7.16 -14.90
CA THR D 394 -21.75 8.54 -14.79
C THR D 394 -20.36 8.53 -14.14
N SER D 395 -19.51 7.65 -14.67
CA SER D 395 -18.20 7.30 -14.11
C SER D 395 -18.30 6.87 -12.64
N GLU D 396 -19.07 5.80 -12.43
CA GLU D 396 -19.12 5.05 -11.16
C GLU D 396 -19.60 5.92 -9.99
N THR D 397 -20.88 6.31 -10.05
CA THR D 397 -21.48 7.03 -8.92
C THR D 397 -22.82 6.45 -8.49
N ASP D 398 -23.65 5.92 -9.40
CA ASP D 398 -24.97 5.41 -9.03
C ASP D 398 -25.05 3.90 -9.09
N ASN D 399 -24.46 3.30 -10.12
CA ASN D 399 -24.19 1.86 -10.23
C ASN D 399 -25.44 0.99 -10.22
N VAL D 400 -26.26 1.12 -11.26
CA VAL D 400 -27.30 0.15 -11.54
C VAL D 400 -26.68 -1.21 -11.87
N MET D 401 -25.61 -1.18 -12.67
CA MET D 401 -24.95 -2.40 -13.11
C MET D 401 -24.34 -3.16 -11.96
N SER D 402 -23.89 -2.47 -10.90
CA SER D 402 -23.41 -3.19 -9.73
C SER D 402 -24.55 -3.84 -8.98
N SER D 403 -25.70 -3.16 -8.90
CA SER D 403 -26.82 -3.69 -8.14
C SER D 403 -27.45 -4.89 -8.82
N LEU D 404 -27.30 -5.01 -10.13
CA LEU D 404 -27.71 -6.25 -10.76
C LEU D 404 -26.58 -7.27 -10.86
N GLN D 405 -25.33 -6.81 -10.93
CA GLN D 405 -24.22 -7.73 -11.03
C GLN D 405 -23.96 -8.43 -9.71
N LEU D 406 -24.37 -7.85 -8.59
CA LEU D 406 -24.26 -8.60 -7.33
C LEU D 406 -25.29 -9.71 -7.26
N SER D 407 -26.41 -9.56 -7.95
CA SER D 407 -27.32 -10.70 -8.10
C SER D 407 -26.77 -11.71 -9.08
N TYR D 408 -25.99 -11.26 -10.06
CA TYR D 408 -25.31 -12.20 -10.94
C TYR D 408 -24.22 -12.98 -10.20
N ASP D 409 -23.54 -12.32 -9.26
CA ASP D 409 -22.31 -12.84 -8.69
C ASP D 409 -22.51 -13.71 -7.46
N GLU D 410 -23.70 -14.24 -7.24
CA GLU D 410 -23.88 -15.26 -6.23
C GLU D 410 -24.47 -16.53 -6.79
N LEU D 411 -24.45 -16.70 -8.10
CA LEU D 411 -24.85 -17.95 -8.68
C LEU D 411 -23.73 -18.96 -8.54
N PRO D 412 -24.05 -20.25 -8.53
CA PRO D 412 -23.03 -21.26 -8.80
C PRO D 412 -22.52 -21.14 -10.22
N SER D 413 -21.33 -21.68 -10.45
CA SER D 413 -20.60 -21.43 -11.69
C SER D 413 -21.30 -22.03 -12.91
N HIS D 414 -21.92 -23.20 -12.74
CA HIS D 414 -22.71 -23.75 -13.82
C HIS D 414 -23.97 -22.92 -14.06
N LEU D 415 -24.55 -22.34 -13.01
CA LEU D 415 -25.67 -21.44 -13.24
C LEU D 415 -25.21 -20.12 -13.83
N LYS D 416 -23.97 -19.70 -13.57
CA LYS D 416 -23.41 -18.55 -14.26
C LYS D 416 -23.32 -18.81 -15.76
N SER D 417 -22.82 -19.99 -16.13
CA SER D 417 -22.77 -20.37 -17.53
C SER D 417 -24.16 -20.49 -18.14
N CYS D 418 -25.13 -21.02 -17.40
CA CYS D 418 -26.47 -21.18 -17.92
C CYS D 418 -27.18 -19.84 -18.10
N ILE D 419 -26.96 -18.89 -17.20
CA ILE D 419 -27.60 -17.59 -17.37
C ILE D 419 -26.86 -16.78 -18.42
N LEU D 420 -25.61 -17.13 -18.72
CA LEU D 420 -24.85 -16.33 -19.66
C LEU D 420 -25.34 -16.50 -21.10
N THR D 421 -25.99 -17.60 -21.43
CA THR D 421 -26.41 -17.84 -22.81
C THR D 421 -27.64 -17.05 -23.22
N LEU D 422 -28.25 -16.28 -22.32
CA LEU D 422 -29.40 -15.48 -22.68
C LEU D 422 -29.01 -14.10 -23.20
N SER D 423 -27.72 -13.88 -23.47
CA SER D 423 -27.24 -12.71 -24.20
C SER D 423 -27.23 -12.95 -25.69
N LEU D 424 -28.00 -13.92 -26.16
CA LEU D 424 -27.87 -14.44 -27.50
C LEU D 424 -29.20 -14.31 -28.24
N TYR D 425 -30.13 -13.56 -27.69
CA TYR D 425 -31.52 -13.45 -28.10
C TYR D 425 -31.89 -12.00 -28.43
N PRO D 426 -32.91 -11.79 -29.27
CA PRO D 426 -33.34 -10.42 -29.58
C PRO D 426 -34.08 -9.71 -28.45
N GLU D 427 -34.69 -8.57 -28.78
CA GLU D 427 -34.97 -7.50 -27.82
C GLU D 427 -35.99 -7.94 -26.76
N ASP D 428 -37.15 -8.44 -27.17
CA ASP D 428 -38.13 -8.90 -26.19
C ASP D 428 -38.76 -10.21 -26.64
N CYS D 429 -37.97 -11.09 -27.23
CA CYS D 429 -38.48 -12.38 -27.69
C CYS D 429 -38.87 -13.24 -26.50
N VAL D 430 -39.83 -14.11 -26.74
CA VAL D 430 -40.38 -14.97 -25.70
C VAL D 430 -39.75 -16.34 -25.87
N ILE D 431 -38.80 -16.66 -24.98
CA ILE D 431 -37.91 -17.79 -25.19
C ILE D 431 -38.57 -19.06 -24.68
N PRO D 432 -38.63 -20.13 -25.49
CA PRO D 432 -39.13 -21.40 -24.97
C PRO D 432 -38.14 -22.03 -24.01
N LYS D 433 -38.68 -22.69 -22.98
CA LYS D 433 -37.85 -23.35 -21.98
C LYS D 433 -37.08 -24.51 -22.58
N GLN D 434 -37.73 -25.26 -23.48
CA GLN D 434 -37.22 -26.53 -23.94
C GLN D 434 -35.93 -26.38 -24.72
N GLN D 435 -35.83 -25.33 -25.54
CA GLN D 435 -34.61 -25.08 -26.31
C GLN D 435 -33.44 -24.73 -25.41
N LEU D 436 -33.69 -23.91 -24.37
CA LEU D 436 -32.65 -23.57 -23.41
C LEU D 436 -32.16 -24.80 -22.66
N VAL D 437 -33.09 -25.64 -22.22
CA VAL D 437 -32.73 -26.84 -21.46
C VAL D 437 -31.95 -27.81 -22.33
N HIS D 438 -32.34 -27.95 -23.60
CA HIS D 438 -31.59 -28.85 -24.46
C HIS D 438 -30.22 -28.31 -24.83
N GLY D 439 -30.07 -26.99 -24.94
CA GLY D 439 -28.74 -26.44 -25.16
C GLY D 439 -27.84 -26.64 -23.96
N TRP D 440 -28.38 -26.46 -22.75
CA TRP D 440 -27.62 -26.65 -21.53
C TRP D 440 -27.20 -28.11 -21.36
N ILE D 441 -28.08 -29.04 -21.71
CA ILE D 441 -27.72 -30.45 -21.64
C ILE D 441 -26.69 -30.78 -22.71
N GLY D 442 -26.85 -30.21 -23.90
CA GLY D 442 -25.99 -30.47 -25.03
C GLY D 442 -24.56 -30.05 -24.83
N GLU D 443 -24.29 -28.76 -24.72
CA GLU D 443 -22.89 -28.38 -24.70
C GLU D 443 -22.25 -28.48 -23.32
N GLY D 444 -22.96 -28.98 -22.32
CA GLY D 444 -22.31 -29.46 -21.12
C GLY D 444 -22.22 -28.48 -19.97
N PHE D 445 -23.22 -27.63 -19.80
CA PHE D 445 -23.31 -26.82 -18.59
C PHE D 445 -23.98 -27.56 -17.45
N VAL D 446 -24.42 -28.79 -17.69
CA VAL D 446 -25.10 -29.61 -16.70
C VAL D 446 -24.33 -30.89 -16.52
N MET D 447 -23.94 -31.19 -15.29
CA MET D 447 -23.35 -32.47 -14.95
C MET D 447 -24.33 -33.26 -14.10
N TRP D 448 -24.15 -34.58 -14.09
CA TRP D 448 -25.09 -35.44 -13.39
C TRP D 448 -24.41 -36.74 -13.01
N ARG D 449 -24.65 -37.19 -11.80
CA ARG D 449 -24.35 -38.59 -11.54
C ARG D 449 -25.46 -39.34 -10.82
N ASN D 450 -26.13 -38.69 -9.86
CA ASN D 450 -26.95 -39.42 -8.90
C ASN D 450 -28.41 -39.54 -9.37
N GLY D 451 -28.58 -40.02 -10.60
CA GLY D 451 -29.90 -40.24 -11.12
C GLY D 451 -30.55 -39.03 -11.75
N ARG D 452 -30.19 -37.82 -11.31
CA ARG D 452 -30.74 -36.60 -11.89
C ARG D 452 -30.14 -36.34 -13.26
N SER D 453 -30.43 -37.19 -14.24
CA SER D 453 -29.50 -37.35 -15.35
C SER D 453 -29.65 -36.24 -16.39
N ALA D 454 -30.77 -36.20 -17.10
CA ALA D 454 -30.86 -35.24 -18.18
C ALA D 454 -31.95 -34.20 -17.98
N THR D 455 -33.21 -34.61 -17.87
CA THR D 455 -34.28 -33.63 -17.99
C THR D 455 -34.52 -32.92 -16.67
N GLU D 456 -34.53 -33.67 -15.57
CA GLU D 456 -34.79 -33.08 -14.26
C GLU D 456 -33.65 -32.16 -13.81
N SER D 457 -32.42 -32.39 -14.29
CA SER D 457 -31.36 -31.44 -14.00
C SER D 457 -31.51 -30.15 -14.78
N GLY D 458 -32.00 -30.24 -16.02
CA GLY D 458 -32.37 -29.03 -16.73
C GLY D 458 -33.54 -28.32 -16.05
N GLU D 459 -34.46 -29.09 -15.50
CA GLU D 459 -35.59 -28.54 -14.78
C GLU D 459 -35.16 -27.79 -13.53
N ASP D 460 -34.26 -28.36 -12.73
CA ASP D 460 -33.92 -27.64 -11.52
C ASP D 460 -32.86 -26.57 -11.75
N CYS D 461 -32.07 -26.63 -12.85
CA CYS D 461 -31.28 -25.47 -13.22
C CYS D 461 -32.17 -24.31 -13.67
N PHE D 462 -33.22 -24.61 -14.44
CA PHE D 462 -34.13 -23.56 -14.89
C PHE D 462 -34.91 -22.98 -13.71
N SER D 463 -35.31 -23.83 -12.77
CA SER D 463 -36.00 -23.31 -11.59
C SER D 463 -35.05 -22.58 -10.66
N GLY D 464 -33.77 -22.96 -10.65
CA GLY D 464 -32.79 -22.19 -9.91
C GLY D 464 -32.57 -20.81 -10.50
N LEU D 465 -32.65 -20.68 -11.82
CA LEU D 465 -32.56 -19.34 -12.39
C LEU D 465 -33.82 -18.54 -12.18
N THR D 466 -35.00 -19.15 -12.29
CA THR D 466 -36.22 -18.39 -12.08
C THR D 466 -36.47 -18.09 -10.61
N ASN D 467 -35.84 -18.81 -9.69
CA ASN D 467 -35.98 -18.50 -8.28
C ASN D 467 -35.00 -17.42 -7.82
N ARG D 468 -34.07 -17.00 -8.65
CA ARG D 468 -33.24 -15.85 -8.35
C ARG D 468 -33.85 -14.55 -8.86
N CYS D 469 -35.06 -14.63 -9.41
CA CYS D 469 -35.74 -13.52 -10.11
C CYS D 469 -34.89 -12.96 -11.25
N LEU D 470 -34.15 -13.83 -11.94
CA LEU D 470 -33.45 -13.41 -13.15
C LEU D 470 -34.26 -13.66 -14.41
N ILE D 471 -34.87 -14.84 -14.51
CA ILE D 471 -35.72 -15.21 -15.64
C ILE D 471 -37.15 -15.24 -15.13
N GLU D 472 -38.04 -14.53 -15.80
CA GLU D 472 -39.44 -14.54 -15.43
C GLU D 472 -40.23 -15.36 -16.43
N VAL D 473 -41.34 -15.93 -15.95
CA VAL D 473 -42.14 -16.81 -16.79
C VAL D 473 -43.05 -15.97 -17.68
N VAL D 474 -43.64 -16.63 -18.68
CA VAL D 474 -44.59 -15.98 -19.57
C VAL D 474 -45.95 -16.65 -19.49
N ASP D 475 -46.02 -17.95 -19.77
CA ASP D 475 -47.25 -18.70 -19.63
C ASP D 475 -46.97 -20.04 -18.97
N LYS D 476 -48.00 -20.54 -18.29
CA LYS D 476 -47.89 -21.74 -17.47
C LYS D 476 -49.12 -22.58 -17.72
N THR D 477 -48.94 -23.89 -17.81
CA THR D 477 -50.05 -24.77 -18.15
C THR D 477 -50.92 -25.03 -16.93
N TYR D 478 -51.87 -25.96 -17.07
CA TYR D 478 -52.69 -26.36 -15.92
C TYR D 478 -51.85 -27.08 -14.88
N SER D 479 -50.80 -27.78 -15.31
CA SER D 479 -50.02 -28.64 -14.45
C SER D 479 -48.85 -27.91 -13.79
N GLY D 480 -48.84 -26.58 -13.85
CA GLY D 480 -47.80 -25.81 -13.22
C GLY D 480 -46.47 -25.78 -13.95
N THR D 481 -46.28 -26.58 -14.99
CA THR D 481 -45.02 -26.55 -15.69
C THR D 481 -44.94 -25.33 -16.59
N ILE D 482 -43.71 -24.93 -16.87
CA ILE D 482 -43.42 -23.69 -17.57
C ILE D 482 -42.95 -24.04 -18.96
N ILE D 483 -43.43 -23.30 -19.97
CA ILE D 483 -43.09 -23.57 -21.35
C ILE D 483 -42.32 -22.42 -22.00
N THR D 484 -42.67 -21.17 -21.69
CA THR D 484 -41.99 -20.03 -22.27
C THR D 484 -41.62 -19.01 -21.19
N CYS D 485 -40.47 -18.37 -21.38
CA CYS D 485 -39.93 -17.46 -20.39
C CYS D 485 -39.26 -16.29 -21.09
N LYS D 486 -39.10 -15.20 -20.36
CA LYS D 486 -38.43 -14.01 -20.89
C LYS D 486 -37.67 -13.36 -19.76
N ILE D 487 -36.88 -12.34 -20.11
CA ILE D 487 -36.07 -11.62 -19.13
C ILE D 487 -36.26 -10.13 -19.32
N HIS D 488 -36.04 -9.40 -18.23
CA HIS D 488 -36.03 -7.96 -18.28
C HIS D 488 -34.76 -7.49 -18.98
N ASP D 489 -34.86 -6.38 -19.71
CA ASP D 489 -33.79 -6.01 -20.62
C ASP D 489 -32.56 -5.45 -19.93
N MET D 490 -32.68 -4.96 -18.69
CA MET D 490 -31.50 -4.55 -17.95
C MET D 490 -30.66 -5.76 -17.56
N VAL D 491 -31.33 -6.86 -17.21
CA VAL D 491 -30.65 -8.14 -17.05
C VAL D 491 -30.04 -8.58 -18.37
N ARG D 492 -30.71 -8.27 -19.48
CA ARG D 492 -30.25 -8.74 -20.78
C ARG D 492 -28.96 -8.05 -21.19
N ASP D 493 -28.89 -6.73 -21.07
CA ASP D 493 -27.62 -6.11 -21.46
C ASP D 493 -26.56 -6.20 -20.37
N LEU D 494 -26.95 -6.50 -19.13
CA LEU D 494 -25.95 -6.97 -18.15
C LEU D 494 -25.27 -8.24 -18.63
N VAL D 495 -26.07 -9.22 -19.08
CA VAL D 495 -25.51 -10.48 -19.53
C VAL D 495 -24.75 -10.29 -20.85
N ILE D 496 -25.15 -9.32 -21.68
CA ILE D 496 -24.37 -8.98 -22.86
C ILE D 496 -23.01 -8.41 -22.48
N ASP D 497 -22.99 -7.48 -21.52
CA ASP D 497 -21.74 -6.87 -21.09
C ASP D 497 -20.82 -7.87 -20.39
N ILE D 498 -21.39 -8.89 -19.76
CA ILE D 498 -20.53 -9.95 -19.23
C ILE D 498 -20.08 -10.87 -20.36
N ALA D 499 -20.89 -11.01 -21.41
CA ALA D 499 -20.42 -11.70 -22.59
C ALA D 499 -19.47 -10.86 -23.44
N LYS D 500 -19.36 -9.56 -23.17
CA LYS D 500 -18.36 -8.70 -23.81
C LYS D 500 -16.96 -8.99 -23.27
N LYS D 501 -16.86 -9.73 -22.17
CA LYS D 501 -15.65 -10.37 -21.66
C LYS D 501 -15.33 -11.58 -22.52
N ASP D 502 -14.75 -12.61 -21.89
CA ASP D 502 -14.41 -13.91 -22.46
C ASP D 502 -15.38 -14.42 -23.54
N SER D 503 -14.84 -15.02 -24.60
CA SER D 503 -15.40 -14.88 -25.95
C SER D 503 -16.67 -15.69 -26.21
N PHE D 504 -17.41 -15.97 -25.14
CA PHE D 504 -18.75 -16.51 -25.14
C PHE D 504 -19.65 -15.93 -26.23
N SER D 505 -19.87 -14.62 -26.20
CA SER D 505 -20.70 -13.98 -27.23
C SER D 505 -20.19 -12.55 -27.44
N ASN D 506 -19.35 -12.38 -28.46
CA ASN D 506 -18.79 -11.14 -28.98
C ASN D 506 -19.71 -10.16 -29.69
N PRO D 507 -20.97 -10.50 -30.08
CA PRO D 507 -21.33 -10.57 -31.51
C PRO D 507 -21.07 -9.35 -32.38
N GLU D 508 -19.77 -9.11 -32.56
CA GLU D 508 -19.16 -8.39 -33.66
C GLU D 508 -17.69 -8.78 -33.62
N GLY D 509 -17.06 -8.78 -34.79
CA GLY D 509 -15.66 -9.15 -34.86
C GLY D 509 -15.41 -10.64 -34.95
N LEU D 510 -14.20 -11.06 -34.58
CA LEU D 510 -13.71 -12.40 -34.90
C LEU D 510 -14.03 -13.43 -33.82
N ASN D 511 -13.53 -13.22 -32.62
CA ASN D 511 -13.41 -14.30 -31.64
C ASN D 511 -14.75 -14.52 -30.96
N CYS D 512 -15.45 -15.58 -31.37
CA CYS D 512 -16.66 -16.03 -30.73
C CYS D 512 -16.55 -17.51 -30.40
N ARG D 513 -17.23 -17.91 -29.34
CA ARG D 513 -17.31 -19.31 -29.00
C ARG D 513 -18.61 -19.97 -29.44
N HIS D 514 -19.67 -19.18 -29.60
CA HIS D 514 -20.92 -19.65 -30.18
C HIS D 514 -21.73 -18.46 -30.65
N LEU D 515 -22.69 -18.74 -31.53
CA LEU D 515 -23.36 -17.71 -32.29
C LEU D 515 -24.85 -18.01 -32.37
N GLY D 516 -25.64 -16.95 -32.41
CA GLY D 516 -27.08 -17.08 -32.56
C GLY D 516 -27.56 -16.27 -33.74
N ILE D 517 -28.35 -16.92 -34.60
CA ILE D 517 -28.82 -16.31 -35.83
C ILE D 517 -30.22 -15.74 -35.60
N SER D 518 -30.44 -14.54 -36.09
CA SER D 518 -31.74 -13.88 -36.10
C SER D 518 -32.41 -14.16 -37.44
N GLY D 519 -33.46 -13.39 -37.77
CA GLY D 519 -34.23 -13.66 -38.97
C GLY D 519 -33.59 -13.11 -40.24
N ASN D 520 -33.78 -13.88 -41.32
CA ASN D 520 -33.52 -13.48 -42.71
C ASN D 520 -32.05 -13.13 -42.95
N PHE D 521 -31.19 -14.13 -42.75
CA PHE D 521 -29.78 -14.02 -43.11
C PHE D 521 -29.46 -14.76 -44.40
N ASP D 522 -30.39 -14.70 -45.36
CA ASP D 522 -30.12 -15.21 -46.70
C ASP D 522 -29.05 -14.40 -47.42
N GLU D 523 -28.89 -13.13 -47.07
CA GLU D 523 -28.06 -12.20 -47.82
C GLU D 523 -27.03 -11.44 -47.00
N LYS D 524 -27.06 -11.54 -45.67
CA LYS D 524 -26.24 -10.67 -44.85
C LYS D 524 -24.90 -11.26 -44.42
N GLN D 525 -24.72 -12.59 -44.61
CA GLN D 525 -23.41 -13.27 -44.56
C GLN D 525 -22.72 -13.10 -43.21
N ILE D 526 -23.30 -13.78 -42.21
CA ILE D 526 -22.72 -13.82 -40.88
C ILE D 526 -21.32 -14.42 -40.92
N LYS D 527 -20.36 -13.71 -40.31
CA LYS D 527 -19.01 -14.22 -40.15
C LYS D 527 -19.01 -15.42 -39.20
N VAL D 528 -18.24 -16.45 -39.57
CA VAL D 528 -18.16 -17.71 -38.82
C VAL D 528 -16.70 -18.12 -38.84
N ASN D 529 -16.06 -18.11 -37.68
CA ASN D 529 -14.71 -18.67 -37.58
C ASN D 529 -14.81 -20.13 -37.16
N HIS D 530 -13.67 -20.75 -36.89
CA HIS D 530 -13.62 -22.20 -36.70
C HIS D 530 -13.74 -22.60 -35.23
N LYS D 531 -14.08 -21.66 -34.35
CA LYS D 531 -14.21 -22.04 -32.94
C LYS D 531 -15.59 -22.62 -32.66
N LEU D 532 -16.63 -21.78 -32.70
CA LEU D 532 -18.07 -22.09 -32.80
C LEU D 532 -18.60 -23.30 -32.04
N ARG D 533 -18.57 -23.28 -30.71
CA ARG D 533 -19.09 -24.42 -29.95
C ARG D 533 -20.60 -24.58 -30.03
N GLY D 534 -21.34 -23.57 -30.49
CA GLY D 534 -22.78 -23.70 -30.64
C GLY D 534 -23.29 -22.77 -31.72
N VAL D 535 -24.39 -23.17 -32.34
CA VAL D 535 -25.10 -22.32 -33.30
C VAL D 535 -26.58 -22.45 -33.00
N VAL D 536 -27.18 -21.39 -32.48
CA VAL D 536 -28.60 -21.45 -32.15
C VAL D 536 -29.39 -20.53 -33.08
N SER D 537 -30.69 -20.76 -33.14
CA SER D 537 -31.59 -20.00 -34.00
C SER D 537 -32.62 -19.32 -33.11
N THR D 538 -32.55 -18.00 -33.03
CA THR D 538 -33.39 -17.22 -32.13
C THR D 538 -34.37 -16.42 -32.96
N THR D 539 -35.66 -16.75 -32.83
CA THR D 539 -36.72 -16.05 -33.54
C THR D 539 -37.66 -15.37 -32.56
N LYS D 540 -38.25 -14.28 -33.00
CA LYS D 540 -39.08 -13.45 -32.13
C LYS D 540 -40.56 -13.80 -32.34
N THR D 541 -40.89 -15.03 -31.91
CA THR D 541 -42.22 -15.66 -31.89
C THR D 541 -43.05 -15.41 -33.16
N GLY D 542 -42.57 -15.94 -34.27
CA GLY D 542 -43.35 -15.90 -35.49
C GLY D 542 -42.58 -15.74 -36.77
N GLU D 543 -41.35 -15.26 -36.71
CA GLU D 543 -40.55 -15.13 -37.92
C GLU D 543 -39.81 -16.42 -38.21
N VAL D 544 -39.35 -16.55 -39.44
CA VAL D 544 -38.61 -17.70 -39.91
C VAL D 544 -37.29 -17.21 -40.50
N ASN D 545 -36.19 -17.82 -40.06
CA ASN D 545 -34.86 -17.40 -40.49
C ASN D 545 -34.64 -17.84 -41.93
N LYS D 546 -34.75 -16.92 -42.86
CA LYS D 546 -34.51 -17.25 -44.27
C LYS D 546 -33.01 -17.45 -44.48
N LEU D 547 -32.62 -18.70 -44.73
CA LEU D 547 -31.21 -19.05 -44.87
C LEU D 547 -30.93 -19.61 -46.25
N ASN D 548 -29.71 -19.37 -46.70
CA ASN D 548 -29.20 -19.89 -47.97
C ASN D 548 -28.36 -21.13 -47.72
N SER D 549 -27.69 -21.60 -48.78
CA SER D 549 -27.02 -22.89 -48.70
C SER D 549 -25.61 -22.79 -48.15
N ASP D 550 -24.89 -21.71 -48.47
CA ASP D 550 -23.47 -21.63 -48.14
C ASP D 550 -23.21 -21.47 -46.65
N LEU D 551 -24.10 -20.78 -45.93
CA LEU D 551 -23.98 -20.71 -44.48
C LEU D 551 -24.15 -22.08 -43.84
N ALA D 552 -25.10 -22.85 -44.34
CA ALA D 552 -25.29 -24.19 -43.82
C ALA D 552 -24.19 -25.14 -44.24
N LYS D 553 -23.49 -24.84 -45.34
CA LYS D 553 -22.29 -25.60 -45.66
C LYS D 553 -21.14 -25.24 -44.72
N LYS D 554 -21.04 -23.96 -44.38
CA LYS D 554 -19.97 -23.52 -43.49
C LYS D 554 -20.24 -23.88 -42.03
N PHE D 555 -21.48 -24.24 -41.69
CA PHE D 555 -21.73 -24.81 -40.37
C PHE D 555 -21.03 -26.15 -40.19
N THR D 556 -20.95 -26.93 -41.27
CA THR D 556 -20.29 -28.23 -41.20
C THR D 556 -18.77 -28.13 -41.26
N ASP D 557 -18.22 -26.93 -41.43
CA ASP D 557 -16.77 -26.75 -41.41
C ASP D 557 -16.24 -26.57 -39.99
N CYS D 558 -17.10 -26.31 -39.02
CA CYS D 558 -16.68 -26.10 -37.64
C CYS D 558 -16.38 -27.45 -37.00
N LYS D 559 -15.11 -27.65 -36.63
CA LYS D 559 -14.69 -28.92 -36.05
C LYS D 559 -15.29 -29.13 -34.67
N TYR D 560 -15.39 -28.06 -33.88
CA TYR D 560 -15.78 -28.16 -32.48
C TYR D 560 -17.12 -27.48 -32.31
N LEU D 561 -18.19 -28.22 -32.55
CA LEU D 561 -19.55 -27.66 -32.58
C LEU D 561 -20.45 -28.66 -31.86
N ARG D 562 -20.88 -28.29 -30.66
CA ARG D 562 -21.63 -29.22 -29.82
C ARG D 562 -23.13 -29.00 -29.91
N VAL D 563 -23.58 -27.78 -30.16
CA VAL D 563 -24.99 -27.46 -30.22
C VAL D 563 -25.32 -26.94 -31.61
N LEU D 564 -26.20 -27.63 -32.30
CA LEU D 564 -26.70 -27.20 -33.60
C LEU D 564 -28.22 -27.37 -33.59
N ASP D 565 -28.94 -26.31 -33.28
CA ASP D 565 -30.39 -26.32 -33.31
C ASP D 565 -30.90 -25.28 -34.29
N ILE D 566 -31.72 -25.72 -35.23
CA ILE D 566 -32.24 -24.90 -36.32
C ILE D 566 -33.76 -24.98 -36.19
N SER D 567 -34.37 -23.94 -35.64
CA SER D 567 -35.76 -24.05 -35.21
C SER D 567 -36.76 -23.47 -36.20
N LYS D 568 -36.48 -22.33 -36.82
CA LYS D 568 -37.41 -21.73 -37.77
C LYS D 568 -36.59 -21.32 -38.98
N SER D 569 -36.40 -22.21 -39.93
CA SER D 569 -35.61 -21.86 -41.11
C SER D 569 -36.13 -22.54 -42.35
N ILE D 570 -36.04 -21.82 -43.46
CA ILE D 570 -36.37 -22.33 -44.78
C ILE D 570 -35.12 -22.29 -45.62
N PHE D 571 -34.72 -23.45 -46.15
CA PHE D 571 -33.50 -23.56 -46.92
C PHE D 571 -33.82 -23.67 -48.41
N ASP D 572 -32.76 -23.60 -49.22
CA ASP D 572 -32.91 -23.64 -50.66
C ASP D 572 -32.84 -25.04 -51.22
N ALA D 573 -31.98 -25.88 -50.69
CA ALA D 573 -31.78 -27.25 -51.14
C ALA D 573 -32.34 -28.17 -50.06
N PRO D 574 -32.62 -29.43 -50.39
CA PRO D 574 -32.95 -30.41 -49.35
C PRO D 574 -31.79 -30.64 -48.39
N LEU D 575 -32.13 -30.91 -47.14
CA LEU D 575 -31.14 -31.03 -46.08
C LEU D 575 -30.38 -32.35 -46.10
N SER D 576 -30.71 -33.26 -47.01
CA SER D 576 -29.96 -34.50 -47.12
C SER D 576 -28.57 -34.26 -47.68
N GLU D 577 -28.46 -33.43 -48.71
CA GLU D 577 -27.16 -33.11 -49.30
C GLU D 577 -26.53 -31.87 -48.68
N ILE D 578 -27.30 -31.06 -47.96
CA ILE D 578 -26.72 -29.91 -47.28
C ILE D 578 -25.85 -30.36 -46.11
N LEU D 579 -26.40 -31.22 -45.26
CA LEU D 579 -25.69 -31.73 -44.10
C LEU D 579 -25.06 -33.08 -44.40
N ASP D 580 -24.60 -33.29 -45.63
CA ASP D 580 -24.02 -34.57 -46.00
C ASP D 580 -22.66 -34.78 -45.35
N GLU D 581 -21.93 -33.71 -45.07
CA GLU D 581 -20.59 -33.81 -44.50
C GLU D 581 -20.58 -33.58 -42.98
N ILE D 582 -21.62 -34.04 -42.29
CA ILE D 582 -21.62 -34.04 -40.83
C ILE D 582 -20.79 -35.15 -40.24
N ALA D 583 -20.15 -35.97 -41.07
CA ALA D 583 -19.10 -36.86 -40.57
C ALA D 583 -17.91 -36.07 -40.06
N SER D 584 -17.67 -34.88 -40.65
CA SER D 584 -16.67 -33.98 -40.12
C SER D 584 -17.03 -33.48 -38.72
N LEU D 585 -18.32 -33.32 -38.45
CA LEU D 585 -18.78 -33.11 -37.09
C LEU D 585 -18.56 -34.38 -36.30
N GLN D 586 -17.84 -34.27 -35.19
CA GLN D 586 -17.56 -35.43 -34.37
C GLN D 586 -18.10 -35.30 -32.96
N HIS D 587 -17.87 -34.15 -32.33
CA HIS D 587 -18.36 -33.91 -30.97
C HIS D 587 -19.61 -33.04 -31.01
N LEU D 588 -20.63 -33.58 -31.65
CA LEU D 588 -21.94 -32.94 -31.72
C LEU D 588 -22.86 -33.60 -30.71
N ALA D 589 -23.54 -32.79 -29.90
CA ALA D 589 -24.35 -33.33 -28.82
C ALA D 589 -25.84 -33.22 -29.05
N CYS D 590 -26.33 -32.18 -29.71
CA CYS D 590 -27.76 -32.01 -29.88
C CYS D 590 -28.08 -31.57 -31.30
N LEU D 591 -29.26 -31.97 -31.76
CA LEU D 591 -29.83 -31.49 -33.01
C LEU D 591 -31.33 -31.35 -32.83
N SER D 592 -31.84 -30.12 -32.94
CA SER D 592 -33.28 -29.94 -33.01
C SER D 592 -33.54 -29.38 -34.40
N LEU D 593 -33.75 -30.28 -35.35
CA LEU D 593 -34.16 -29.89 -36.70
C LEU D 593 -35.67 -29.74 -36.80
N SER D 594 -36.24 -28.92 -35.91
CA SER D 594 -37.67 -28.68 -35.91
C SER D 594 -38.01 -27.61 -36.92
N ASN D 595 -39.15 -27.79 -37.59
CA ASN D 595 -39.82 -26.78 -38.43
C ASN D 595 -38.90 -26.22 -39.52
N THR D 596 -38.44 -27.12 -40.38
CA THR D 596 -37.68 -26.75 -41.57
C THR D 596 -38.38 -27.31 -42.80
N HIS D 597 -38.52 -26.48 -43.84
CA HIS D 597 -39.23 -26.92 -45.03
C HIS D 597 -38.54 -28.05 -45.80
N PRO D 598 -37.27 -27.91 -46.26
CA PRO D 598 -36.76 -28.92 -47.20
C PRO D 598 -36.33 -30.23 -46.54
N LEU D 599 -36.68 -30.46 -45.29
CA LEU D 599 -36.32 -31.69 -44.62
C LEU D 599 -37.29 -32.80 -45.01
N ILE D 600 -36.79 -33.81 -45.71
CA ILE D 600 -37.52 -35.04 -45.97
C ILE D 600 -36.77 -36.24 -45.39
N GLN D 601 -35.48 -36.35 -45.68
CA GLN D 601 -34.64 -37.40 -45.16
C GLN D 601 -33.37 -36.78 -44.60
N PHE D 602 -33.15 -36.93 -43.30
CA PHE D 602 -31.89 -36.51 -42.69
C PHE D 602 -30.75 -37.38 -43.22
N PRO D 603 -29.54 -36.81 -43.35
CA PRO D 603 -28.51 -37.46 -44.19
C PRO D 603 -28.00 -38.78 -43.65
N ARG D 604 -27.53 -39.61 -44.58
CA ARG D 604 -27.13 -40.97 -44.27
C ARG D 604 -25.67 -41.08 -43.86
N SER D 605 -25.01 -39.96 -43.55
CA SER D 605 -23.64 -40.00 -43.06
C SER D 605 -23.63 -39.93 -41.54
N MET D 606 -24.70 -40.43 -40.91
CA MET D 606 -24.90 -40.30 -39.48
C MET D 606 -24.50 -41.58 -38.73
N GLU D 607 -23.43 -42.22 -39.19
CA GLU D 607 -22.95 -43.43 -38.54
C GLU D 607 -21.83 -43.14 -37.55
N ASP D 608 -21.01 -42.13 -37.83
CA ASP D 608 -19.90 -41.80 -36.96
C ASP D 608 -20.26 -40.79 -35.88
N LEU D 609 -21.50 -40.29 -35.86
CA LEU D 609 -21.91 -39.47 -34.73
C LEU D 609 -22.15 -40.35 -33.52
N HIS D 610 -21.11 -40.62 -32.76
CA HIS D 610 -21.21 -41.55 -31.65
C HIS D 610 -21.51 -40.86 -30.33
N ASN D 611 -21.58 -39.54 -30.29
CA ASN D 611 -21.87 -38.88 -29.01
C ASN D 611 -23.36 -38.62 -28.88
N LEU D 612 -23.88 -37.66 -29.66
CA LEU D 612 -25.29 -37.41 -30.02
C LEU D 612 -26.26 -37.64 -28.85
N GLN D 613 -26.15 -36.77 -27.84
CA GLN D 613 -26.82 -37.03 -26.58
C GLN D 613 -28.34 -36.93 -26.70
N ILE D 614 -28.85 -35.95 -27.45
CA ILE D 614 -30.27 -35.90 -27.75
C ILE D 614 -30.43 -35.77 -29.26
N LEU D 615 -31.67 -35.95 -29.72
CA LEU D 615 -32.00 -35.83 -31.13
C LEU D 615 -33.45 -35.40 -31.21
N ASP D 616 -33.70 -34.18 -31.66
CA ASP D 616 -35.04 -33.62 -31.72
C ASP D 616 -35.40 -33.32 -33.16
N ALA D 617 -36.61 -33.68 -33.53
CA ALA D 617 -37.22 -33.22 -34.78
C ALA D 617 -38.73 -33.24 -34.52
N SER D 618 -39.27 -32.09 -34.15
CA SER D 618 -40.66 -31.97 -33.81
C SER D 618 -41.36 -31.07 -34.82
N TYR D 619 -42.63 -31.40 -35.08
CA TYR D 619 -43.53 -30.65 -35.95
C TYR D 619 -43.01 -30.53 -37.38
N CYS D 620 -42.21 -31.49 -37.84
CA CYS D 620 -41.80 -31.57 -39.23
C CYS D 620 -42.62 -32.67 -39.87
N GLN D 621 -43.58 -32.28 -40.70
CA GLN D 621 -44.64 -33.19 -41.12
C GLN D 621 -44.18 -34.17 -42.20
N ASN D 622 -43.02 -33.95 -42.80
CA ASN D 622 -42.51 -34.83 -43.85
C ASN D 622 -41.16 -35.42 -43.43
N LEU D 623 -41.24 -36.50 -42.66
CA LEU D 623 -40.07 -37.26 -42.20
C LEU D 623 -40.39 -38.73 -42.42
N LYS D 624 -40.11 -39.25 -43.61
CA LYS D 624 -40.60 -40.57 -43.97
C LYS D 624 -39.83 -41.68 -43.26
N GLN D 625 -38.53 -41.76 -43.49
CA GLN D 625 -37.72 -42.87 -42.99
C GLN D 625 -36.77 -42.35 -41.92
N LEU D 626 -36.78 -42.99 -40.76
CA LEU D 626 -35.68 -42.85 -39.82
C LEU D 626 -34.71 -43.99 -40.02
N GLN D 627 -33.44 -43.66 -40.15
CA GLN D 627 -32.38 -44.59 -40.53
C GLN D 627 -32.12 -45.58 -39.40
N PRO D 628 -31.56 -46.76 -39.72
CA PRO D 628 -31.21 -47.71 -38.66
C PRO D 628 -29.96 -47.36 -37.87
N CYS D 629 -29.34 -46.20 -38.12
CA CYS D 629 -28.16 -45.76 -37.39
C CYS D 629 -28.48 -45.03 -36.09
N ILE D 630 -29.75 -45.00 -35.69
CA ILE D 630 -30.15 -44.35 -34.44
C ILE D 630 -30.50 -45.51 -33.50
N VAL D 631 -29.78 -46.61 -33.67
CA VAL D 631 -29.88 -47.75 -32.77
C VAL D 631 -28.57 -47.98 -32.03
N LEU D 632 -27.46 -47.90 -32.74
CA LEU D 632 -26.22 -48.50 -32.26
C LEU D 632 -25.40 -47.61 -31.35
N PHE D 633 -25.67 -46.30 -31.29
CA PHE D 633 -24.74 -45.41 -30.61
C PHE D 633 -24.96 -45.33 -29.11
N LYS D 634 -26.07 -45.88 -28.61
CA LYS D 634 -26.37 -46.20 -27.21
C LYS D 634 -26.08 -45.12 -26.17
N LYS D 635 -25.99 -43.85 -26.58
CA LYS D 635 -25.74 -42.77 -25.63
C LYS D 635 -26.71 -41.62 -25.90
N LEU D 636 -27.98 -41.98 -26.01
CA LEU D 636 -29.03 -41.03 -26.31
C LEU D 636 -29.81 -40.72 -25.04
N LEU D 637 -30.32 -39.50 -24.96
CA LEU D 637 -31.13 -39.09 -23.83
C LEU D 637 -32.56 -38.73 -24.21
N VAL D 638 -32.75 -37.93 -25.26
CA VAL D 638 -34.06 -37.48 -25.68
C VAL D 638 -34.22 -37.78 -27.17
N LEU D 639 -35.29 -38.49 -27.53
CA LEU D 639 -35.71 -38.66 -28.91
C LEU D 639 -37.13 -38.14 -29.00
N ASP D 640 -37.34 -37.08 -29.78
CA ASP D 640 -38.53 -36.26 -29.67
C ASP D 640 -39.13 -36.01 -31.06
N MET D 641 -40.06 -36.86 -31.46
CA MET D 641 -40.85 -36.66 -32.67
C MET D 641 -42.31 -36.44 -32.25
N THR D 642 -42.67 -35.21 -31.92
CA THR D 642 -44.07 -34.90 -31.65
C THR D 642 -44.74 -34.41 -32.93
N ASN D 643 -45.91 -34.97 -33.22
CA ASN D 643 -46.82 -34.54 -34.27
C ASN D 643 -46.20 -34.61 -35.66
N CYS D 644 -45.18 -35.44 -35.86
CA CYS D 644 -44.64 -35.69 -37.19
C CYS D 644 -45.54 -36.72 -37.85
N GLY D 645 -46.44 -36.25 -38.73
CA GLY D 645 -47.48 -37.09 -39.29
C GLY D 645 -46.99 -38.18 -40.20
N SER D 646 -46.47 -37.80 -41.36
CA SER D 646 -46.00 -38.78 -42.35
C SER D 646 -44.67 -39.34 -41.86
N LEU D 647 -44.72 -40.50 -41.21
CA LEU D 647 -43.52 -41.09 -40.63
C LEU D 647 -43.75 -42.59 -40.50
N GLU D 648 -42.74 -43.38 -40.88
CA GLU D 648 -42.87 -44.85 -40.93
C GLU D 648 -42.49 -45.50 -39.62
N CYS D 649 -42.66 -44.73 -38.55
CA CYS D 649 -43.12 -45.06 -37.20
C CYS D 649 -42.16 -45.74 -36.25
N PHE D 650 -41.00 -46.30 -36.72
CA PHE D 650 -39.63 -46.29 -36.15
C PHE D 650 -38.69 -47.26 -36.85
N PRO D 651 -37.38 -47.19 -36.56
CA PRO D 651 -36.53 -48.37 -36.79
C PRO D 651 -36.74 -49.47 -35.74
N LYS D 652 -35.92 -50.50 -35.78
CA LYS D 652 -36.16 -51.73 -35.02
C LYS D 652 -35.64 -51.64 -33.58
N GLY D 653 -34.34 -51.41 -33.42
CA GLY D 653 -33.73 -51.52 -32.09
C GLY D 653 -33.86 -50.30 -31.21
N ILE D 654 -35.09 -49.88 -30.92
CA ILE D 654 -35.29 -48.75 -30.01
C ILE D 654 -34.97 -49.16 -28.58
N GLY D 655 -35.35 -50.37 -28.20
CA GLY D 655 -35.01 -50.90 -26.89
C GLY D 655 -33.57 -51.29 -26.71
N SER D 656 -32.74 -51.19 -27.75
CA SER D 656 -31.32 -51.51 -27.62
C SER D 656 -30.60 -50.46 -26.79
N LEU D 657 -30.71 -49.19 -27.17
CA LEU D 657 -30.20 -48.11 -26.34
C LEU D 657 -31.06 -47.95 -25.10
N VAL D 658 -30.42 -47.74 -23.96
CA VAL D 658 -31.10 -47.86 -22.69
C VAL D 658 -31.09 -46.56 -21.87
N LYS D 659 -30.17 -45.63 -22.13
CA LYS D 659 -29.97 -44.50 -21.25
C LYS D 659 -30.82 -43.29 -21.62
N LEU D 660 -31.97 -43.48 -22.27
CA LEU D 660 -32.76 -42.35 -22.69
C LEU D 660 -33.91 -42.11 -21.72
N GLU D 661 -34.35 -40.85 -21.65
CA GLU D 661 -35.36 -40.44 -20.69
C GLU D 661 -36.66 -39.98 -21.30
N VAL D 662 -36.63 -39.43 -22.51
CA VAL D 662 -37.82 -38.88 -23.14
C VAL D 662 -38.00 -39.55 -24.49
N LEU D 663 -39.19 -40.11 -24.70
CA LEU D 663 -39.53 -40.78 -25.96
C LEU D 663 -40.94 -40.34 -26.33
N LEU D 664 -41.05 -39.33 -27.19
CA LEU D 664 -42.33 -38.74 -27.53
C LEU D 664 -42.69 -39.06 -28.97
N GLY D 665 -43.95 -39.44 -29.18
CA GLY D 665 -44.42 -39.85 -30.49
C GLY D 665 -43.84 -41.18 -30.90
N PHE D 666 -44.25 -42.24 -30.20
CA PHE D 666 -43.63 -43.53 -30.41
C PHE D 666 -44.09 -44.18 -31.71
N LYS D 667 -45.42 -44.15 -31.97
CA LYS D 667 -46.10 -44.80 -33.10
C LYS D 667 -45.76 -46.29 -33.17
N PRO D 668 -46.31 -47.14 -32.30
CA PRO D 668 -45.93 -48.55 -32.30
C PRO D 668 -46.35 -49.26 -33.58
N ALA D 669 -45.40 -49.98 -34.16
CA ALA D 669 -45.50 -50.47 -35.53
C ALA D 669 -46.42 -51.67 -35.65
N ARG D 670 -46.52 -52.19 -36.86
CA ARG D 670 -47.32 -53.37 -37.16
C ARG D 670 -46.45 -54.61 -36.95
N SER D 671 -46.91 -55.75 -37.48
CA SER D 671 -46.25 -57.04 -37.22
C SER D 671 -44.83 -57.12 -37.79
N ASN D 672 -44.70 -57.13 -39.11
CA ASN D 672 -43.37 -57.16 -39.75
C ASN D 672 -42.94 -55.75 -40.12
N ASN D 673 -43.00 -54.84 -39.17
CA ASN D 673 -42.67 -53.44 -39.37
C ASN D 673 -42.03 -52.90 -38.11
N GLY D 674 -41.12 -51.93 -38.29
CA GLY D 674 -40.61 -51.03 -37.26
C GLY D 674 -40.22 -51.61 -35.92
N CYS D 675 -40.95 -51.24 -34.88
CA CYS D 675 -40.75 -51.82 -33.56
C CYS D 675 -42.07 -51.78 -32.81
N LYS D 676 -42.31 -52.79 -31.99
CA LYS D 676 -43.54 -52.93 -31.25
C LYS D 676 -43.40 -52.30 -29.87
N LEU D 677 -44.33 -52.60 -28.97
CA LEU D 677 -44.22 -52.13 -27.58
C LEU D 677 -43.50 -53.12 -26.68
N SER D 678 -42.90 -54.17 -27.24
CA SER D 678 -42.28 -55.20 -26.41
C SER D 678 -40.99 -54.69 -25.79
N GLU D 679 -40.19 -53.93 -26.54
CA GLU D 679 -38.91 -53.44 -26.06
C GLU D 679 -39.05 -52.25 -25.13
N VAL D 680 -40.26 -51.72 -24.95
CA VAL D 680 -40.48 -50.61 -24.03
C VAL D 680 -40.26 -51.08 -22.59
N LYS D 681 -40.47 -52.38 -22.32
CA LYS D 681 -40.07 -52.97 -21.05
C LYS D 681 -38.57 -52.90 -20.81
N ASN D 682 -37.77 -52.82 -21.87
CA ASN D 682 -36.32 -52.71 -21.71
C ASN D 682 -35.90 -51.31 -21.29
N LEU D 683 -36.74 -50.31 -21.52
CA LEU D 683 -36.34 -48.91 -21.34
C LEU D 683 -36.65 -48.47 -19.92
N THR D 684 -35.83 -48.96 -19.00
CA THR D 684 -36.11 -48.79 -17.57
C THR D 684 -35.75 -47.42 -17.03
N ASN D 685 -35.30 -46.48 -17.86
CA ASN D 685 -34.88 -45.18 -17.38
C ASN D 685 -35.78 -44.03 -17.80
N LEU D 686 -36.76 -44.26 -18.66
CA LEU D 686 -37.49 -43.12 -19.17
C LEU D 686 -38.55 -42.66 -18.18
N ARG D 687 -38.91 -41.39 -18.29
CA ARG D 687 -39.88 -40.77 -17.41
C ARG D 687 -40.93 -39.95 -18.11
N LYS D 688 -40.74 -39.62 -19.38
CA LYS D 688 -41.79 -39.05 -20.21
C LYS D 688 -41.95 -39.92 -21.44
N LEU D 689 -43.19 -40.20 -21.80
CA LEU D 689 -43.47 -41.15 -22.87
C LEU D 689 -44.68 -40.67 -23.64
N GLY D 690 -44.58 -40.67 -24.96
CA GLY D 690 -45.65 -40.18 -25.81
C GLY D 690 -46.11 -41.18 -26.84
N LEU D 691 -47.36 -41.62 -26.74
CA LEU D 691 -47.93 -42.56 -27.68
C LEU D 691 -48.85 -41.86 -28.66
N SER D 692 -48.88 -42.38 -29.88
CA SER D 692 -49.85 -41.93 -30.87
C SER D 692 -50.28 -43.14 -31.69
N LEU D 693 -51.60 -43.33 -31.79
CA LEU D 693 -52.16 -44.56 -32.29
C LEU D 693 -53.02 -44.28 -33.52
N THR D 694 -52.97 -45.19 -34.49
CA THR D 694 -53.66 -44.99 -35.76
C THR D 694 -54.75 -46.01 -36.03
N ARG D 695 -54.46 -47.30 -35.84
CA ARG D 695 -55.47 -48.32 -36.05
C ARG D 695 -55.19 -49.49 -35.13
N GLY D 696 -55.89 -50.61 -35.35
CA GLY D 696 -55.95 -51.65 -34.35
C GLY D 696 -54.67 -52.47 -34.24
N ASP D 697 -54.01 -52.73 -35.37
CA ASP D 697 -52.83 -53.59 -35.37
C ASP D 697 -51.55 -52.85 -35.00
N GLN D 698 -51.65 -51.63 -34.47
CA GLN D 698 -50.49 -50.93 -33.94
C GLN D 698 -49.94 -51.61 -32.71
N ILE D 699 -50.78 -52.29 -31.93
CA ILE D 699 -50.37 -52.92 -30.68
C ILE D 699 -50.73 -54.39 -30.74
N GLU D 700 -50.08 -55.17 -29.88
CA GLU D 700 -50.15 -56.61 -29.86
C GLU D 700 -50.72 -57.07 -28.52
N GLU D 701 -51.30 -58.27 -28.51
CA GLU D 701 -52.04 -58.77 -27.35
C GLU D 701 -51.16 -58.93 -26.12
N GLU D 702 -50.15 -59.79 -26.18
CA GLU D 702 -49.35 -60.02 -24.98
C GLU D 702 -48.37 -58.88 -24.68
N GLU D 703 -48.31 -57.84 -25.51
CA GLU D 703 -47.62 -56.61 -25.18
C GLU D 703 -48.49 -55.62 -24.43
N LEU D 704 -49.76 -55.95 -24.18
CA LEU D 704 -50.66 -55.00 -23.53
C LEU D 704 -50.35 -54.77 -22.06
N ASP D 705 -49.47 -55.57 -21.46
CA ASP D 705 -48.94 -55.30 -20.13
C ASP D 705 -47.54 -54.72 -20.20
N SER D 706 -47.22 -53.99 -21.26
CA SER D 706 -45.87 -53.47 -21.45
C SER D 706 -45.58 -52.22 -20.65
N LEU D 707 -46.54 -51.71 -19.88
CA LEU D 707 -46.38 -50.44 -19.19
C LEU D 707 -46.61 -50.59 -17.70
N ILE D 708 -46.14 -51.68 -17.10
CA ILE D 708 -46.25 -51.90 -15.68
C ILE D 708 -44.89 -51.97 -15.00
N ASN D 709 -43.84 -52.18 -15.78
CA ASN D 709 -42.52 -52.33 -15.21
C ASN D 709 -41.65 -51.10 -15.37
N LEU D 710 -42.22 -50.01 -15.88
CA LEU D 710 -41.49 -48.75 -15.97
C LEU D 710 -41.49 -48.11 -14.59
N SER D 711 -40.38 -48.28 -13.88
CA SER D 711 -40.33 -47.88 -12.47
C SER D 711 -40.26 -46.38 -12.32
N LYS D 712 -39.50 -45.69 -13.18
CA LYS D 712 -39.23 -44.28 -13.02
C LYS D 712 -40.08 -43.41 -13.93
N LEU D 713 -41.22 -43.93 -14.39
CA LEU D 713 -42.07 -43.19 -15.32
C LEU D 713 -42.89 -42.14 -14.59
N MET D 714 -43.05 -40.99 -15.23
CA MET D 714 -43.80 -39.88 -14.63
C MET D 714 -45.01 -39.45 -15.43
N SER D 715 -44.94 -39.44 -16.76
CA SER D 715 -46.01 -38.85 -17.55
C SER D 715 -46.23 -39.66 -18.84
N ILE D 716 -47.49 -39.66 -19.28
CA ILE D 716 -47.93 -40.37 -20.49
C ILE D 716 -48.79 -39.43 -21.30
N SER D 717 -48.52 -39.31 -22.59
CA SER D 717 -49.40 -38.60 -23.50
C SER D 717 -49.83 -39.53 -24.60
N ILE D 718 -51.15 -39.63 -24.83
CA ILE D 718 -51.72 -40.53 -25.81
C ILE D 718 -52.41 -39.69 -26.87
N ASN D 719 -52.02 -39.86 -28.13
CA ASN D 719 -52.49 -39.06 -29.24
C ASN D 719 -53.21 -39.95 -30.24
N CYS D 720 -54.49 -40.22 -29.98
CA CYS D 720 -55.27 -41.06 -30.89
C CYS D 720 -56.00 -40.19 -31.92
N TYR D 721 -55.21 -39.41 -32.66
CA TYR D 721 -55.76 -38.43 -33.58
C TYR D 721 -56.36 -39.07 -34.83
N ASP D 722 -55.55 -39.79 -35.59
CA ASP D 722 -56.01 -40.40 -36.83
C ASP D 722 -56.39 -41.85 -36.53
N SER D 723 -57.38 -42.01 -35.67
CA SER D 723 -57.87 -43.33 -35.30
C SER D 723 -58.82 -43.85 -36.37
N TYR D 724 -58.92 -45.16 -36.48
CA TYR D 724 -59.68 -45.79 -37.55
C TYR D 724 -60.90 -46.57 -37.05
N GLY D 725 -60.70 -47.58 -36.20
CA GLY D 725 -61.74 -48.54 -35.94
C GLY D 725 -61.94 -48.79 -34.45
N ASP D 726 -63.02 -49.50 -34.14
CA ASP D 726 -63.36 -49.83 -32.77
C ASP D 726 -62.44 -50.90 -32.17
N ASP D 727 -61.68 -51.61 -33.01
CA ASP D 727 -60.68 -52.54 -32.52
C ASP D 727 -59.60 -51.82 -31.72
N LEU D 728 -59.22 -50.61 -32.15
CA LEU D 728 -58.32 -49.78 -31.38
C LEU D 728 -58.91 -49.42 -30.02
N ILE D 729 -60.21 -49.15 -29.98
CA ILE D 729 -60.86 -48.79 -28.72
C ILE D 729 -60.90 -49.98 -27.79
N THR D 730 -61.13 -51.19 -28.32
CA THR D 730 -61.12 -52.37 -27.48
C THR D 730 -59.72 -52.75 -27.04
N LYS D 731 -58.71 -52.49 -27.85
CA LYS D 731 -57.35 -52.88 -27.50
C LYS D 731 -56.62 -51.83 -26.67
N ILE D 732 -57.12 -50.60 -26.59
CA ILE D 732 -56.53 -49.63 -25.68
C ILE D 732 -56.74 -50.05 -24.23
N ASP D 733 -57.94 -50.57 -23.92
CA ASP D 733 -58.40 -50.74 -22.54
C ASP D 733 -57.61 -51.74 -21.70
N ALA D 734 -56.60 -52.40 -22.27
CA ALA D 734 -55.72 -53.27 -21.51
C ALA D 734 -54.36 -52.63 -21.23
N LEU D 735 -54.07 -51.47 -21.83
CA LEU D 735 -52.83 -50.75 -21.56
C LEU D 735 -52.95 -50.12 -20.18
N THR D 736 -52.31 -50.73 -19.19
CA THR D 736 -52.35 -50.22 -17.83
C THR D 736 -51.08 -49.45 -17.52
N PRO D 737 -51.18 -48.19 -17.12
CA PRO D 737 -50.02 -47.43 -16.67
C PRO D 737 -49.51 -47.94 -15.34
N PRO D 738 -48.31 -47.55 -14.91
CA PRO D 738 -47.84 -47.98 -13.59
C PRO D 738 -48.63 -47.30 -12.48
N HIS D 739 -48.46 -47.83 -11.27
CA HIS D 739 -49.19 -47.28 -10.12
C HIS D 739 -48.64 -45.91 -9.72
N GLN D 740 -47.39 -45.62 -10.06
CA GLN D 740 -46.90 -44.25 -10.00
C GLN D 740 -47.09 -43.62 -11.38
N LEU D 741 -47.75 -42.46 -11.39
CA LEU D 741 -48.04 -41.75 -12.62
C LEU D 741 -48.43 -40.35 -12.20
N HIS D 742 -47.76 -39.34 -12.73
CA HIS D 742 -48.00 -37.99 -12.26
C HIS D 742 -48.94 -37.20 -13.15
N GLU D 743 -48.80 -37.34 -14.47
CA GLU D 743 -49.66 -36.65 -15.43
C GLU D 743 -50.01 -37.61 -16.54
N LEU D 744 -51.28 -37.62 -16.95
CA LEU D 744 -51.60 -38.24 -18.22
C LEU D 744 -52.48 -37.31 -19.03
N SER D 745 -52.30 -37.37 -20.35
CA SER D 745 -53.04 -36.53 -21.28
C SER D 745 -53.43 -37.39 -22.48
N LEU D 746 -54.58 -38.03 -22.40
CA LEU D 746 -55.23 -38.58 -23.58
C LEU D 746 -55.97 -37.45 -24.26
N GLN D 747 -55.82 -37.32 -25.57
CA GLN D 747 -56.23 -36.09 -26.22
C GLN D 747 -57.06 -36.24 -27.49
N PHE D 748 -57.17 -37.41 -28.08
CA PHE D 748 -58.19 -37.45 -29.12
C PHE D 748 -59.16 -38.62 -28.99
N TYR D 749 -58.70 -39.80 -28.52
CA TYR D 749 -59.44 -40.86 -27.83
C TYR D 749 -60.82 -41.18 -28.41
N PRO D 750 -60.90 -41.99 -29.48
CA PRO D 750 -62.18 -42.18 -30.16
C PRO D 750 -63.22 -42.96 -29.35
N GLY D 751 -62.88 -43.52 -28.20
CA GLY D 751 -63.83 -44.29 -27.43
C GLY D 751 -64.91 -43.42 -26.82
N LYS D 752 -66.00 -44.09 -26.41
CA LYS D 752 -67.15 -43.38 -25.85
C LYS D 752 -67.21 -43.44 -24.33
N SER D 753 -66.73 -44.51 -23.73
CA SER D 753 -66.66 -44.62 -22.28
C SER D 753 -65.25 -44.30 -21.82
N SER D 754 -65.04 -44.40 -20.50
CA SER D 754 -63.71 -44.28 -19.96
C SER D 754 -62.88 -45.51 -20.33
N PRO D 755 -61.55 -45.40 -20.35
CA PRO D 755 -60.72 -46.53 -20.78
C PRO D 755 -60.63 -47.72 -19.83
N SER D 756 -61.43 -47.73 -18.77
CA SER D 756 -61.62 -48.81 -17.79
C SER D 756 -60.39 -49.09 -16.93
N TRP D 757 -59.32 -48.30 -17.03
CA TRP D 757 -58.33 -48.26 -15.97
C TRP D 757 -58.33 -46.96 -15.22
N LEU D 758 -59.06 -45.96 -15.70
CA LEU D 758 -59.08 -44.62 -15.10
C LEU D 758 -59.83 -44.71 -13.78
N SER D 759 -59.11 -45.10 -12.75
CA SER D 759 -59.66 -45.40 -11.44
C SER D 759 -58.56 -45.16 -10.42
N PRO D 760 -58.91 -44.77 -9.19
CA PRO D 760 -57.89 -44.67 -8.14
C PRO D 760 -57.29 -46.01 -7.74
N HIS D 761 -57.91 -47.13 -8.11
CA HIS D 761 -57.33 -48.43 -7.81
C HIS D 761 -56.15 -48.74 -8.72
N LYS D 762 -56.25 -48.38 -9.99
CA LYS D 762 -55.20 -48.72 -10.94
C LYS D 762 -54.05 -47.72 -10.92
N LEU D 763 -54.31 -46.49 -10.50
CA LEU D 763 -53.28 -45.47 -10.40
C LEU D 763 -53.63 -44.53 -9.26
N PRO D 764 -53.07 -44.74 -8.09
CA PRO D 764 -53.49 -43.96 -6.92
C PRO D 764 -52.89 -42.57 -6.88
N MET D 765 -51.65 -42.45 -7.34
CA MET D 765 -50.85 -41.24 -7.15
C MET D 765 -50.96 -40.26 -8.30
N LEU D 766 -52.08 -40.26 -9.03
CA LEU D 766 -52.27 -39.30 -10.10
C LEU D 766 -52.60 -37.94 -9.52
N ARG D 767 -51.87 -36.92 -9.95
CA ARG D 767 -52.09 -35.56 -9.47
C ARG D 767 -52.66 -34.63 -10.52
N TYR D 768 -52.16 -34.69 -11.75
CA TYR D 768 -52.58 -33.81 -12.82
C TYR D 768 -53.10 -34.64 -13.98
N MET D 769 -54.07 -34.10 -14.69
CA MET D 769 -54.77 -34.86 -15.72
C MET D 769 -55.49 -33.91 -16.66
N SER D 770 -55.37 -34.16 -17.97
CA SER D 770 -56.10 -33.37 -18.94
C SER D 770 -56.74 -34.29 -19.97
N ILE D 771 -57.93 -33.91 -20.42
CA ILE D 771 -58.61 -34.58 -21.52
C ILE D 771 -58.96 -33.53 -22.55
N CYS D 772 -58.33 -33.61 -23.72
CA CYS D 772 -58.64 -32.77 -24.87
C CYS D 772 -59.80 -33.40 -25.64
N SER D 773 -59.94 -33.06 -26.92
CA SER D 773 -61.00 -33.53 -27.82
C SER D 773 -61.24 -35.03 -27.77
N GLY D 774 -62.46 -35.46 -28.08
CA GLY D 774 -62.74 -36.88 -27.99
C GLY D 774 -64.19 -37.17 -28.30
N ASN D 775 -64.45 -38.46 -28.55
CA ASN D 775 -65.78 -38.99 -28.72
C ASN D 775 -66.33 -39.56 -27.42
N LEU D 776 -65.83 -39.07 -26.29
CA LEU D 776 -66.14 -39.67 -25.00
C LEU D 776 -67.51 -39.18 -24.56
N VAL D 777 -68.36 -40.11 -24.11
CA VAL D 777 -69.74 -39.79 -23.79
C VAL D 777 -69.92 -39.70 -22.28
N LYS D 778 -69.55 -40.76 -21.56
CA LYS D 778 -69.70 -40.77 -20.12
C LYS D 778 -68.59 -41.59 -19.50
N MET D 779 -68.45 -41.46 -18.20
CA MET D 779 -67.45 -42.20 -17.44
C MET D 779 -68.09 -43.45 -16.83
N GLN D 780 -67.30 -44.51 -16.77
CA GLN D 780 -67.78 -45.76 -16.20
C GLN D 780 -67.82 -45.66 -14.68
N GLU D 781 -68.41 -46.68 -14.07
CA GLU D 781 -68.47 -46.81 -12.61
C GLU D 781 -67.13 -47.00 -11.90
N PRO D 782 -66.10 -47.66 -12.45
CA PRO D 782 -64.78 -47.59 -11.80
C PRO D 782 -64.15 -46.20 -11.76
N PHE D 783 -64.61 -45.25 -12.58
CA PHE D 783 -64.04 -43.92 -12.55
C PHE D 783 -64.37 -43.17 -11.28
N TRP D 784 -65.47 -43.52 -10.61
CA TRP D 784 -65.78 -42.86 -9.35
C TRP D 784 -65.15 -43.59 -8.17
N GLY D 785 -65.55 -44.84 -7.96
CA GLY D 785 -64.94 -45.74 -6.99
C GLY D 785 -64.90 -45.24 -5.56
N ASN D 786 -66.01 -44.68 -5.07
CA ASN D 786 -66.01 -43.84 -3.89
C ASN D 786 -66.42 -44.57 -2.63
N GLU D 787 -66.07 -45.85 -2.48
CA GLU D 787 -66.38 -46.53 -1.23
C GLU D 787 -65.46 -46.05 -0.11
N ASN D 788 -64.14 -46.11 -0.33
CA ASN D 788 -63.17 -45.44 0.52
C ASN D 788 -62.06 -44.77 -0.27
N THR D 789 -61.77 -45.19 -1.50
CA THR D 789 -60.68 -44.65 -2.28
C THR D 789 -61.11 -43.38 -2.99
N HIS D 790 -60.15 -42.47 -3.15
CA HIS D 790 -60.36 -41.22 -3.86
C HIS D 790 -59.18 -40.96 -4.75
N TRP D 791 -59.27 -39.91 -5.56
CA TRP D 791 -58.29 -39.68 -6.60
C TRP D 791 -56.98 -39.14 -6.06
N ARG D 792 -57.06 -38.23 -5.07
CA ARG D 792 -55.95 -37.35 -4.68
C ARG D 792 -55.37 -36.63 -5.90
N ILE D 793 -56.27 -36.15 -6.74
CA ILE D 793 -55.92 -35.46 -7.97
C ILE D 793 -56.04 -33.97 -7.68
N GLU D 794 -55.30 -33.17 -8.44
CA GLU D 794 -55.24 -31.77 -8.04
C GLU D 794 -55.54 -30.81 -9.18
N GLY D 795 -55.11 -31.10 -10.40
CA GLY D 795 -55.38 -30.26 -11.55
C GLY D 795 -56.07 -31.06 -12.64
N LEU D 796 -57.15 -30.50 -13.18
CA LEU D 796 -57.97 -31.21 -14.15
C LEU D 796 -58.33 -30.28 -15.28
N MET D 797 -58.28 -30.80 -16.51
CA MET D 797 -58.58 -30.01 -17.70
C MET D 797 -59.44 -30.81 -18.64
N LEU D 798 -60.53 -30.19 -19.11
CA LEU D 798 -61.46 -30.81 -20.05
C LEU D 798 -61.60 -29.83 -21.22
N SER D 799 -60.87 -30.07 -22.32
CA SER D 799 -60.71 -29.00 -23.30
C SER D 799 -61.90 -28.88 -24.23
N SER D 800 -62.12 -29.84 -25.11
CA SER D 800 -63.16 -29.69 -26.12
C SER D 800 -63.95 -30.98 -26.23
N LEU D 801 -64.97 -31.12 -25.38
CA LEU D 801 -65.78 -32.33 -25.34
C LEU D 801 -67.23 -31.97 -25.53
N SER D 802 -67.82 -32.44 -26.63
CA SER D 802 -69.21 -32.16 -26.93
C SER D 802 -70.14 -33.32 -26.62
N ASP D 803 -69.63 -34.41 -26.04
CA ASP D 803 -70.45 -35.54 -25.67
C ASP D 803 -70.30 -35.92 -24.20
N LEU D 804 -69.40 -35.27 -23.46
CA LEU D 804 -69.09 -35.65 -22.09
C LEU D 804 -70.07 -35.04 -21.11
N ASP D 805 -70.70 -35.91 -20.30
CA ASP D 805 -71.69 -35.48 -19.33
C ASP D 805 -71.35 -36.06 -17.96
N MET D 806 -71.23 -35.18 -16.96
CA MET D 806 -71.08 -35.57 -15.57
C MET D 806 -71.53 -34.42 -14.69
N ASP D 807 -71.49 -34.65 -13.38
CA ASP D 807 -71.94 -33.66 -12.41
C ASP D 807 -70.76 -32.91 -11.81
N TRP D 808 -71.08 -32.04 -10.85
CA TRP D 808 -70.10 -31.20 -10.18
C TRP D 808 -69.88 -31.57 -8.73
N GLU D 809 -70.96 -31.71 -7.96
CA GLU D 809 -70.82 -32.15 -6.57
C GLU D 809 -70.42 -33.61 -6.48
N VAL D 810 -70.68 -34.40 -7.51
CA VAL D 810 -70.19 -35.78 -7.54
C VAL D 810 -68.68 -35.79 -7.73
N LEU D 811 -68.16 -34.85 -8.54
CA LEU D 811 -66.72 -34.67 -8.62
C LEU D 811 -66.14 -34.18 -7.31
N GLN D 812 -66.82 -33.23 -6.65
CA GLN D 812 -66.30 -32.69 -5.40
C GLN D 812 -66.38 -33.68 -4.25
N GLN D 813 -67.25 -34.69 -4.33
CA GLN D 813 -67.20 -35.76 -3.35
C GLN D 813 -66.38 -36.94 -3.83
N SER D 814 -65.91 -36.95 -5.07
CA SER D 814 -65.01 -37.98 -5.54
C SER D 814 -63.57 -37.51 -5.67
N MET D 815 -63.33 -36.20 -5.76
CA MET D 815 -62.00 -35.63 -5.86
C MET D 815 -61.84 -34.60 -4.75
N PRO D 816 -61.44 -35.02 -3.55
CA PRO D 816 -61.40 -34.07 -2.42
C PRO D 816 -60.23 -33.11 -2.46
N TYR D 817 -59.29 -33.24 -3.38
CA TYR D 817 -58.05 -32.48 -3.33
C TYR D 817 -57.88 -31.61 -4.57
N LEU D 818 -58.97 -31.20 -5.20
CA LEU D 818 -58.87 -30.33 -6.35
C LEU D 818 -58.48 -28.92 -5.94
N ARG D 819 -57.78 -28.23 -6.85
CA ARG D 819 -57.54 -26.80 -6.73
C ARG D 819 -58.19 -26.04 -7.87
N THR D 820 -57.89 -26.39 -9.11
CA THR D 820 -58.42 -25.73 -10.30
C THR D 820 -58.90 -26.77 -11.29
N VAL D 821 -60.02 -26.47 -11.94
CA VAL D 821 -60.56 -27.28 -13.02
C VAL D 821 -60.79 -26.35 -14.21
N THR D 822 -59.98 -26.52 -15.25
CA THR D 822 -60.03 -25.62 -16.41
C THR D 822 -60.74 -26.33 -17.56
N ALA D 823 -62.01 -25.99 -17.76
CA ALA D 823 -62.78 -26.49 -18.89
C ALA D 823 -63.25 -25.31 -19.72
N ASN D 824 -63.13 -25.41 -21.04
CA ASN D 824 -63.44 -24.27 -21.89
C ASN D 824 -64.28 -24.56 -23.13
N TRP D 825 -64.46 -25.80 -23.54
CA TRP D 825 -65.44 -26.11 -24.60
C TRP D 825 -66.17 -27.39 -24.22
N CYS D 826 -67.25 -27.24 -23.47
CA CYS D 826 -68.13 -28.35 -23.10
C CYS D 826 -69.54 -27.81 -23.05
N PRO D 827 -70.25 -27.84 -24.17
CA PRO D 827 -71.54 -27.15 -24.28
C PRO D 827 -72.71 -27.85 -23.60
N GLU D 828 -72.45 -28.83 -22.73
CA GLU D 828 -73.47 -29.77 -22.32
C GLU D 828 -73.50 -30.07 -20.83
N LEU D 829 -72.60 -29.50 -20.05
CA LEU D 829 -72.65 -29.74 -18.60
C LEU D 829 -73.62 -28.78 -17.93
N GLU D 830 -73.31 -27.48 -17.98
CA GLU D 830 -74.06 -26.38 -17.36
C GLU D 830 -74.37 -26.64 -15.89
N SER D 831 -73.44 -27.27 -15.19
CA SER D 831 -73.59 -27.55 -13.78
C SER D 831 -72.35 -27.18 -13.00
N PHE D 832 -71.29 -26.72 -13.65
CA PHE D 832 -70.07 -26.44 -12.94
C PHE D 832 -70.10 -25.03 -12.37
N ALA D 833 -69.13 -24.76 -11.50
CA ALA D 833 -69.07 -23.48 -10.81
C ALA D 833 -68.43 -22.38 -11.65
N ILE D 834 -67.84 -22.71 -12.80
CA ILE D 834 -67.22 -21.69 -13.63
C ILE D 834 -68.28 -20.90 -14.37
N GLU D 835 -67.84 -19.80 -15.00
CA GLU D 835 -68.77 -18.81 -15.54
C GLU D 835 -69.53 -19.36 -16.75
N ASP D 836 -68.85 -20.08 -17.63
CA ASP D 836 -69.53 -20.87 -18.65
C ASP D 836 -68.66 -22.07 -19.01
N VAL D 837 -69.20 -23.26 -18.83
CA VAL D 837 -68.50 -24.48 -19.24
C VAL D 837 -68.64 -24.71 -20.73
N GLY D 838 -69.45 -23.90 -21.40
CA GLY D 838 -69.73 -24.09 -22.80
C GLY D 838 -68.71 -23.33 -23.61
N PHE D 839 -69.06 -22.15 -24.08
CA PHE D 839 -68.28 -21.50 -25.13
C PHE D 839 -66.95 -20.97 -24.62
N ARG D 840 -66.96 -20.16 -23.58
CA ARG D 840 -65.72 -19.68 -23.01
C ARG D 840 -65.26 -20.63 -21.91
N GLY D 841 -64.27 -20.21 -21.12
CA GLY D 841 -63.73 -21.07 -20.10
C GLY D 841 -63.43 -20.30 -18.83
N GLY D 842 -63.45 -21.04 -17.73
CA GLY D 842 -63.03 -20.52 -16.44
C GLY D 842 -62.03 -21.47 -15.82
N VAL D 843 -61.61 -21.19 -14.59
CA VAL D 843 -60.60 -22.03 -13.94
C VAL D 843 -61.08 -22.64 -12.63
N TRP D 844 -62.07 -22.05 -11.96
CA TRP D 844 -62.53 -22.42 -10.62
C TRP D 844 -61.35 -22.49 -9.64
N MET D 845 -60.78 -21.32 -9.40
CA MET D 845 -59.73 -21.21 -8.39
C MET D 845 -60.37 -21.12 -7.02
N LYS D 846 -60.45 -22.25 -6.32
CA LYS D 846 -61.13 -22.30 -5.05
C LYS D 846 -60.25 -21.71 -3.95
N THR D 847 -60.81 -21.59 -2.75
CA THR D 847 -60.10 -21.03 -1.62
C THR D 847 -59.10 -22.01 -1.05
N THR E 23 31.33 -9.54 -27.52
CA THR E 23 31.93 -9.00 -26.30
C THR E 23 32.27 -7.53 -26.47
N VAL E 24 32.33 -7.09 -27.72
CA VAL E 24 32.65 -5.69 -28.02
C VAL E 24 31.43 -4.94 -28.54
N SER E 25 30.57 -5.61 -29.30
CA SER E 25 29.41 -4.95 -29.89
C SER E 25 28.35 -4.61 -28.85
N ASP E 26 28.33 -5.32 -27.74
CA ASP E 26 27.36 -5.10 -26.67
C ASP E 26 27.86 -4.15 -25.60
N TYR E 27 29.03 -3.51 -25.83
CA TYR E 27 29.68 -2.69 -24.81
C TYR E 27 28.83 -1.51 -24.38
N ARG E 28 28.03 -0.95 -25.29
CA ARG E 28 27.10 0.09 -24.86
C ARG E 28 25.98 -0.51 -24.02
N LYS E 29 25.45 -1.66 -24.45
CA LYS E 29 24.32 -2.28 -23.77
C LYS E 29 24.72 -2.74 -22.38
N GLN E 30 25.85 -3.45 -22.30
CA GLN E 30 26.37 -3.87 -21.03
C GLN E 30 26.93 -2.71 -20.21
N LEU E 31 27.09 -1.53 -20.82
CA LEU E 31 27.22 -0.32 -20.03
C LEU E 31 25.90 0.02 -19.36
N GLU E 32 24.86 0.21 -20.16
CA GLU E 32 23.72 1.01 -19.72
C GLU E 32 22.85 0.32 -18.69
N ASP E 33 22.78 -1.02 -18.73
CA ASP E 33 22.09 -1.77 -17.68
C ASP E 33 22.73 -1.55 -16.32
N LEU E 34 24.06 -1.45 -16.28
CA LEU E 34 24.75 -1.04 -15.06
C LEU E 34 24.32 0.36 -14.65
N GLN E 35 24.21 1.27 -15.61
CA GLN E 35 23.68 2.60 -15.34
C GLN E 35 22.23 2.55 -14.91
N SER E 36 21.49 1.50 -15.27
CA SER E 36 20.18 1.33 -14.68
C SER E 36 20.30 0.76 -13.28
N GLU E 37 21.21 -0.20 -13.09
CA GLU E 37 21.15 -1.04 -11.89
C GLU E 37 21.59 -0.26 -10.67
N LEU E 38 22.68 0.51 -10.81
CA LEU E 38 23.06 1.48 -9.79
C LEU E 38 21.90 2.41 -9.48
N LYS E 39 21.20 2.87 -10.53
CA LYS E 39 20.01 3.71 -10.41
C LYS E 39 18.93 3.07 -9.55
N TYR E 40 18.83 1.75 -9.56
CA TYR E 40 17.86 1.16 -8.65
C TYR E 40 18.44 0.99 -7.26
N MET E 41 19.69 0.54 -7.16
CA MET E 41 20.12 -0.04 -5.88
C MET E 41 20.37 1.03 -4.85
N GLN E 42 20.87 2.19 -5.26
CA GLN E 42 21.01 3.29 -4.33
C GLN E 42 19.65 3.86 -3.96
N SER E 43 18.67 3.74 -4.85
CA SER E 43 17.30 4.10 -4.45
C SER E 43 16.77 3.09 -3.45
N PHE E 44 17.18 1.83 -3.57
CA PHE E 44 16.93 0.86 -2.52
C PHE E 44 17.63 1.27 -1.24
N LEU E 45 18.84 1.82 -1.37
CA LEU E 45 19.56 2.35 -0.23
C LEU E 45 19.10 3.75 0.17
N LYS E 46 17.99 4.22 -0.40
CA LYS E 46 17.28 5.35 0.16
C LYS E 46 15.98 4.91 0.81
N ASP E 47 15.79 3.60 0.96
CA ASP E 47 14.56 3.07 1.51
C ASP E 47 14.80 2.20 2.73
N ALA E 48 15.84 1.36 2.70
CA ALA E 48 16.07 0.39 3.77
C ALA E 48 16.44 1.04 5.10
N GLU E 49 17.07 2.21 5.07
CA GLU E 49 17.35 2.92 6.30
C GLU E 49 16.14 3.67 6.83
N ARG E 50 15.08 3.79 6.03
CA ARG E 50 13.82 4.32 6.52
C ARG E 50 12.92 3.24 7.07
N GLN E 51 13.42 2.03 7.20
CA GLN E 51 12.64 0.88 7.64
C GLN E 51 13.00 0.51 9.07
N LYS E 52 11.98 0.34 9.89
CA LYS E 52 12.17 -0.17 11.24
C LYS E 52 12.11 -1.70 11.23
N ARG E 53 12.56 -2.29 12.34
CA ARG E 53 12.68 -3.75 12.52
C ARG E 53 13.58 -4.34 11.43
N THR E 54 14.86 -3.99 11.53
CA THR E 54 15.88 -4.49 10.63
C THR E 54 16.51 -5.73 11.27
N ASN E 55 16.24 -6.88 10.68
CA ASN E 55 16.88 -8.11 11.12
C ASN E 55 18.29 -8.22 10.53
N GLU E 56 18.93 -9.36 10.75
CA GLU E 56 20.35 -9.48 10.49
C GLU E 56 20.66 -9.60 9.01
N THR E 57 19.83 -10.33 8.26
CA THR E 57 20.09 -10.49 6.83
C THR E 57 19.93 -9.17 6.10
N LEU E 58 18.99 -8.34 6.55
CA LEU E 58 18.78 -7.04 5.94
C LEU E 58 19.98 -6.14 6.16
N ARG E 59 20.50 -6.09 7.39
CA ARG E 59 21.62 -5.21 7.66
C ARG E 59 22.90 -5.71 7.02
N THR E 60 23.06 -7.04 6.86
CA THR E 60 24.25 -7.53 6.17
C THR E 60 24.21 -7.25 4.68
N LEU E 61 23.03 -7.41 4.05
CA LEU E 61 23.08 -7.15 2.62
C LEU E 61 23.06 -5.66 2.31
N VAL E 62 22.54 -4.81 3.21
CA VAL E 62 22.77 -3.38 3.05
C VAL E 62 24.25 -3.06 3.22
N ALA E 63 24.90 -3.71 4.18
CA ALA E 63 26.30 -3.45 4.47
C ALA E 63 27.23 -3.85 3.33
N ASP E 64 26.87 -4.85 2.53
CA ASP E 64 27.73 -5.07 1.36
C ASP E 64 27.20 -4.47 0.06
N LEU E 65 25.91 -4.13 -0.01
CA LEU E 65 25.45 -3.36 -1.18
C LEU E 65 26.01 -1.96 -1.17
N ARG E 66 26.34 -1.39 -0.01
CA ARG E 66 26.96 -0.07 -0.01
C ARG E 66 28.35 -0.12 -0.63
N GLU E 67 29.14 -1.14 -0.28
CA GLU E 67 30.44 -1.32 -0.90
C GLU E 67 30.30 -1.63 -2.38
N LEU E 68 29.25 -2.34 -2.74
CA LEU E 68 29.03 -2.66 -4.14
C LEU E 68 28.61 -1.43 -4.95
N VAL E 69 27.86 -0.50 -4.32
CA VAL E 69 27.56 0.78 -4.94
C VAL E 69 28.83 1.58 -5.16
N TYR E 70 29.72 1.59 -4.15
CA TYR E 70 31.00 2.28 -4.31
C TYR E 70 31.82 1.71 -5.44
N GLU E 71 31.84 0.38 -5.58
CA GLU E 71 32.59 -0.24 -6.66
C GLU E 71 31.96 0.04 -8.02
N ALA E 72 30.63 0.03 -8.10
CA ALA E 72 29.94 0.24 -9.37
C ALA E 72 30.13 1.67 -9.86
N GLU E 73 29.87 2.66 -9.01
CA GLU E 73 30.10 4.03 -9.45
C GLU E 73 31.58 4.38 -9.46
N ASP E 74 32.44 3.52 -8.90
CA ASP E 74 33.86 3.70 -9.05
C ASP E 74 34.30 3.35 -10.46
N ILE E 75 33.86 2.20 -10.96
CA ILE E 75 34.33 1.80 -12.29
C ILE E 75 33.47 2.37 -13.39
N LEU E 76 32.32 2.99 -13.04
CA LEU E 76 31.45 3.54 -14.06
C LEU E 76 32.01 4.81 -14.68
N VAL E 77 32.93 5.48 -13.99
CA VAL E 77 33.49 6.73 -14.49
C VAL E 77 34.49 6.46 -15.62
N ASP E 78 34.96 5.22 -15.75
CA ASP E 78 35.87 4.85 -16.83
C ASP E 78 35.22 4.80 -18.20
N CYS E 79 33.90 4.99 -18.32
CA CYS E 79 33.28 4.99 -19.64
C CYS E 79 33.44 6.31 -20.37
N GLN E 80 33.99 7.33 -19.72
CA GLN E 80 34.30 8.58 -20.40
C GLN E 80 35.80 8.65 -20.72
N LEU E 107 41.80 -0.47 -24.89
CA LEU E 107 40.74 -0.80 -25.83
C LEU E 107 39.37 -0.70 -25.16
N GLN E 108 38.31 -0.94 -25.95
CA GLN E 108 36.96 -1.04 -25.45
C GLN E 108 36.59 -2.47 -25.08
N TYR E 109 37.56 -3.27 -24.69
CA TYR E 109 37.40 -4.69 -24.42
C TYR E 109 37.63 -5.04 -22.95
N LYS E 110 38.68 -4.47 -22.35
CA LYS E 110 38.95 -4.70 -20.93
C LYS E 110 37.87 -4.04 -20.08
N LYS E 111 37.36 -2.89 -20.52
CA LYS E 111 36.24 -2.26 -19.84
C LYS E 111 34.98 -3.11 -19.92
N SER E 112 34.76 -3.79 -21.06
CA SER E 112 33.64 -4.71 -21.17
C SER E 112 33.82 -5.92 -20.27
N LYS E 113 35.07 -6.37 -20.08
CA LYS E 113 35.35 -7.41 -19.08
C LYS E 113 34.97 -6.96 -17.68
N ARG E 114 35.30 -5.71 -17.33
CA ARG E 114 34.99 -5.19 -16.00
C ARG E 114 33.49 -5.07 -15.79
N LEU E 115 32.78 -4.54 -16.80
CA LEU E 115 31.33 -4.45 -16.74
C LEU E 115 30.69 -5.81 -16.59
N GLN E 116 31.22 -6.81 -17.32
CA GLN E 116 30.66 -8.15 -17.28
C GLN E 116 30.84 -8.79 -15.92
N GLU E 117 32.04 -8.69 -15.35
CA GLU E 117 32.30 -9.35 -14.08
C GLU E 117 31.54 -8.70 -12.94
N ILE E 118 31.38 -7.37 -12.96
CA ILE E 118 30.63 -6.81 -11.84
C ILE E 118 29.13 -7.00 -12.02
N ASN E 119 28.64 -7.09 -13.27
CA ASN E 119 27.23 -7.41 -13.46
C ASN E 119 26.92 -8.82 -13.02
N GLU E 120 27.82 -9.77 -13.32
CA GLU E 120 27.64 -11.14 -12.83
C GLU E 120 27.73 -11.21 -11.31
N ARG E 121 28.58 -10.39 -10.70
CA ARG E 121 28.68 -10.35 -9.25
C ARG E 121 27.39 -9.86 -8.60
N ILE E 122 26.81 -8.79 -9.15
CA ILE E 122 25.60 -8.21 -8.57
C ILE E 122 24.42 -9.14 -8.75
N THR E 123 24.25 -9.71 -9.94
CA THR E 123 23.15 -10.65 -10.16
C THR E 123 23.30 -11.91 -9.32
N LYS E 124 24.55 -12.36 -9.11
CA LYS E 124 24.76 -13.54 -8.29
C LYS E 124 24.43 -13.28 -6.83
N ILE E 125 24.79 -12.09 -6.29
CA ILE E 125 24.46 -11.87 -4.88
C ILE E 125 22.97 -11.64 -4.70
N LYS E 126 22.30 -11.07 -5.70
CA LYS E 126 20.83 -10.95 -5.65
C LYS E 126 20.17 -12.32 -5.58
N SER E 127 20.50 -13.20 -6.53
CA SER E 127 19.89 -14.52 -6.54
C SER E 127 20.40 -15.40 -5.40
N GLN E 128 21.48 -15.00 -4.76
CA GLN E 128 22.03 -15.73 -3.64
C GLN E 128 21.36 -15.36 -2.32
N VAL E 129 20.91 -14.11 -2.19
CA VAL E 129 20.33 -13.67 -0.92
C VAL E 129 18.79 -13.68 -0.93
N GLU E 130 18.15 -13.70 -2.11
CA GLU E 130 16.69 -13.64 -2.19
C GLU E 130 15.90 -14.76 -1.49
N PRO E 131 16.30 -16.04 -1.50
CA PRO E 131 15.49 -17.04 -0.77
C PRO E 131 15.51 -16.88 0.74
N TYR E 132 16.52 -16.24 1.32
CA TYR E 132 16.50 -16.03 2.76
C TYR E 132 15.45 -15.01 3.16
N PHE E 133 15.10 -14.11 2.26
CA PHE E 133 13.94 -13.26 2.48
C PHE E 133 12.65 -13.95 2.09
N GLU E 134 12.74 -14.95 1.21
CA GLU E 134 11.56 -15.79 0.97
C GLU E 134 11.17 -16.60 2.18
N PHE E 135 12.13 -16.98 3.03
CA PHE E 135 11.85 -17.97 4.07
C PHE E 135 11.05 -17.36 5.23
N ILE E 136 11.63 -16.39 5.93
CA ILE E 136 11.02 -15.89 7.15
C ILE E 136 9.85 -14.97 6.82
N THR E 137 8.87 -14.96 7.72
CA THR E 137 7.73 -14.08 7.63
C THR E 137 7.93 -12.92 8.59
N PRO E 138 7.69 -11.67 8.14
CA PRO E 138 7.90 -10.51 9.01
C PRO E 138 6.83 -10.37 10.10
N ASP E 148 9.93 1.46 22.30
CA ASP E 148 9.21 2.73 22.26
C ASP E 148 9.81 3.68 23.29
N ARG E 149 9.79 4.97 22.97
CA ARG E 149 10.39 6.00 23.82
C ARG E 149 9.30 6.94 24.31
N TRP E 150 9.34 7.25 25.60
CA TRP E 150 8.31 8.10 26.21
C TRP E 150 8.92 8.82 27.40
N SER E 151 8.13 9.71 27.99
CA SER E 151 8.58 10.50 29.13
C SER E 151 7.39 10.80 30.01
N SER E 152 7.67 11.36 31.18
CA SER E 152 6.66 11.48 32.23
C SER E 152 7.12 12.52 33.25
N PRO E 153 6.21 13.20 33.91
CA PRO E 153 6.59 14.12 34.99
C PRO E 153 6.97 13.47 36.30
N VAL E 154 7.20 12.15 36.34
CA VAL E 154 7.50 11.45 37.57
C VAL E 154 9.00 11.17 37.60
N TYR E 155 9.69 11.75 38.57
CA TYR E 155 11.12 11.55 38.73
C TYR E 155 11.43 11.43 40.22
N ASP E 156 12.71 11.38 40.55
CA ASP E 156 13.12 10.91 41.87
C ASP E 156 13.52 12.04 42.83
N HIS E 157 13.97 13.18 42.30
CA HIS E 157 14.35 14.41 43.01
C HIS E 157 15.30 14.20 44.18
N THR E 158 16.09 13.14 44.15
CA THR E 158 17.18 12.94 45.10
C THR E 158 18.53 12.81 44.44
N GLN E 159 18.59 12.22 43.25
CA GLN E 159 19.82 12.14 42.50
C GLN E 159 20.06 13.35 41.62
N VAL E 160 19.17 14.34 41.65
CA VAL E 160 19.30 15.51 40.80
C VAL E 160 20.41 16.39 41.38
N VAL E 161 21.57 16.34 40.76
CA VAL E 161 22.72 17.12 41.21
C VAL E 161 22.58 18.53 40.66
N GLY E 162 23.00 19.51 41.46
CA GLY E 162 22.55 20.89 41.47
C GLY E 162 22.16 21.61 40.20
N LEU E 163 20.91 22.08 40.19
CA LEU E 163 20.34 22.81 39.06
C LEU E 163 19.59 24.04 39.53
N GLU E 164 19.80 24.45 40.77
CA GLU E 164 18.94 25.45 41.41
C GLU E 164 19.11 26.85 40.83
N GLY E 165 20.26 27.15 40.22
CA GLY E 165 20.39 28.42 39.53
C GLY E 165 19.54 28.45 38.27
N ASP E 166 19.62 27.38 37.47
CA ASP E 166 18.81 27.28 36.27
C ASP E 166 17.33 27.16 36.62
N LYS E 167 17.03 26.41 37.68
CA LYS E 167 15.66 26.30 38.18
C LYS E 167 15.11 27.66 38.58
N ARG E 168 15.95 28.46 39.26
CA ARG E 168 15.55 29.80 39.67
C ARG E 168 15.29 30.68 38.45
N LYS E 169 16.21 30.66 37.48
CA LYS E 169 16.09 31.50 36.28
C LYS E 169 14.83 31.14 35.49
N ILE E 170 14.53 29.86 35.36
CA ILE E 170 13.34 29.45 34.62
C ILE E 170 12.07 29.77 35.42
N LYS E 171 12.15 29.77 36.75
CA LYS E 171 10.98 30.19 37.52
C LYS E 171 10.73 31.69 37.40
N GLU E 172 11.78 32.50 37.35
CA GLU E 172 11.52 33.93 37.12
C GLU E 172 11.17 34.21 35.67
N TRP E 173 11.50 33.31 34.74
CA TRP E 173 10.94 33.43 33.40
C TRP E 173 9.46 33.12 33.39
N LEU E 174 9.03 32.11 34.13
CA LEU E 174 7.62 31.76 34.15
C LEU E 174 6.78 32.71 34.97
N PHE E 175 7.39 33.45 35.90
CA PHE E 175 6.62 34.44 36.67
C PHE E 175 6.20 35.64 35.85
N ARG E 176 6.81 35.87 34.68
CA ARG E 176 6.48 36.99 33.82
C ARG E 176 5.60 36.56 32.64
N SER E 177 4.72 35.59 32.85
CA SER E 177 3.93 35.06 31.73
C SER E 177 2.83 36.01 31.30
N ASN E 178 2.32 36.83 32.20
CA ASN E 178 1.27 37.78 31.84
C ASN E 178 1.80 38.96 31.03
N ASP E 179 3.12 39.12 30.95
CA ASP E 179 3.69 40.23 30.19
C ASP E 179 3.50 40.04 28.69
N SER E 180 3.45 38.79 28.24
CA SER E 180 3.23 38.48 26.84
C SER E 180 1.84 37.87 26.68
N GLN E 181 1.44 37.68 25.41
CA GLN E 181 0.16 37.05 25.14
C GLN E 181 0.23 35.53 25.33
N LEU E 182 1.34 34.93 24.92
CA LEU E 182 1.54 33.49 25.10
C LEU E 182 3.04 33.26 25.19
N LEU E 183 3.53 33.09 26.41
CA LEU E 183 4.95 32.88 26.63
C LEU E 183 5.35 31.47 26.21
N ILE E 184 6.24 31.36 25.23
CA ILE E 184 6.75 30.07 24.79
C ILE E 184 8.25 30.06 24.97
N MET E 185 8.78 28.90 25.36
CA MET E 185 10.15 28.76 25.81
C MET E 185 10.72 27.49 25.19
N ALA E 186 12.04 27.45 25.05
CA ALA E 186 12.69 26.31 24.42
C ALA E 186 13.88 25.87 25.26
N PHE E 187 14.04 24.56 25.39
CA PHE E 187 15.20 23.96 26.05
C PHE E 187 15.96 23.20 24.99
N VAL E 188 17.09 23.76 24.55
CA VAL E 188 17.82 23.26 23.40
C VAL E 188 19.17 22.72 23.87
N GLY E 189 19.48 21.49 23.46
CA GLY E 189 20.76 20.89 23.80
C GLY E 189 20.90 19.56 23.09
N MET E 190 22.05 18.94 23.29
CA MET E 190 22.30 17.65 22.67
C MET E 190 21.60 16.54 23.45
N GLY E 191 21.72 15.31 22.96
CA GLY E 191 20.97 14.21 23.52
C GLY E 191 21.52 13.76 24.85
N GLY E 192 20.64 13.64 25.83
CA GLY E 192 21.03 13.20 27.16
C GLY E 192 21.84 14.25 27.89
N LEU E 193 21.26 15.41 28.11
CA LEU E 193 21.96 16.54 28.71
C LEU E 193 21.29 17.07 29.96
N GLY E 194 19.98 16.90 30.10
CA GLY E 194 19.30 17.36 31.30
C GLY E 194 18.05 18.15 31.02
N LYS E 195 17.54 18.07 29.80
CA LYS E 195 16.43 18.92 29.38
C LYS E 195 15.13 18.48 30.01
N THR E 196 14.79 17.20 29.89
CA THR E 196 13.57 16.72 30.51
C THR E 196 13.66 16.75 32.02
N THR E 197 14.86 16.57 32.57
CA THR E 197 15.02 16.63 34.01
C THR E 197 14.87 18.04 34.54
N ILE E 198 15.36 19.04 33.80
CA ILE E 198 15.15 20.40 34.29
C ILE E 198 13.71 20.83 34.09
N ALA E 199 13.01 20.27 33.09
CA ALA E 199 11.59 20.57 32.94
C ALA E 199 10.77 19.95 34.08
N GLN E 200 11.06 18.70 34.41
CA GLN E 200 10.43 18.03 35.54
C GLN E 200 10.77 18.70 36.86
N GLU E 201 11.99 19.21 36.98
CA GLU E 201 12.37 19.94 38.18
C GLU E 201 11.63 21.26 38.28
N VAL E 202 11.31 21.87 37.14
CA VAL E 202 10.57 23.12 37.19
C VAL E 202 9.11 22.88 37.59
N PHE E 203 8.35 22.14 36.79
CA PHE E 203 6.92 22.23 37.04
C PHE E 203 6.40 21.20 38.03
N ASN E 204 7.28 20.49 38.72
CA ASN E 204 6.89 19.77 39.92
C ASN E 204 7.19 20.56 41.19
N ASP E 205 7.59 21.82 41.05
CA ASP E 205 7.75 22.66 42.21
C ASP E 205 6.38 23.12 42.70
N LYS E 206 6.33 23.60 43.94
CA LYS E 206 5.05 23.96 44.54
C LYS E 206 4.57 25.31 44.04
N GLU E 207 5.49 26.26 43.83
CA GLU E 207 5.09 27.62 43.47
C GLU E 207 4.51 27.69 42.07
N ILE E 208 4.94 26.79 41.18
CA ILE E 208 4.35 26.73 39.85
C ILE E 208 2.91 26.23 39.92
N GLU E 209 2.65 25.23 40.76
CA GLU E 209 1.27 24.79 40.98
C GLU E 209 0.43 25.85 41.69
N HIS E 210 1.06 26.71 42.50
CA HIS E 210 0.36 27.91 42.97
C HIS E 210 0.03 28.84 41.81
N ARG E 211 0.96 28.98 40.86
CA ARG E 211 0.70 29.87 39.72
C ARG E 211 -0.21 29.21 38.69
N PHE E 212 0.24 28.11 38.10
CA PHE E 212 -0.52 27.44 37.06
C PHE E 212 -1.42 26.39 37.66
N GLU E 213 -2.70 26.40 37.24
CA GLU E 213 -3.66 25.50 37.84
C GLU E 213 -3.81 24.22 37.04
N ARG E 214 -3.41 24.23 35.78
CA ARG E 214 -3.44 23.04 34.94
C ARG E 214 -2.09 22.84 34.27
N ARG E 215 -1.40 21.77 34.64
CA ARG E 215 -0.06 21.47 34.16
C ARG E 215 -0.16 20.23 33.27
N ILE E 216 0.32 20.34 32.04
CA ILE E 216 0.13 19.31 31.03
C ILE E 216 1.47 18.85 30.52
N TRP E 217 1.76 17.57 30.66
CA TRP E 217 2.94 16.96 30.06
C TRP E 217 2.50 16.23 28.80
N VAL E 218 3.20 16.46 27.70
CA VAL E 218 2.91 15.82 26.42
C VAL E 218 4.20 15.23 25.88
N SER E 219 4.24 13.93 25.70
CA SER E 219 5.43 13.25 25.21
C SER E 219 5.29 13.06 23.70
N VAL E 220 5.89 13.95 22.93
CA VAL E 220 5.92 13.83 21.48
C VAL E 220 7.20 13.09 21.11
N SER E 221 7.08 11.85 20.66
CA SER E 221 8.26 11.12 20.26
C SER E 221 8.67 11.54 18.85
N GLN E 222 9.67 10.86 18.30
CA GLN E 222 10.03 11.10 16.92
C GLN E 222 9.05 10.45 15.95
N THR E 223 8.30 9.46 16.41
CA THR E 223 7.24 8.83 15.62
C THR E 223 5.92 9.05 16.34
N PHE E 224 4.98 9.70 15.66
CA PHE E 224 3.78 10.17 16.34
C PHE E 224 2.67 10.34 15.32
N THR E 225 1.55 10.88 15.81
CA THR E 225 0.50 11.43 14.99
C THR E 225 -0.16 12.56 15.77
N GLU E 226 -0.96 13.37 15.07
CA GLU E 226 -1.61 14.51 15.71
C GLU E 226 -2.68 14.04 16.69
N GLU E 227 -3.39 12.97 16.33
CA GLU E 227 -4.53 12.48 17.08
C GLU E 227 -4.16 12.08 18.50
N GLN E 228 -3.07 11.33 18.66
CA GLN E 228 -2.69 10.90 20.00
C GLN E 228 -2.14 12.05 20.82
N ILE E 229 -1.54 13.05 20.17
CA ILE E 229 -1.05 14.24 20.88
C ILE E 229 -2.21 15.00 21.48
N MET E 230 -3.23 15.29 20.67
CA MET E 230 -4.32 16.11 21.18
C MET E 230 -5.23 15.34 22.13
N ARG E 231 -5.38 14.02 21.95
CA ARG E 231 -6.15 13.29 22.95
C ARG E 231 -5.35 13.10 24.22
N SER E 232 -4.02 13.10 24.16
CA SER E 232 -3.24 13.10 25.37
C SER E 232 -3.33 14.42 26.10
N ILE E 233 -3.47 15.52 25.35
CA ILE E 233 -3.76 16.82 25.95
C ILE E 233 -5.10 16.78 26.69
N LEU E 234 -6.12 16.16 26.08
CA LEU E 234 -7.39 16.05 26.77
C LEU E 234 -7.34 15.10 27.96
N ARG E 235 -6.52 14.05 27.90
CA ARG E 235 -6.35 13.16 29.04
C ARG E 235 -5.67 13.85 30.20
N ASN E 236 -4.69 14.73 29.90
CA ASN E 236 -4.11 15.55 30.94
C ASN E 236 -5.06 16.62 31.45
N LEU E 237 -6.01 17.04 30.62
CA LEU E 237 -7.02 18.00 31.09
C LEU E 237 -8.07 17.38 32.00
N GLY E 238 -8.07 16.07 32.18
CA GLY E 238 -9.04 15.43 33.03
C GLY E 238 -10.30 14.98 32.32
N ASP E 239 -10.48 15.35 31.07
CA ASP E 239 -11.57 14.80 30.27
C ASP E 239 -11.28 13.33 29.97
N ALA E 240 -12.36 12.57 29.80
CA ALA E 240 -12.23 11.14 29.54
C ALA E 240 -11.71 10.90 28.13
N SER E 241 -11.10 9.73 27.95
CA SER E 241 -10.56 9.32 26.66
C SER E 241 -11.72 8.97 25.74
N VAL E 242 -12.16 9.94 24.95
CA VAL E 242 -13.28 9.75 24.04
C VAL E 242 -12.74 9.35 22.68
N GLY E 243 -13.25 8.23 22.14
CA GLY E 243 -12.96 7.87 20.77
C GLY E 243 -13.59 8.87 19.82
N ASP E 244 -12.77 9.71 19.19
CA ASP E 244 -13.28 10.95 18.64
C ASP E 244 -12.38 11.39 17.50
N ASP E 245 -12.90 12.30 16.67
CA ASP E 245 -12.14 12.79 15.52
C ASP E 245 -11.57 14.19 15.82
N ILE E 246 -10.82 14.72 14.85
CA ILE E 246 -9.73 15.65 15.15
C ILE E 246 -10.28 17.05 15.49
N GLY E 247 -11.18 17.56 14.66
CA GLY E 247 -11.69 18.91 14.87
C GLY E 247 -12.52 19.05 16.13
N THR E 248 -13.25 18.00 16.49
CA THR E 248 -13.94 17.96 17.77
C THR E 248 -12.96 17.99 18.93
N LEU E 249 -11.80 17.34 18.77
CA LEU E 249 -10.77 17.40 19.79
C LEU E 249 -10.18 18.78 19.94
N LEU E 250 -9.95 19.50 18.83
CA LEU E 250 -9.49 20.88 18.93
C LEU E 250 -10.53 21.78 19.57
N ARG E 251 -11.81 21.53 19.27
CA ARG E 251 -12.87 22.32 19.92
C ARG E 251 -12.89 22.07 21.41
N LYS E 252 -12.72 20.81 21.84
CA LYS E 252 -12.70 20.50 23.26
C LYS E 252 -11.50 21.11 23.95
N ILE E 253 -10.31 21.02 23.32
CA ILE E 253 -9.09 21.61 23.88
C ILE E 253 -9.23 23.12 24.02
N GLN E 254 -9.87 23.77 23.05
CA GLN E 254 -10.13 25.21 23.19
C GLN E 254 -11.13 25.47 24.31
N GLN E 255 -12.15 24.63 24.43
CA GLN E 255 -13.21 24.91 25.41
C GLN E 255 -12.77 24.67 26.84
N TYR E 256 -11.88 23.73 27.09
CA TYR E 256 -11.46 23.50 28.48
C TYR E 256 -10.41 24.48 28.97
N LEU E 257 -10.05 25.50 28.21
CA LEU E 257 -8.97 26.40 28.59
C LEU E 257 -9.43 27.85 28.64
N LEU E 258 -10.66 28.10 29.07
CA LEU E 258 -11.12 29.47 29.21
C LEU E 258 -10.84 29.97 30.62
N GLY E 259 -10.13 31.11 30.71
CA GLY E 259 -9.84 31.71 31.99
C GLY E 259 -8.89 30.95 32.86
N LYS E 260 -8.09 30.06 32.30
CA LYS E 260 -7.26 29.15 33.06
C LYS E 260 -5.80 29.38 32.70
N ARG E 261 -4.98 29.66 33.71
CA ARG E 261 -3.56 29.94 33.50
C ARG E 261 -2.86 28.62 33.28
N TYR E 262 -2.70 28.24 32.02
CA TYR E 262 -2.27 26.90 31.66
C TYR E 262 -0.78 26.85 31.35
N LEU E 263 -0.19 25.70 31.63
CA LEU E 263 1.22 25.42 31.38
C LEU E 263 1.31 24.07 30.69
N ILE E 264 1.81 24.04 29.46
CA ILE E 264 2.02 22.78 28.78
C ILE E 264 3.51 22.62 28.50
N VAL E 265 4.00 21.39 28.63
CA VAL E 265 5.40 21.08 28.40
C VAL E 265 5.44 19.98 27.36
N MET E 266 5.97 20.29 26.20
CA MET E 266 5.99 19.38 25.07
C MET E 266 7.43 18.90 24.87
N ASP E 267 7.61 17.59 24.95
CA ASP E 267 8.91 17.00 25.09
C ASP E 267 9.34 16.33 23.79
N ASP E 268 10.65 16.43 23.50
CA ASP E 268 11.31 15.72 22.39
C ASP E 268 10.69 16.10 21.04
N VAL E 269 10.47 17.39 20.83
CA VAL E 269 9.89 17.87 19.58
C VAL E 269 10.97 17.87 18.50
N TRP E 270 10.69 17.23 17.38
CA TRP E 270 11.62 17.13 16.27
C TRP E 270 11.15 18.01 15.11
N ASP E 271 11.94 18.02 14.05
CA ASP E 271 11.67 18.82 12.86
C ASP E 271 11.07 18.00 11.73
N LYS E 272 10.26 17.01 12.04
CA LYS E 272 9.71 16.10 11.04
C LYS E 272 8.19 16.23 11.07
N ASN E 273 7.64 16.77 9.97
CA ASN E 273 6.21 17.05 9.81
C ASN E 273 5.69 17.95 10.93
N LEU E 274 6.44 19.01 11.23
CA LEU E 274 6.24 19.87 12.39
C LEU E 274 5.02 20.80 12.26
N SER E 275 4.34 20.80 11.10
CA SER E 275 3.22 21.68 10.83
C SER E 275 2.05 21.51 11.80
N TRP E 276 1.99 20.37 12.50
CA TRP E 276 1.01 20.15 13.56
C TRP E 276 1.04 21.24 14.61
N TRP E 277 2.22 21.83 14.85
CA TRP E 277 2.37 22.96 15.77
C TRP E 277 1.43 24.09 15.39
N ASP E 278 1.50 24.59 14.16
CA ASP E 278 0.56 25.66 13.84
C ASP E 278 -0.71 25.12 13.22
N LYS E 279 -1.09 23.89 13.58
CA LYS E 279 -2.48 23.49 13.56
C LYS E 279 -3.08 23.48 14.95
N ILE E 280 -2.25 23.57 16.00
CA ILE E 280 -2.75 23.69 17.36
C ILE E 280 -2.36 24.99 18.02
N TYR E 281 -1.45 25.77 17.41
CA TYR E 281 -1.03 27.03 18.01
C TYR E 281 -2.14 28.05 17.99
N GLN E 282 -3.02 28.00 17.00
CA GLN E 282 -4.18 28.88 16.99
C GLN E 282 -5.28 28.38 17.90
N GLY E 283 -5.22 27.13 18.34
CA GLY E 283 -6.18 26.60 19.25
C GLY E 283 -5.92 26.88 20.71
N LEU E 284 -4.84 27.59 21.02
CA LEU E 284 -4.51 27.87 22.40
C LEU E 284 -4.95 29.27 22.77
N PRO E 285 -5.67 29.43 23.87
CA PRO E 285 -6.17 30.77 24.23
C PRO E 285 -5.03 31.68 24.69
N ARG E 286 -5.08 32.92 24.23
CA ARG E 286 -4.04 33.90 24.49
C ARG E 286 -4.52 34.93 25.49
N GLY E 287 -3.57 35.67 26.04
CA GLY E 287 -3.86 36.69 27.02
C GLY E 287 -4.19 36.19 28.41
N GLN E 288 -4.22 34.87 28.62
CA GLN E 288 -4.53 34.30 29.91
C GLN E 288 -3.28 34.06 30.76
N GLY E 289 -2.10 34.31 30.20
CA GLY E 289 -0.87 34.00 30.91
C GLY E 289 -0.38 32.60 30.73
N GLY E 290 -0.82 31.91 29.69
CA GLY E 290 -0.39 30.54 29.45
C GLY E 290 1.06 30.47 29.01
N SER E 291 1.65 29.30 29.19
CA SER E 291 3.06 29.11 28.91
C SER E 291 3.30 27.74 28.31
N VAL E 292 4.14 27.70 27.28
CA VAL E 292 4.52 26.48 26.61
C VAL E 292 6.03 26.31 26.79
N ILE E 293 6.45 25.11 27.15
CA ILE E 293 7.87 24.81 27.27
C ILE E 293 8.16 23.65 26.33
N VAL E 294 8.92 23.92 25.27
CA VAL E 294 9.27 22.92 24.27
C VAL E 294 10.69 22.48 24.55
N THR E 295 10.88 21.22 24.91
CA THR E 295 12.23 20.69 25.09
C THR E 295 12.60 19.90 23.85
N THR E 296 13.79 20.14 23.31
CA THR E 296 14.09 19.63 21.98
C THR E 296 15.60 19.54 21.80
N ARG E 297 16.01 19.03 20.63
CA ARG E 297 17.41 18.90 20.28
C ARG E 297 17.82 19.80 19.13
N SER E 298 17.08 20.88 18.88
CA SER E 298 17.36 21.70 17.71
C SER E 298 17.09 23.16 18.01
N GLU E 299 17.88 24.03 17.39
CA GLU E 299 17.55 25.45 17.32
C GLU E 299 16.64 25.77 16.15
N SER E 300 16.62 24.90 15.13
CA SER E 300 15.75 25.11 13.99
C SER E 300 14.29 25.02 14.40
N VAL E 301 13.96 24.06 15.27
CA VAL E 301 12.61 24.04 15.80
C VAL E 301 12.41 25.14 16.83
N ALA E 302 13.48 25.66 17.43
CA ALA E 302 13.31 26.76 18.37
C ALA E 302 12.97 28.05 17.65
N LYS E 303 13.40 28.18 16.40
CA LYS E 303 12.98 29.31 15.57
C LYS E 303 11.70 29.04 14.78
N ARG E 304 11.41 27.79 14.47
CA ARG E 304 10.16 27.46 13.81
C ARG E 304 8.98 27.63 14.77
N VAL E 305 9.16 27.22 16.02
CA VAL E 305 8.22 27.58 17.09
C VAL E 305 8.35 29.05 17.46
N GLN E 306 9.50 29.67 17.14
CA GLN E 306 9.88 31.06 17.42
C GLN E 306 9.59 31.46 18.87
N ALA E 307 10.33 30.83 19.78
CA ALA E 307 10.23 31.13 21.20
C ALA E 307 10.64 32.56 21.50
N ARG E 308 11.95 32.83 21.40
CA ARG E 308 12.62 34.12 21.33
C ARG E 308 14.10 33.76 21.26
N ASP E 309 14.94 34.73 20.91
CA ASP E 309 16.38 34.48 20.95
C ASP E 309 16.90 34.46 22.38
N ASP E 310 16.16 35.05 23.32
CA ASP E 310 16.58 35.11 24.71
C ASP E 310 15.90 34.08 25.60
N LYS E 311 14.68 33.69 25.28
CA LYS E 311 13.96 32.73 26.11
C LYS E 311 14.45 31.29 25.97
N THR E 312 15.40 31.01 25.09
CA THR E 312 15.93 29.65 24.99
C THR E 312 16.96 29.41 26.09
N HIS E 313 16.79 28.31 26.81
CA HIS E 313 17.72 27.88 27.84
C HIS E 313 18.52 26.71 27.33
N ARG E 314 19.83 26.77 27.54
CA ARG E 314 20.72 25.68 27.13
C ARG E 314 21.43 25.12 28.35
N PRO E 315 21.13 23.89 28.76
CA PRO E 315 21.84 23.30 29.89
C PRO E 315 23.28 23.01 29.53
N GLU E 316 24.14 23.06 30.53
CA GLU E 316 25.56 22.89 30.34
C GLU E 316 26.02 21.55 30.90
N LEU E 317 27.21 21.15 30.47
CA LEU E 317 27.83 19.93 30.97
C LEU E 317 28.17 20.07 32.44
N LEU E 318 28.29 18.94 33.12
CA LEU E 318 28.44 18.94 34.56
C LEU E 318 29.89 19.23 34.96
N SER E 319 30.04 19.90 36.09
CA SER E 319 31.35 20.13 36.68
C SER E 319 31.89 18.82 37.24
N PRO E 320 33.21 18.67 37.40
CA PRO E 320 33.76 17.39 37.89
C PRO E 320 33.36 17.05 39.31
N ASP E 321 33.16 18.03 40.19
CA ASP E 321 32.65 17.74 41.52
C ASP E 321 31.21 17.25 41.47
N ASN E 322 30.38 17.92 40.67
CA ASN E 322 28.98 17.53 40.55
C ASN E 322 28.83 16.17 39.89
N SER E 323 29.63 15.92 38.84
CA SER E 323 29.60 14.63 38.19
C SER E 323 30.15 13.54 39.09
N TRP E 324 31.11 13.87 39.96
CA TRP E 324 31.63 12.86 40.87
C TRP E 324 30.61 12.48 41.94
N LEU E 325 29.87 13.43 42.50
CA LEU E 325 28.90 12.95 43.47
C LEU E 325 27.66 12.36 42.80
N LEU E 326 27.42 12.69 41.53
CA LEU E 326 26.43 11.93 40.77
C LEU E 326 26.84 10.47 40.62
N PHE E 327 28.11 10.24 40.28
CA PHE E 327 28.59 8.87 40.10
C PHE E 327 28.64 8.12 41.43
N CYS E 328 28.92 8.81 42.53
CA CYS E 328 28.84 8.17 43.83
C CYS E 328 27.40 7.82 44.19
N ASN E 329 26.46 8.70 43.84
CA ASN E 329 25.06 8.47 44.17
C ASN E 329 24.47 7.34 43.33
N VAL E 330 25.04 7.09 42.15
CA VAL E 330 24.54 6.01 41.31
C VAL E 330 25.25 4.69 41.60
N ALA E 331 26.59 4.68 41.51
CA ALA E 331 27.33 3.42 41.54
C ALA E 331 27.39 2.81 42.93
N PHE E 332 27.70 3.62 43.93
CA PHE E 332 27.79 3.11 45.30
C PHE E 332 26.45 3.24 46.02
N ALA E 333 25.39 2.76 45.38
CA ALA E 333 24.03 2.97 45.87
C ALA E 333 23.70 2.15 47.11
N ALA E 334 24.55 1.20 47.49
CA ALA E 334 24.28 0.38 48.67
C ALA E 334 24.44 1.20 49.95
N ASN E 335 25.64 1.75 50.18
CA ASN E 335 25.94 2.46 51.42
C ASN E 335 25.74 3.96 51.18
N ASP E 336 24.48 4.33 50.92
CA ASP E 336 23.99 5.72 50.98
C ASP E 336 24.67 6.61 49.94
N GLY E 337 25.10 6.04 48.83
CA GLY E 337 25.78 6.83 47.82
C GLY E 337 27.15 7.31 48.22
N THR E 338 27.82 6.59 49.11
CA THR E 338 29.13 6.99 49.61
C THR E 338 30.17 5.96 49.22
N CYS E 339 31.38 6.42 48.96
CA CYS E 339 32.48 5.52 48.66
C CYS E 339 32.95 4.83 49.94
N GLU E 340 33.17 3.51 49.85
CA GLU E 340 33.49 2.73 51.03
C GLU E 340 34.97 2.41 51.16
N ARG E 341 35.64 2.11 50.05
CA ARG E 341 37.03 1.71 50.06
C ARG E 341 37.82 2.65 49.16
N PRO E 342 38.98 3.13 49.61
CA PRO E 342 39.66 4.22 48.91
C PRO E 342 40.57 3.82 47.76
N GLU E 343 40.71 2.53 47.44
CA GLU E 343 41.55 2.17 46.31
C GLU E 343 40.83 2.31 44.98
N LEU E 344 39.54 2.64 45.00
CA LEU E 344 38.75 2.82 43.79
C LEU E 344 38.56 4.28 43.43
N GLU E 345 39.03 5.20 44.27
CA GLU E 345 38.72 6.61 44.05
C GLU E 345 39.54 7.20 42.92
N ASP E 346 40.79 6.76 42.75
CA ASP E 346 41.59 7.30 41.66
C ASP E 346 41.10 6.80 40.32
N VAL E 347 40.81 5.50 40.22
CA VAL E 347 40.27 4.92 39.00
C VAL E 347 38.86 5.43 38.74
N GLY E 348 38.08 5.59 39.80
CA GLY E 348 36.73 6.12 39.66
C GLY E 348 36.70 7.55 39.17
N LYS E 349 37.55 8.41 39.76
CA LYS E 349 37.62 9.80 39.31
C LYS E 349 38.23 9.91 37.92
N GLU E 350 39.10 8.98 37.55
CA GLU E 350 39.58 8.95 36.17
C GLU E 350 38.46 8.64 35.19
N ILE E 351 37.61 7.67 35.52
CA ILE E 351 36.46 7.33 34.67
C ILE E 351 35.49 8.51 34.59
N VAL E 352 35.25 9.18 35.72
CA VAL E 352 34.28 10.27 35.75
C VAL E 352 34.80 11.48 34.98
N THR E 353 36.08 11.82 35.14
CA THR E 353 36.62 12.92 34.37
C THR E 353 36.80 12.56 32.90
N LYS E 354 36.80 11.28 32.56
CA LYS E 354 36.87 10.90 31.17
C LYS E 354 35.50 10.80 30.51
N CYS E 355 34.42 10.68 31.30
CA CYS E 355 33.07 10.68 30.73
C CYS E 355 32.67 12.04 30.17
N LYS E 356 33.26 13.11 30.70
CA LYS E 356 33.13 14.49 30.20
C LYS E 356 31.69 14.99 30.21
N GLY E 357 31.13 15.10 31.41
CA GLY E 357 30.00 15.98 31.62
C GLY E 357 28.59 15.48 31.34
N LEU E 358 28.40 14.53 30.43
CA LEU E 358 27.05 14.07 30.14
C LEU E 358 26.53 13.24 31.29
N PRO E 359 25.33 13.53 31.81
CA PRO E 359 24.76 12.67 32.85
C PRO E 359 24.36 11.30 32.33
N LEU E 360 24.08 11.19 31.03
CA LEU E 360 23.67 9.92 30.46
C LEU E 360 24.78 8.88 30.51
N THR E 361 25.99 9.26 30.07
CA THR E 361 27.10 8.33 30.11
C THR E 361 27.52 8.01 31.55
N ILE E 362 27.39 8.97 32.45
CA ILE E 362 27.75 8.74 33.84
C ILE E 362 26.80 7.76 34.51
N LYS E 363 25.49 7.93 34.27
CA LYS E 363 24.54 6.95 34.83
C LYS E 363 24.63 5.61 34.12
N ALA E 364 25.06 5.59 32.85
CA ALA E 364 25.25 4.31 32.19
C ALA E 364 26.44 3.56 32.76
N VAL E 365 27.56 4.26 33.02
CA VAL E 365 28.72 3.63 33.63
C VAL E 365 28.42 3.21 35.06
N GLY E 366 27.58 3.99 35.76
CA GLY E 366 27.15 3.60 37.09
C GLY E 366 26.30 2.35 37.09
N GLY E 367 25.36 2.25 36.14
CA GLY E 367 24.57 1.03 36.01
C GLY E 367 25.38 -0.16 35.53
N LEU E 368 26.46 0.10 34.78
CA LEU E 368 27.36 -0.97 34.37
C LEU E 368 28.18 -1.50 35.54
N LEU E 369 28.73 -0.59 36.35
CA LEU E 369 29.53 -1.00 37.50
C LEU E 369 28.69 -1.40 38.70
N LEU E 370 27.37 -1.25 38.64
CA LEU E 370 26.54 -1.64 39.77
C LEU E 370 26.45 -3.16 39.89
N CYS E 371 26.60 -3.89 38.80
CA CYS E 371 26.51 -5.34 38.81
C CYS E 371 27.88 -6.01 38.82
N LYS E 372 28.85 -5.42 39.49
CA LYS E 372 30.17 -6.03 39.66
C LYS E 372 30.45 -6.22 41.14
N ASP E 373 31.65 -6.75 41.43
CA ASP E 373 32.03 -7.09 42.79
C ASP E 373 32.99 -6.08 43.40
N HIS E 374 33.18 -4.94 42.75
CA HIS E 374 33.89 -3.77 43.27
C HIS E 374 35.36 -4.04 43.55
N VAL E 375 35.94 -5.03 42.92
CA VAL E 375 37.37 -5.25 43.05
C VAL E 375 38.08 -4.48 41.95
N TYR E 376 39.38 -4.27 42.14
CA TYR E 376 40.12 -3.22 41.44
C TYR E 376 40.27 -3.47 39.94
N HIS E 377 40.33 -4.74 39.53
CA HIS E 377 40.83 -5.02 38.19
C HIS E 377 39.83 -4.69 37.10
N GLU E 378 38.54 -5.02 37.28
CA GLU E 378 37.56 -4.66 36.25
C GLU E 378 37.36 -3.15 36.18
N TRP E 379 37.47 -2.47 37.32
CA TRP E 379 37.40 -1.01 37.34
C TRP E 379 38.57 -0.40 36.56
N ARG E 380 39.77 -0.96 36.72
CA ARG E 380 40.93 -0.42 36.01
C ARG E 380 40.83 -0.69 34.51
N ARG E 381 40.36 -1.88 34.13
CA ARG E 381 40.30 -2.14 32.69
C ARG E 381 39.16 -1.40 32.02
N ILE E 382 38.05 -1.16 32.72
CA ILE E 382 37.01 -0.27 32.20
C ILE E 382 37.53 1.15 32.12
N ALA E 383 38.41 1.55 33.03
CA ALA E 383 39.09 2.83 32.90
C ALA E 383 40.02 2.89 31.70
N GLU E 384 40.52 1.75 31.21
CA GLU E 384 41.34 1.80 30.00
C GLU E 384 40.72 1.16 28.77
N HIS E 385 39.64 0.40 28.91
CA HIS E 385 38.79 0.02 27.79
C HIS E 385 37.40 0.55 28.10
N PHE E 386 36.98 1.58 27.39
CA PHE E 386 35.77 2.32 27.77
C PHE E 386 34.70 2.29 26.71
N GLN E 387 35.07 2.58 25.46
CA GLN E 387 34.09 2.70 24.38
C GLN E 387 33.49 1.37 23.99
N ASP E 388 34.21 0.27 24.18
CA ASP E 388 33.79 -1.03 23.68
C ASP E 388 32.68 -1.65 24.51
N GLU E 389 32.40 -1.12 25.70
CA GLU E 389 31.36 -1.65 26.56
C GLU E 389 30.05 -0.90 26.44
N LEU E 390 30.14 0.42 26.31
CA LEU E 390 28.96 1.25 26.09
C LEU E 390 28.40 1.11 24.68
N ARG E 391 29.11 0.44 23.77
CA ARG E 391 28.52 0.05 22.52
C ARG E 391 27.99 -1.37 22.53
N GLY E 392 28.20 -2.11 23.62
CA GLY E 392 27.52 -3.36 23.84
C GLY E 392 26.27 -3.14 24.67
N ASN E 393 26.26 -1.98 25.37
CA ASN E 393 25.12 -1.48 26.14
C ASN E 393 24.72 -2.44 27.26
N THR E 394 25.73 -3.12 27.83
CA THR E 394 25.56 -4.27 28.74
C THR E 394 24.61 -5.29 28.10
N SER E 395 24.91 -5.61 26.84
CA SER E 395 24.06 -6.40 25.94
C SER E 395 22.63 -5.84 25.86
N GLU E 396 22.56 -4.59 25.39
CA GLU E 396 21.31 -3.93 24.97
C GLU E 396 20.31 -3.81 26.14
N THR E 397 20.67 -2.97 27.10
CA THR E 397 19.73 -2.67 28.20
C THR E 397 19.59 -1.18 28.49
N ASP E 398 20.65 -0.37 28.33
CA ASP E 398 20.56 1.05 28.65
C ASP E 398 20.58 1.93 27.42
N ASN E 399 21.44 1.59 26.45
CA ASN E 399 21.42 2.13 25.10
C ASN E 399 21.66 3.64 25.01
N VAL E 400 22.86 4.05 25.40
CA VAL E 400 23.33 5.40 25.08
C VAL E 400 23.47 5.57 23.57
N MET E 401 24.02 4.54 22.91
CA MET E 401 24.25 4.59 21.48
C MET E 401 22.96 4.69 20.69
N SER E 402 21.86 4.12 21.20
CA SER E 402 20.59 4.31 20.52
C SER E 402 20.09 5.74 20.68
N SER E 403 20.29 6.32 21.86
CA SER E 403 19.78 7.67 22.13
C SER E 403 20.54 8.72 21.33
N LEU E 404 21.78 8.44 20.97
CA LEU E 404 22.45 9.35 20.04
C LEU E 404 22.25 8.94 18.58
N GLN E 405 22.05 7.66 18.30
CA GLN E 405 21.87 7.23 16.93
C GLN E 405 20.50 7.62 16.41
N LEU E 406 19.52 7.84 17.28
CA LEU E 406 18.25 8.35 16.79
C LEU E 406 18.37 9.82 16.39
N SER E 407 19.31 10.55 17.01
CA SER E 407 19.61 11.89 16.51
C SER E 407 20.41 11.82 15.22
N TYR E 408 21.20 10.77 15.05
CA TYR E 408 21.86 10.56 13.77
C TYR E 408 20.88 10.22 12.66
N ASP E 409 19.83 9.46 12.99
CA ASP E 409 18.99 8.82 12.00
C ASP E 409 17.80 9.67 11.55
N GLU E 410 17.84 10.97 11.78
CA GLU E 410 16.86 11.85 11.16
C GLU E 410 17.49 12.93 10.32
N LEU E 411 18.75 12.77 9.98
CA LEU E 411 19.36 13.69 9.05
C LEU E 411 18.94 13.34 7.62
N PRO E 412 18.95 14.31 6.72
CA PRO E 412 18.95 13.97 5.29
C PRO E 412 20.24 13.26 4.92
N SER E 413 20.18 12.53 3.80
CA SER E 413 21.23 11.58 3.45
C SER E 413 22.55 12.27 3.13
N HIS E 414 22.48 13.45 2.49
CA HIS E 414 23.70 14.21 2.28
C HIS E 414 24.23 14.76 3.59
N LEU E 415 23.36 15.09 4.55
CA LEU E 415 23.87 15.48 5.85
C LEU E 415 24.39 14.29 6.65
N LYS E 416 23.87 13.09 6.37
CA LYS E 416 24.46 11.88 6.95
C LYS E 416 25.88 11.70 6.45
N SER E 417 26.09 11.87 5.15
CA SER E 417 27.43 11.80 4.59
C SER E 417 28.34 12.89 5.13
N CYS E 418 27.81 14.11 5.30
CA CYS E 418 28.63 15.22 5.79
C CYS E 418 29.00 15.04 7.26
N ILE E 419 28.10 14.50 8.07
CA ILE E 419 28.45 14.29 9.48
C ILE E 419 29.33 13.07 9.61
N LEU E 420 29.34 12.17 8.62
CA LEU E 420 30.12 10.96 8.75
C LEU E 420 31.62 11.19 8.65
N THR E 421 32.05 12.28 8.02
CA THR E 421 33.48 12.52 7.82
C THR E 421 34.18 13.04 9.06
N LEU E 422 33.47 13.27 10.17
CA LEU E 422 34.11 13.72 11.39
C LEU E 422 34.59 12.56 12.26
N SER E 423 34.56 11.34 11.73
CA SER E 423 35.21 10.19 12.35
C SER E 423 36.64 10.05 11.93
N LEU E 424 37.24 11.14 11.44
CA LEU E 424 38.50 11.09 10.73
C LEU E 424 39.52 11.99 11.42
N TYR E 425 39.22 12.44 12.63
CA TYR E 425 39.93 13.45 13.38
C TYR E 425 40.38 12.92 14.74
N PRO E 426 41.44 13.49 15.32
CA PRO E 426 41.89 13.06 16.65
C PRO E 426 40.98 13.46 17.81
N GLU E 427 41.48 13.28 19.04
CA GLU E 427 40.65 13.12 20.22
C GLU E 427 39.82 14.36 20.54
N ASP E 428 40.46 15.51 20.67
CA ASP E 428 39.71 16.74 20.94
C ASP E 428 40.25 17.89 20.11
N CYS E 429 40.61 17.62 18.87
CA CYS E 429 41.12 18.66 17.98
C CYS E 429 40.03 19.66 17.63
N VAL E 430 40.44 20.88 17.38
CA VAL E 430 39.52 21.97 17.11
C VAL E 430 39.50 22.16 15.59
N ILE E 431 38.42 21.71 14.96
CA ILE E 431 38.37 21.56 13.52
C ILE E 431 37.98 22.88 12.87
N PRO E 432 38.74 23.37 11.89
CA PRO E 432 38.30 24.56 11.16
C PRO E 432 37.12 24.25 10.25
N LYS E 433 36.22 25.22 10.15
CA LYS E 433 35.03 25.07 9.30
C LYS E 433 35.40 24.96 7.83
N GLN E 434 36.40 25.74 7.42
CA GLN E 434 36.69 25.94 6.00
C GLN E 434 37.17 24.66 5.34
N GLN E 435 37.98 23.87 6.05
CA GLN E 435 38.47 22.61 5.51
C GLN E 435 37.34 21.60 5.33
N LEU E 436 36.41 21.54 6.29
CA LEU E 436 35.26 20.66 6.18
C LEU E 436 34.38 21.05 5.01
N VAL E 437 34.13 22.36 4.85
CA VAL E 437 33.27 22.84 3.78
C VAL E 437 33.90 22.57 2.43
N HIS E 438 35.21 22.76 2.32
CA HIS E 438 35.86 22.49 1.04
C HIS E 438 35.93 21.00 0.72
N GLY E 439 36.06 20.14 1.74
CA GLY E 439 35.98 18.72 1.47
C GLY E 439 34.60 18.27 1.01
N TRP E 440 33.56 18.83 1.63
CA TRP E 440 32.19 18.52 1.25
C TRP E 440 31.88 18.99 -0.16
N ILE E 441 32.37 20.16 -0.53
CA ILE E 441 32.19 20.64 -1.91
C ILE E 441 32.99 19.80 -2.87
N GLY E 442 34.20 19.41 -2.49
CA GLY E 442 35.10 18.66 -3.34
C GLY E 442 34.60 17.29 -3.70
N GLU E 443 34.48 16.38 -2.73
CA GLU E 443 34.16 15.01 -3.15
C GLU E 443 32.67 14.79 -3.36
N GLY E 444 31.84 15.82 -3.25
CA GLY E 444 30.50 15.75 -3.81
C GLY E 444 29.40 15.32 -2.87
N PHE E 445 29.48 15.72 -1.61
CA PHE E 445 28.36 15.57 -0.70
C PHE E 445 27.38 16.70 -0.79
N VAL E 446 27.66 17.69 -1.64
CA VAL E 446 26.82 18.86 -1.81
C VAL E 446 26.43 18.95 -3.27
N MET E 447 25.13 19.01 -3.54
CA MET E 447 24.62 19.27 -4.88
C MET E 447 23.98 20.65 -4.89
N TRP E 448 23.88 21.23 -6.09
CA TRP E 448 23.39 22.59 -6.22
C TRP E 448 22.82 22.79 -7.61
N ARG E 449 21.68 23.44 -7.68
CA ARG E 449 21.31 23.99 -8.97
C ARG E 449 20.83 25.43 -8.90
N ASN E 450 20.07 25.80 -7.88
CA ASN E 450 19.29 27.03 -7.90
C ASN E 450 20.07 28.22 -7.32
N GLY E 451 21.29 28.40 -7.81
CA GLY E 451 22.08 29.53 -7.39
C GLY E 451 22.89 29.31 -6.13
N ARG E 452 22.42 28.43 -5.24
CA ARG E 452 23.15 28.11 -4.01
C ARG E 452 24.36 27.24 -4.32
N SER E 453 25.35 27.79 -5.02
CA SER E 453 26.22 26.91 -5.81
C SER E 453 27.30 26.26 -4.96
N ALA E 454 28.23 27.04 -4.45
CA ALA E 454 29.35 26.41 -3.75
C ALA E 454 29.42 26.78 -2.29
N THR E 455 29.59 28.05 -1.96
CA THR E 455 29.99 28.38 -0.60
C THR E 455 28.79 28.42 0.33
N GLU E 456 27.69 29.01 -0.12
CA GLU E 456 26.49 29.12 0.70
C GLU E 456 25.83 27.77 0.94
N SER E 457 26.01 26.81 0.04
CA SER E 457 25.52 25.47 0.32
C SER E 457 26.37 24.76 1.36
N GLY E 458 27.68 24.99 1.36
CA GLY E 458 28.50 24.53 2.47
C GLY E 458 28.12 25.21 3.77
N GLU E 459 27.76 26.49 3.68
CA GLU E 459 27.33 27.24 4.86
C GLU E 459 26.05 26.69 5.45
N ASP E 460 25.05 26.39 4.61
CA ASP E 460 23.82 25.93 5.23
C ASP E 460 23.84 24.43 5.54
N CYS E 461 24.73 23.64 4.91
CA CYS E 461 24.95 22.30 5.42
C CYS E 461 25.64 22.32 6.78
N PHE E 462 26.62 23.22 6.96
CA PHE E 462 27.29 23.32 8.25
C PHE E 462 26.34 23.84 9.32
N SER E 463 25.48 24.79 8.96
CA SER E 463 24.51 25.28 9.93
C SER E 463 23.42 24.25 10.19
N GLY E 464 23.11 23.41 9.21
CA GLY E 464 22.19 22.31 9.45
C GLY E 464 22.76 21.28 10.40
N LEU E 465 24.06 21.06 10.35
CA LEU E 465 24.65 20.16 11.33
C LEU E 465 24.76 20.79 12.71
N THR E 466 25.11 22.08 12.79
CA THR E 466 25.20 22.72 14.10
C THR E 466 23.84 23.00 14.72
N ASN E 467 22.78 23.02 13.91
CA ASN E 467 21.45 23.20 14.46
C ASN E 467 20.81 21.90 14.93
N ARG E 468 21.44 20.76 14.65
CA ARG E 468 20.99 19.50 15.24
C ARG E 468 21.68 19.22 16.57
N CYS E 469 22.48 20.17 17.06
CA CYS E 469 23.36 20.00 18.23
C CYS E 469 24.29 18.81 18.09
N LEU E 470 24.77 18.55 16.88
CA LEU E 470 25.80 17.55 16.68
C LEU E 470 27.19 18.14 16.69
N ILE E 471 27.39 19.26 16.01
CA ILE E 471 28.66 19.96 15.98
C ILE E 471 28.50 21.25 16.77
N GLU E 472 29.37 21.48 17.74
CA GLU E 472 29.32 22.70 18.51
C GLU E 472 30.44 23.64 18.09
N VAL E 473 30.21 24.93 18.27
CA VAL E 473 31.17 25.93 17.82
C VAL E 473 32.27 26.08 18.85
N VAL E 474 33.36 26.73 18.47
CA VAL E 474 34.47 27.01 19.37
C VAL E 474 34.67 28.52 19.53
N ASP E 475 34.90 29.23 18.43
CA ASP E 475 35.02 30.67 18.47
C ASP E 475 34.27 31.28 17.30
N LYS E 476 33.81 32.52 17.51
CA LYS E 476 32.95 33.21 16.58
C LYS E 476 33.43 34.64 16.48
N THR E 477 33.44 35.19 15.27
CA THR E 477 33.99 36.52 15.05
C THR E 477 32.99 37.59 15.48
N TYR E 478 33.29 38.84 15.18
CA TYR E 478 32.35 39.93 15.44
C TYR E 478 31.12 39.81 14.56
N SER E 479 31.28 39.27 13.36
CA SER E 479 30.23 39.22 12.36
C SER E 479 29.36 37.98 12.46
N GLY E 480 29.46 37.24 13.56
CA GLY E 480 28.65 36.06 13.76
C GLY E 480 29.06 34.83 12.98
N THR E 481 29.99 34.95 12.05
CA THR E 481 30.40 33.77 11.31
C THR E 481 31.30 32.89 12.15
N ILE E 482 31.31 31.61 11.81
CA ILE E 482 31.98 30.58 12.59
C ILE E 482 33.21 30.15 11.84
N ILE E 483 34.32 29.96 12.56
CA ILE E 483 35.59 29.59 11.95
C ILE E 483 36.08 28.23 12.42
N THR E 484 35.91 27.90 13.69
CA THR E 484 36.36 26.62 14.21
C THR E 484 35.27 25.96 15.03
N CYS E 485 35.21 24.63 14.95
CA CYS E 485 34.17 23.85 15.58
C CYS E 485 34.74 22.54 16.10
N LYS E 486 34.03 21.94 17.04
CA LYS E 486 34.43 20.67 17.61
C LYS E 486 33.19 19.86 17.92
N ILE E 487 33.38 18.61 18.31
CA ILE E 487 32.29 17.72 18.64
C ILE E 487 32.55 17.03 19.97
N HIS E 488 31.47 16.64 20.63
CA HIS E 488 31.57 15.84 21.82
C HIS E 488 31.99 14.43 21.45
N ASP E 489 32.75 13.79 22.33
CA ASP E 489 33.42 12.54 21.95
C ASP E 489 32.49 11.35 21.86
N MET E 490 31.33 11.39 22.53
CA MET E 490 30.35 10.33 22.37
C MET E 490 29.74 10.36 20.97
N VAL E 491 29.52 11.56 20.45
CA VAL E 491 29.15 11.71 19.05
C VAL E 491 30.29 11.23 18.16
N ARG E 492 31.53 11.43 18.60
CA ARG E 492 32.68 11.09 17.77
C ARG E 492 32.82 9.58 17.62
N ASP E 493 32.73 8.82 18.71
CA ASP E 493 32.85 7.38 18.51
C ASP E 493 31.55 6.75 18.03
N LEU E 494 30.41 7.44 18.17
CA LEU E 494 29.23 7.04 17.41
C LEU E 494 29.49 7.09 15.92
N VAL E 495 30.08 8.20 15.45
CA VAL E 495 30.34 8.34 14.02
C VAL E 495 31.46 7.39 13.58
N ILE E 496 32.38 7.06 14.48
CA ILE E 496 33.39 6.02 14.19
C ILE E 496 32.73 4.66 14.02
N ASP E 497 31.82 4.31 14.92
CA ASP E 497 31.14 3.01 14.85
C ASP E 497 30.23 2.92 13.64
N ILE E 498 29.69 4.05 13.17
CA ILE E 498 28.96 4.02 11.91
C ILE E 498 29.93 3.95 10.73
N ALA E 499 31.12 4.51 10.88
CA ALA E 499 32.16 4.30 9.88
C ALA E 499 32.78 2.91 9.96
N LYS E 500 32.55 2.17 11.04
CA LYS E 500 32.98 0.78 11.13
C LYS E 500 32.13 -0.13 10.23
N LYS E 501 31.01 0.38 9.73
CA LYS E 501 30.22 -0.19 8.65
C LYS E 501 30.94 0.07 7.33
N ASP E 502 30.16 0.25 6.26
CA ASP E 502 30.59 0.58 4.90
C ASP E 502 31.84 1.46 4.83
N SER E 503 32.73 1.17 3.88
CA SER E 503 34.18 1.32 4.08
C SER E 503 34.69 2.76 4.03
N PHE E 504 33.81 3.71 4.33
CA PHE E 504 34.08 5.11 4.58
C PHE E 504 35.37 5.34 5.38
N SER E 505 35.43 4.81 6.60
CA SER E 505 36.64 4.98 7.41
C SER E 505 36.78 3.75 8.32
N ASN E 506 37.59 2.80 7.87
CA ASN E 506 38.02 1.57 8.53
C ASN E 506 38.96 1.68 9.73
N PRO E 507 39.60 2.83 10.05
CA PRO E 507 41.07 2.92 9.97
C PRO E 507 41.91 1.90 10.72
N GLU E 508 41.80 0.67 10.22
CA GLU E 508 42.76 -0.41 10.33
C GLU E 508 42.39 -1.40 9.24
N GLY E 509 43.39 -2.11 8.73
CA GLY E 509 43.11 -3.08 7.69
C GLY E 509 43.09 -2.49 6.29
N LEU E 510 42.45 -3.20 5.36
CA LEU E 510 42.61 -2.93 3.94
C LEU E 510 41.59 -1.92 3.40
N ASN E 511 40.31 -2.25 3.49
CA ASN E 511 39.30 -1.59 2.67
C ASN E 511 38.94 -0.25 3.29
N CYS E 512 39.45 0.82 2.70
CA CYS E 512 39.08 2.18 3.05
C CYS E 512 38.68 2.95 1.81
N ARG E 513 37.78 3.90 1.98
CA ARG E 513 37.42 4.79 0.90
C ARG E 513 38.11 6.13 0.97
N HIS E 514 38.54 6.56 2.15
CA HIS E 514 39.36 7.74 2.32
C HIS E 514 40.05 7.69 3.68
N LEU E 515 41.11 8.48 3.81
CA LEU E 515 42.04 8.33 4.91
C LEU E 515 42.43 9.71 5.43
N GLY E 516 42.69 9.78 6.73
CA GLY E 516 43.15 11.01 7.34
C GLY E 516 44.44 10.76 8.09
N ILE E 517 45.43 11.62 7.83
CA ILE E 517 46.75 11.47 8.41
C ILE E 517 46.87 12.35 9.64
N SER E 518 47.43 11.79 10.71
CA SER E 518 47.76 12.50 11.93
C SER E 518 49.21 12.99 11.86
N GLY E 519 49.79 13.37 12.99
CA GLY E 519 51.11 13.95 12.99
C GLY E 519 52.23 12.91 12.93
N ASN E 520 53.29 13.30 12.21
CA ASN E 520 54.61 12.63 12.20
C ASN E 520 54.52 11.20 11.69
N PHE E 521 54.10 11.06 10.43
CA PHE E 521 54.14 9.78 9.73
C PHE E 521 55.30 9.71 8.76
N ASP E 522 56.45 10.27 9.14
CA ASP E 522 57.67 10.10 8.37
C ASP E 522 58.17 8.67 8.38
N GLU E 523 57.83 7.89 9.43
CA GLU E 523 58.41 6.59 9.65
C GLU E 523 57.41 5.47 9.88
N LYS E 524 56.11 5.78 10.01
CA LYS E 524 55.16 4.76 10.44
C LYS E 524 54.43 4.06 9.30
N GLN E 525 54.51 4.58 8.07
CA GLN E 525 54.16 3.89 6.82
C GLN E 525 52.69 3.46 6.80
N ILE E 526 51.83 4.48 6.68
CA ILE E 526 50.39 4.25 6.55
C ILE E 526 50.09 3.41 5.31
N LYS E 527 49.32 2.35 5.49
CA LYS E 527 48.84 1.55 4.38
C LYS E 527 47.87 2.34 3.52
N VAL E 528 48.02 2.21 2.20
CA VAL E 528 47.23 2.95 1.22
C VAL E 528 46.91 1.97 0.10
N ASN E 529 45.63 1.64 -0.05
CA ASN E 529 45.22 0.85 -1.20
C ASN E 529 44.78 1.80 -2.32
N HIS E 530 44.24 1.24 -3.39
CA HIS E 530 43.99 2.01 -4.60
C HIS E 530 42.58 2.58 -4.66
N LYS E 531 41.82 2.50 -3.56
CA LYS E 531 40.47 3.05 -3.60
C LYS E 531 40.48 4.55 -3.33
N LEU E 532 40.80 4.93 -2.08
CA LEU E 532 41.19 6.27 -1.61
C LEU E 532 40.53 7.49 -2.23
N ARG E 533 39.22 7.69 -2.04
CA ARG E 533 38.57 8.86 -2.61
C ARG E 533 38.98 10.18 -1.96
N GLY E 534 39.62 10.16 -0.80
CA GLY E 534 40.08 11.39 -0.18
C GLY E 534 41.28 11.13 0.71
N VAL E 535 42.12 12.14 0.86
CA VAL E 535 43.25 12.10 1.80
C VAL E 535 43.28 13.44 2.52
N VAL E 536 42.95 13.45 3.80
CA VAL E 536 42.94 14.71 4.53
C VAL E 536 44.06 14.70 5.57
N SER E 537 44.40 15.89 6.05
CA SER E 537 45.46 16.07 7.04
C SER E 537 44.86 16.69 8.28
N THR E 538 44.81 15.93 9.36
CA THR E 538 44.14 16.35 10.59
C THR E 538 45.20 16.59 11.66
N THR E 539 45.35 17.84 12.07
CA THR E 539 46.31 18.22 13.09
C THR E 539 45.58 18.79 14.31
N LYS E 540 46.19 18.61 15.48
CA LYS E 540 45.55 18.98 16.73
C LYS E 540 46.07 20.35 17.17
N THR E 541 45.68 21.36 16.38
CA THR E 541 45.94 22.81 16.55
C THR E 541 47.37 23.14 17.01
N GLY E 542 48.32 22.85 16.13
CA GLY E 542 49.69 23.27 16.40
C GLY E 542 50.77 22.33 15.93
N GLU E 543 50.45 21.07 15.70
CA GLU E 543 51.45 20.13 15.22
C GLU E 543 51.53 20.17 13.70
N VAL E 544 52.63 19.65 13.17
CA VAL E 544 52.87 19.59 11.73
C VAL E 544 53.16 18.14 11.37
N ASN E 545 52.47 17.64 10.35
CA ASN E 545 52.60 16.24 9.95
C ASN E 545 53.94 16.06 9.25
N LYS E 546 54.92 15.48 9.93
CA LYS E 546 56.22 15.23 9.33
C LYS E 546 56.08 14.08 8.34
N LEU E 547 56.19 14.38 7.05
CA LEU E 547 55.99 13.40 6.00
C LEU E 547 57.26 13.23 5.18
N ASN E 548 57.44 12.02 4.67
CA ASN E 548 58.53 11.67 3.78
C ASN E 548 58.06 11.70 2.33
N SER E 549 58.93 11.23 1.43
CA SER E 549 58.66 11.39 0.01
C SER E 549 57.81 10.26 -0.57
N ASP E 550 58.00 9.03 -0.08
CA ASP E 550 57.36 7.87 -0.71
C ASP E 550 55.85 7.83 -0.49
N LEU E 551 55.38 8.31 0.67
CA LEU E 551 53.94 8.41 0.88
C LEU E 551 53.31 9.40 -0.07
N ALA E 552 53.97 10.52 -0.30
CA ALA E 552 53.47 11.50 -1.25
C ALA E 552 53.60 11.02 -2.69
N LYS E 553 54.53 10.11 -2.97
CA LYS E 553 54.55 9.48 -4.29
C LYS E 553 53.39 8.50 -4.44
N LYS E 554 53.07 7.76 -3.36
CA LYS E 554 51.98 6.80 -3.41
C LYS E 554 50.61 7.47 -3.36
N PHE E 555 50.54 8.74 -2.97
CA PHE E 555 49.29 9.48 -3.12
C PHE E 555 48.92 9.67 -4.58
N THR E 556 49.91 9.84 -5.44
CA THR E 556 49.65 10.01 -6.86
C THR E 556 49.38 8.69 -7.58
N ASP E 557 49.46 7.57 -6.89
CA ASP E 557 49.12 6.28 -7.49
C ASP E 557 47.63 5.98 -7.41
N CYS E 558 46.89 6.72 -6.59
CA CYS E 558 45.45 6.49 -6.43
C CYS E 558 44.72 7.07 -7.61
N LYS E 559 44.06 6.21 -8.39
CA LYS E 559 43.36 6.66 -9.59
C LYS E 559 42.14 7.49 -9.24
N TYR E 560 41.44 7.14 -8.17
CA TYR E 560 40.15 7.74 -7.84
C TYR E 560 40.33 8.50 -6.55
N LEU E 561 40.77 9.75 -6.65
CA LEU E 561 41.11 10.55 -5.48
C LEU E 561 40.58 11.95 -5.73
N ARG E 562 39.52 12.32 -5.02
CA ARG E 562 38.84 13.57 -5.28
C ARG E 562 39.27 14.69 -4.33
N VAL E 563 39.65 14.35 -3.11
CA VAL E 563 40.04 15.32 -2.10
C VAL E 563 41.49 15.07 -1.71
N LEU E 564 42.34 16.06 -1.92
CA LEU E 564 43.73 16.02 -1.49
C LEU E 564 44.04 17.37 -0.86
N ASP E 565 43.95 17.42 0.46
CA ASP E 565 44.30 18.62 1.20
C ASP E 565 45.40 18.30 2.20
N ILE E 566 46.49 19.06 2.11
CA ILE E 566 47.69 18.87 2.91
C ILE E 566 47.91 20.18 3.65
N SER E 567 47.55 20.21 4.94
CA SER E 567 47.43 21.48 5.63
C SER E 567 48.64 21.83 6.49
N LYS E 568 49.22 20.88 7.21
CA LYS E 568 50.37 21.15 8.06
C LYS E 568 51.39 20.04 7.80
N SER E 569 52.25 20.21 6.80
CA SER E 569 53.21 19.18 6.51
C SER E 569 54.52 19.76 6.01
N ILE E 570 55.61 19.11 6.41
CA ILE E 570 56.95 19.44 5.97
C ILE E 570 57.49 18.24 5.20
N PHE E 571 57.87 18.46 3.95
CA PHE E 571 58.35 17.38 3.09
C PHE E 571 59.87 17.45 2.95
N ASP E 572 60.42 16.41 2.33
CA ASP E 572 61.86 16.30 2.16
C ASP E 572 62.34 16.92 0.87
N ALA E 573 61.60 16.74 -0.22
CA ALA E 573 61.94 17.26 -1.53
C ALA E 573 60.99 18.40 -1.85
N PRO E 574 61.33 19.25 -2.82
CA PRO E 574 60.35 20.23 -3.30
C PRO E 574 59.15 19.56 -3.96
N LEU E 575 58.00 20.21 -3.82
CA LEU E 575 56.73 19.65 -4.27
C LEU E 575 56.54 19.72 -5.78
N SER E 576 57.47 20.33 -6.52
CA SER E 576 57.37 20.37 -7.96
C SER E 576 57.61 19.00 -8.57
N GLU E 577 58.62 18.29 -8.08
CA GLU E 577 58.90 16.95 -8.59
C GLU E 577 58.21 15.86 -7.78
N ILE E 578 57.71 16.18 -6.59
CA ILE E 578 56.95 15.19 -5.83
C ILE E 578 55.61 14.92 -6.48
N LEU E 579 54.87 15.98 -6.79
CA LEU E 579 53.57 15.86 -7.42
C LEU E 579 53.66 16.02 -8.93
N ASP E 580 54.76 15.56 -9.51
CA ASP E 580 54.94 15.71 -10.95
C ASP E 580 54.00 14.82 -11.75
N GLU E 581 53.59 13.69 -11.19
CA GLU E 581 52.74 12.72 -11.88
C GLU E 581 51.27 12.85 -11.48
N ILE E 582 50.81 14.08 -11.20
CA ILE E 582 49.39 14.32 -10.98
C ILE E 582 48.59 14.34 -12.26
N ALA E 583 49.22 14.12 -13.42
CA ALA E 583 48.47 13.83 -14.63
C ALA E 583 47.74 12.50 -14.51
N SER E 584 48.30 11.57 -13.73
CA SER E 584 47.59 10.33 -13.41
C SER E 584 46.33 10.60 -12.60
N LEU E 585 46.36 11.62 -11.74
CA LEU E 585 45.14 12.11 -11.13
C LEU E 585 44.28 12.75 -12.19
N GLN E 586 43.04 12.30 -12.31
CA GLN E 586 42.14 12.84 -13.31
C GLN E 586 40.89 13.44 -12.68
N HIS E 587 40.26 12.74 -11.76
CA HIS E 587 39.07 13.23 -11.10
C HIS E 587 39.40 13.79 -9.72
N LEU E 588 40.24 14.82 -9.73
CA LEU E 588 40.62 15.53 -8.52
C LEU E 588 39.82 16.82 -8.45
N ALA E 589 39.22 17.08 -7.30
CA ALA E 589 38.32 18.21 -7.15
C ALA E 589 38.88 19.35 -6.32
N CYS E 590 39.67 19.07 -5.29
CA CYS E 590 40.17 20.12 -4.42
C CYS E 590 41.64 19.91 -4.11
N LEU E 591 42.34 21.02 -3.89
CA LEU E 591 43.70 21.02 -3.39
C LEU E 591 43.86 22.20 -2.44
N SER E 592 44.13 21.94 -1.18
CA SER E 592 44.53 23.02 -0.28
C SER E 592 45.96 22.69 0.12
N LEU E 593 46.90 23.20 -0.66
CA LEU E 593 48.31 23.09 -0.32
C LEU E 593 48.75 24.23 0.58
N SER E 594 48.05 24.41 1.68
CA SER E 594 48.37 25.45 2.63
C SER E 594 49.46 24.98 3.57
N ASN E 595 50.38 25.89 3.90
CA ASN E 595 51.37 25.76 4.97
C ASN E 595 52.26 24.52 4.80
N THR E 596 52.96 24.47 3.68
CA THR E 596 53.96 23.45 3.41
C THR E 596 55.28 24.13 3.13
N HIS E 597 56.36 23.61 3.73
CA HIS E 597 57.68 24.24 3.56
C HIS E 597 58.22 24.14 2.13
N PRO E 598 58.39 22.95 1.52
CA PRO E 598 59.15 22.92 0.27
C PRO E 598 58.38 23.39 -0.95
N LEU E 599 57.23 24.01 -0.79
CA LEU E 599 56.44 24.50 -1.91
C LEU E 599 57.01 25.83 -2.38
N ILE E 600 57.54 25.85 -3.60
CA ILE E 600 57.92 27.07 -4.30
C ILE E 600 57.15 27.21 -5.61
N GLN E 601 57.14 26.16 -6.41
CA GLN E 601 56.40 26.11 -7.66
C GLN E 601 55.59 24.83 -7.71
N PHE E 602 54.27 24.96 -7.77
CA PHE E 602 53.42 23.81 -7.97
C PHE E 602 53.64 23.25 -9.38
N PRO E 603 53.52 21.92 -9.55
CA PRO E 603 54.08 21.27 -10.76
C PRO E 603 53.40 21.66 -12.06
N ARG E 604 54.16 21.57 -13.13
CA ARG E 604 53.72 22.03 -14.44
C ARG E 604 52.99 20.97 -15.23
N SER E 605 52.59 19.87 -14.59
CA SER E 605 51.81 18.84 -15.27
C SER E 605 50.32 19.05 -14.99
N MET E 606 49.94 20.30 -14.75
CA MET E 606 48.59 20.65 -14.32
C MET E 606 47.72 21.13 -15.49
N GLU E 607 47.91 20.54 -16.66
CA GLU E 607 47.12 20.90 -17.83
C GLU E 607 45.92 19.99 -18.02
N ASP E 608 46.04 18.72 -17.65
CA ASP E 608 44.95 17.78 -17.81
C ASP E 608 44.03 17.71 -16.61
N LEU E 609 44.28 18.47 -15.55
CA LEU E 609 43.32 18.55 -14.47
C LEU E 609 42.17 19.42 -14.91
N HIS E 610 41.18 18.83 -15.56
CA HIS E 610 40.09 19.61 -16.12
C HIS E 610 38.89 19.72 -15.19
N ASN E 611 38.92 19.06 -14.03
CA ASN E 611 37.76 19.15 -13.14
C ASN E 611 37.98 20.26 -12.13
N LEU E 612 38.88 20.03 -11.16
CA LEU E 612 39.55 21.00 -10.28
C LEU E 612 38.63 22.12 -9.79
N GLN E 613 37.65 21.73 -8.96
CA GLN E 613 36.56 22.64 -8.63
C GLN E 613 37.03 23.81 -7.77
N ILE E 614 37.90 23.57 -6.79
CA ILE E 614 38.52 24.66 -6.05
C ILE E 614 40.03 24.47 -6.10
N LEU E 615 40.74 25.51 -5.67
CA LEU E 615 42.20 25.47 -5.60
C LEU E 615 42.61 26.42 -4.50
N ASP E 616 43.16 25.89 -3.42
CA ASP E 616 43.53 26.67 -2.26
C ASP E 616 45.03 26.57 -2.03
N ALA E 617 45.66 27.70 -1.76
CA ALA E 617 47.02 27.74 -1.24
C ALA E 617 47.10 29.03 -0.43
N SER E 618 46.90 28.91 0.88
CA SER E 618 46.88 30.06 1.76
C SER E 618 48.05 29.97 2.73
N TYR E 619 48.59 31.14 3.08
CA TYR E 619 49.67 31.34 4.04
C TYR E 619 50.94 30.59 3.65
N CYS E 620 51.17 30.38 2.36
CA CYS E 620 52.43 29.85 1.87
C CYS E 620 53.21 31.02 1.27
N GLN E 621 54.23 31.47 1.98
CA GLN E 621 54.86 32.75 1.72
C GLN E 621 55.76 32.72 0.49
N ASN E 622 56.10 31.55 -0.03
CA ASN E 622 56.97 31.42 -1.19
C ASN E 622 56.24 30.72 -2.32
N LEU E 623 55.47 31.49 -3.08
CA LEU E 623 54.73 31.02 -4.25
C LEU E 623 54.96 32.04 -5.36
N LYS E 624 56.05 31.89 -6.12
CA LYS E 624 56.46 32.95 -7.02
C LYS E 624 55.56 33.04 -8.26
N GLN E 625 55.49 31.97 -9.04
CA GLN E 625 54.77 31.99 -10.30
C GLN E 625 53.55 31.11 -10.20
N LEU E 626 52.39 31.66 -10.57
CA LEU E 626 51.23 30.84 -10.88
C LEU E 626 51.18 30.63 -12.38
N GLN E 627 51.02 29.38 -12.78
CA GLN E 627 51.13 28.95 -14.16
C GLN E 627 49.94 29.47 -14.98
N PRO E 628 50.08 29.59 -16.29
CA PRO E 628 48.94 29.99 -17.12
C PRO E 628 47.90 28.90 -17.35
N CYS E 629 48.04 27.73 -16.75
CA CYS E 629 47.08 26.64 -16.89
C CYS E 629 45.92 26.73 -15.92
N ILE E 630 45.81 27.83 -15.16
CA ILE E 630 44.72 28.02 -14.22
C ILE E 630 43.83 29.09 -14.87
N VAL E 631 43.79 29.06 -16.19
CA VAL E 631 42.90 29.92 -16.96
C VAL E 631 41.88 29.11 -17.73
N LEU E 632 42.32 28.01 -18.34
CA LEU E 632 41.56 27.40 -19.43
C LEU E 632 40.53 26.40 -18.97
N PHE E 633 40.58 25.93 -17.72
CA PHE E 633 39.74 24.79 -17.37
C PHE E 633 38.32 25.19 -16.96
N LYS E 634 38.06 26.47 -16.76
CA LYS E 634 36.75 27.14 -16.66
C LYS E 634 35.71 26.49 -15.74
N LYS E 635 36.13 25.66 -14.79
CA LYS E 635 35.19 25.02 -13.87
C LYS E 635 35.72 25.16 -12.45
N LEU E 636 36.10 26.38 -12.10
CA LEU E 636 36.66 26.67 -10.80
C LEU E 636 35.61 27.36 -9.94
N LEU E 637 35.68 27.13 -8.63
CA LEU E 637 34.78 27.77 -7.69
C LEU E 637 35.48 28.69 -6.71
N VAL E 638 36.57 28.23 -6.10
CA VAL E 638 37.30 29.00 -5.09
C VAL E 638 38.77 29.03 -5.48
N LEU E 639 39.32 30.23 -5.58
CA LEU E 639 40.76 30.44 -5.71
C LEU E 639 41.19 31.31 -4.54
N ASP E 640 42.04 30.77 -3.67
CA ASP E 640 42.23 31.33 -2.33
C ASP E 640 43.72 31.44 -2.03
N MET E 641 44.30 32.62 -2.31
CA MET E 641 45.65 32.95 -1.90
C MET E 641 45.57 34.10 -0.91
N THR E 642 45.38 33.78 0.37
CA THR E 642 45.44 34.81 1.41
C THR E 642 46.85 34.88 1.98
N ASN E 643 47.37 36.09 2.07
CA ASN E 643 48.62 36.44 2.74
C ASN E 643 49.84 35.73 2.16
N CYS E 644 49.76 35.31 0.89
CA CYS E 644 50.93 34.78 0.21
C CYS E 644 51.75 35.97 -0.29
N GLY E 645 52.81 36.29 0.44
CA GLY E 645 53.56 37.51 0.20
C GLY E 645 54.31 37.55 -1.11
N SER E 646 55.33 36.72 -1.24
CA SER E 646 56.15 36.69 -2.46
C SER E 646 55.36 35.99 -3.55
N LEU E 647 54.70 36.76 -4.40
CA LEU E 647 53.84 36.20 -5.43
C LEU E 647 53.72 37.22 -6.55
N GLU E 648 53.83 36.77 -7.80
CA GLU E 648 53.85 37.65 -8.97
C GLU E 648 52.46 37.92 -9.51
N CYS E 649 51.50 37.82 -8.62
CA CYS E 649 50.28 38.61 -8.46
C CYS E 649 49.11 38.34 -9.39
N PHE E 650 49.29 37.61 -10.53
CA PHE E 650 48.42 36.59 -11.15
C PHE E 650 48.87 36.21 -12.55
N PRO E 651 48.29 35.15 -13.15
CA PRO E 651 48.27 35.05 -14.61
C PRO E 651 47.27 36.00 -15.26
N LYS E 652 47.09 35.87 -16.57
CA LYS E 652 46.35 36.86 -17.35
C LYS E 652 44.84 36.64 -17.34
N GLY E 653 44.40 35.47 -17.80
CA GLY E 653 42.97 35.26 -18.01
C GLY E 653 42.19 34.84 -16.79
N ILE E 654 42.19 35.68 -15.75
CA ILE E 654 41.38 35.38 -14.56
C ILE E 654 39.91 35.59 -14.86
N GLY E 655 39.58 36.62 -15.62
CA GLY E 655 38.21 36.85 -16.04
C GLY E 655 37.69 35.90 -17.10
N SER E 656 38.53 34.99 -17.60
CA SER E 656 38.07 34.03 -18.58
C SER E 656 37.13 33.00 -17.96
N LEU E 657 37.58 32.34 -16.89
CA LEU E 657 36.70 31.47 -16.14
C LEU E 657 35.69 32.30 -15.36
N VAL E 658 34.44 31.85 -15.34
CA VAL E 658 33.35 32.70 -14.89
C VAL E 658 32.60 32.12 -13.69
N LYS E 659 32.68 30.82 -13.44
CA LYS E 659 31.82 30.18 -12.45
C LYS E 659 32.42 30.16 -11.06
N LEU E 660 33.29 31.09 -10.71
CA LEU E 660 33.92 31.06 -9.40
C LEU E 660 33.23 32.04 -8.46
N GLU E 661 33.32 31.74 -7.16
CA GLU E 661 32.62 32.51 -6.15
C GLU E 661 33.52 33.22 -5.18
N VAL E 662 34.71 32.70 -4.90
CA VAL E 662 35.61 33.27 -3.90
C VAL E 662 36.94 33.55 -4.59
N LEU E 663 37.40 34.80 -4.47
CA LEU E 663 38.67 35.23 -5.04
C LEU E 663 39.36 36.09 -4.00
N LEU E 664 40.26 35.48 -3.23
CA LEU E 664 40.91 36.16 -2.11
C LEU E 664 42.37 36.39 -2.40
N GLY E 665 42.85 37.60 -2.09
CA GLY E 665 44.21 37.97 -2.39
C GLY E 665 44.44 38.16 -3.87
N PHE E 666 43.80 39.19 -4.44
CA PHE E 666 43.83 39.35 -5.88
C PHE E 666 45.17 39.86 -6.38
N LYS E 667 45.72 40.89 -5.71
CA LYS E 667 46.95 41.61 -6.06
C LYS E 667 46.89 42.12 -7.50
N PRO E 668 46.14 43.19 -7.79
CA PRO E 668 46.01 43.64 -9.19
C PRO E 668 47.32 44.16 -9.75
N ALA E 669 47.65 43.66 -10.94
CA ALA E 669 48.99 43.78 -11.49
C ALA E 669 49.26 45.17 -12.04
N ARG E 670 50.45 45.33 -12.61
CA ARG E 670 50.87 46.58 -13.23
C ARG E 670 50.44 46.58 -14.69
N SER E 671 51.00 47.48 -15.50
CA SER E 671 50.57 47.67 -16.88
C SER E 671 50.81 46.45 -17.76
N ASN E 672 52.07 46.14 -18.05
CA ASN E 672 52.38 44.95 -18.86
C ASN E 672 52.70 43.76 -17.96
N ASN E 673 51.81 43.48 -17.01
CA ASN E 673 51.99 42.41 -16.05
C ASN E 673 50.63 41.81 -15.74
N GLY E 674 50.64 40.51 -15.43
CA GLY E 674 49.56 39.77 -14.78
C GLY E 674 48.15 39.99 -15.28
N CYS E 675 47.31 40.56 -14.43
CA CYS E 675 45.96 40.94 -14.82
C CYS E 675 45.52 42.14 -13.97
N LYS E 676 44.74 43.01 -14.59
CA LYS E 676 44.29 44.24 -13.95
C LYS E 676 42.93 44.00 -13.28
N LEU E 677 42.26 45.09 -12.90
CA LEU E 677 40.90 44.99 -12.36
C LEU E 677 39.82 45.07 -13.43
N SER E 678 40.20 45.05 -14.72
CA SER E 678 39.21 45.24 -15.77
C SER E 678 38.34 44.01 -15.93
N GLU E 679 38.91 42.82 -15.82
CA GLU E 679 38.18 41.58 -16.01
C GLU E 679 37.35 41.20 -14.79
N VAL E 680 37.47 41.94 -13.69
CA VAL E 680 36.66 41.68 -12.51
C VAL E 680 35.19 41.99 -12.80
N LYS E 681 34.93 42.91 -13.74
CA LYS E 681 33.58 43.12 -14.25
C LYS E 681 33.02 41.88 -14.94
N ASN E 682 33.87 41.01 -15.46
CA ASN E 682 33.39 39.78 -16.09
C ASN E 682 32.95 38.74 -15.08
N LEU E 683 33.39 38.86 -13.83
CA LEU E 683 33.17 37.81 -12.84
C LEU E 683 31.87 38.06 -12.10
N THR E 684 30.77 37.80 -12.79
CA THR E 684 29.46 38.18 -12.29
C THR E 684 28.89 37.24 -11.24
N ASN E 685 29.64 36.21 -10.82
CA ASN E 685 29.11 35.24 -9.88
C ASN E 685 29.76 35.29 -8.51
N LEU E 686 30.82 36.08 -8.31
CA LEU E 686 31.52 35.98 -7.05
C LEU E 686 30.81 36.77 -5.96
N ARG E 687 31.04 36.34 -4.73
CA ARG E 687 30.41 36.96 -3.57
C ARG E 687 31.37 37.27 -2.44
N LYS E 688 32.57 36.71 -2.44
CA LYS E 688 33.64 37.12 -1.54
C LYS E 688 34.83 37.53 -2.38
N LEU E 689 35.46 38.64 -2.02
CA LEU E 689 36.53 39.20 -2.83
C LEU E 689 37.57 39.81 -1.91
N GLY E 690 38.84 39.50 -2.17
CA GLY E 690 39.91 39.97 -1.32
C GLY E 690 40.99 40.71 -2.08
N LEU E 691 41.15 42.00 -1.78
CA LEU E 691 42.16 42.81 -2.41
C LEU E 691 43.35 43.02 -1.49
N SER E 692 44.52 43.14 -2.09
CA SER E 692 45.72 43.52 -1.36
C SER E 692 46.57 44.39 -2.26
N LEU E 693 46.95 45.55 -1.76
CA LEU E 693 47.53 46.61 -2.57
C LEU E 693 48.92 46.95 -2.07
N THR E 694 49.83 47.24 -3.00
CA THR E 694 51.23 47.47 -2.67
C THR E 694 51.69 48.89 -3.00
N ARG E 695 51.41 49.38 -4.20
CA ARG E 695 51.81 50.73 -4.56
C ARG E 695 50.79 51.29 -5.55
N GLY E 696 51.13 52.43 -6.16
CA GLY E 696 50.13 53.21 -6.86
C GLY E 696 49.71 52.63 -8.18
N ASP E 697 50.65 52.05 -8.92
CA ASP E 697 50.35 51.54 -10.26
C ASP E 697 49.73 50.14 -10.25
N GLN E 698 49.29 49.66 -9.09
CA GLN E 698 48.54 48.41 -9.04
C GLN E 698 47.19 48.53 -9.72
N ILE E 699 46.60 49.73 -9.72
CA ILE E 699 45.28 49.94 -10.28
C ILE E 699 45.35 51.03 -11.34
N GLU E 700 44.33 51.06 -12.19
CA GLU E 700 44.28 51.90 -13.37
C GLU E 700 43.10 52.85 -13.24
N GLU E 701 43.17 53.98 -13.96
CA GLU E 701 42.19 55.06 -13.81
C GLU E 701 40.79 54.63 -14.22
N GLU E 702 40.59 54.24 -15.49
CA GLU E 702 39.23 53.91 -15.91
C GLU E 702 38.77 52.55 -15.42
N GLU E 703 39.60 51.80 -14.70
CA GLU E 703 39.17 50.61 -13.99
C GLU E 703 38.66 50.92 -12.58
N LEU E 704 38.69 52.19 -12.16
CA LEU E 704 38.29 52.53 -10.80
C LEU E 704 36.80 52.38 -10.55
N ASP E 705 35.99 52.21 -11.58
CA ASP E 705 34.58 51.84 -11.44
C ASP E 705 34.35 50.35 -11.69
N SER E 706 35.36 49.52 -11.41
CA SER E 706 35.24 48.10 -11.70
C SER E 706 34.44 47.31 -10.68
N LEU E 707 33.93 47.96 -9.64
CA LEU E 707 33.26 47.25 -8.55
C LEU E 707 31.85 47.77 -8.34
N ILE E 708 31.13 48.09 -9.41
CA ILE E 708 29.76 48.54 -9.31
C ILE E 708 28.81 47.57 -9.98
N ASN E 709 29.31 46.69 -10.83
CA ASN E 709 28.46 45.78 -11.57
C ASN E 709 28.47 44.37 -11.00
N LEU E 710 29.13 44.16 -9.86
CA LEU E 710 29.10 42.86 -9.21
C LEU E 710 27.78 42.75 -8.47
N SER E 711 26.82 42.04 -9.07
CA SER E 711 25.47 42.03 -8.55
C SER E 711 25.35 41.17 -7.30
N LYS E 712 26.04 40.04 -7.27
CA LYS E 712 25.87 39.07 -6.19
C LYS E 712 26.99 39.15 -5.16
N LEU E 713 27.67 40.29 -5.05
CA LEU E 713 28.80 40.42 -4.14
C LEU E 713 28.31 40.66 -2.72
N MET E 714 29.00 40.06 -1.77
CA MET E 714 28.63 40.16 -0.36
C MET E 714 29.69 40.80 0.52
N SER E 715 30.97 40.51 0.30
CA SER E 715 32.00 40.94 1.21
C SER E 715 33.27 41.34 0.47
N ILE E 716 33.99 42.30 1.05
CA ILE E 716 35.22 42.85 0.51
C ILE E 716 36.25 42.91 1.63
N SER E 717 37.46 42.40 1.39
CA SER E 717 38.56 42.58 2.31
C SER E 717 39.70 43.26 1.58
N ILE E 718 40.20 44.35 2.16
CA ILE E 718 41.27 45.15 1.56
C ILE E 718 42.48 45.08 2.47
N ASN E 719 43.61 44.64 1.91
CA ASN E 719 44.83 44.40 2.68
C ASN E 719 45.94 45.31 2.15
N CYS E 720 45.96 46.55 2.64
CA CYS E 720 46.98 47.50 2.22
C CYS E 720 48.19 47.46 3.15
N TYR E 721 48.76 46.26 3.28
CA TYR E 721 49.82 46.02 4.26
C TYR E 721 51.13 46.66 3.85
N ASP E 722 51.67 46.24 2.71
CA ASP E 722 52.97 46.75 2.25
C ASP E 722 52.70 47.90 1.28
N SER E 723 52.07 48.94 1.79
CA SER E 723 51.79 50.12 0.99
C SER E 723 53.02 51.00 0.90
N TYR E 724 53.09 51.78 -0.18
CA TYR E 724 54.29 52.57 -0.46
C TYR E 724 54.05 54.07 -0.40
N GLY E 725 53.16 54.61 -1.23
CA GLY E 725 53.08 56.03 -1.46
C GLY E 725 51.67 56.58 -1.33
N ASP E 726 51.59 57.91 -1.32
CA ASP E 726 50.31 58.59 -1.22
C ASP E 726 49.49 58.52 -2.50
N ASP E 727 50.11 58.14 -3.62
CA ASP E 727 49.37 57.90 -4.86
C ASP E 727 48.38 56.76 -4.69
N LEU E 728 48.76 55.73 -3.93
CA LEU E 728 47.83 54.65 -3.60
C LEU E 728 46.66 55.17 -2.78
N ILE E 729 46.92 56.10 -1.86
CA ILE E 729 45.86 56.66 -1.04
C ILE E 729 44.90 57.50 -1.88
N THR E 730 45.44 58.25 -2.84
CA THR E 730 44.57 59.04 -3.71
C THR E 730 43.81 58.16 -4.71
N LYS E 731 44.39 57.04 -5.13
CA LYS E 731 43.73 56.20 -6.11
C LYS E 731 42.79 55.17 -5.50
N ILE E 732 42.88 54.92 -4.19
CA ILE E 732 41.88 54.06 -3.54
C ILE E 732 40.51 54.72 -3.57
N ASP E 733 40.45 56.03 -3.34
CA ASP E 733 39.21 56.75 -3.02
C ASP E 733 38.18 56.77 -4.15
N ALA E 734 38.49 56.22 -5.32
CA ALA E 734 37.51 56.08 -6.40
C ALA E 734 36.97 54.67 -6.52
N LEU E 735 37.53 53.69 -5.80
CA LEU E 735 37.01 52.34 -5.80
C LEU E 735 35.71 52.31 -5.00
N THR E 736 34.59 52.29 -5.70
CA THR E 736 33.29 52.29 -5.05
C THR E 736 32.73 50.88 -5.02
N PRO E 737 32.41 50.34 -3.85
CA PRO E 737 31.74 49.05 -3.75
C PRO E 737 30.31 49.13 -4.25
N PRO E 738 29.63 48.00 -4.48
CA PRO E 738 28.22 48.07 -4.89
C PRO E 738 27.34 48.54 -3.74
N HIS E 739 26.10 48.90 -4.09
CA HIS E 739 25.18 49.38 -3.07
C HIS E 739 24.71 48.26 -2.15
N GLN E 740 24.78 47.02 -2.61
CA GLN E 740 24.65 45.88 -1.70
C GLN E 740 26.06 45.47 -1.28
N LEU E 741 26.26 45.37 0.03
CA LEU E 741 27.55 45.01 0.59
C LEU E 741 27.28 44.65 2.04
N HIS E 742 27.68 43.46 2.46
CA HIS E 742 27.31 43.00 3.79
C HIS E 742 28.43 43.20 4.80
N GLU E 743 29.67 42.95 4.42
CA GLU E 743 30.82 43.09 5.30
C GLU E 743 31.96 43.74 4.52
N LEU E 744 32.64 44.72 5.10
CA LEU E 744 33.92 45.10 4.55
C LEU E 744 34.94 45.17 5.68
N SER E 745 36.18 44.83 5.33
CA SER E 745 37.28 44.84 6.29
C SER E 745 38.51 45.41 5.58
N LEU E 746 38.66 46.73 5.66
CA LEU E 746 39.94 47.35 5.37
C LEU E 746 40.81 47.25 6.60
N GLN E 747 42.06 46.83 6.43
CA GLN E 747 42.83 46.38 7.58
C GLN E 747 44.24 46.93 7.69
N PHE E 748 44.80 47.56 6.68
CA PHE E 748 46.04 48.24 7.02
C PHE E 748 46.10 49.69 6.57
N TYR E 749 45.49 50.04 5.41
CA TYR E 749 44.95 51.34 5.01
C TYR E 749 45.81 52.54 5.38
N PRO E 750 46.83 52.87 4.58
CA PRO E 750 47.78 53.92 4.98
C PRO E 750 47.20 55.34 4.99
N GLY E 751 45.98 55.55 4.51
CA GLY E 751 45.42 56.88 4.49
C GLY E 751 45.09 57.41 5.87
N LYS E 752 44.91 58.72 5.95
CA LYS E 752 44.65 59.39 7.22
C LYS E 752 43.19 59.73 7.42
N SER E 753 42.45 60.01 6.37
CA SER E 753 41.02 60.26 6.47
C SER E 753 40.26 59.01 6.06
N SER E 754 38.93 59.11 6.06
CA SER E 754 38.11 58.04 5.55
C SER E 754 38.26 57.97 4.03
N PRO E 755 37.97 56.80 3.43
CA PRO E 755 38.17 56.66 1.97
C PRO E 755 37.18 57.39 1.07
N SER E 756 36.32 58.23 1.64
CA SER E 756 35.37 59.14 0.99
C SER E 756 34.25 58.43 0.24
N TRP E 757 34.13 57.11 0.32
CA TRP E 757 32.88 56.45 0.00
C TRP E 757 32.20 55.86 1.21
N LEU E 758 32.87 55.84 2.36
CA LEU E 758 32.33 55.24 3.58
C LEU E 758 31.21 56.13 4.09
N SER E 759 30.03 55.92 3.54
CA SER E 759 28.87 56.76 3.78
C SER E 759 27.64 55.90 3.56
N PRO E 760 26.54 56.18 4.26
CA PRO E 760 25.28 55.46 3.96
C PRO E 760 24.71 55.77 2.59
N HIS E 761 25.17 56.83 1.91
CA HIS E 761 24.71 57.11 0.56
C HIS E 761 25.32 56.14 -0.45
N LYS E 762 26.59 55.82 -0.28
CA LYS E 762 27.27 54.97 -1.26
C LYS E 762 27.03 53.49 -1.01
N LEU E 763 26.72 53.11 0.22
CA LEU E 763 26.42 51.72 0.54
C LEU E 763 25.43 51.69 1.69
N PRO E 764 24.15 51.55 1.40
CA PRO E 764 23.14 51.66 2.44
C PRO E 764 23.01 50.42 3.30
N MET E 765 23.19 49.26 2.69
CA MET E 765 22.86 47.98 3.32
C MET E 765 24.05 47.35 4.03
N LEU E 766 25.00 48.14 4.48
CA LEU E 766 26.12 47.60 5.24
C LEU E 766 25.68 47.22 6.65
N ARG E 767 25.97 46.00 7.06
CA ARG E 767 25.60 45.52 8.38
C ARG E 767 26.79 45.31 9.31
N TYR E 768 27.87 44.72 8.80
CA TYR E 768 29.04 44.40 9.60
C TYR E 768 30.26 45.08 9.00
N MET E 769 31.19 45.48 9.84
CA MET E 769 32.32 46.29 9.42
C MET E 769 33.43 46.21 10.46
N SER E 770 34.67 46.03 9.99
CA SER E 770 35.80 46.04 10.89
C SER E 770 36.92 46.88 10.29
N ILE E 771 37.63 47.57 11.17
CA ILE E 771 38.83 48.31 10.80
C ILE E 771 39.96 47.86 11.70
N CYS E 772 40.95 47.19 11.13
CA CYS E 772 42.16 46.79 11.82
C CYS E 772 43.15 47.97 11.79
N SER E 773 44.45 47.68 11.96
CA SER E 773 45.54 48.65 11.99
C SER E 773 45.50 49.67 10.86
N GLY E 774 46.05 50.85 11.09
CA GLY E 774 45.99 51.87 10.06
C GLY E 774 46.60 53.17 10.51
N ASN E 775 46.85 54.03 9.54
CA ASN E 775 47.30 55.39 9.76
C ASN E 775 46.12 56.37 9.76
N LEU E 776 44.93 55.89 10.08
CA LEU E 776 43.73 56.69 9.93
C LEU E 776 43.62 57.63 11.13
N VAL E 777 43.35 58.90 10.85
CA VAL E 777 43.35 59.92 11.90
C VAL E 777 41.92 60.27 12.29
N LYS E 778 41.11 60.67 11.31
CA LYS E 778 39.73 61.03 11.61
C LYS E 778 38.85 60.68 10.43
N MET E 779 37.55 60.71 10.66
CA MET E 779 36.57 60.42 9.64
C MET E 779 36.07 61.71 9.01
N GLN E 780 35.80 61.65 7.72
CA GLN E 780 35.31 62.82 7.01
C GLN E 780 33.83 63.06 7.33
N GLU E 781 33.34 64.21 6.88
CA GLU E 781 31.94 64.57 7.03
C GLU E 781 30.92 63.70 6.27
N PRO E 782 31.22 63.11 5.10
CA PRO E 782 30.28 62.11 4.56
C PRO E 782 30.15 60.84 5.41
N PHE E 783 31.09 60.56 6.31
CA PHE E 783 30.98 59.36 7.15
C PHE E 783 29.84 59.45 8.14
N TRP E 784 29.42 60.65 8.51
CA TRP E 784 28.30 60.77 9.43
C TRP E 784 26.98 60.86 8.66
N GLY E 785 26.82 61.89 7.85
CA GLY E 785 25.70 62.03 6.92
C GLY E 785 24.32 61.98 7.54
N ASN E 786 24.12 62.67 8.66
CA ASN E 786 22.99 62.41 9.54
C ASN E 786 21.83 63.37 9.34
N GLU E 787 21.56 63.79 8.10
CA GLU E 787 20.39 64.62 7.87
C GLU E 787 19.11 63.79 7.97
N ASN E 788 19.03 62.71 7.20
CA ASN E 788 18.01 61.68 7.39
C ASN E 788 18.55 60.27 7.24
N THR E 789 19.66 60.07 6.55
CA THR E 789 20.19 58.74 6.32
C THR E 789 21.04 58.28 7.51
N HIS E 790 21.01 56.96 7.74
CA HIS E 790 21.78 56.35 8.80
C HIS E 790 22.41 55.08 8.26
N TRP E 791 23.25 54.46 9.08
CA TRP E 791 24.06 53.34 8.60
C TRP E 791 23.25 52.06 8.45
N ARG E 792 22.34 51.80 9.39
CA ARG E 792 21.74 50.48 9.61
C ARG E 792 22.82 49.41 9.73
N ILE E 793 23.87 49.74 10.48
CA ILE E 793 25.00 48.87 10.69
C ILE E 793 24.81 48.21 12.04
N GLU E 794 25.41 47.05 12.22
CA GLU E 794 25.06 46.30 13.42
C GLU E 794 26.26 45.83 14.22
N GLY E 795 27.34 45.44 13.56
CA GLY E 795 28.56 45.01 14.23
C GLY E 795 29.74 45.82 13.77
N LEU E 796 30.53 46.31 14.72
CA LEU E 796 31.63 47.21 14.40
C LEU E 796 32.86 46.81 15.20
N MET E 797 34.01 46.84 14.54
CA MET E 797 35.27 46.45 15.19
C MET E 797 36.36 47.44 14.83
N LEU E 798 37.07 47.93 15.84
CA LEU E 798 38.18 48.86 15.67
C LEU E 798 39.38 48.25 16.38
N SER E 799 40.28 47.60 15.64
CA SER E 799 41.23 46.71 16.31
C SER E 799 42.41 47.47 16.90
N SER E 800 43.29 48.03 16.07
CA SER E 800 44.51 48.63 16.60
C SER E 800 44.74 49.97 15.90
N LEU E 801 44.14 51.02 16.44
CA LEU E 801 44.24 52.34 15.84
C LEU E 801 44.77 53.32 16.89
N SER E 802 45.94 53.87 16.63
CA SER E 802 46.57 54.81 17.55
C SER E 802 46.43 56.25 17.12
N ASP E 803 45.71 56.52 16.03
CA ASP E 803 45.49 57.88 15.54
C ASP E 803 44.02 58.22 15.37
N LEU E 804 43.12 57.24 15.56
CA LEU E 804 41.70 57.41 15.28
C LEU E 804 40.98 58.07 16.46
N ASP E 805 40.31 59.19 16.19
CA ASP E 805 39.59 59.93 17.21
C ASP E 805 38.16 60.21 16.75
N MET E 806 37.19 59.80 17.58
CA MET E 806 35.79 60.12 17.38
C MET E 806 35.08 60.02 18.71
N ASP E 807 33.79 60.34 18.70
CA ASP E 807 32.97 60.32 19.90
C ASP E 807 32.15 59.05 20.01
N TRP E 808 31.32 59.01 21.04
CA TRP E 808 30.48 57.85 21.34
C TRP E 808 29.00 58.12 21.13
N GLU E 809 28.48 59.22 21.70
CA GLU E 809 27.10 59.58 21.47
C GLU E 809 26.86 60.06 20.04
N VAL E 810 27.90 60.52 19.36
CA VAL E 810 27.76 60.86 17.95
C VAL E 810 27.61 59.58 17.12
N LEU E 811 28.31 58.52 17.52
CA LEU E 811 28.08 57.22 16.90
C LEU E 811 26.69 56.70 17.21
N GLN E 812 26.24 56.85 18.46
CA GLN E 812 24.92 56.35 18.82
C GLN E 812 23.79 57.14 18.21
N GLN E 813 24.02 58.38 17.81
CA GLN E 813 23.02 59.11 17.04
C GLN E 813 23.25 58.98 15.54
N SER E 814 24.36 58.40 15.11
CA SER E 814 24.58 58.13 13.70
C SER E 814 24.40 56.67 13.32
N MET E 815 24.48 55.76 14.28
CA MET E 815 24.31 54.32 14.04
C MET E 815 23.23 53.82 14.99
N PRO E 816 21.96 53.92 14.61
CA PRO E 816 20.88 53.57 15.55
C PRO E 816 20.68 52.08 15.75
N TYR E 817 21.36 51.22 15.00
CA TYR E 817 21.07 49.79 15.01
C TYR E 817 22.26 48.97 15.46
N LEU E 818 23.14 49.54 16.28
CA LEU E 818 24.27 48.79 16.78
C LEU E 818 23.84 47.78 17.83
N ARG E 819 24.58 46.67 17.90
CA ARG E 819 24.47 45.73 18.98
C ARG E 819 25.75 45.65 19.80
N THR E 820 26.88 45.38 19.15
CA THR E 820 28.17 45.26 19.81
C THR E 820 29.21 46.04 19.04
N VAL E 821 30.11 46.70 19.77
CA VAL E 821 31.26 47.40 19.21
C VAL E 821 32.49 46.88 19.93
N THR E 822 33.33 46.13 19.22
CA THR E 822 34.50 45.49 19.82
C THR E 822 35.74 46.27 19.43
N ALA E 823 36.24 47.09 20.35
CA ALA E 823 37.49 47.80 20.16
C ALA E 823 38.45 47.41 21.27
N ASN E 824 39.71 47.15 20.92
CA ASN E 824 40.64 46.63 21.92
C ASN E 824 42.02 47.27 21.94
N TRP E 825 42.42 48.03 20.91
CA TRP E 825 43.66 48.81 21.00
C TRP E 825 43.42 50.18 20.38
N CYS E 826 42.92 51.11 21.18
CA CYS E 826 42.71 52.50 20.76
C CYS E 826 43.01 53.38 21.96
N PRO E 827 44.27 53.79 22.14
CA PRO E 827 44.68 54.46 23.38
C PRO E 827 44.25 55.91 23.49
N GLU E 828 43.32 56.38 22.68
CA GLU E 828 43.11 57.80 22.48
C GLU E 828 41.66 58.24 22.47
N LEU E 829 40.70 57.33 22.59
CA LEU E 829 39.30 57.74 22.64
C LEU E 829 38.90 58.13 24.04
N GLU E 830 38.93 57.15 24.97
CA GLU E 830 38.52 57.28 26.38
C GLU E 830 37.16 57.93 26.54
N SER E 831 36.25 57.61 25.63
CA SER E 831 34.90 58.13 25.69
C SER E 831 33.87 57.05 25.47
N PHE E 832 34.28 55.82 25.21
CA PHE E 832 33.32 54.78 24.91
C PHE E 832 32.83 54.13 26.18
N ALA E 833 31.78 53.33 26.04
CA ALA E 833 31.14 52.71 27.19
C ALA E 833 31.84 51.44 27.65
N ILE E 834 32.82 50.95 26.90
CA ILE E 834 33.52 49.74 27.30
C ILE E 834 34.52 50.06 28.41
N GLU E 835 35.07 48.99 29.01
CA GLU E 835 35.85 49.12 30.24
C GLU E 835 37.17 49.85 29.99
N ASP E 836 37.86 49.53 28.91
CA ASP E 836 38.97 50.34 28.43
C ASP E 836 39.08 50.21 26.92
N VAL E 837 38.98 51.35 26.23
CA VAL E 837 39.18 51.36 24.79
C VAL E 837 40.65 51.34 24.44
N GLY E 838 41.52 51.46 25.44
CA GLY E 838 42.94 51.55 25.23
C GLY E 838 43.53 50.16 25.20
N PHE E 839 44.11 49.73 26.31
CA PHE E 839 44.98 48.56 26.29
C PHE E 839 44.20 47.27 26.10
N ARG E 840 43.23 47.01 26.95
CA ARG E 840 42.41 45.82 26.79
C ARG E 840 41.19 46.15 25.93
N GLY E 841 40.22 45.25 25.88
CA GLY E 841 39.07 45.44 25.03
C GLY E 841 37.79 44.99 25.70
N GLY E 842 36.70 45.59 25.25
CA GLY E 842 35.38 45.19 25.67
C GLY E 842 34.51 44.98 24.45
N VAL E 843 33.23 44.69 24.63
CA VAL E 843 32.34 44.43 23.51
C VAL E 843 31.16 45.37 23.45
N TRP E 844 30.75 45.97 24.57
CA TRP E 844 29.52 46.78 24.69
C TRP E 844 28.31 46.02 24.16
N MET E 845 27.98 44.96 24.89
CA MET E 845 26.78 44.21 24.58
C MET E 845 25.59 44.91 25.19
N LYS E 846 24.88 45.71 24.40
CA LYS E 846 23.78 46.51 24.90
C LYS E 846 22.55 45.65 25.10
N THR E 847 21.51 46.26 25.67
CA THR E 847 20.26 45.56 25.94
C THR E 847 19.45 45.36 24.67
N THR F 23 25.24 -40.28 -16.00
CA THR F 23 23.95 -40.85 -15.67
C THR F 23 24.08 -41.97 -14.64
N VAL F 24 25.30 -42.47 -14.50
CA VAL F 24 25.56 -43.54 -13.54
C VAL F 24 26.36 -43.04 -12.35
N SER F 25 27.28 -42.09 -12.57
CA SER F 25 28.14 -41.60 -11.50
C SER F 25 27.38 -40.75 -10.50
N ASP F 26 26.27 -40.14 -10.92
CA ASP F 26 25.47 -39.30 -10.07
C ASP F 26 24.34 -40.04 -9.37
N TYR F 27 24.32 -41.37 -9.48
CA TYR F 27 23.21 -42.18 -8.98
C TYR F 27 23.01 -42.05 -7.49
N ARG F 28 24.10 -41.86 -6.73
CA ARG F 28 23.93 -41.59 -5.31
C ARG F 28 23.34 -40.20 -5.10
N LYS F 29 23.85 -39.20 -5.84
CA LYS F 29 23.41 -37.82 -5.67
C LYS F 29 21.96 -37.67 -6.07
N GLN F 30 21.60 -38.20 -7.23
CA GLN F 30 20.23 -38.18 -7.67
C GLN F 30 19.35 -39.12 -6.87
N LEU F 31 19.95 -40.01 -6.06
CA LEU F 31 19.19 -40.64 -4.99
C LEU F 31 18.84 -39.63 -3.92
N GLU F 32 19.86 -39.00 -3.32
CA GLU F 32 19.72 -38.43 -1.99
C GLU F 32 18.88 -37.16 -1.97
N ASP F 33 18.90 -36.39 -3.05
CA ASP F 33 18.00 -35.23 -3.16
C ASP F 33 16.55 -35.64 -3.11
N LEU F 34 16.21 -36.79 -3.72
CA LEU F 34 14.88 -37.37 -3.56
C LEU F 34 14.61 -37.71 -2.09
N GLN F 35 15.62 -38.27 -1.42
CA GLN F 35 15.51 -38.51 0.01
C GLN F 35 15.40 -37.22 0.80
N SER F 36 15.90 -36.11 0.25
CA SER F 36 15.61 -34.84 0.89
C SER F 36 14.20 -34.38 0.56
N GLU F 37 13.78 -34.58 -0.70
CA GLU F 37 12.61 -33.87 -1.19
C GLU F 37 11.34 -34.44 -0.60
N LEU F 38 11.25 -35.78 -0.53
CA LEU F 38 10.21 -36.45 0.23
C LEU F 38 10.20 -35.95 1.67
N LYS F 39 11.39 -35.80 2.26
CA LYS F 39 11.57 -35.27 3.60
C LYS F 39 10.95 -33.89 3.77
N TYR F 40 10.94 -33.08 2.71
CA TYR F 40 10.26 -31.81 2.86
C TYR F 40 8.77 -31.95 2.63
N MET F 41 8.37 -32.72 1.61
CA MET F 41 7.03 -32.54 1.08
C MET F 41 5.98 -33.15 2.00
N GLN F 42 6.32 -34.27 2.65
CA GLN F 42 5.41 -34.82 3.64
C GLN F 42 5.38 -33.93 4.88
N SER F 43 6.46 -33.22 5.17
CA SER F 43 6.39 -32.23 6.24
C SER F 43 5.51 -31.08 5.83
N PHE F 44 5.50 -30.74 4.53
CA PHE F 44 4.48 -29.83 4.02
C PHE F 44 3.09 -30.42 4.18
N LEU F 45 2.97 -31.73 3.99
CA LEU F 45 1.71 -32.41 4.23
C LEU F 45 1.47 -32.72 5.69
N LYS F 46 2.29 -32.18 6.59
CA LYS F 46 1.95 -32.10 8.00
C LYS F 46 1.60 -30.68 8.39
N ASP F 47 1.45 -29.79 7.43
CA ASP F 47 1.17 -28.39 7.71
C ASP F 47 -0.10 -27.91 7.04
N ALA F 48 -0.34 -28.31 5.79
CA ALA F 48 -1.46 -27.79 5.01
C ALA F 48 -2.80 -28.22 5.55
N GLU F 49 -2.88 -29.38 6.20
CA GLU F 49 -4.12 -29.79 6.84
C GLU F 49 -4.35 -29.10 8.18
N ARG F 50 -3.33 -28.45 8.72
CA ARG F 50 -3.49 -27.62 9.90
C ARG F 50 -3.88 -26.19 9.55
N GLN F 51 -4.15 -25.92 8.29
CA GLN F 51 -4.43 -24.58 7.79
C GLN F 51 -5.92 -24.43 7.52
N LYS F 52 -6.50 -23.35 8.03
CA LYS F 52 -7.87 -23.00 7.71
C LYS F 52 -7.90 -22.14 6.45
N ARG F 53 -9.10 -21.98 5.89
CA ARG F 53 -9.35 -21.26 4.63
C ARG F 53 -8.52 -21.86 3.49
N THR F 54 -8.89 -23.09 3.14
CA THR F 54 -8.26 -23.81 2.04
C THR F 54 -9.05 -23.54 0.77
N ASN F 55 -8.46 -22.78 -0.14
CA ASN F 55 -9.08 -22.57 -1.45
C ASN F 55 -8.83 -23.77 -2.36
N GLU F 56 -9.23 -23.63 -3.62
CA GLU F 56 -9.30 -24.78 -4.50
C GLU F 56 -7.92 -25.23 -4.99
N THR F 57 -7.03 -24.27 -5.28
CA THR F 57 -5.70 -24.64 -5.76
C THR F 57 -4.90 -25.35 -4.68
N LEU F 58 -5.11 -24.94 -3.42
CA LEU F 58 -4.44 -25.60 -2.30
C LEU F 58 -4.89 -27.04 -2.16
N ARG F 59 -6.20 -27.28 -2.21
CA ARG F 59 -6.67 -28.63 -2.01
C ARG F 59 -6.36 -29.52 -3.20
N THR F 60 -6.29 -28.96 -4.41
CA THR F 60 -5.90 -29.78 -5.56
C THR F 60 -4.43 -30.15 -5.52
N LEU F 61 -3.55 -29.21 -5.13
CA LEU F 61 -2.16 -29.65 -5.16
C LEU F 61 -1.81 -30.49 -3.94
N VAL F 62 -2.54 -30.37 -2.82
CA VAL F 62 -2.38 -31.36 -1.77
C VAL F 62 -2.88 -32.72 -2.24
N ALA F 63 -3.98 -32.73 -3.00
CA ALA F 63 -4.57 -33.98 -3.47
C ALA F 63 -3.68 -34.73 -4.46
N ASP F 64 -2.86 -34.02 -5.23
CA ASP F 64 -1.92 -34.80 -6.05
C ASP F 64 -0.52 -34.91 -5.46
N LEU F 65 -0.14 -34.05 -4.50
CA LEU F 65 1.12 -34.30 -3.80
C LEU F 65 1.04 -35.52 -2.90
N ARG F 66 -0.15 -35.90 -2.43
CA ARG F 66 -0.25 -37.13 -1.65
C ARG F 66 0.04 -38.35 -2.51
N GLU F 67 -0.51 -38.38 -3.73
CA GLU F 67 -0.20 -39.46 -4.66
C GLU F 67 1.26 -39.44 -5.07
N LEU F 68 1.83 -38.24 -5.16
CA LEU F 68 3.23 -38.13 -5.53
C LEU F 68 4.15 -38.59 -4.40
N VAL F 69 3.74 -38.37 -3.14
CA VAL F 69 4.45 -38.93 -1.99
C VAL F 69 4.41 -40.45 -2.02
N TYR F 70 3.23 -41.01 -2.32
CA TYR F 70 3.11 -42.46 -2.44
C TYR F 70 4.01 -43.02 -3.53
N GLU F 71 4.10 -42.33 -4.67
CA GLU F 71 4.96 -42.80 -5.75
C GLU F 71 6.44 -42.68 -5.38
N ALA F 72 6.80 -41.59 -4.70
CA ALA F 72 8.20 -41.35 -4.35
C ALA F 72 8.69 -42.37 -3.34
N GLU F 73 7.95 -42.55 -2.24
CA GLU F 73 8.37 -43.57 -1.28
C GLU F 73 8.06 -44.97 -1.75
N ASP F 74 7.30 -45.11 -2.85
CA ASP F 74 7.13 -46.40 -3.47
C ASP F 74 8.39 -46.81 -4.20
N ILE F 75 8.95 -45.91 -5.01
CA ILE F 75 10.12 -46.30 -5.79
C ILE F 75 11.40 -46.08 -5.01
N LEU F 76 11.34 -45.43 -3.86
CA LEU F 76 12.55 -45.19 -3.08
C LEU F 76 13.07 -46.45 -2.41
N VAL F 77 12.21 -47.45 -2.21
CA VAL F 77 12.62 -48.68 -1.55
C VAL F 77 13.48 -49.54 -2.46
N ASP F 78 13.46 -49.27 -3.77
CA ASP F 78 14.29 -50.01 -4.72
C ASP F 78 15.78 -49.69 -4.62
N CYS F 79 16.19 -48.72 -3.79
CA CYS F 79 17.62 -48.43 -3.66
C CYS F 79 18.34 -49.41 -2.74
N GLN F 80 17.61 -50.31 -2.08
CA GLN F 80 18.24 -51.37 -1.30
C GLN F 80 18.22 -52.68 -2.07
N LEU F 107 20.64 -53.36 -13.49
CA LEU F 107 21.78 -52.47 -13.35
C LEU F 107 21.43 -51.28 -12.45
N GLN F 108 22.43 -50.42 -12.22
CA GLN F 108 22.24 -49.17 -11.51
C GLN F 108 21.92 -48.02 -12.46
N TYR F 109 21.30 -48.32 -13.59
CA TYR F 109 21.03 -47.36 -14.65
C TYR F 109 19.54 -47.11 -14.85
N LYS F 110 18.73 -48.19 -14.83
CA LYS F 110 17.29 -48.04 -14.94
C LYS F 110 16.71 -47.36 -13.70
N LYS F 111 17.30 -47.65 -12.54
CA LYS F 111 16.91 -46.95 -11.32
C LYS F 111 17.25 -45.47 -11.39
N SER F 112 18.38 -45.13 -12.01
CA SER F 112 18.71 -43.72 -12.21
C SER F 112 17.74 -43.05 -13.18
N LYS F 113 17.27 -43.80 -14.20
CA LYS F 113 16.20 -43.28 -15.05
C LYS F 113 14.93 -42.98 -14.27
N ARG F 114 14.57 -43.88 -13.35
CA ARG F 114 13.35 -43.67 -12.56
C ARG F 114 13.49 -42.47 -11.63
N LEU F 115 14.65 -42.36 -10.97
CA LEU F 115 14.92 -41.20 -10.11
C LEU F 115 14.87 -39.90 -10.90
N GLN F 116 15.43 -39.92 -12.12
CA GLN F 116 15.47 -38.73 -12.94
C GLN F 116 14.08 -38.30 -13.38
N GLU F 117 13.26 -39.25 -13.84
CA GLU F 117 11.96 -38.87 -14.34
C GLU F 117 11.03 -38.42 -13.22
N ILE F 118 11.13 -39.00 -12.01
CA ILE F 118 10.23 -38.50 -10.99
C ILE F 118 10.74 -37.19 -10.40
N ASN F 119 12.06 -36.96 -10.40
CA ASN F 119 12.56 -35.65 -9.96
C ASN F 119 12.14 -34.55 -10.91
N GLU F 120 12.20 -34.83 -12.22
CA GLU F 120 11.73 -33.87 -13.20
C GLU F 120 10.23 -33.63 -13.08
N ARG F 121 9.46 -34.68 -12.74
CA ARG F 121 8.03 -34.52 -12.55
C ARG F 121 7.70 -33.62 -11.37
N ILE F 122 8.41 -33.84 -10.25
CA ILE F 122 8.13 -33.05 -9.04
C ILE F 122 8.54 -31.60 -9.23
N THR F 123 9.72 -31.36 -9.80
CA THR F 123 10.15 -29.98 -10.04
C THR F 123 9.25 -29.28 -11.05
N LYS F 124 8.75 -30.01 -12.05
CA LYS F 124 7.87 -29.41 -13.02
C LYS F 124 6.53 -29.04 -12.41
N ILE F 125 5.97 -29.88 -11.53
CA ILE F 125 4.67 -29.49 -10.96
C ILE F 125 4.83 -28.36 -9.96
N LYS F 126 5.99 -28.29 -9.27
CA LYS F 126 6.27 -27.14 -8.40
C LYS F 126 6.30 -25.83 -9.19
N SER F 127 7.13 -25.78 -10.24
CA SER F 127 7.23 -24.57 -11.04
C SER F 127 5.98 -24.32 -11.86
N GLN F 128 5.12 -25.31 -12.00
CA GLN F 128 3.88 -25.17 -12.73
C GLN F 128 2.76 -24.61 -11.87
N VAL F 129 2.77 -24.89 -10.57
CA VAL F 129 1.69 -24.44 -9.71
C VAL F 129 2.05 -23.17 -8.92
N GLU F 130 3.34 -22.84 -8.78
CA GLU F 130 3.74 -21.68 -7.97
C GLU F 130 3.21 -20.29 -8.38
N PRO F 131 3.09 -19.93 -9.67
CA PRO F 131 2.52 -18.61 -9.99
C PRO F 131 1.04 -18.44 -9.63
N TYR F 132 0.27 -19.52 -9.53
CA TYR F 132 -1.12 -19.38 -9.12
C TYR F 132 -1.23 -19.00 -7.65
N PHE F 133 -0.23 -19.36 -6.86
CA PHE F 133 -0.17 -18.84 -5.50
C PHE F 133 0.48 -17.47 -5.47
N GLU F 134 1.28 -17.15 -6.48
CA GLU F 134 1.76 -15.77 -6.60
C GLU F 134 0.63 -14.79 -6.90
N PHE F 135 -0.43 -15.22 -7.59
CA PHE F 135 -1.40 -14.28 -8.12
C PHE F 135 -2.34 -13.76 -7.02
N ILE F 136 -3.11 -14.64 -6.40
CA ILE F 136 -4.15 -14.20 -5.49
C ILE F 136 -3.54 -13.80 -4.15
N THR F 137 -4.19 -12.84 -3.50
CA THR F 137 -3.81 -12.41 -2.16
C THR F 137 -4.75 -13.04 -1.15
N PRO F 138 -4.23 -13.60 -0.05
CA PRO F 138 -5.08 -14.26 0.96
C PRO F 138 -5.89 -13.26 1.78
N ASP F 148 -18.08 -20.16 11.90
CA ASP F 148 -17.84 -20.27 13.33
C ASP F 148 -18.95 -21.10 13.97
N ARG F 149 -18.59 -21.83 15.01
CA ARG F 149 -19.52 -22.73 15.69
C ARG F 149 -19.72 -22.29 17.12
N TRP F 150 -20.97 -22.26 17.56
CA TRP F 150 -21.31 -21.78 18.89
C TRP F 150 -22.59 -22.46 19.36
N SER F 151 -22.95 -22.20 20.61
CA SER F 151 -24.13 -22.80 21.20
C SER F 151 -24.72 -21.84 22.21
N SER F 152 -25.91 -22.17 22.71
CA SER F 152 -26.69 -21.23 23.50
C SER F 152 -27.75 -22.00 24.27
N PRO F 153 -28.18 -21.50 25.44
CA PRO F 153 -29.27 -22.15 26.16
C PRO F 153 -30.66 -21.86 25.61
N VAL F 154 -30.80 -21.33 24.41
CA VAL F 154 -32.08 -20.99 23.83
C VAL F 154 -32.46 -22.06 22.82
N TYR F 155 -33.54 -22.78 23.08
CA TYR F 155 -34.03 -23.82 22.18
C TYR F 155 -35.54 -23.75 22.15
N ASP F 156 -36.17 -24.71 21.48
CA ASP F 156 -37.56 -24.57 21.08
C ASP F 156 -38.54 -25.34 21.95
N HIS F 157 -38.08 -26.43 22.60
CA HIS F 157 -38.83 -27.29 23.54
C HIS F 157 -40.19 -27.76 23.02
N THR F 158 -40.37 -27.84 21.71
CA THR F 158 -41.54 -28.46 21.13
C THR F 158 -41.21 -29.61 20.22
N GLN F 159 -40.09 -29.54 19.51
CA GLN F 159 -39.62 -30.63 18.67
C GLN F 159 -38.79 -31.64 19.44
N VAL F 160 -38.59 -31.44 20.73
CA VAL F 160 -37.76 -32.34 21.53
C VAL F 160 -38.53 -33.62 21.77
N VAL F 161 -38.20 -34.65 21.03
CA VAL F 161 -38.86 -35.94 21.14
C VAL F 161 -38.25 -36.69 22.31
N GLY F 162 -39.10 -37.43 23.04
CA GLY F 162 -38.96 -37.81 24.44
C GLY F 162 -37.61 -38.10 25.05
N LEU F 163 -37.29 -37.35 26.09
CA LEU F 163 -36.04 -37.46 26.84
C LEU F 163 -36.29 -37.43 28.33
N GLU F 164 -37.55 -37.62 28.75
CA GLU F 164 -37.94 -37.35 30.13
C GLU F 164 -37.37 -38.34 31.13
N GLY F 165 -37.01 -39.55 30.69
CA GLY F 165 -36.33 -40.47 31.58
C GLY F 165 -34.91 -40.01 31.86
N ASP F 166 -34.19 -39.63 30.80
CA ASP F 166 -32.84 -39.11 30.97
C ASP F 166 -32.85 -37.77 31.68
N LYS F 167 -33.84 -36.93 31.39
CA LYS F 167 -34.02 -35.67 32.08
C LYS F 167 -34.25 -35.89 33.57
N ARG F 168 -35.06 -36.89 33.91
CA ARG F 168 -35.33 -37.23 35.30
C ARG F 168 -34.07 -37.71 36.00
N LYS F 169 -33.32 -38.61 35.36
CA LYS F 169 -32.10 -39.17 35.93
C LYS F 169 -31.06 -38.08 36.18
N ILE F 170 -30.90 -37.15 35.24
CA ILE F 170 -29.93 -36.09 35.41
C ILE F 170 -30.41 -35.09 36.47
N LYS F 171 -31.73 -34.91 36.63
CA LYS F 171 -32.19 -34.05 37.70
C LYS F 171 -31.97 -34.68 39.07
N GLU F 172 -32.14 -36.00 39.19
CA GLU F 172 -31.81 -36.61 40.49
C GLU F 172 -30.31 -36.72 40.70
N TRP F 173 -29.51 -36.66 39.63
CA TRP F 173 -28.07 -36.50 39.83
C TRP F 173 -27.74 -35.11 40.35
N LEU F 174 -28.40 -34.08 39.81
CA LEU F 174 -28.11 -32.72 40.27
C LEU F 174 -28.70 -32.42 41.64
N PHE F 175 -29.71 -33.16 42.08
CA PHE F 175 -30.25 -32.93 43.42
C PHE F 175 -29.32 -33.39 44.53
N ARG F 176 -28.31 -34.21 44.23
CA ARG F 176 -27.36 -34.69 45.21
C ARG F 176 -26.03 -33.95 45.14
N SER F 177 -26.06 -32.66 44.81
CA SER F 177 -24.82 -31.91 44.61
C SER F 177 -24.11 -31.60 45.92
N ASN F 178 -24.85 -31.46 47.02
CA ASN F 178 -24.24 -31.19 48.30
C ASN F 178 -23.54 -32.41 48.90
N ASP F 179 -23.74 -33.59 48.34
CA ASP F 179 -23.09 -34.79 48.85
C ASP F 179 -21.60 -34.79 48.56
N SER F 180 -21.18 -34.14 47.48
CA SER F 180 -19.78 -34.02 47.12
C SER F 180 -19.32 -32.58 47.32
N GLN F 181 -18.02 -32.38 47.17
CA GLN F 181 -17.48 -31.02 47.27
C GLN F 181 -17.73 -30.23 46.00
N LEU F 182 -17.61 -30.88 44.85
CA LEU F 182 -17.86 -30.23 43.57
C LEU F 182 -18.30 -31.32 42.59
N LEU F 183 -19.61 -31.43 42.38
CA LEU F 183 -20.15 -32.44 41.49
C LEU F 183 -19.88 -32.06 40.04
N ILE F 184 -19.12 -32.90 39.34
CA ILE F 184 -18.85 -32.69 37.92
C ILE F 184 -19.37 -33.90 37.15
N MET F 185 -19.91 -33.63 35.97
CA MET F 185 -20.66 -34.60 35.18
C MET F 185 -20.22 -34.50 33.74
N ALA F 186 -20.39 -35.57 32.98
CA ALA F 186 -19.96 -35.60 31.60
C ALA F 186 -21.05 -36.18 30.73
N PHE F 187 -21.27 -35.58 29.56
CA PHE F 187 -22.19 -36.09 28.55
C PHE F 187 -21.35 -36.49 27.36
N VAL F 188 -21.16 -37.79 27.17
CA VAL F 188 -20.21 -38.32 26.19
C VAL F 188 -20.99 -39.05 25.11
N GLY F 189 -20.71 -38.70 23.85
CA GLY F 189 -21.34 -39.38 22.73
C GLY F 189 -20.73 -38.89 21.43
N MET F 190 -21.21 -39.46 20.34
CA MET F 190 -20.69 -39.06 19.04
C MET F 190 -21.33 -37.75 18.60
N GLY F 191 -20.93 -37.28 17.42
CA GLY F 191 -21.33 -35.95 16.98
C GLY F 191 -22.78 -35.93 16.51
N GLY F 192 -23.55 -34.97 17.01
CA GLY F 192 -24.93 -34.84 16.65
C GLY F 192 -25.79 -35.94 17.20
N LEU F 193 -25.83 -36.06 18.52
CA LEU F 193 -26.54 -37.14 19.18
C LEU F 193 -27.59 -36.67 20.17
N GLY F 194 -27.44 -35.48 20.73
CA GLY F 194 -28.43 -34.97 21.65
C GLY F 194 -27.86 -34.40 22.94
N LYS F 195 -26.55 -34.18 22.95
CA LYS F 195 -25.86 -33.80 24.18
C LYS F 195 -26.20 -32.37 24.59
N THR F 196 -26.06 -31.42 23.67
CA THR F 196 -26.40 -30.04 24.01
C THR F 196 -27.89 -29.88 24.21
N THR F 197 -28.70 -30.68 23.51
CA THR F 197 -30.14 -30.58 23.70
C THR F 197 -30.57 -31.14 25.04
N ILE F 198 -29.93 -32.22 25.51
CA ILE F 198 -30.32 -32.71 26.83
C ILE F 198 -29.78 -31.78 27.91
N ALA F 199 -28.66 -31.08 27.66
CA ALA F 199 -28.19 -30.10 28.63
C ALA F 199 -29.13 -28.90 28.72
N GLN F 200 -29.57 -28.40 27.56
CA GLN F 200 -30.55 -27.32 27.51
C GLN F 200 -31.89 -27.74 28.08
N GLU F 201 -32.27 -29.00 27.90
CA GLU F 201 -33.49 -29.50 28.48
C GLU F 201 -33.38 -29.60 29.99
N VAL F 202 -32.18 -29.86 30.51
CA VAL F 202 -32.01 -29.93 31.95
C VAL F 202 -32.09 -28.53 32.56
N PHE F 203 -31.17 -27.64 32.22
CA PHE F 203 -31.07 -26.47 33.10
C PHE F 203 -31.96 -25.32 32.64
N ASN F 204 -32.85 -25.53 31.69
CA ASN F 204 -33.96 -24.61 31.47
C ASN F 204 -35.23 -25.07 32.17
N ASP F 205 -35.15 -26.10 32.99
CA ASP F 205 -36.30 -26.50 33.79
C ASP F 205 -36.44 -25.54 34.96
N LYS F 206 -37.62 -25.55 35.57
CA LYS F 206 -37.90 -24.59 36.64
C LYS F 206 -37.26 -25.02 37.96
N GLU F 207 -37.24 -26.33 38.24
CA GLU F 207 -36.76 -26.81 39.53
C GLU F 207 -35.26 -26.60 39.68
N ILE F 208 -34.52 -26.61 38.57
CA ILE F 208 -33.09 -26.32 38.62
C ILE F 208 -32.85 -24.86 38.98
N GLU F 209 -33.65 -23.95 38.40
CA GLU F 209 -33.56 -22.55 38.79
C GLU F 209 -34.03 -22.32 40.23
N HIS F 210 -34.94 -23.16 40.74
CA HIS F 210 -35.19 -23.15 42.18
C HIS F 210 -33.95 -23.59 42.96
N ARG F 211 -33.23 -24.59 42.45
CA ARG F 211 -32.04 -25.07 43.15
C ARG F 211 -30.86 -24.13 42.93
N PHE F 212 -30.42 -24.01 41.69
CA PHE F 212 -29.25 -23.20 41.36
C PHE F 212 -29.68 -21.77 41.05
N GLU F 213 -28.98 -20.82 41.66
CA GLU F 213 -29.37 -19.43 41.49
C GLU F 213 -28.60 -18.74 40.38
N ARG F 214 -27.46 -19.30 39.99
CA ARG F 214 -26.67 -18.76 38.88
C ARG F 214 -26.34 -19.88 37.92
N ARG F 215 -26.90 -19.80 36.71
CA ARG F 215 -26.73 -20.81 35.69
C ARG F 215 -25.89 -20.21 34.57
N ILE F 216 -24.79 -20.87 34.22
CA ILE F 216 -23.80 -20.32 33.31
C ILE F 216 -23.61 -21.28 32.14
N TRP F 217 -23.86 -20.79 30.94
CA TRP F 217 -23.56 -21.52 29.71
C TRP F 217 -22.26 -20.98 29.14
N VAL F 218 -21.33 -21.88 28.82
CA VAL F 218 -20.05 -21.50 28.23
C VAL F 218 -19.83 -22.35 26.98
N SER F 219 -19.70 -21.69 25.84
CA SER F 219 -19.51 -22.38 24.57
C SER F 219 -18.03 -22.42 24.26
N VAL F 220 -17.38 -23.53 24.57
CA VAL F 220 -15.98 -23.74 24.25
C VAL F 220 -15.92 -24.45 22.91
N SER F 221 -15.51 -23.76 21.87
CA SER F 221 -15.40 -24.39 20.57
C SER F 221 -14.11 -25.20 20.49
N GLN F 222 -13.83 -25.75 19.31
CA GLN F 222 -12.56 -26.41 19.12
C GLN F 222 -11.42 -25.42 18.94
N THR F 223 -11.72 -24.18 18.59
CA THR F 223 -10.74 -23.11 18.48
C THR F 223 -11.14 -22.02 19.47
N PHE F 224 -10.24 -21.72 20.41
CA PHE F 224 -10.62 -20.86 21.53
C PHE F 224 -9.37 -20.23 22.12
N THR F 225 -9.58 -19.52 23.22
CA THR F 225 -8.52 -19.10 24.11
C THR F 225 -9.09 -19.03 25.52
N GLU F 226 -8.21 -18.94 26.51
CA GLU F 226 -8.65 -18.91 27.90
C GLU F 226 -9.37 -17.62 28.22
N GLU F 227 -8.90 -16.51 27.63
CA GLU F 227 -9.39 -15.17 27.94
C GLU F 227 -10.87 -15.02 27.63
N GLN F 228 -11.29 -15.48 26.45
CA GLN F 228 -12.70 -15.33 26.08
C GLN F 228 -13.59 -16.27 26.89
N ILE F 229 -13.05 -17.42 27.30
CA ILE F 229 -13.81 -18.34 28.15
C ILE F 229 -14.12 -17.70 29.50
N MET F 230 -13.09 -17.17 30.15
CA MET F 230 -13.31 -16.63 31.49
C MET F 230 -14.05 -15.30 31.45
N ARG F 231 -13.89 -14.49 30.40
CA ARG F 231 -14.70 -13.29 30.34
C ARG F 231 -16.14 -13.62 29.96
N SER F 232 -16.37 -14.73 29.24
CA SER F 232 -17.74 -15.16 29.01
C SER F 232 -18.37 -15.68 30.30
N ILE F 233 -17.57 -16.29 31.18
CA ILE F 233 -18.05 -16.65 32.50
C ILE F 233 -18.47 -15.41 33.27
N LEU F 234 -17.67 -14.34 33.20
CA LEU F 234 -18.06 -13.11 33.88
C LEU F 234 -19.27 -12.44 33.23
N ARG F 235 -19.42 -12.55 31.91
CA ARG F 235 -20.60 -12.00 31.25
C ARG F 235 -21.86 -12.75 31.66
N ASN F 236 -21.76 -14.07 31.83
CA ASN F 236 -22.89 -14.82 32.36
C ASN F 236 -23.12 -14.54 33.84
N LEU F 237 -22.10 -14.11 34.57
CA LEU F 237 -22.28 -13.74 35.96
C LEU F 237 -22.96 -12.39 36.14
N GLY F 238 -23.17 -11.64 35.06
CA GLY F 238 -23.81 -10.35 35.16
C GLY F 238 -22.85 -9.19 35.35
N ASP F 239 -21.57 -9.46 35.56
CA ASP F 239 -20.58 -8.40 35.55
C ASP F 239 -20.39 -7.89 34.13
N ALA F 240 -20.00 -6.61 34.02
CA ALA F 240 -19.83 -6.00 32.72
C ALA F 240 -18.58 -6.53 32.03
N SER F 241 -18.59 -6.42 30.71
CA SER F 241 -17.46 -6.87 29.89
C SER F 241 -16.32 -5.88 30.07
N VAL F 242 -15.42 -6.18 30.99
CA VAL F 242 -14.29 -5.32 31.28
C VAL F 242 -13.09 -5.77 30.45
N GLY F 243 -12.50 -4.85 29.71
CA GLY F 243 -11.23 -5.12 29.05
C GLY F 243 -10.14 -5.31 30.07
N ASP F 244 -9.68 -6.55 30.25
CA ASP F 244 -8.99 -6.88 31.48
C ASP F 244 -8.07 -8.07 31.21
N ASP F 245 -7.11 -8.28 32.11
CA ASP F 245 -6.15 -9.38 31.97
C ASP F 245 -6.51 -10.54 32.88
N ILE F 246 -5.73 -11.61 32.78
CA ILE F 246 -6.23 -12.96 33.04
C ILE F 246 -6.40 -13.21 34.54
N GLY F 247 -5.37 -12.90 35.33
CA GLY F 247 -5.41 -13.18 36.76
C GLY F 247 -6.45 -12.36 37.50
N THR F 248 -6.67 -11.12 37.05
CA THR F 248 -7.76 -10.31 37.58
C THR F 248 -9.12 -10.94 37.25
N LEU F 249 -9.23 -11.56 36.08
CA LEU F 249 -10.46 -12.27 35.74
C LEU F 249 -10.69 -13.49 36.61
N LEU F 250 -9.64 -14.24 36.93
CA LEU F 250 -9.79 -15.36 37.86
C LEU F 250 -10.15 -14.89 39.25
N ARG F 251 -9.58 -13.75 39.68
CA ARG F 251 -9.95 -13.20 40.97
C ARG F 251 -11.41 -12.79 41.01
N LYS F 252 -11.90 -12.18 39.92
CA LYS F 252 -13.30 -11.77 39.87
C LYS F 252 -14.22 -12.98 39.85
N ILE F 253 -13.88 -14.01 39.06
CA ILE F 253 -14.68 -15.24 39.00
C ILE F 253 -14.74 -15.93 40.36
N GLN F 254 -13.63 -15.92 41.10
CA GLN F 254 -13.66 -16.46 42.46
C GLN F 254 -14.51 -15.59 43.37
N GLN F 255 -14.44 -14.27 43.22
CA GLN F 255 -15.13 -13.39 44.16
C GLN F 255 -16.64 -13.38 43.95
N TYR F 256 -17.12 -13.56 42.71
CA TYR F 256 -18.56 -13.54 42.51
C TYR F 256 -19.25 -14.85 42.86
N LEU F 257 -18.55 -15.83 43.41
CA LEU F 257 -19.14 -17.14 43.65
C LEU F 257 -19.04 -17.55 45.11
N LEU F 258 -19.17 -16.60 46.04
CA LEU F 258 -19.17 -16.94 47.45
C LEU F 258 -20.58 -17.20 47.94
N GLY F 259 -20.79 -18.38 48.53
CA GLY F 259 -22.08 -18.74 49.09
C GLY F 259 -23.18 -18.95 48.06
N LYS F 260 -22.82 -19.22 46.81
CA LYS F 260 -23.79 -19.28 45.73
C LYS F 260 -23.76 -20.67 45.11
N ARG F 261 -24.91 -21.32 45.06
CA ARG F 261 -25.03 -22.67 44.52
C ARG F 261 -25.01 -22.57 43.01
N TYR F 262 -23.83 -22.70 42.42
CA TYR F 262 -23.62 -22.38 41.02
C TYR F 262 -23.65 -23.63 40.16
N LEU F 263 -24.10 -23.45 38.92
CA LEU F 263 -24.18 -24.49 37.91
C LEU F 263 -23.58 -23.95 36.63
N ILE F 264 -22.49 -24.55 36.16
CA ILE F 264 -21.91 -24.16 34.89
C ILE F 264 -21.98 -25.34 33.93
N VAL F 265 -22.27 -25.05 32.67
CA VAL F 265 -22.36 -26.07 31.63
C VAL F 265 -21.39 -25.69 30.53
N MET F 266 -20.37 -26.50 30.34
CA MET F 266 -19.31 -26.21 29.40
C MET F 266 -19.45 -27.16 28.21
N ASP F 267 -19.62 -26.58 27.04
CA ASP F 267 -20.07 -27.31 25.87
C ASP F 267 -18.92 -27.52 24.89
N ASP F 268 -18.92 -28.68 24.24
CA ASP F 268 -18.01 -29.04 23.15
C ASP F 268 -16.54 -28.97 23.58
N VAL F 269 -16.26 -29.53 24.75
CA VAL F 269 -14.89 -29.52 25.26
C VAL F 269 -14.09 -30.60 24.54
N TRP F 270 -12.95 -30.21 23.97
CA TRP F 270 -12.08 -31.12 23.25
C TRP F 270 -10.82 -31.41 24.06
N ASP F 271 -9.96 -32.25 23.49
CA ASP F 271 -8.71 -32.66 24.13
C ASP F 271 -7.50 -31.92 23.58
N LYS F 272 -7.66 -30.65 23.22
CA LYS F 272 -6.60 -29.87 22.61
C LYS F 272 -6.27 -28.69 23.52
N ASN F 273 -5.06 -28.72 24.09
CA ASN F 273 -4.57 -27.73 25.06
C ASN F 273 -5.52 -27.60 26.25
N LEU F 274 -5.94 -28.74 26.78
CA LEU F 274 -7.00 -28.85 27.79
C LEU F 274 -6.57 -28.38 29.18
N SER F 275 -5.29 -28.02 29.36
CA SER F 275 -4.75 -27.63 30.66
C SER F 275 -5.43 -26.41 31.26
N TRP F 276 -6.13 -25.61 30.45
CA TRP F 276 -6.96 -24.50 30.93
C TRP F 276 -7.95 -24.95 31.99
N TRP F 277 -8.43 -26.19 31.90
CA TRP F 277 -9.31 -26.77 32.91
C TRP F 277 -8.70 -26.68 34.30
N ASP F 278 -7.50 -27.23 34.49
CA ASP F 278 -6.95 -27.09 35.83
C ASP F 278 -6.07 -25.86 35.95
N LYS F 279 -6.38 -24.82 35.18
CA LYS F 279 -6.05 -23.46 35.58
C LYS F 279 -7.28 -22.73 36.08
N ILE F 280 -8.48 -23.27 35.88
CA ILE F 280 -9.69 -22.69 36.45
C ILE F 280 -10.38 -23.62 37.42
N TYR F 281 -9.97 -24.88 37.51
CA TYR F 281 -10.60 -25.82 38.43
C TYR F 281 -10.31 -25.46 39.88
N GLN F 282 -9.14 -24.89 40.14
CA GLN F 282 -8.83 -24.42 41.48
C GLN F 282 -9.50 -23.09 41.78
N GLY F 283 -9.98 -22.39 40.77
CA GLY F 283 -10.67 -21.13 40.97
C GLY F 283 -12.14 -21.26 41.28
N LEU F 284 -12.65 -22.47 41.36
CA LEU F 284 -14.08 -22.66 41.62
C LEU F 284 -14.28 -23.00 43.08
N PRO F 285 -15.18 -22.31 43.77
CA PRO F 285 -15.38 -22.57 45.20
C PRO F 285 -16.05 -23.91 45.44
N ARG F 286 -15.55 -24.63 46.43
CA ARG F 286 -16.01 -25.97 46.74
C ARG F 286 -16.84 -25.97 48.01
N GLY F 287 -17.56 -27.06 48.22
CA GLY F 287 -18.43 -27.20 49.37
C GLY F 287 -19.72 -26.43 49.33
N GLN F 288 -19.96 -25.66 48.27
CA GLN F 288 -21.17 -24.86 48.14
C GLN F 288 -22.27 -25.60 47.41
N GLY F 289 -21.99 -26.81 46.92
CA GLY F 289 -22.97 -27.53 46.14
C GLY F 289 -22.95 -27.20 44.66
N GLY F 290 -21.86 -26.65 44.16
CA GLY F 290 -21.77 -26.30 42.75
C GLY F 290 -21.67 -27.52 41.87
N SER F 291 -22.02 -27.34 40.61
CA SER F 291 -22.07 -28.44 39.66
C SER F 291 -21.58 -27.99 38.30
N VAL F 292 -20.77 -28.84 37.68
CA VAL F 292 -20.25 -28.59 36.35
C VAL F 292 -20.76 -29.71 35.45
N ILE F 293 -21.26 -29.35 34.26
CA ILE F 293 -21.69 -30.33 33.29
C ILE F 293 -20.87 -30.11 32.03
N VAL F 294 -20.01 -31.05 31.71
CA VAL F 294 -19.16 -30.96 30.53
C VAL F 294 -19.75 -31.85 29.45
N THR F 295 -20.19 -31.26 28.35
CA THR F 295 -20.69 -32.04 27.23
C THR F 295 -19.59 -32.12 26.19
N THR F 296 -19.33 -33.32 25.68
CA THR F 296 -18.12 -33.52 24.90
C THR F 296 -18.27 -34.75 24.01
N ARG F 297 -17.25 -35.00 23.19
CA ARG F 297 -17.24 -36.14 22.29
C ARG F 297 -16.17 -37.16 22.66
N SER F 298 -15.73 -37.18 23.92
CA SER F 298 -14.62 -38.06 24.28
C SER F 298 -14.80 -38.59 25.70
N GLU F 299 -14.34 -39.83 25.90
CA GLU F 299 -14.16 -40.32 27.25
C GLU F 299 -12.81 -39.96 27.83
N SER F 300 -11.84 -39.64 26.96
CA SER F 300 -10.52 -39.23 27.43
C SER F 300 -10.60 -37.92 28.18
N VAL F 301 -11.40 -36.98 27.68
CA VAL F 301 -11.61 -35.77 28.45
C VAL F 301 -12.54 -36.01 29.63
N ALA F 302 -13.34 -37.08 29.60
CA ALA F 302 -14.19 -37.38 30.74
C ALA F 302 -13.37 -37.93 31.90
N LYS F 303 -12.24 -38.56 31.60
CA LYS F 303 -11.31 -38.98 32.63
C LYS F 303 -10.27 -37.92 32.96
N ARG F 304 -9.93 -37.04 32.01
CA ARG F 304 -9.02 -35.95 32.30
C ARG F 304 -9.68 -34.92 33.20
N VAL F 305 -10.96 -34.62 32.96
CA VAL F 305 -11.77 -33.88 33.91
C VAL F 305 -12.11 -34.72 35.13
N GLN F 306 -12.04 -36.05 35.00
CA GLN F 306 -12.35 -37.07 36.00
C GLN F 306 -13.69 -36.80 36.71
N ALA F 307 -14.76 -36.91 35.92
CA ALA F 307 -16.10 -36.74 36.44
C ALA F 307 -16.45 -37.82 37.47
N ARG F 308 -16.63 -39.04 36.99
CA ARG F 308 -16.67 -40.32 37.72
C ARG F 308 -16.95 -41.35 36.63
N ASP F 309 -16.76 -42.63 36.94
CA ASP F 309 -17.14 -43.66 35.99
C ASP F 309 -18.65 -43.84 35.91
N ASP F 310 -19.38 -43.39 36.93
CA ASP F 310 -20.82 -43.53 36.97
C ASP F 310 -21.57 -42.26 36.60
N LYS F 311 -20.99 -41.09 36.86
CA LYS F 311 -21.68 -39.84 36.56
C LYS F 311 -21.69 -39.48 35.08
N THR F 312 -21.06 -40.26 34.21
CA THR F 312 -21.13 -39.98 32.78
C THR F 312 -22.43 -40.51 32.21
N HIS F 313 -23.14 -39.64 31.48
CA HIS F 313 -24.37 -39.99 30.79
C HIS F 313 -24.09 -40.11 29.31
N ARG F 314 -24.59 -41.17 28.70
CA ARG F 314 -24.43 -41.38 27.26
C ARG F 314 -25.79 -41.44 26.61
N PRO F 315 -26.16 -40.46 25.80
CA PRO F 315 -27.44 -40.53 25.09
C PRO F 315 -27.42 -41.62 24.04
N GLU F 316 -28.59 -42.18 23.78
CA GLU F 316 -28.73 -43.29 22.86
C GLU F 316 -29.42 -42.83 21.58
N LEU F 317 -29.29 -43.67 20.55
CA LEU F 317 -29.94 -43.44 19.28
C LEU F 317 -31.46 -43.54 19.44
N LEU F 318 -32.17 -42.90 18.54
CA LEU F 318 -33.61 -42.78 18.68
C LEU F 318 -34.31 -44.05 18.21
N SER F 319 -35.44 -44.35 18.87
CA SER F 319 -36.29 -45.44 18.45
C SER F 319 -37.01 -45.07 17.16
N PRO F 320 -37.46 -46.06 16.37
CA PRO F 320 -38.10 -45.73 15.08
C PRO F 320 -39.41 -44.97 15.22
N ASP F 321 -40.18 -45.19 16.28
CA ASP F 321 -41.38 -44.38 16.50
C ASP F 321 -41.02 -42.94 16.83
N ASN F 322 -40.04 -42.76 17.71
CA ASN F 322 -39.61 -41.43 18.11
C ASN F 322 -38.98 -40.68 16.95
N SER F 323 -38.15 -41.37 16.16
CA SER F 323 -37.56 -40.75 14.99
C SER F 323 -38.60 -40.45 13.93
N TRP F 324 -39.64 -41.28 13.83
CA TRP F 324 -40.69 -41.01 12.85
C TRP F 324 -41.50 -39.77 13.21
N LEU F 325 -41.85 -39.59 14.49
CA LEU F 325 -42.60 -38.36 14.75
C LEU F 325 -41.68 -37.15 14.80
N LEU F 326 -40.37 -37.33 15.01
CA LEU F 326 -39.43 -36.24 14.78
C LEU F 326 -39.44 -35.81 13.31
N PHE F 327 -39.40 -36.78 12.41
CA PHE F 327 -39.39 -36.46 10.99
C PHE F 327 -40.71 -35.86 10.52
N CYS F 328 -41.81 -36.29 11.12
CA CYS F 328 -43.10 -35.64 10.82
C CYS F 328 -43.12 -34.22 11.33
N ASN F 329 -42.54 -33.98 12.51
CA ASN F 329 -42.56 -32.66 13.10
C ASN F 329 -41.65 -31.70 12.34
N VAL F 330 -40.64 -32.24 11.66
CA VAL F 330 -39.74 -31.38 10.89
C VAL F 330 -40.22 -31.20 9.46
N ALA F 331 -40.44 -32.29 8.73
CA ALA F 331 -40.67 -32.22 7.30
C ALA F 331 -42.05 -31.70 6.96
N PHE F 332 -43.08 -32.21 7.61
CA PHE F 332 -44.45 -31.78 7.35
C PHE F 332 -44.85 -30.63 8.27
N ALA F 333 -44.00 -29.60 8.33
CA ALA F 333 -44.17 -28.52 9.29
C ALA F 333 -45.33 -27.59 8.96
N ALA F 334 -45.92 -27.71 7.77
CA ALA F 334 -47.04 -26.84 7.41
C ALA F 334 -48.29 -27.19 8.20
N ASN F 335 -48.76 -28.44 8.07
CA ASN F 335 -50.01 -28.85 8.70
C ASN F 335 -49.68 -29.56 10.01
N ASP F 336 -49.14 -28.77 10.95
CA ASP F 336 -49.04 -29.10 12.38
C ASP F 336 -48.15 -30.33 12.62
N GLY F 337 -47.18 -30.57 11.74
CA GLY F 337 -46.32 -31.72 11.91
C GLY F 337 -47.01 -33.05 11.65
N THR F 338 -48.06 -33.05 10.83
CA THR F 338 -48.82 -34.25 10.55
C THR F 338 -48.71 -34.61 9.08
N CYS F 339 -48.71 -35.90 8.79
CA CYS F 339 -48.70 -36.36 7.41
C CYS F 339 -50.06 -36.15 6.78
N GLU F 340 -50.07 -35.64 5.55
CA GLU F 340 -51.33 -35.27 4.89
C GLU F 340 -51.79 -36.30 3.88
N ARG F 341 -50.87 -36.87 3.10
CA ARG F 341 -51.21 -37.80 2.04
C ARG F 341 -50.48 -39.11 2.28
N PRO F 342 -51.16 -40.24 2.14
CA PRO F 342 -50.60 -41.51 2.60
C PRO F 342 -49.69 -42.24 1.61
N GLU F 343 -49.47 -41.70 0.41
CA GLU F 343 -48.56 -42.39 -0.50
C GLU F 343 -47.10 -42.10 -0.20
N LEU F 344 -46.81 -41.22 0.74
CA LEU F 344 -45.45 -40.89 1.13
C LEU F 344 -45.01 -41.58 2.41
N GLU F 345 -45.91 -42.32 3.06
CA GLU F 345 -45.58 -42.87 4.37
C GLU F 345 -44.65 -44.06 4.27
N ASP F 346 -44.77 -44.88 3.22
CA ASP F 346 -43.87 -46.02 3.08
C ASP F 346 -42.48 -45.56 2.72
N VAL F 347 -42.36 -44.64 1.76
CA VAL F 347 -41.06 -44.10 1.38
C VAL F 347 -40.47 -43.26 2.52
N GLY F 348 -41.32 -42.52 3.22
CA GLY F 348 -40.87 -41.73 4.34
C GLY F 348 -40.34 -42.56 5.49
N LYS F 349 -41.07 -43.63 5.85
CA LYS F 349 -40.61 -44.52 6.90
C LYS F 349 -39.39 -45.31 6.47
N GLU F 350 -39.25 -45.59 5.18
CA GLU F 350 -38.01 -46.21 4.70
C GLU F 350 -36.82 -45.28 4.88
N ILE F 351 -36.98 -43.99 4.55
CA ILE F 351 -35.90 -43.02 4.76
C ILE F 351 -35.57 -42.88 6.24
N VAL F 352 -36.60 -42.84 7.09
CA VAL F 352 -36.38 -42.64 8.52
C VAL F 352 -35.70 -43.86 9.14
N THR F 353 -36.14 -45.07 8.79
CA THR F 353 -35.47 -46.25 9.31
C THR F 353 -34.09 -46.45 8.68
N LYS F 354 -33.80 -45.81 7.57
CA LYS F 354 -32.47 -45.90 7.01
C LYS F 354 -31.53 -44.83 7.55
N CYS F 355 -32.06 -43.74 8.13
CA CYS F 355 -31.21 -42.73 8.75
C CYS F 355 -30.51 -43.24 10.01
N LYS F 356 -31.14 -44.21 10.69
CA LYS F 356 -30.57 -44.94 11.83
C LYS F 356 -30.23 -44.03 13.01
N GLY F 357 -31.28 -43.42 13.57
CA GLY F 357 -31.20 -42.94 14.94
C GLY F 357 -30.63 -41.57 15.21
N LEU F 358 -29.73 -41.05 14.39
CA LEU F 358 -29.16 -39.74 14.66
C LEU F 358 -30.20 -38.65 14.41
N PRO F 359 -30.42 -37.74 15.36
CA PRO F 359 -31.33 -36.62 15.09
C PRO F 359 -30.78 -35.65 14.07
N LEU F 360 -29.46 -35.58 13.93
CA LEU F 360 -28.84 -34.64 13.00
C LEU F 360 -29.18 -34.99 11.55
N THR F 361 -29.02 -36.26 11.17
CA THR F 361 -29.34 -36.67 9.81
C THR F 361 -30.84 -36.58 9.54
N ILE F 362 -31.65 -36.84 10.56
CA ILE F 362 -33.11 -36.77 10.39
C ILE F 362 -33.56 -35.35 10.15
N LYS F 363 -33.03 -34.40 10.94
CA LYS F 363 -33.39 -33.01 10.71
C LYS F 363 -32.77 -32.47 9.43
N ALA F 364 -31.64 -33.02 9.00
CA ALA F 364 -31.06 -32.60 7.73
C ALA F 364 -31.92 -33.07 6.56
N VAL F 365 -32.41 -34.31 6.61
CA VAL F 365 -33.27 -34.82 5.55
C VAL F 365 -34.62 -34.10 5.58
N GLY F 366 -35.08 -33.73 6.77
CA GLY F 366 -36.29 -32.94 6.87
C GLY F 366 -36.14 -31.55 6.27
N GLY F 367 -35.01 -30.89 6.54
CA GLY F 367 -34.75 -29.61 5.91
C GLY F 367 -34.50 -29.70 4.42
N LEU F 368 -34.01 -30.85 3.96
CA LEU F 368 -33.85 -31.08 2.52
C LEU F 368 -35.19 -31.27 1.84
N LEU F 369 -36.06 -32.07 2.42
CA LEU F 369 -37.38 -32.30 1.83
C LEU F 369 -38.37 -31.20 2.12
N LEU F 370 -38.01 -30.20 2.92
CA LEU F 370 -38.94 -29.12 3.20
C LEU F 370 -39.09 -28.20 2.00
N CYS F 371 -38.07 -28.11 1.13
CA CYS F 371 -38.11 -27.24 -0.02
C CYS F 371 -38.44 -27.99 -1.31
N LYS F 372 -39.31 -29.00 -1.23
CA LYS F 372 -39.79 -29.72 -2.40
C LYS F 372 -41.30 -29.60 -2.49
N ASP F 373 -41.87 -30.24 -3.51
CA ASP F 373 -43.29 -30.14 -3.80
C ASP F 373 -44.07 -31.38 -3.37
N HIS F 374 -43.44 -32.26 -2.60
CA HIS F 374 -44.07 -33.39 -1.91
C HIS F 374 -44.69 -34.40 -2.87
N VAL F 375 -44.24 -34.45 -4.10
CA VAL F 375 -44.68 -35.48 -5.02
C VAL F 375 -43.74 -36.67 -4.91
N TYR F 376 -44.22 -37.82 -5.39
CA TYR F 376 -43.68 -39.12 -4.99
C TYR F 376 -42.26 -39.36 -5.52
N HIS F 377 -41.91 -38.80 -6.67
CA HIS F 377 -40.73 -39.29 -7.36
C HIS F 377 -39.43 -38.83 -6.73
N GLU F 378 -39.33 -37.55 -6.30
CA GLU F 378 -38.09 -37.13 -5.64
C GLU F 378 -37.93 -37.79 -4.27
N TRP F 379 -39.03 -38.07 -3.60
CA TRP F 379 -38.99 -38.80 -2.34
C TRP F 379 -38.48 -40.22 -2.55
N ARG F 380 -38.92 -40.87 -3.62
CA ARG F 380 -38.48 -42.24 -3.90
C ARG F 380 -37.00 -42.27 -4.29
N ARG F 381 -36.56 -41.30 -5.09
CA ARG F 381 -35.16 -41.36 -5.49
C ARG F 381 -34.22 -40.93 -4.36
N ILE F 382 -34.66 -40.03 -3.49
CA ILE F 382 -33.87 -39.75 -2.28
C ILE F 382 -33.86 -40.97 -1.37
N ALA F 383 -34.94 -41.75 -1.37
CA ALA F 383 -34.93 -43.03 -0.66
C ALA F 383 -33.97 -44.03 -1.29
N GLU F 384 -33.64 -43.91 -2.57
CA GLU F 384 -32.64 -44.82 -3.14
C GLU F 384 -31.33 -44.17 -3.54
N HIS F 385 -31.25 -42.84 -3.59
CA HIS F 385 -29.97 -42.12 -3.62
C HIS F 385 -29.95 -41.22 -2.40
N PHE F 386 -29.12 -41.56 -1.42
CA PHE F 386 -29.20 -40.91 -0.13
C PHE F 386 -27.92 -40.19 0.27
N GLN F 387 -26.78 -40.86 0.13
CA GLN F 387 -25.51 -40.32 0.58
C GLN F 387 -25.03 -39.16 -0.28
N ASP F 388 -25.42 -39.13 -1.56
CA ASP F 388 -24.89 -38.16 -2.49
C ASP F 388 -25.46 -36.76 -2.32
N GLU F 389 -26.52 -36.62 -1.54
CA GLU F 389 -27.16 -35.32 -1.32
C GLU F 389 -26.73 -34.69 -0.01
N LEU F 390 -26.57 -35.50 1.03
CA LEU F 390 -26.07 -35.02 2.31
C LEU F 390 -24.58 -34.72 2.27
N ARG F 391 -23.88 -35.09 1.20
CA ARG F 391 -22.52 -34.62 1.00
C ARG F 391 -22.47 -33.40 0.09
N GLY F 392 -23.60 -33.00 -0.48
CA GLY F 392 -23.70 -31.71 -1.14
C GLY F 392 -24.22 -30.67 -0.17
N ASN F 393 -24.86 -31.17 0.91
CA ASN F 393 -25.34 -30.37 2.04
C ASN F 393 -26.38 -29.34 1.61
N THR F 394 -27.18 -29.69 0.60
CA THR F 394 -28.06 -28.78 -0.14
C THR F 394 -27.26 -27.55 -0.60
N SER F 395 -26.11 -27.83 -1.20
CA SER F 395 -25.07 -26.85 -1.56
C SER F 395 -24.65 -26.01 -0.36
N GLU F 396 -24.14 -26.70 0.67
CA GLU F 396 -23.43 -26.11 1.81
C GLU F 396 -24.33 -25.15 2.61
N THR F 397 -25.34 -25.74 3.27
CA THR F 397 -26.17 -24.94 4.17
C THR F 397 -26.37 -25.60 5.54
N ASP F 398 -26.43 -26.92 5.65
CA ASP F 398 -26.68 -27.57 6.93
C ASP F 398 -25.45 -28.28 7.47
N ASN F 399 -24.70 -28.96 6.59
CA ASN F 399 -23.37 -29.47 6.85
C ASN F 399 -23.29 -30.51 7.97
N VAL F 400 -23.93 -31.65 7.75
CA VAL F 400 -23.68 -32.83 8.58
C VAL F 400 -22.24 -33.29 8.43
N MET F 401 -21.76 -33.30 7.19
CA MET F 401 -20.41 -33.76 6.88
C MET F 401 -19.35 -32.89 7.53
N SER F 402 -19.61 -31.60 7.70
CA SER F 402 -18.66 -30.77 8.43
C SER F 402 -18.66 -31.09 9.92
N SER F 403 -19.84 -31.39 10.48
CA SER F 403 -19.92 -31.66 11.91
C SER F 403 -19.29 -32.99 12.27
N LEU F 404 -19.23 -33.92 11.33
CA LEU F 404 -18.45 -35.12 11.60
C LEU F 404 -17.00 -34.99 11.15
N GLN F 405 -16.72 -34.18 10.13
CA GLN F 405 -15.36 -34.03 9.67
C GLN F 405 -14.53 -33.20 10.63
N LEU F 406 -15.14 -32.37 11.46
CA LEU F 406 -14.37 -31.69 12.49
C LEU F 406 -13.97 -32.65 13.59
N SER F 407 -14.74 -33.72 13.81
CA SER F 407 -14.28 -34.77 14.69
C SER F 407 -13.22 -35.62 14.03
N TYR F 408 -13.25 -35.72 12.70
CA TYR F 408 -12.16 -36.38 11.99
C TYR F 408 -10.87 -35.56 12.05
N ASP F 409 -10.99 -34.25 12.02
CA ASP F 409 -9.85 -33.37 11.78
C ASP F 409 -9.13 -32.94 13.04
N GLU F 410 -9.31 -33.63 14.15
CA GLU F 410 -8.47 -33.41 15.31
C GLU F 410 -7.74 -34.66 15.76
N LEU F 411 -7.70 -35.68 14.92
CA LEU F 411 -6.90 -36.84 15.22
C LEU F 411 -5.43 -36.54 14.93
N PRO F 412 -4.52 -37.22 15.61
CA PRO F 412 -3.15 -37.29 15.10
C PRO F 412 -3.09 -38.02 13.78
N SER F 413 -2.01 -37.76 13.03
CA SER F 413 -1.94 -38.17 11.63
C SER F 413 -1.91 -39.69 11.48
N HIS F 414 -1.23 -40.39 12.40
CA HIS F 414 -1.27 -41.83 12.37
C HIS F 414 -2.66 -42.35 12.74
N LEU F 415 -3.37 -41.65 13.62
CA LEU F 415 -4.75 -42.05 13.88
C LEU F 415 -5.66 -41.70 12.73
N LYS F 416 -5.33 -40.66 11.95
CA LYS F 416 -6.06 -40.40 10.71
C LYS F 416 -5.91 -41.54 9.74
N SER F 417 -4.68 -42.03 9.58
CA SER F 417 -4.45 -43.19 8.73
C SER F 417 -5.13 -44.44 9.26
N CYS F 418 -5.13 -44.64 10.58
CA CYS F 418 -5.76 -45.82 11.15
C CYS F 418 -7.28 -45.78 11.03
N ILE F 419 -7.89 -44.61 11.17
CA ILE F 419 -9.34 -44.55 11.02
C ILE F 419 -9.72 -44.58 9.55
N LEU F 420 -8.78 -44.28 8.65
CA LEU F 420 -9.12 -44.22 7.24
C LEU F 420 -9.35 -45.60 6.64
N THR F 421 -8.80 -46.67 7.22
CA THR F 421 -8.92 -48.00 6.66
C THR F 421 -10.28 -48.64 6.90
N LEU F 422 -11.18 -48.00 7.63
CA LEU F 422 -12.50 -48.56 7.86
C LEU F 422 -13.49 -48.17 6.77
N SER F 423 -13.01 -47.58 5.68
CA SER F 423 -13.79 -47.37 4.47
C SER F 423 -13.71 -48.56 3.53
N LEU F 424 -13.34 -49.71 4.06
CA LEU F 424 -12.93 -50.84 3.25
C LEU F 424 -13.81 -52.05 3.57
N TYR F 425 -14.90 -51.84 4.29
CA TYR F 425 -15.76 -52.84 4.88
C TYR F 425 -17.20 -52.69 4.39
N PRO F 426 -17.99 -53.78 4.41
CA PRO F 426 -19.40 -53.67 4.00
C PRO F 426 -20.30 -52.96 4.99
N GLU F 427 -21.62 -53.06 4.77
CA GLU F 427 -22.59 -52.08 5.24
C GLU F 427 -22.67 -52.02 6.77
N ASP F 428 -22.91 -53.16 7.41
CA ASP F 428 -22.96 -53.16 8.88
C ASP F 428 -22.24 -54.37 9.44
N CYS F 429 -21.11 -54.73 8.84
CA CYS F 429 -20.34 -55.87 9.30
C CYS F 429 -19.72 -55.57 10.66
N VAL F 430 -19.52 -56.63 11.44
CA VAL F 430 -19.01 -56.52 12.80
C VAL F 430 -17.53 -56.85 12.74
N ILE F 431 -16.69 -55.83 12.83
CA ILE F 431 -15.27 -55.95 12.51
C ILE F 431 -14.51 -56.46 13.73
N PRO F 432 -13.71 -57.52 13.59
CA PRO F 432 -12.87 -57.94 14.71
C PRO F 432 -11.72 -56.95 14.93
N LYS F 433 -11.38 -56.76 16.21
CA LYS F 433 -10.30 -55.86 16.58
C LYS F 433 -8.97 -56.35 16.07
N GLN F 434 -8.75 -57.66 16.14
CA GLN F 434 -7.43 -58.25 15.94
C GLN F 434 -6.94 -58.07 14.52
N GLN F 435 -7.83 -58.17 13.54
CA GLN F 435 -7.46 -57.99 12.14
C GLN F 435 -7.07 -56.54 11.87
N LEU F 436 -7.80 -55.59 12.44
CA LEU F 436 -7.46 -54.17 12.30
C LEU F 436 -6.10 -53.86 12.91
N VAL F 437 -5.86 -54.39 14.11
CA VAL F 437 -4.60 -54.12 14.81
C VAL F 437 -3.43 -54.74 14.04
N HIS F 438 -3.62 -55.94 13.49
CA HIS F 438 -2.52 -56.54 12.74
C HIS F 438 -2.28 -55.84 11.41
N GLY F 439 -3.33 -55.30 10.77
CA GLY F 439 -3.10 -54.51 9.57
C GLY F 439 -2.35 -53.22 9.86
N TRP F 440 -2.71 -52.56 10.97
CA TRP F 440 -2.03 -51.33 11.37
C TRP F 440 -0.58 -51.57 11.72
N ILE F 441 -0.28 -52.69 12.38
CA ILE F 441 1.11 -53.03 12.68
C ILE F 441 1.84 -53.39 11.40
N GLY F 442 1.18 -54.11 10.50
CA GLY F 442 1.78 -54.58 9.28
C GLY F 442 2.20 -53.48 8.33
N GLU F 443 1.26 -52.73 7.78
CA GLU F 443 1.69 -51.79 6.76
C GLU F 443 2.22 -50.49 7.30
N GLY F 444 2.34 -50.34 8.61
CA GLY F 444 3.18 -49.30 9.18
C GLY F 444 2.49 -48.01 9.54
N PHE F 445 1.26 -48.08 10.02
CA PHE F 445 0.62 -46.91 10.61
C PHE F 445 0.99 -46.73 12.07
N VAL F 446 1.77 -47.65 12.63
CA VAL F 446 2.16 -47.63 14.02
C VAL F 446 3.68 -47.61 14.09
N MET F 447 4.23 -46.61 14.77
CA MET F 447 5.65 -46.57 15.06
C MET F 447 5.86 -46.80 16.54
N TRP F 448 7.07 -47.24 16.90
CA TRP F 448 7.35 -47.60 18.28
C TRP F 448 8.84 -47.47 18.54
N ARG F 449 9.19 -46.92 19.68
CA ARG F 449 10.55 -47.13 20.14
C ARG F 449 10.63 -47.51 21.61
N ASN F 450 9.82 -46.91 22.47
CA ASN F 450 10.06 -46.94 23.91
C ASN F 450 9.35 -48.12 24.58
N GLY F 451 9.57 -49.31 24.02
CA GLY F 451 9.02 -50.51 24.61
C GLY F 451 7.59 -50.83 24.18
N ARG F 452 6.80 -49.82 23.83
CA ARG F 452 5.44 -50.03 23.36
C ARG F 452 5.44 -50.60 21.96
N SER F 453 5.92 -51.83 21.79
CA SER F 453 6.46 -52.20 20.48
C SER F 453 5.37 -52.59 19.50
N ALA F 454 4.68 -53.69 19.73
CA ALA F 454 3.73 -54.15 18.72
C ALA F 454 2.30 -54.16 19.21
N THR F 455 1.99 -54.94 20.24
CA THR F 455 0.59 -55.20 20.52
C THR F 455 -0.05 -54.08 21.31
N GLU F 456 0.66 -53.58 22.33
CA GLU F 456 0.13 -52.52 23.17
C GLU F 456 0.00 -51.20 22.42
N SER F 457 0.81 -50.98 21.38
CA SER F 457 0.60 -49.78 20.56
C SER F 457 -0.64 -49.93 19.67
N GLY F 458 -0.92 -51.13 19.18
CA GLY F 458 -2.19 -51.35 18.53
C GLY F 458 -3.36 -51.21 19.49
N GLU F 459 -3.15 -51.62 20.74
CA GLU F 459 -4.17 -51.47 21.77
C GLU F 459 -4.47 -50.01 22.06
N ASP F 460 -3.45 -49.17 22.22
CA ASP F 460 -3.78 -47.81 22.56
C ASP F 460 -4.13 -46.96 21.35
N CYS F 461 -3.75 -47.38 20.13
CA CYS F 461 -4.34 -46.73 18.95
C CYS F 461 -5.82 -47.08 18.82
N PHE F 462 -6.19 -48.34 19.08
CA PHE F 462 -7.59 -48.71 19.02
C PHE F 462 -8.40 -48.04 20.11
N SER F 463 -7.83 -47.91 21.31
CA SER F 463 -8.54 -47.22 22.37
C SER F 463 -8.58 -45.71 22.12
N GLY F 464 -7.57 -45.17 21.43
CA GLY F 464 -7.64 -43.78 21.02
C GLY F 464 -8.73 -43.52 20.01
N LEU F 465 -8.99 -44.49 19.12
CA LEU F 465 -10.10 -44.31 18.21
C LEU F 465 -11.45 -44.51 18.89
N THR F 466 -11.56 -45.48 19.80
CA THR F 466 -12.84 -45.67 20.47
C THR F 466 -13.12 -44.60 21.52
N ASN F 467 -12.10 -43.89 21.98
CA ASN F 467 -12.32 -42.80 22.91
C ASN F 467 -12.68 -41.49 22.22
N ARG F 468 -12.59 -41.42 20.91
CA ARG F 468 -13.11 -40.28 20.16
C ARG F 468 -14.57 -40.46 19.77
N CYS F 469 -15.20 -41.54 20.21
CA CYS F 469 -16.53 -41.97 19.80
C CYS F 469 -16.64 -42.11 18.28
N LEU F 470 -15.58 -42.58 17.63
CA LEU F 470 -15.65 -42.91 16.21
C LEU F 470 -15.96 -44.38 15.98
N ILE F 471 -15.31 -45.27 16.72
CA ILE F 471 -15.54 -46.70 16.63
C ILE F 471 -16.23 -47.12 17.92
N GLU F 472 -17.36 -47.80 17.80
CA GLU F 472 -18.07 -48.29 18.96
C GLU F 472 -17.87 -49.80 19.09
N VAL F 473 -17.95 -50.28 20.32
CA VAL F 473 -17.70 -51.68 20.60
C VAL F 473 -18.95 -52.49 20.29
N VAL F 474 -18.80 -53.81 20.22
CA VAL F 474 -19.92 -54.72 20.01
C VAL F 474 -20.07 -55.67 21.19
N ASP F 475 -19.03 -56.43 21.49
CA ASP F 475 -19.04 -57.31 22.65
C ASP F 475 -17.71 -57.23 23.38
N LYS F 476 -17.77 -57.50 24.69
CA LYS F 476 -16.65 -57.32 25.58
C LYS F 476 -16.62 -58.53 26.51
N THR F 477 -15.42 -59.04 26.79
CA THR F 477 -15.29 -60.24 27.58
C THR F 477 -15.45 -59.92 29.06
N TYR F 478 -15.18 -60.91 29.91
CA TYR F 478 -15.18 -60.69 31.36
C TYR F 478 -14.06 -59.76 31.77
N SER F 479 -12.94 -59.80 31.05
CA SER F 479 -11.73 -59.08 31.41
C SER F 479 -11.67 -57.69 30.84
N GLY F 480 -12.79 -57.17 30.34
CA GLY F 480 -12.84 -55.82 29.81
C GLY F 480 -12.22 -55.63 28.44
N THR F 481 -11.52 -56.62 27.90
CA THR F 481 -10.92 -56.44 26.59
C THR F 481 -11.97 -56.56 25.51
N ILE F 482 -11.69 -55.93 24.37
CA ILE F 482 -12.64 -55.77 23.28
C ILE F 482 -12.20 -56.69 22.16
N ILE F 483 -13.16 -57.38 21.54
CA ILE F 483 -12.86 -58.32 20.48
C ILE F 483 -13.47 -57.90 19.14
N THR F 484 -14.68 -57.36 19.15
CA THR F 484 -15.33 -56.94 17.91
C THR F 484 -15.90 -55.54 18.04
N CYS F 485 -15.86 -54.79 16.95
CA CYS F 485 -16.26 -53.40 16.95
C CYS F 485 -16.93 -53.07 15.63
N LYS F 486 -17.72 -52.00 15.64
CA LYS F 486 -18.40 -51.54 14.44
C LYS F 486 -18.45 -50.02 14.47
N ILE F 487 -18.91 -49.43 13.37
CA ILE F 487 -19.02 -47.99 13.26
C ILE F 487 -20.39 -47.61 12.73
N HIS F 488 -20.80 -46.40 13.08
CA HIS F 488 -22.03 -45.84 12.53
C HIS F 488 -21.80 -45.47 11.07
N ASP F 489 -22.83 -45.61 10.26
CA ASP F 489 -22.66 -45.54 8.81
C ASP F 489 -22.41 -44.13 8.29
N MET F 490 -22.80 -43.10 9.04
CA MET F 490 -22.46 -41.74 8.63
C MET F 490 -20.96 -41.50 8.77
N VAL F 491 -20.36 -42.06 9.82
CA VAL F 491 -18.91 -42.08 9.92
C VAL F 491 -18.32 -42.91 8.79
N ARG F 492 -19.02 -43.97 8.36
CA ARG F 492 -18.48 -44.86 7.35
C ARG F 492 -18.41 -44.17 6.00
N ASP F 493 -19.48 -43.50 5.57
CA ASP F 493 -19.36 -42.85 4.28
C ASP F 493 -18.63 -41.52 4.35
N LEU F 494 -18.47 -40.93 5.55
CA LEU F 494 -17.49 -39.88 5.71
C LEU F 494 -16.08 -40.38 5.41
N VAL F 495 -15.72 -41.54 5.95
CA VAL F 495 -14.39 -42.08 5.72
C VAL F 495 -14.24 -42.56 4.27
N ILE F 496 -15.35 -42.98 3.64
CA ILE F 496 -15.31 -43.30 2.21
C ILE F 496 -15.05 -42.04 1.37
N ASP F 497 -15.73 -40.95 1.70
CA ASP F 497 -15.55 -39.71 0.96
C ASP F 497 -14.17 -39.11 1.17
N ILE F 498 -13.56 -39.36 2.33
CA ILE F 498 -12.17 -38.95 2.51
C ILE F 498 -11.25 -39.91 1.77
N ALA F 499 -11.64 -41.17 1.62
CA ALA F 499 -10.90 -42.08 0.76
C ALA F 499 -11.16 -41.83 -0.72
N LYS F 500 -12.19 -41.04 -1.06
CA LYS F 500 -12.42 -40.62 -2.43
C LYS F 500 -11.39 -39.59 -2.89
N LYS F 501 -10.63 -39.03 -1.95
CA LYS F 501 -9.42 -38.26 -2.17
C LYS F 501 -8.28 -39.22 -2.53
N ASP F 502 -7.05 -38.86 -2.12
CA ASP F 502 -5.82 -39.63 -2.28
C ASP F 502 -6.00 -41.15 -2.21
N SER F 503 -5.29 -41.88 -3.06
CA SER F 503 -5.81 -43.12 -3.66
C SER F 503 -5.82 -44.33 -2.74
N PHE F 504 -5.89 -44.06 -1.43
CA PHE F 504 -6.15 -45.01 -0.35
C PHE F 504 -7.21 -46.05 -0.72
N SER F 505 -8.43 -45.62 -1.02
CA SER F 505 -9.49 -46.55 -1.39
C SER F 505 -10.44 -45.86 -2.36
N ASN F 506 -10.21 -46.08 -3.65
CA ASN F 506 -11.00 -45.64 -4.80
C ASN F 506 -12.37 -46.27 -5.02
N PRO F 507 -12.78 -47.36 -4.35
CA PRO F 507 -13.03 -48.64 -5.05
C PRO F 507 -13.99 -48.64 -6.24
N GLU F 508 -13.52 -47.97 -7.29
CA GLU F 508 -13.88 -48.14 -8.68
C GLU F 508 -12.77 -47.49 -9.48
N GLY F 509 -12.52 -48.01 -10.67
CA GLY F 509 -11.47 -47.44 -11.49
C GLY F 509 -10.09 -47.98 -11.20
N LEU F 510 -9.06 -47.23 -11.59
CA LEU F 510 -7.70 -47.76 -11.67
C LEU F 510 -6.92 -47.56 -10.38
N ASN F 511 -6.73 -46.31 -9.96
CA ASN F 511 -5.68 -45.97 -9.00
C ASN F 511 -6.16 -46.30 -7.59
N CYS F 512 -5.66 -47.40 -7.05
CA CYS F 512 -5.88 -47.78 -5.67
C CYS F 512 -4.55 -48.08 -5.00
N ARG F 513 -4.49 -47.84 -3.70
CA ARG F 513 -3.32 -48.21 -2.93
C ARG F 513 -3.50 -49.49 -2.16
N HIS F 514 -4.74 -49.87 -1.85
CA HIS F 514 -5.05 -51.17 -1.27
C HIS F 514 -6.52 -51.46 -1.47
N LEU F 515 -6.87 -52.74 -1.34
CA LEU F 515 -8.15 -53.25 -1.78
C LEU F 515 -8.70 -54.23 -0.76
N GLY F 516 -10.02 -54.25 -0.64
CA GLY F 516 -10.69 -55.20 0.24
C GLY F 516 -11.71 -56.00 -0.53
N ILE F 517 -11.65 -57.31 -0.37
CA ILE F 517 -12.52 -58.22 -1.11
C ILE F 517 -13.72 -58.59 -0.24
N SER F 518 -14.89 -58.57 -0.85
CA SER F 518 -16.14 -59.01 -0.23
C SER F 518 -16.37 -60.47 -0.61
N GLY F 519 -17.59 -60.96 -0.41
CA GLY F 519 -17.87 -62.37 -0.64
C GLY F 519 -18.10 -62.74 -2.09
N ASN F 520 -17.63 -63.95 -2.43
CA ASN F 520 -17.94 -64.66 -3.67
C ASN F 520 -17.46 -63.90 -4.92
N PHE F 521 -16.16 -63.69 -4.99
CA PHE F 521 -15.52 -63.14 -6.20
C PHE F 521 -14.83 -64.23 -7.02
N ASP F 522 -15.45 -65.41 -7.09
CA ASP F 522 -14.98 -66.45 -7.98
C ASP F 522 -15.16 -66.07 -9.44
N GLU F 523 -16.11 -65.20 -9.75
CA GLU F 523 -16.51 -64.93 -11.13
C GLU F 523 -16.54 -63.45 -11.50
N LYS F 524 -16.36 -62.53 -10.55
CA LYS F 524 -16.61 -61.13 -10.84
C LYS F 524 -15.35 -60.33 -11.21
N GLN F 525 -14.16 -60.91 -11.00
CA GLN F 525 -12.89 -60.45 -11.58
C GLN F 525 -12.55 -59.01 -11.17
N ILE F 526 -12.20 -58.88 -9.89
CA ILE F 526 -11.76 -57.60 -9.34
C ILE F 526 -10.51 -57.11 -10.07
N LYS F 527 -10.56 -55.86 -10.54
CA LYS F 527 -9.39 -55.22 -11.13
C LYS F 527 -8.31 -55.01 -10.08
N VAL F 528 -7.06 -55.29 -10.45
CA VAL F 528 -5.90 -55.21 -9.57
C VAL F 528 -4.77 -54.60 -10.39
N ASN F 529 -4.34 -53.40 -10.02
CA ASN F 529 -3.17 -52.83 -10.64
C ASN F 529 -1.94 -53.18 -9.79
N HIS F 530 -0.79 -52.61 -10.12
CA HIS F 530 0.47 -53.03 -9.53
C HIS F 530 0.85 -52.19 -8.32
N LYS F 531 -0.04 -51.35 -7.83
CA LYS F 531 0.31 -50.54 -6.67
C LYS F 531 0.09 -51.32 -5.37
N LEU F 532 -1.18 -51.57 -5.03
CA LEU F 532 -1.68 -52.53 -4.04
C LEU F 532 -0.88 -52.77 -2.76
N ARG F 533 -0.78 -51.78 -1.89
CA ARG F 533 -0.04 -51.97 -0.64
C ARG F 533 -0.71 -52.91 0.35
N GLY F 534 -1.99 -53.23 0.16
CA GLY F 534 -2.66 -54.18 1.04
C GLY F 534 -3.80 -54.86 0.32
N VAL F 535 -4.11 -56.08 0.75
CA VAL F 535 -5.27 -56.82 0.28
C VAL F 535 -5.93 -57.46 1.48
N VAL F 536 -7.10 -56.97 1.86
CA VAL F 536 -7.78 -57.52 3.02
C VAL F 536 -9.04 -58.25 2.59
N SER F 537 -9.54 -59.10 3.47
CA SER F 537 -10.73 -59.91 3.22
C SER F 537 -11.79 -59.53 4.26
N THR F 538 -12.86 -58.90 3.80
CA THR F 538 -13.89 -58.36 4.67
C THR F 538 -15.16 -59.18 4.49
N THR F 539 -15.55 -59.92 5.52
CA THR F 539 -16.75 -60.73 5.49
C THR F 539 -17.75 -60.23 6.52
N LYS F 540 -19.03 -60.43 6.23
CA LYS F 540 -20.10 -59.91 7.07
C LYS F 540 -20.60 -61.01 8.00
N THR F 541 -19.72 -61.36 8.94
CA THR F 541 -19.88 -62.34 10.04
C THR F 541 -20.65 -63.61 9.64
N GLY F 542 -20.02 -64.38 8.76
CA GLY F 542 -20.57 -65.68 8.44
C GLY F 542 -20.39 -66.15 7.01
N GLU F 543 -20.13 -65.23 6.09
CA GLU F 543 -19.92 -65.64 4.70
C GLU F 543 -18.45 -65.98 4.48
N VAL F 544 -18.20 -66.69 3.39
CA VAL F 544 -16.87 -67.10 2.99
C VAL F 544 -16.63 -66.61 1.57
N ASN F 545 -15.50 -65.94 1.35
CA ASN F 545 -15.17 -65.36 0.05
C ASN F 545 -14.79 -66.48 -0.90
N LYS F 546 -15.70 -66.85 -1.79
CA LYS F 546 -15.41 -67.88 -2.78
C LYS F 546 -14.46 -67.32 -3.83
N LEU F 547 -13.21 -67.79 -3.83
CA LEU F 547 -12.18 -67.28 -4.70
C LEU F 547 -11.67 -68.36 -5.62
N ASN F 548 -11.25 -67.94 -6.80
CA ASN F 548 -10.65 -68.80 -7.81
C ASN F 548 -9.13 -68.68 -7.76
N SER F 549 -8.47 -69.28 -8.74
CA SER F 549 -7.02 -69.38 -8.67
C SER F 549 -6.30 -68.18 -9.26
N ASP F 550 -6.86 -67.57 -10.32
CA ASP F 550 -6.14 -66.54 -11.05
C ASP F 550 -6.02 -65.24 -10.26
N LEU F 551 -7.02 -64.91 -9.44
CA LEU F 551 -6.90 -63.74 -8.57
C LEU F 551 -5.80 -63.93 -7.55
N ALA F 552 -5.69 -65.14 -6.99
CA ALA F 552 -4.63 -65.41 -6.05
C ALA F 552 -3.27 -65.50 -6.73
N LYS F 553 -3.23 -65.82 -8.02
CA LYS F 553 -1.97 -65.71 -8.76
C LYS F 553 -1.60 -64.26 -9.00
N LYS F 554 -2.60 -63.41 -9.28
CA LYS F 554 -2.32 -61.99 -9.53
C LYS F 554 -2.04 -61.23 -8.24
N PHE F 555 -2.38 -61.79 -7.07
CA PHE F 555 -1.93 -61.20 -5.82
C PHE F 555 -0.42 -61.24 -5.69
N THR F 556 0.21 -62.30 -6.20
CA THR F 556 1.65 -62.42 -6.13
C THR F 556 2.37 -61.61 -7.19
N ASP F 557 1.64 -60.95 -8.08
CA ASP F 557 2.26 -60.06 -9.07
C ASP F 557 2.50 -58.67 -8.54
N CYS F 558 1.90 -58.32 -7.40
CA CYS F 558 2.05 -56.99 -6.82
C CYS F 558 3.40 -56.90 -6.12
N LYS F 559 4.28 -56.03 -6.61
CA LYS F 559 5.62 -55.90 -6.06
C LYS F 559 5.59 -55.29 -4.66
N TYR F 560 4.69 -54.34 -4.43
CA TYR F 560 4.68 -53.55 -3.20
C TYR F 560 3.39 -53.89 -2.45
N LEU F 561 3.44 -54.96 -1.66
CA LEU F 561 2.25 -55.46 -0.99
C LEU F 561 2.66 -55.84 0.42
N ARG F 562 2.22 -55.04 1.40
CA ARG F 562 2.67 -55.22 2.77
C ARG F 562 1.68 -56.01 3.62
N VAL F 563 0.39 -55.94 3.30
CA VAL F 563 -0.64 -56.61 4.08
C VAL F 563 -1.36 -57.59 3.16
N LEU F 564 -1.31 -58.87 3.52
CA LEU F 564 -2.04 -59.91 2.81
C LEU F 564 -2.69 -60.79 3.87
N ASP F 565 -3.95 -60.52 4.17
CA ASP F 565 -4.71 -61.34 5.10
C ASP F 565 -5.94 -61.90 4.40
N ILE F 566 -6.07 -63.22 4.46
CA ILE F 566 -7.12 -63.96 3.78
C ILE F 566 -7.86 -64.72 4.88
N SER F 567 -9.03 -64.23 5.28
CA SER F 567 -9.64 -64.72 6.51
C SER F 567 -10.73 -65.73 6.31
N LYS F 568 -11.60 -65.58 5.31
CA LYS F 568 -12.67 -66.53 5.06
C LYS F 568 -12.68 -66.80 3.56
N SER F 569 -11.90 -67.77 3.11
CA SER F 569 -11.87 -68.05 1.67
C SER F 569 -11.66 -69.53 1.41
N ILE F 570 -12.31 -70.00 0.36
CA ILE F 570 -12.16 -71.35 -0.14
C ILE F 570 -11.59 -71.28 -1.55
N PHE F 571 -10.44 -71.92 -1.75
CA PHE F 571 -9.75 -71.88 -3.03
C PHE F 571 -9.95 -73.18 -3.78
N ASP F 572 -9.51 -73.17 -5.04
CA ASP F 572 -9.67 -74.32 -5.92
C ASP F 572 -8.50 -75.28 -5.85
N ALA F 573 -7.28 -74.77 -5.76
CA ALA F 573 -6.06 -75.54 -5.70
C ALA F 573 -5.50 -75.44 -4.30
N PRO F 574 -4.61 -76.35 -3.91
CA PRO F 574 -3.88 -76.16 -2.64
C PRO F 574 -3.00 -74.93 -2.67
N LEU F 575 -2.85 -74.31 -1.50
CA LEU F 575 -2.14 -73.04 -1.39
C LEU F 575 -0.63 -73.19 -1.45
N SER F 576 -0.10 -74.41 -1.53
CA SER F 576 1.34 -74.59 -1.66
C SER F 576 1.82 -74.14 -3.03
N GLU F 577 1.10 -74.51 -4.08
CA GLU F 577 1.48 -74.10 -5.42
C GLU F 577 0.82 -72.79 -5.86
N ILE F 578 -0.21 -72.35 -5.15
CA ILE F 578 -0.83 -71.06 -5.47
C ILE F 578 0.11 -69.93 -5.08
N LEU F 579 0.61 -69.95 -3.86
CA LEU F 579 1.51 -68.91 -3.37
C LEU F 579 2.96 -69.34 -3.50
N ASP F 580 3.28 -70.10 -4.55
CA ASP F 580 4.63 -70.58 -4.75
C ASP F 580 5.59 -69.45 -5.12
N GLU F 581 5.10 -68.40 -5.77
CA GLU F 581 5.94 -67.29 -6.23
C GLU F 581 5.88 -66.09 -5.29
N ILE F 582 5.76 -66.34 -3.98
CA ILE F 582 5.87 -65.26 -2.99
C ILE F 582 7.30 -64.83 -2.75
N ALA F 583 8.28 -65.43 -3.44
CA ALA F 583 9.61 -64.87 -3.47
C ALA F 583 9.62 -63.52 -4.19
N SER F 584 8.70 -63.33 -5.14
CA SER F 584 8.51 -62.03 -5.76
C SER F 584 8.00 -61.00 -4.75
N LEU F 585 7.20 -61.44 -3.78
CA LEU F 585 6.89 -60.59 -2.64
C LEU F 585 8.14 -60.41 -1.81
N GLN F 586 8.53 -59.18 -1.56
CA GLN F 586 9.72 -58.90 -0.79
C GLN F 586 9.41 -58.10 0.47
N HIS F 587 8.63 -57.04 0.35
CA HIS F 587 8.27 -56.21 1.49
C HIS F 587 6.87 -56.56 1.99
N LEU F 588 6.73 -57.80 2.41
CA LEU F 588 5.48 -58.30 2.99
C LEU F 588 5.63 -58.34 4.50
N ALA F 589 4.65 -57.77 5.20
CA ALA F 589 4.76 -57.63 6.64
C ALA F 589 3.86 -58.57 7.42
N CYS F 590 2.67 -58.89 6.93
CA CYS F 590 1.75 -59.73 7.68
C CYS F 590 1.10 -60.76 6.79
N LEU F 591 0.77 -61.90 7.38
CA LEU F 591 -0.03 -62.94 6.74
C LEU F 591 -0.94 -63.55 7.79
N SER F 592 -2.24 -63.41 7.62
CA SER F 592 -3.18 -64.17 8.44
C SER F 592 -3.89 -65.10 7.48
N LEU F 593 -3.33 -66.29 7.29
CA LEU F 593 -3.98 -67.33 6.50
C LEU F 593 -4.92 -68.16 7.37
N SER F 594 -5.83 -67.48 8.06
CA SER F 594 -6.80 -68.15 8.90
C SER F 594 -7.98 -68.64 8.07
N ASN F 595 -8.47 -69.82 8.41
CA ASN F 595 -9.74 -70.38 7.94
C ASN F 595 -9.82 -70.46 6.40
N THR F 596 -8.88 -71.22 5.84
CA THR F 596 -8.88 -71.52 4.42
C THR F 596 -8.87 -73.03 4.24
N HIS F 597 -9.72 -73.53 3.33
CA HIS F 597 -9.82 -74.98 3.14
C HIS F 597 -8.57 -75.62 2.57
N PRO F 598 -8.05 -75.21 1.39
CA PRO F 598 -7.00 -76.03 0.77
C PRO F 598 -5.61 -75.86 1.38
N LEU F 599 -5.51 -75.23 2.54
CA LEU F 599 -4.22 -75.05 3.19
C LEU F 599 -3.84 -76.32 3.94
N ILE F 600 -2.77 -76.97 3.49
CA ILE F 600 -2.14 -78.06 4.21
C ILE F 600 -0.69 -77.72 4.54
N GLN F 601 0.06 -77.28 3.54
CA GLN F 601 1.45 -76.87 3.71
C GLN F 601 1.63 -75.52 3.05
N PHE F 602 1.99 -74.51 3.84
CA PHE F 602 2.34 -73.21 3.29
C PHE F 602 3.64 -73.34 2.49
N PRO F 603 3.80 -72.54 1.41
CA PRO F 603 4.82 -72.85 0.41
C PRO F 603 6.25 -72.73 0.90
N ARG F 604 7.13 -73.49 0.26
CA ARG F 604 8.51 -73.61 0.68
C ARG F 604 9.41 -72.57 0.04
N SER F 605 8.85 -71.53 -0.57
CA SER F 605 9.64 -70.44 -1.12
C SER F 605 9.72 -69.29 -0.12
N MET F 606 9.62 -69.61 1.16
CA MET F 606 9.51 -68.63 2.23
C MET F 606 10.86 -68.38 2.91
N GLU F 607 11.94 -68.41 2.14
CA GLU F 607 13.26 -68.16 2.68
C GLU F 607 13.69 -66.71 2.52
N ASP F 608 13.25 -66.06 1.46
CA ASP F 608 13.63 -64.67 1.21
C ASP F 608 12.67 -63.66 1.81
N LEU F 609 11.61 -64.12 2.47
CA LEU F 609 10.77 -63.17 3.20
C LEU F 609 11.48 -62.78 4.49
N HIS F 610 12.33 -61.76 4.40
CA HIS F 610 13.14 -61.38 5.55
C HIS F 610 12.51 -60.30 6.41
N ASN F 611 11.36 -59.76 6.01
CA ASN F 611 10.75 -58.71 6.83
C ASN F 611 9.74 -59.32 7.80
N LEU F 612 8.60 -59.77 7.27
CA LEU F 612 7.62 -60.70 7.87
C LEU F 612 7.39 -60.46 9.36
N GLN F 613 6.78 -59.31 9.67
CA GLN F 613 6.74 -58.86 11.07
C GLN F 613 5.83 -59.73 11.92
N ILE F 614 4.68 -60.14 11.41
CA ILE F 614 3.86 -61.12 12.11
C ILE F 614 3.55 -62.27 11.15
N LEU F 615 3.00 -63.34 11.71
CA LEU F 615 2.62 -64.50 10.92
C LEU F 615 1.47 -65.18 11.67
N ASP F 616 0.28 -65.15 11.10
CA ASP F 616 -0.91 -65.68 11.73
C ASP F 616 -1.47 -66.81 10.89
N ALA F 617 -1.84 -67.90 11.55
CA ALA F 617 -2.65 -68.95 10.95
C ALA F 617 -3.42 -69.59 12.12
N SER F 618 -4.64 -69.13 12.31
CA SER F 618 -5.46 -69.59 13.42
C SER F 618 -6.66 -70.33 12.88
N TYR F 619 -7.09 -71.35 13.63
CA TYR F 619 -8.26 -72.18 13.36
C TYR F 619 -8.20 -72.88 12.01
N CYS F 620 -7.00 -73.19 11.53
CA CYS F 620 -6.82 -74.02 10.35
C CYS F 620 -6.37 -75.39 10.83
N GLN F 621 -7.29 -76.35 10.77
CA GLN F 621 -7.12 -77.61 11.47
C GLN F 621 -6.14 -78.55 10.80
N ASN F 622 -5.74 -78.28 9.56
CA ASN F 622 -4.82 -79.12 8.82
C ASN F 622 -3.57 -78.32 8.44
N LEU F 623 -2.64 -78.25 9.39
CA LEU F 623 -1.34 -77.60 9.20
C LEU F 623 -0.28 -78.52 9.77
N LYS F 624 0.21 -79.46 8.95
CA LYS F 624 1.03 -80.53 9.50
C LYS F 624 2.44 -80.05 9.86
N GLN F 625 3.18 -79.55 8.89
CA GLN F 625 4.58 -79.19 9.09
C GLN F 625 4.73 -77.69 9.01
N LEU F 626 5.36 -77.10 10.02
CA LEU F 626 5.90 -75.75 9.90
C LEU F 626 7.36 -75.85 9.52
N GLN F 627 7.75 -75.12 8.50
CA GLN F 627 9.06 -75.20 7.88
C GLN F 627 10.14 -74.65 8.81
N PRO F 628 11.39 -75.05 8.64
CA PRO F 628 12.47 -74.48 9.46
C PRO F 628 12.89 -73.07 9.05
N CYS F 629 12.23 -72.45 8.09
CA CYS F 629 12.54 -71.09 7.66
C CYS F 629 11.86 -70.02 8.49
N ILE F 630 11.18 -70.40 9.58
CA ILE F 630 10.53 -69.44 10.46
C ILE F 630 11.39 -69.40 11.71
N VAL F 631 12.68 -69.59 11.51
CA VAL F 631 13.66 -69.45 12.59
C VAL F 631 14.61 -68.29 12.33
N LEU F 632 15.08 -68.17 11.09
CA LEU F 632 16.29 -67.40 10.82
C LEU F 632 16.04 -65.92 10.58
N PHE F 633 14.80 -65.50 10.35
CA PHE F 633 14.60 -64.13 9.89
C PHE F 633 14.53 -63.11 11.02
N LYS F 634 14.44 -63.56 12.27
CA LYS F 634 14.66 -62.83 13.53
C LYS F 634 13.98 -61.46 13.66
N LYS F 635 12.93 -61.20 12.89
CA LYS F 635 12.23 -59.93 12.98
C LYS F 635 10.73 -60.18 13.03
N LEU F 636 10.34 -61.10 13.91
CA LEU F 636 8.95 -61.50 14.05
C LEU F 636 8.38 -60.87 15.31
N LEU F 637 7.09 -60.58 15.28
CA LEU F 637 6.40 -60.02 16.43
C LEU F 637 5.31 -60.93 16.97
N VAL F 638 4.46 -61.48 16.11
CA VAL F 638 3.34 -62.32 16.52
C VAL F 638 3.38 -63.61 15.72
N LEU F 639 3.40 -64.74 16.43
CA LEU F 639 3.20 -66.05 15.82
C LEU F 639 2.00 -66.68 16.51
N ASP F 640 0.94 -66.93 15.75
CA ASP F 640 -0.39 -67.16 16.31
C ASP F 640 -1.02 -68.40 15.67
N MET F 641 -0.83 -69.55 16.31
CA MET F 641 -1.52 -70.79 15.93
C MET F 641 -2.43 -71.17 17.09
N THR F 642 -3.65 -70.62 17.12
CA THR F 642 -4.63 -71.06 18.10
C THR F 642 -5.49 -72.15 17.50
N ASN F 643 -5.67 -73.23 18.27
CA ASN F 643 -6.60 -74.32 17.99
C ASN F 643 -6.32 -75.03 16.68
N CYS F 644 -5.09 -74.97 16.19
CA CYS F 644 -4.70 -75.76 15.01
C CYS F 644 -4.36 -77.15 15.51
N GLY F 645 -5.30 -78.08 15.33
CA GLY F 645 -5.19 -79.40 15.93
C GLY F 645 -4.09 -80.26 15.37
N SER F 646 -4.21 -80.66 14.11
CA SER F 646 -3.22 -81.53 13.49
C SER F 646 -2.01 -80.68 13.15
N LEU F 647 -1.00 -80.71 14.02
CA LEU F 647 0.18 -79.88 13.83
C LEU F 647 1.33 -80.53 14.59
N GLU F 648 2.51 -80.58 13.96
CA GLU F 648 3.67 -81.28 14.52
C GLU F 648 4.53 -80.39 15.39
N CYS F 649 3.87 -79.39 15.95
CA CYS F 649 4.00 -78.78 17.27
C CYS F 649 5.17 -77.84 17.53
N PHE F 650 6.22 -77.78 16.64
CA PHE F 650 6.97 -76.61 16.14
C PHE F 650 8.23 -77.02 15.39
N PRO F 651 8.91 -76.07 14.71
CA PRO F 651 10.34 -76.25 14.42
C PRO F 651 11.23 -76.06 15.65
N LYS F 652 12.55 -76.06 15.43
CA LYS F 652 13.50 -76.13 16.54
C LYS F 652 13.81 -74.76 17.14
N GLY F 653 14.33 -73.84 16.33
CA GLY F 653 14.85 -72.60 16.86
C GLY F 653 13.82 -71.51 17.12
N ILE F 654 12.83 -71.79 17.97
CA ILE F 654 11.85 -70.77 18.31
C ILE F 654 12.47 -69.71 19.22
N GLY F 655 13.33 -70.15 20.14
CA GLY F 655 14.04 -69.21 20.99
C GLY F 655 15.16 -68.45 20.32
N SER F 656 15.44 -68.73 19.04
CA SER F 656 16.47 -68.00 18.32
C SER F 656 16.03 -66.56 18.04
N LEU F 657 14.88 -66.39 17.42
CA LEU F 657 14.31 -65.07 17.26
C LEU F 657 13.80 -64.56 18.60
N VAL F 658 14.06 -63.29 18.88
CA VAL F 658 13.89 -62.76 20.24
C VAL F 658 12.87 -61.63 20.32
N LYS F 659 12.56 -60.94 19.23
CA LYS F 659 11.77 -59.72 19.29
C LYS F 659 10.28 -59.96 19.17
N LEU F 660 9.78 -61.12 19.56
CA LEU F 660 8.36 -61.41 19.38
C LEU F 660 7.63 -61.22 20.70
N GLU F 661 6.35 -60.89 20.60
CA GLU F 661 5.54 -60.56 21.76
C GLU F 661 4.41 -61.53 22.03
N VAL F 662 3.86 -62.18 21.02
CA VAL F 662 2.71 -63.05 21.18
C VAL F 662 3.07 -64.42 20.62
N LEU F 663 2.90 -65.45 21.43
CA LEU F 663 3.19 -66.83 21.03
C LEU F 663 2.03 -67.69 21.56
N LEU F 664 1.07 -67.96 20.69
CA LEU F 664 -0.14 -68.67 21.08
C LEU F 664 -0.19 -70.05 20.46
N GLY F 665 -0.56 -71.04 21.27
CA GLY F 665 -0.56 -72.42 20.82
C GLY F 665 0.84 -72.95 20.65
N PHE F 666 1.58 -73.10 21.75
CA PHE F 666 2.98 -73.44 21.66
C PHE F 666 3.18 -74.92 21.31
N LYS F 667 2.43 -75.81 21.99
CA LYS F 667 2.53 -77.27 21.89
C LYS F 667 3.96 -77.75 22.13
N PRO F 668 4.44 -77.77 23.38
CA PRO F 668 5.85 -78.14 23.63
C PRO F 668 6.11 -79.59 23.28
N ALA F 669 7.19 -79.80 22.52
CA ALA F 669 7.43 -81.06 21.82
C ALA F 669 7.93 -82.14 22.77
N ARG F 670 8.24 -83.29 22.19
CA ARG F 670 8.78 -84.43 22.92
C ARG F 670 10.30 -84.32 22.94
N SER F 671 10.99 -85.42 23.27
CA SER F 671 12.44 -85.40 23.45
C SER F 671 13.21 -85.09 22.17
N ASN F 672 13.20 -86.00 21.21
CA ASN F 672 13.86 -85.74 19.93
C ASN F 672 12.88 -85.21 18.90
N ASN F 673 12.15 -84.16 19.27
CA ASN F 673 11.14 -83.56 18.42
C ASN F 673 11.12 -82.07 18.68
N GLY F 674 10.78 -81.31 17.63
CA GLY F 674 10.37 -79.91 17.67
C GLY F 674 11.18 -78.96 18.52
N CYS F 675 10.56 -78.43 19.58
CA CYS F 675 11.25 -77.60 20.54
C CYS F 675 10.57 -77.74 21.90
N LYS F 676 11.37 -77.68 22.95
CA LYS F 676 10.89 -77.87 24.31
C LYS F 676 10.53 -76.52 24.92
N LEU F 677 10.36 -76.48 26.24
CA LEU F 677 10.14 -75.23 26.95
C LEU F 677 11.42 -74.58 27.42
N SER F 678 12.58 -75.10 27.02
CA SER F 678 13.84 -74.56 27.54
C SER F 678 14.16 -73.20 26.95
N GLU F 679 13.88 -73.02 25.66
CA GLU F 679 14.18 -71.76 24.98
C GLU F 679 13.18 -70.66 25.28
N VAL F 680 12.10 -70.98 26.00
CA VAL F 680 11.13 -69.97 26.38
C VAL F 680 11.74 -68.98 27.38
N LYS F 681 12.75 -69.43 28.13
CA LYS F 681 13.56 -68.52 28.94
C LYS F 681 14.32 -67.50 28.10
N ASN F 682 14.60 -67.81 26.84
CA ASN F 682 15.28 -66.87 25.97
C ASN F 682 14.36 -65.76 25.48
N LEU F 683 13.04 -65.97 25.53
CA LEU F 683 12.10 -65.06 24.92
C LEU F 683 11.67 -64.00 25.92
N THR F 684 12.59 -63.07 26.18
CA THR F 684 12.41 -62.11 27.26
C THR F 684 11.48 -60.95 26.92
N ASN F 685 10.88 -60.94 25.74
CA ASN F 685 10.04 -59.81 25.34
C ASN F 685 8.57 -60.14 25.24
N LEU F 686 8.17 -61.40 25.38
CA LEU F 686 6.77 -61.71 25.11
C LEU F 686 5.90 -61.37 26.31
N ARG F 687 4.63 -61.11 26.02
CA ARG F 687 3.66 -60.74 27.04
C ARG F 687 2.35 -61.50 26.96
N LYS F 688 2.07 -62.18 25.86
CA LYS F 688 0.98 -63.13 25.78
C LYS F 688 1.53 -64.48 25.37
N LEU F 689 1.08 -65.54 26.03
CA LEU F 689 1.64 -66.85 25.81
C LEU F 689 0.53 -67.88 25.92
N GLY F 690 0.48 -68.79 24.96
CA GLY F 690 -0.57 -69.79 24.92
C GLY F 690 -0.04 -71.21 24.86
N LEU F 691 -0.33 -71.99 25.89
CA LEU F 691 0.09 -73.38 25.96
C LEU F 691 -1.07 -74.30 25.65
N SER F 692 -0.75 -75.43 25.03
CA SER F 692 -1.72 -76.49 24.83
C SER F 692 -1.00 -77.83 24.98
N LEU F 693 -1.53 -78.68 25.83
CA LEU F 693 -0.84 -79.88 26.29
C LEU F 693 -1.64 -81.12 25.92
N THR F 694 -0.92 -82.18 25.56
CA THR F 694 -1.55 -83.40 25.07
C THR F 694 -1.28 -84.61 25.96
N ARG F 695 -0.03 -84.85 26.34
CA ARG F 695 0.27 -85.97 27.21
C ARG F 695 1.48 -85.62 28.07
N GLY F 696 2.03 -86.62 28.75
CA GLY F 696 2.96 -86.34 29.83
C GLY F 696 4.34 -85.90 29.35
N ASP F 697 4.82 -86.49 28.26
CA ASP F 697 6.17 -86.19 27.80
C ASP F 697 6.25 -84.92 26.95
N GLN F 698 5.22 -84.10 26.95
CA GLN F 698 5.29 -82.79 26.31
C GLN F 698 6.25 -81.86 27.02
N ILE F 699 6.43 -82.03 28.33
CA ILE F 699 7.28 -81.16 29.12
C ILE F 699 8.33 -81.99 29.84
N GLU F 700 9.39 -81.32 30.27
CA GLU F 700 10.58 -81.94 30.82
C GLU F 700 10.76 -81.45 32.26
N GLU F 701 11.47 -82.25 33.06
CA GLU F 701 11.59 -82.01 34.50
C GLU F 701 12.29 -80.70 34.81
N GLU F 702 13.55 -80.56 34.41
CA GLU F 702 14.26 -79.33 34.77
C GLU F 702 13.84 -78.12 33.95
N GLU F 703 12.93 -78.27 32.99
CA GLU F 703 12.29 -77.14 32.33
C GLU F 703 11.04 -76.65 33.06
N LEU F 704 10.67 -77.29 34.17
CA LEU F 704 9.44 -76.92 34.87
C LEU F 704 9.53 -75.57 35.57
N ASP F 705 10.72 -74.99 35.69
CA ASP F 705 10.88 -73.61 36.14
C ASP F 705 11.13 -72.66 34.99
N SER F 706 10.60 -72.97 33.80
CA SER F 706 10.87 -72.17 32.62
C SER F 706 10.02 -70.90 32.54
N LEU F 707 9.15 -70.65 33.51
CA LEU F 707 8.22 -69.53 33.42
C LEU F 707 8.33 -68.63 34.63
N ILE F 708 9.56 -68.39 35.11
CA ILE F 708 9.78 -67.49 36.23
C ILE F 708 10.62 -66.29 35.82
N ASN F 709 11.30 -66.37 34.69
CA ASN F 709 12.18 -65.30 34.27
C ASN F 709 11.58 -64.46 33.16
N LEU F 710 10.32 -64.68 32.81
CA LEU F 710 9.65 -63.84 31.83
C LEU F 710 9.22 -62.57 32.54
N SER F 711 10.00 -61.50 32.35
CA SER F 711 9.80 -60.29 33.14
C SER F 711 8.58 -59.51 32.67
N LYS F 712 8.35 -59.46 31.36
CA LYS F 712 7.31 -58.61 30.79
C LYS F 712 6.05 -59.39 30.44
N LEU F 713 5.84 -60.55 31.05
CA LEU F 713 4.70 -61.39 30.71
C LEU F 713 3.43 -60.87 31.37
N MET F 714 2.32 -60.96 30.65
CA MET F 714 1.04 -60.47 31.14
C MET F 714 -0.03 -61.54 31.25
N SER F 715 -0.11 -62.46 30.29
CA SER F 715 -1.22 -63.39 30.26
C SER F 715 -0.77 -64.78 29.82
N ILE F 716 -1.46 -65.80 30.34
CA ILE F 716 -1.19 -67.19 30.06
C ILE F 716 -2.52 -67.88 29.74
N SER F 717 -2.57 -68.63 28.64
CA SER F 717 -3.72 -69.48 28.36
C SER F 717 -3.24 -70.92 28.22
N ILE F 718 -3.87 -71.82 28.96
CA ILE F 718 -3.50 -73.23 28.98
C ILE F 718 -4.66 -74.03 28.42
N ASN F 719 -4.39 -74.82 27.38
CA ASN F 719 -5.42 -75.56 26.65
C ASN F 719 -5.13 -77.05 26.76
N CYS F 720 -5.56 -77.66 27.85
CA CYS F 720 -5.34 -79.09 28.05
C CYS F 720 -6.53 -79.90 27.52
N TYR F 721 -6.83 -79.69 26.24
CA TYR F 721 -8.03 -80.26 25.62
C TYR F 721 -7.90 -81.76 25.40
N ASP F 722 -6.93 -82.17 24.60
CA ASP F 722 -6.75 -83.59 24.28
C ASP F 722 -5.71 -84.16 25.23
N SER F 723 -6.04 -84.13 26.52
CA SER F 723 -5.16 -84.67 27.54
C SER F 723 -5.31 -86.18 27.62
N TYR F 724 -4.25 -86.85 28.07
CA TYR F 724 -4.23 -88.31 28.07
C TYR F 724 -4.17 -88.92 29.46
N GLY F 725 -3.15 -88.62 30.25
CA GLY F 725 -2.87 -89.37 31.45
C GLY F 725 -2.65 -88.49 32.67
N ASP F 726 -2.60 -89.14 33.82
CA ASP F 726 -2.39 -88.45 35.09
C ASP F 726 -0.97 -87.96 35.26
N ASP F 727 -0.02 -88.45 34.45
CA ASP F 727 1.34 -87.93 34.45
C ASP F 727 1.37 -86.46 34.04
N LEU F 728 0.51 -86.08 33.10
CA LEU F 728 0.36 -84.68 32.73
C LEU F 728 -0.16 -83.86 33.90
N ILE F 729 -1.08 -84.42 34.68
CA ILE F 729 -1.63 -83.71 35.83
C ILE F 729 -0.56 -83.53 36.90
N THR F 730 0.28 -84.53 37.11
CA THR F 730 1.35 -84.40 38.09
C THR F 730 2.45 -83.48 37.61
N LYS F 731 2.70 -83.42 36.31
CA LYS F 731 3.78 -82.59 35.80
C LYS F 731 3.36 -81.14 35.52
N ILE F 732 2.06 -80.85 35.45
CA ILE F 732 1.62 -79.47 35.37
C ILE F 732 1.97 -78.70 36.63
N ASP F 733 1.82 -79.33 37.79
CA ASP F 733 1.81 -78.64 39.09
C ASP F 733 3.14 -78.00 39.48
N ALA F 734 4.19 -78.16 38.68
CA ALA F 734 5.45 -77.46 38.92
C ALA F 734 5.65 -76.27 38.00
N LEU F 735 4.78 -76.07 37.00
CA LEU F 735 4.86 -74.90 36.13
C LEU F 735 4.37 -73.69 36.91
N THR F 736 5.30 -72.88 37.38
CA THR F 736 4.97 -71.69 38.16
C THR F 736 5.02 -70.47 37.27
N PRO F 737 3.92 -69.71 37.17
CA PRO F 737 3.93 -68.44 36.44
C PRO F 737 4.74 -67.39 37.19
N PRO F 738 5.08 -66.26 36.57
CA PRO F 738 5.80 -65.21 37.30
C PRO F 738 4.90 -64.55 38.33
N HIS F 739 5.53 -63.79 39.23
CA HIS F 739 4.77 -63.11 40.27
C HIS F 739 3.94 -61.97 39.71
N GLN F 740 4.33 -61.42 38.57
CA GLN F 740 3.43 -60.54 37.82
C GLN F 740 2.70 -61.39 36.79
N LEU F 741 1.38 -61.29 36.82
CA LEU F 741 0.52 -62.06 35.92
C LEU F 741 -0.84 -61.39 35.97
N HIS F 742 -1.37 -61.00 34.82
CA HIS F 742 -2.59 -60.23 34.83
C HIS F 742 -3.83 -61.07 34.56
N GLU F 743 -3.75 -62.02 33.64
CA GLU F 743 -4.86 -62.89 33.30
C GLU F 743 -4.34 -64.30 33.11
N LEU F 744 -5.03 -65.29 33.67
CA LEU F 744 -4.77 -66.66 33.23
C LEU F 744 -6.09 -67.35 32.93
N SER F 745 -6.05 -68.24 31.95
CA SER F 745 -7.22 -68.99 31.51
C SER F 745 -6.79 -70.42 31.25
N LEU F 746 -6.86 -71.24 32.28
CA LEU F 746 -6.84 -72.69 32.09
C LEU F 746 -8.24 -73.13 31.72
N GLN F 747 -8.36 -73.96 30.69
CA GLN F 747 -9.67 -74.15 30.10
C GLN F 747 -10.10 -75.59 29.83
N PHE F 748 -9.20 -76.56 29.91
CA PHE F 748 -9.80 -77.90 29.89
C PHE F 748 -9.32 -78.82 31.00
N TYR F 749 -8.04 -78.70 31.43
CA TYR F 749 -7.49 -79.03 32.75
C TYR F 749 -7.99 -80.33 33.37
N PRO F 750 -7.45 -81.49 32.98
CA PRO F 750 -8.01 -82.77 33.43
C PRO F 750 -7.85 -83.06 34.92
N GLY F 751 -7.10 -82.25 35.66
CA GLY F 751 -6.90 -82.52 37.08
C GLY F 751 -8.16 -82.31 37.90
N LYS F 752 -8.15 -82.86 39.10
CA LYS F 752 -9.30 -82.80 39.98
C LYS F 752 -9.17 -81.74 41.07
N SER F 753 -7.96 -81.47 41.53
CA SER F 753 -7.73 -80.42 42.51
C SER F 753 -7.21 -79.18 41.80
N SER F 754 -6.91 -78.14 42.58
CA SER F 754 -6.26 -76.97 42.04
C SER F 754 -4.81 -77.31 41.67
N PRO F 755 -4.20 -76.55 40.74
CA PRO F 755 -2.84 -76.88 40.32
C PRO F 755 -1.71 -76.62 41.31
N SER F 756 -2.04 -76.28 42.56
CA SER F 756 -1.16 -76.10 43.72
C SER F 756 -0.20 -74.92 43.59
N TRP F 757 -0.31 -74.09 42.56
CA TRP F 757 0.28 -72.76 42.62
C TRP F 757 -0.77 -71.67 42.66
N LEU F 758 -2.04 -72.02 42.46
CA LEU F 758 -3.12 -71.04 42.42
C LEU F 758 -3.35 -70.53 43.84
N SER F 759 -2.56 -69.52 44.20
CA SER F 759 -2.50 -68.99 45.54
C SER F 759 -2.03 -67.55 45.43
N PRO F 760 -2.45 -66.68 46.36
CA PRO F 760 -1.91 -65.31 46.37
C PRO F 760 -0.43 -65.24 46.72
N HIS F 761 0.16 -66.30 47.26
CA HIS F 761 1.58 -66.31 47.54
C HIS F 761 2.39 -66.46 46.26
N LYS F 762 1.95 -67.30 45.33
CA LYS F 762 2.72 -67.57 44.13
C LYS F 762 2.48 -66.52 43.05
N LEU F 763 1.35 -65.85 43.08
CA LEU F 763 1.05 -64.80 42.11
C LEU F 763 0.14 -63.77 42.79
N PRO F 764 0.72 -62.68 43.28
CA PRO F 764 -0.07 -61.74 44.08
C PRO F 764 -0.92 -60.81 43.23
N MET F 765 -0.40 -60.42 42.07
CA MET F 765 -0.98 -59.36 41.27
C MET F 765 -1.96 -59.86 40.22
N LEU F 766 -2.60 -61.00 40.46
CA LEU F 766 -3.60 -61.50 39.53
C LEU F 766 -4.88 -60.69 39.65
N ARG F 767 -5.39 -60.18 38.53
CA ARG F 767 -6.61 -59.40 38.53
C ARG F 767 -7.77 -60.10 37.86
N TYR F 768 -7.56 -60.75 36.72
CA TYR F 768 -8.61 -61.40 35.97
C TYR F 768 -8.26 -62.88 35.81
N MET F 769 -9.30 -63.71 35.78
CA MET F 769 -9.11 -65.16 35.81
C MET F 769 -10.37 -65.84 35.30
N SER F 770 -10.20 -66.83 34.44
CA SER F 770 -11.33 -67.63 33.98
C SER F 770 -10.97 -69.11 34.02
N ILE F 771 -11.96 -69.92 34.35
CA ILE F 771 -11.85 -71.37 34.29
C ILE F 771 -13.00 -71.89 33.45
N CYS F 772 -12.68 -72.44 32.29
CA CYS F 772 -13.65 -73.10 31.42
C CYS F 772 -13.80 -74.56 31.88
N SER F 773 -14.26 -75.43 30.98
CA SER F 773 -14.50 -76.85 31.22
C SER F 773 -13.36 -77.57 31.94
N GLY F 774 -13.67 -78.63 32.66
CA GLY F 774 -12.62 -79.31 33.41
C GLY F 774 -13.16 -80.43 34.24
N ASN F 775 -12.23 -81.28 34.68
CA ASN F 775 -12.51 -82.35 35.63
C ASN F 775 -12.21 -81.92 37.06
N LEU F 776 -12.27 -80.62 37.33
CA LEU F 776 -11.84 -80.10 38.62
C LEU F 776 -12.94 -80.32 39.63
N VAL F 777 -12.58 -80.82 40.80
CA VAL F 777 -13.56 -81.21 41.81
C VAL F 777 -13.60 -80.16 42.91
N LYS F 778 -12.46 -79.87 43.52
CA LYS F 778 -12.42 -78.90 44.60
C LYS F 778 -11.08 -78.18 44.58
N MET F 779 -11.02 -77.10 45.32
CA MET F 779 -9.81 -76.29 45.45
C MET F 779 -9.05 -76.71 46.70
N GLN F 780 -7.73 -76.67 46.60
CA GLN F 780 -6.88 -77.03 47.73
C GLN F 780 -6.86 -75.89 48.76
N GLU F 781 -6.28 -76.19 49.90
CA GLU F 781 -6.09 -75.20 50.96
C GLU F 781 -5.15 -74.03 50.65
N PRO F 782 -4.10 -74.15 49.82
CA PRO F 782 -3.40 -72.93 49.40
C PRO F 782 -4.23 -71.99 48.54
N PHE F 783 -5.34 -72.45 47.94
CA PHE F 783 -6.16 -71.57 47.11
C PHE F 783 -6.86 -70.51 47.94
N TRP F 784 -7.10 -70.75 49.22
CA TRP F 784 -7.73 -69.74 50.05
C TRP F 784 -6.69 -68.83 50.70
N GLY F 785 -5.82 -69.41 51.53
CA GLY F 785 -4.67 -68.72 52.10
C GLY F 785 -4.96 -67.45 52.87
N ASN F 786 -5.98 -67.48 53.72
CA ASN F 786 -6.60 -66.25 54.23
C ASN F 786 -6.10 -65.85 55.60
N GLU F 787 -4.83 -66.08 55.92
CA GLU F 787 -4.31 -65.61 57.20
C GLU F 787 -4.14 -64.08 57.18
N ASN F 788 -3.41 -63.56 56.20
CA ASN F 788 -3.39 -62.14 55.91
C ASN F 788 -3.43 -61.83 54.42
N THR F 789 -3.02 -62.76 53.56
CA THR F 789 -2.95 -62.51 52.14
C THR F 789 -4.31 -62.75 51.49
N HIS F 790 -4.58 -61.97 50.44
CA HIS F 790 -5.80 -62.10 49.67
C HIS F 790 -5.46 -62.00 48.20
N TRP F 791 -6.47 -62.22 47.35
CA TRP F 791 -6.22 -62.36 45.93
C TRP F 791 -5.93 -61.02 45.25
N ARG F 792 -6.65 -59.97 45.66
CA ARG F 792 -6.78 -58.72 44.89
C ARG F 792 -7.18 -59.00 43.44
N ILE F 793 -8.13 -59.91 43.29
CA ILE F 793 -8.62 -60.34 42.00
C ILE F 793 -9.91 -59.59 41.74
N GLU F 794 -10.25 -59.41 40.48
CA GLU F 794 -11.37 -58.51 40.21
C GLU F 794 -12.43 -59.11 39.31
N GLY F 795 -12.04 -59.90 38.32
CA GLY F 795 -12.99 -60.54 37.42
C GLY F 795 -12.77 -62.04 37.42
N LEU F 796 -13.86 -62.79 37.55
CA LEU F 796 -13.77 -64.24 37.68
C LEU F 796 -14.84 -64.89 36.82
N MET F 797 -14.46 -65.97 36.15
CA MET F 797 -15.37 -66.67 35.25
C MET F 797 -15.25 -68.18 35.46
N LEU F 798 -16.38 -68.85 35.64
CA LEU F 798 -16.43 -70.30 35.82
C LEU F 798 -17.41 -70.82 34.78
N SER F 799 -16.91 -71.33 33.66
CA SER F 799 -17.81 -71.53 32.51
C SER F 799 -18.62 -72.80 32.62
N SER F 800 -17.98 -73.97 32.50
CA SER F 800 -18.76 -75.21 32.44
C SER F 800 -18.09 -76.25 33.33
N LEU F 801 -18.45 -76.24 34.61
CA LEU F 801 -17.84 -77.14 35.58
C LEU F 801 -18.95 -77.92 36.27
N SER F 802 -18.95 -79.23 36.09
CA SER F 802 -19.95 -80.10 36.69
C SER F 802 -19.44 -80.84 37.90
N ASP F 803 -18.22 -80.59 38.34
CA ASP F 803 -17.65 -81.23 39.52
C ASP F 803 -17.14 -80.24 40.55
N LEU F 804 -17.15 -78.94 40.24
CA LEU F 804 -16.56 -77.92 41.08
C LEU F 804 -17.52 -77.47 42.18
N ASP F 805 -17.07 -77.58 43.44
CA ASP F 805 -17.88 -77.22 44.59
C ASP F 805 -17.10 -76.28 45.49
N MET F 806 -17.71 -75.12 45.79
CA MET F 806 -17.18 -74.17 46.76
C MET F 806 -18.32 -73.30 47.25
N ASP F 807 -18.02 -72.42 48.19
CA ASP F 807 -19.01 -71.54 48.79
C ASP F 807 -18.96 -70.15 48.16
N TRP F 808 -19.78 -69.26 48.72
CA TRP F 808 -19.93 -67.89 48.24
C TRP F 808 -19.38 -66.87 49.21
N GLU F 809 -19.78 -66.94 50.48
CA GLU F 809 -19.22 -66.04 51.48
C GLU F 809 -17.77 -66.35 51.79
N VAL F 810 -17.32 -67.58 51.54
CA VAL F 810 -15.90 -67.89 51.68
C VAL F 810 -15.11 -67.22 50.57
N LEU F 811 -15.69 -67.14 49.37
CA LEU F 811 -15.08 -66.34 48.30
C LEU F 811 -15.08 -64.86 48.65
N GLN F 812 -16.19 -64.36 49.19
CA GLN F 812 -16.27 -62.95 49.51
C GLN F 812 -15.39 -62.56 50.70
N GLN F 813 -15.01 -63.49 51.55
CA GLN F 813 -14.01 -63.19 52.56
C GLN F 813 -12.61 -63.58 52.12
N SER F 814 -12.46 -64.24 50.97
CA SER F 814 -11.14 -64.51 50.43
C SER F 814 -10.78 -63.64 49.23
N MET F 815 -11.77 -63.04 48.58
CA MET F 815 -11.54 -62.17 47.43
C MET F 815 -12.24 -60.84 47.71
N PRO F 816 -11.57 -59.91 48.42
CA PRO F 816 -12.26 -58.67 48.82
C PRO F 816 -12.47 -57.67 47.71
N TYR F 817 -11.91 -57.89 46.52
CA TYR F 817 -11.90 -56.87 45.48
C TYR F 817 -12.63 -57.32 44.22
N LEU F 818 -13.61 -58.21 44.37
CA LEU F 818 -14.38 -58.64 43.22
C LEU F 818 -15.33 -57.56 42.75
N ARG F 819 -15.61 -57.57 41.45
CA ARG F 819 -16.67 -56.76 40.87
C ARG F 819 -17.77 -57.63 40.26
N THR F 820 -17.39 -58.52 39.35
CA THR F 820 -18.32 -59.41 38.66
C THR F 820 -17.79 -60.83 38.66
N VAL F 821 -18.68 -61.79 38.85
CA VAL F 821 -18.37 -63.21 38.75
C VAL F 821 -19.37 -63.81 37.77
N THR F 822 -18.88 -64.22 36.61
CA THR F 822 -19.75 -64.73 35.54
C THR F 822 -19.62 -66.25 35.48
N ALA F 823 -20.60 -66.93 36.04
CA ALA F 823 -20.68 -68.38 35.97
C ALA F 823 -22.00 -68.77 35.30
N ASN F 824 -21.95 -69.72 34.36
CA ASN F 824 -23.14 -70.03 33.59
C ASN F 824 -23.44 -71.52 33.41
N TRP F 825 -22.52 -72.43 33.68
CA TRP F 825 -22.86 -73.86 33.70
C TRP F 825 -22.14 -74.51 34.88
N CYS F 826 -22.79 -74.47 36.04
CA CYS F 826 -22.29 -75.13 37.25
C CYS F 826 -23.50 -75.64 38.00
N PRO F 827 -23.94 -76.88 37.73
CA PRO F 827 -25.21 -77.36 38.25
C PRO F 827 -25.18 -77.78 39.71
N GLU F 828 -24.16 -77.41 40.48
CA GLU F 828 -23.87 -78.05 41.74
C GLU F 828 -23.52 -77.10 42.87
N LEU F 829 -23.46 -75.79 42.62
CA LEU F 829 -23.17 -74.86 43.71
C LEU F 829 -24.44 -74.50 44.47
N GLU F 830 -25.38 -73.83 43.76
CA GLU F 830 -26.65 -73.33 44.29
C GLU F 830 -26.48 -72.54 45.59
N SER F 831 -25.41 -71.77 45.66
CA SER F 831 -25.15 -70.94 46.81
C SER F 831 -24.73 -69.53 46.41
N PHE F 832 -24.61 -69.26 45.12
CA PHE F 832 -24.14 -67.95 44.71
C PHE F 832 -25.30 -66.98 44.62
N ALA F 833 -24.95 -65.70 44.48
CA ALA F 833 -25.93 -64.64 44.46
C ALA F 833 -26.59 -64.45 43.09
N ILE F 834 -26.09 -65.11 42.06
CA ILE F 834 -26.67 -64.97 40.74
C ILE F 834 -27.97 -65.76 40.65
N GLU F 835 -28.71 -65.52 39.56
CA GLU F 835 -30.08 -66.03 39.44
C GLU F 835 -30.11 -67.55 39.32
N ASP F 836 -29.22 -68.13 38.53
CA ASP F 836 -28.99 -69.56 38.56
C ASP F 836 -27.55 -69.85 38.16
N VAL F 837 -26.81 -70.50 39.07
CA VAL F 837 -25.45 -70.91 38.75
C VAL F 837 -25.44 -72.18 37.91
N GLY F 838 -26.61 -72.78 37.69
CA GLY F 838 -26.72 -74.03 37.01
C GLY F 838 -26.86 -73.76 35.54
N PHE F 839 -28.10 -73.82 35.02
CA PHE F 839 -28.30 -73.91 33.59
C PHE F 839 -27.99 -72.58 32.88
N ARG F 840 -28.61 -71.50 33.32
CA ARG F 840 -28.31 -70.21 32.71
C ARG F 840 -27.18 -69.54 33.50
N GLY F 841 -26.95 -68.26 33.24
CA GLY F 841 -25.85 -67.57 33.88
C GLY F 841 -26.24 -66.15 34.27
N GLY F 842 -25.54 -65.66 35.28
CA GLY F 842 -25.65 -64.28 35.71
C GLY F 842 -24.27 -63.67 35.80
N VAL F 843 -24.18 -62.43 36.25
CA VAL F 843 -22.89 -61.75 36.34
C VAL F 843 -22.53 -61.30 37.74
N TRP F 844 -23.51 -61.10 38.62
CA TRP F 844 -23.33 -60.52 39.96
C TRP F 844 -22.57 -59.19 39.88
N MET F 845 -23.23 -58.22 39.27
CA MET F 845 -22.69 -56.87 39.23
C MET F 845 -23.00 -56.18 40.54
N LYS F 846 -22.04 -56.17 41.46
CA LYS F 846 -22.25 -55.62 42.79
C LYS F 846 -22.20 -54.09 42.74
N THR F 847 -22.51 -53.48 43.87
CA THR F 847 -22.52 -52.03 43.98
C THR F 847 -21.11 -51.47 44.05
N THR G 23 38.03 -24.24 -14.54
CA THR G 23 37.84 -24.94 -13.28
C THR G 23 38.93 -24.56 -12.28
N VAL G 24 40.01 -24.00 -12.80
CA VAL G 24 41.13 -23.60 -11.95
C VAL G 24 41.22 -22.07 -11.85
N SER G 25 40.90 -21.36 -12.92
CA SER G 25 41.03 -19.90 -12.94
C SER G 25 39.97 -19.23 -12.07
N ASP G 26 38.84 -19.89 -11.84
CA ASP G 26 37.77 -19.35 -11.03
C ASP G 26 37.85 -19.76 -9.57
N TYR G 27 38.96 -20.39 -9.16
CA TYR G 27 39.09 -20.96 -7.83
C TYR G 27 38.99 -19.91 -6.74
N ARG G 28 39.46 -18.70 -7.00
CA ARG G 28 39.26 -17.63 -6.03
C ARG G 28 37.79 -17.22 -5.99
N LYS G 29 37.16 -17.09 -7.16
CA LYS G 29 35.78 -16.64 -7.24
C LYS G 29 34.85 -17.66 -6.62
N GLN G 30 35.02 -18.91 -6.98
CA GLN G 30 34.23 -19.97 -6.39
C GLN G 30 34.63 -20.24 -4.94
N LEU G 31 35.75 -19.69 -4.48
CA LEU G 31 35.96 -19.57 -3.05
C LEU G 31 35.00 -18.56 -2.46
N GLU G 32 35.08 -17.32 -2.94
CA GLU G 32 34.62 -16.18 -2.15
C GLU G 32 33.10 -16.10 -2.03
N ASP G 33 32.36 -16.57 -3.04
CA ASP G 33 30.92 -16.66 -2.94
C ASP G 33 30.50 -17.58 -1.80
N LEU G 34 31.24 -18.68 -1.59
CA LEU G 34 31.02 -19.51 -0.42
C LEU G 34 31.29 -18.72 0.85
N GLN G 35 32.35 -17.91 0.85
CA GLN G 35 32.61 -17.01 1.97
C GLN G 35 31.53 -15.97 2.12
N SER G 36 30.81 -15.64 1.05
CA SER G 36 29.63 -14.81 1.21
C SER G 36 28.47 -15.64 1.75
N GLU G 37 28.31 -16.86 1.25
CA GLU G 37 27.06 -17.57 1.44
C GLU G 37 26.91 -18.05 2.87
N LEU G 38 27.99 -18.60 3.43
CA LEU G 38 28.07 -18.88 4.86
C LEU G 38 27.75 -17.63 5.66
N LYS G 39 28.30 -16.48 5.23
CA LYS G 39 28.05 -15.18 5.84
C LYS G 39 26.58 -14.83 5.86
N TYR G 40 25.80 -15.28 4.88
CA TYR G 40 24.38 -15.03 4.98
C TYR G 40 23.68 -16.06 5.84
N MET G 41 24.04 -17.34 5.68
CA MET G 41 23.14 -18.38 6.14
C MET G 41 23.18 -18.51 7.66
N GLN G 42 24.34 -18.32 8.26
CA GLN G 42 24.40 -18.30 9.71
C GLN G 42 23.74 -17.05 10.27
N SER G 43 23.74 -15.95 9.51
CA SER G 43 22.95 -14.80 9.92
C SER G 43 21.47 -15.12 9.83
N PHE G 44 21.08 -15.93 8.85
CA PHE G 44 19.73 -16.48 8.83
C PHE G 44 19.50 -17.36 10.05
N LEU G 45 20.53 -18.10 10.46
CA LEU G 45 20.45 -18.89 11.68
C LEU G 45 20.71 -18.06 12.93
N LYS G 46 20.75 -16.74 12.82
CA LYS G 46 20.61 -15.87 13.97
C LYS G 46 19.26 -15.17 13.97
N ASP G 47 18.36 -15.60 13.09
CA ASP G 47 17.05 -14.99 12.99
C ASP G 47 15.91 -15.96 13.20
N ALA G 48 16.02 -17.18 12.64
CA ALA G 48 14.93 -18.14 12.66
C ALA G 48 14.62 -18.65 14.07
N GLU G 49 15.61 -18.68 14.95
CA GLU G 49 15.34 -19.05 16.34
C GLU G 49 14.75 -17.91 17.13
N ARG G 50 14.78 -16.70 16.61
CA ARG G 50 14.08 -15.58 17.22
C ARG G 50 12.65 -15.45 16.74
N GLN G 51 12.17 -16.42 15.97
CA GLN G 51 10.86 -16.39 15.37
C GLN G 51 9.92 -17.33 16.10
N LYS G 52 8.74 -16.83 16.45
CA LYS G 52 7.69 -17.66 17.00
C LYS G 52 6.85 -18.25 15.86
N ARG G 53 6.04 -19.26 16.21
CA ARG G 53 5.20 -20.01 15.28
C ARG G 53 6.06 -20.65 14.18
N THR G 54 6.87 -21.60 14.62
CA THR G 54 7.72 -22.37 13.71
C THR G 54 6.98 -23.62 13.28
N ASN G 55 6.58 -23.67 12.01
CA ASN G 55 5.98 -24.87 11.47
C ASN G 55 7.05 -25.89 11.11
N GLU G 56 6.62 -26.98 10.47
CA GLU G 56 7.49 -28.14 10.32
C GLU G 56 8.55 -27.94 9.25
N THR G 57 8.20 -27.28 8.14
CA THR G 57 9.18 -27.06 7.08
C THR G 57 10.29 -26.13 7.54
N LEU G 58 9.93 -25.15 8.38
CA LEU G 58 10.93 -24.23 8.91
C LEU G 58 11.91 -24.95 9.81
N ARG G 59 11.41 -25.80 10.71
CA ARG G 59 12.32 -26.46 11.63
C ARG G 59 13.14 -27.54 10.93
N THR G 60 12.62 -28.16 9.86
CA THR G 60 13.43 -29.13 9.14
C THR G 60 14.53 -28.45 8.33
N LEU G 61 14.23 -27.31 7.69
CA LEU G 61 15.33 -26.75 6.92
C LEU G 61 16.32 -26.01 7.80
N VAL G 62 15.92 -25.53 8.99
CA VAL G 62 16.92 -25.08 9.94
C VAL G 62 17.78 -26.26 10.42
N ALA G 63 17.14 -27.41 10.64
CA ALA G 63 17.84 -28.59 11.15
C ALA G 63 18.86 -29.13 10.15
N ASP G 64 18.64 -28.97 8.84
CA ASP G 64 19.73 -29.38 7.97
C ASP G 64 20.62 -28.23 7.49
N LEU G 65 20.18 -26.97 7.58
CA LEU G 65 21.11 -25.88 7.32
C LEU G 65 22.16 -25.76 8.40
N ARG G 66 21.88 -26.21 9.63
CA ARG G 66 22.93 -26.20 10.64
C ARG G 66 24.05 -27.18 10.30
N GLU G 67 23.69 -28.38 9.85
CA GLU G 67 24.69 -29.34 9.41
C GLU G 67 25.41 -28.84 8.17
N LEU G 68 24.70 -28.11 7.31
CA LEU G 68 25.32 -27.57 6.12
C LEU G 68 26.29 -26.44 6.44
N VAL G 69 25.99 -25.64 7.48
CA VAL G 69 26.93 -24.64 7.98
C VAL G 69 28.18 -25.31 8.52
N TYR G 70 28.00 -26.40 9.28
CA TYR G 70 29.15 -27.14 9.78
C TYR G 70 30.02 -27.67 8.65
N GLU G 71 29.40 -28.19 7.59
CA GLU G 71 30.17 -28.71 6.47
C GLU G 71 30.87 -27.59 5.71
N ALA G 72 30.20 -26.44 5.55
CA ALA G 72 30.77 -25.35 4.78
C ALA G 72 31.98 -24.74 5.51
N GLU G 73 31.82 -24.41 6.80
CA GLU G 73 32.97 -23.89 7.52
C GLU G 73 33.96 -24.99 7.89
N ASP G 74 33.58 -26.25 7.70
CA ASP G 74 34.53 -27.33 7.84
C ASP G 74 35.50 -27.35 6.67
N ILE G 75 34.96 -27.28 5.44
CA ILE G 75 35.86 -27.38 4.29
C ILE G 75 36.42 -26.04 3.91
N LEU G 76 35.92 -24.94 4.50
CA LEU G 76 36.42 -23.61 4.15
C LEU G 76 37.80 -23.36 4.71
N VAL G 77 38.22 -24.10 5.74
CA VAL G 77 39.51 -23.89 6.36
C VAL G 77 40.63 -24.44 5.48
N ASP G 78 40.30 -25.30 4.51
CA ASP G 78 41.28 -25.85 3.59
C ASP G 78 41.81 -24.84 2.58
N CYS G 79 41.28 -23.61 2.53
CA CYS G 79 41.80 -22.63 1.58
C CYS G 79 43.08 -21.97 2.07
N GLN G 80 43.50 -22.24 3.31
CA GLN G 80 44.79 -21.76 3.78
C GLN G 80 45.83 -22.87 3.74
N LEU G 107 46.80 -30.24 -5.28
CA LEU G 107 46.66 -29.15 -6.25
C LEU G 107 45.55 -28.19 -5.84
N GLN G 108 45.38 -27.13 -6.63
CA GLN G 108 44.27 -26.20 -6.46
C GLN G 108 43.06 -26.60 -7.29
N TYR G 109 42.89 -27.89 -7.54
CA TYR G 109 41.86 -28.42 -8.42
C TYR G 109 40.85 -29.28 -7.66
N LYS G 110 41.32 -30.13 -6.75
CA LYS G 110 40.42 -30.94 -5.94
C LYS G 110 39.64 -30.07 -4.96
N LYS G 111 40.28 -29.01 -4.46
CA LYS G 111 39.57 -28.04 -3.63
C LYS G 111 38.50 -27.30 -4.41
N SER G 112 38.78 -27.00 -5.69
CA SER G 112 37.74 -26.40 -6.53
C SER G 112 36.59 -27.36 -6.79
N LYS G 113 36.89 -28.67 -6.89
CA LYS G 113 35.82 -29.67 -6.97
C LYS G 113 34.96 -29.65 -5.71
N ARG G 114 35.58 -29.54 -4.54
CA ARG G 114 34.83 -29.53 -3.28
C ARG G 114 33.96 -28.29 -3.16
N LEU G 115 34.53 -27.13 -3.53
CA LEU G 115 33.77 -25.87 -3.53
C LEU G 115 32.59 -25.95 -4.48
N GLN G 116 32.80 -26.55 -5.65
CA GLN G 116 31.75 -26.65 -6.66
C GLN G 116 30.62 -27.54 -6.20
N GLU G 117 30.95 -28.71 -5.64
CA GLU G 117 29.90 -29.64 -5.25
C GLU G 117 29.11 -29.13 -4.05
N ILE G 118 29.75 -28.43 -3.10
CA ILE G 118 28.93 -27.96 -1.99
C ILE G 118 28.15 -26.71 -2.39
N ASN G 119 28.65 -25.90 -3.32
CA ASN G 119 27.85 -24.78 -3.81
C ASN G 119 26.62 -25.25 -4.56
N GLU G 120 26.78 -26.29 -5.39
CA GLU G 120 25.64 -26.87 -6.08
C GLU G 120 24.66 -27.50 -5.10
N ARG G 121 25.17 -28.09 -4.02
CA ARG G 121 24.28 -28.68 -3.00
C ARG G 121 23.45 -27.60 -2.31
N ILE G 122 24.08 -26.48 -1.94
CA ILE G 122 23.37 -25.43 -1.22
C ILE G 122 22.35 -24.75 -2.12
N THR G 123 22.73 -24.43 -3.36
CA THR G 123 21.77 -23.82 -4.27
C THR G 123 20.62 -24.76 -4.61
N LYS G 124 20.90 -26.06 -4.71
CA LYS G 124 19.85 -27.02 -4.99
C LYS G 124 18.87 -27.14 -3.84
N ILE G 125 19.34 -27.13 -2.59
CA ILE G 125 18.38 -27.26 -1.50
C ILE G 125 17.59 -25.97 -1.32
N LYS G 126 18.19 -24.81 -1.64
CA LYS G 126 17.44 -23.55 -1.63
C LYS G 126 16.30 -23.58 -2.64
N SER G 127 16.62 -23.88 -3.89
CA SER G 127 15.58 -23.92 -4.93
C SER G 127 14.64 -25.10 -4.76
N GLN G 128 15.01 -26.07 -3.94
CA GLN G 128 14.17 -27.23 -3.68
C GLN G 128 13.17 -26.97 -2.56
N VAL G 129 13.52 -26.12 -1.60
CA VAL G 129 12.62 -25.88 -0.47
C VAL G 129 11.82 -24.59 -0.61
N GLU G 130 12.23 -23.66 -1.47
CA GLU G 130 11.54 -22.37 -1.59
C GLU G 130 10.04 -22.39 -2.00
N PRO G 131 9.57 -23.26 -2.93
CA PRO G 131 8.12 -23.25 -3.22
C PRO G 131 7.24 -23.72 -2.08
N TYR G 132 7.75 -24.51 -1.13
CA TYR G 132 6.92 -24.90 -0.01
C TYR G 132 6.65 -23.74 0.92
N PHE G 133 7.54 -22.75 0.94
CA PHE G 133 7.24 -21.51 1.63
C PHE G 133 6.43 -20.57 0.75
N GLU G 134 6.51 -20.75 -0.57
CA GLU G 134 5.59 -20.02 -1.43
C GLU G 134 4.14 -20.45 -1.24
N PHE G 135 3.90 -21.70 -0.88
CA PHE G 135 2.53 -22.22 -0.92
C PHE G 135 1.69 -21.73 0.25
N ILE G 136 2.07 -22.04 1.48
CA ILE G 136 1.22 -21.75 2.62
C ILE G 136 1.31 -20.27 2.98
N THR G 137 0.20 -19.76 3.51
CA THR G 137 0.15 -18.40 4.01
C THR G 137 0.26 -18.41 5.52
N PRO G 138 1.08 -17.56 6.12
CA PRO G 138 1.27 -17.55 7.58
C PRO G 138 0.07 -16.97 8.32
N ASP G 148 0.20 -18.95 25.49
CA ASP G 148 0.53 -17.82 26.33
C ASP G 148 0.69 -18.28 27.77
N ARG G 149 1.58 -17.62 28.50
CA ARG G 149 1.90 -18.00 29.87
C ARG G 149 1.53 -16.87 30.81
N TRP G 150 0.88 -17.22 31.92
CA TRP G 150 0.39 -16.22 32.86
C TRP G 150 0.34 -16.85 34.24
N SER G 151 0.01 -16.02 35.23
CA SER G 151 -0.06 -16.47 36.62
C SER G 151 -1.11 -15.65 37.35
N SER G 152 -1.42 -16.06 38.56
CA SER G 152 -2.58 -15.52 39.28
C SER G 152 -2.42 -15.84 40.76
N PRO G 153 -2.98 -15.01 41.65
CA PRO G 153 -2.97 -15.33 43.08
C PRO G 153 -3.98 -16.38 43.52
N VAL G 154 -4.60 -17.12 42.60
CA VAL G 154 -5.62 -18.10 42.94
C VAL G 154 -4.99 -19.48 42.87
N TYR G 155 -4.94 -20.17 44.01
CA TYR G 155 -4.39 -21.51 44.08
C TYR G 155 -5.26 -22.33 45.02
N ASP G 156 -4.82 -23.55 45.32
CA ASP G 156 -5.72 -24.54 45.90
C ASP G 156 -5.52 -24.75 47.39
N HIS G 157 -4.31 -24.47 47.91
CA HIS G 157 -3.90 -24.54 49.32
C HIS G 157 -4.28 -25.84 50.03
N THR G 158 -4.40 -26.94 49.30
CA THR G 158 -4.56 -28.25 49.89
C THR G 158 -3.48 -29.22 49.46
N GLN G 159 -2.99 -29.10 48.23
CA GLN G 159 -1.89 -29.91 47.74
C GLN G 159 -0.54 -29.31 48.07
N VAL G 160 -0.50 -28.16 48.74
CA VAL G 160 0.76 -27.50 49.04
C VAL G 160 1.45 -28.27 50.16
N VAL G 161 2.45 -29.06 49.79
CA VAL G 161 3.19 -29.86 50.75
C VAL G 161 4.24 -28.97 51.40
N GLY G 162 4.47 -29.20 52.71
CA GLY G 162 4.98 -28.25 53.69
C GLY G 162 5.98 -27.19 53.32
N LEU G 163 5.59 -25.94 53.56
CA LEU G 163 6.41 -24.77 53.28
C LEU G 163 6.37 -23.79 54.45
N GLU G 164 5.89 -24.23 55.61
CA GLU G 164 5.56 -23.32 56.69
C GLU G 164 6.79 -22.69 57.34
N GLY G 165 7.96 -23.31 57.24
CA GLY G 165 9.17 -22.66 57.71
C GLY G 165 9.56 -21.49 56.82
N ASP G 166 9.53 -21.73 55.50
CA ASP G 166 9.83 -20.66 54.55
C ASP G 166 8.75 -19.59 54.57
N LYS G 167 7.49 -20.02 54.73
CA LYS G 167 6.38 -19.08 54.88
C LYS G 167 6.57 -18.20 56.11
N ARG G 168 7.01 -18.81 57.21
CA ARG G 168 7.26 -18.07 58.44
C ARG G 168 8.39 -17.06 58.25
N LYS G 169 9.49 -17.50 57.64
CA LYS G 169 10.65 -16.64 57.43
C LYS G 169 10.32 -15.45 56.54
N ILE G 170 9.54 -15.69 55.48
CA ILE G 170 9.17 -14.59 54.60
C ILE G 170 8.16 -13.67 55.27
N LYS G 171 7.32 -14.20 56.18
CA LYS G 171 6.43 -13.30 56.91
C LYS G 171 7.19 -12.43 57.90
N GLU G 172 8.21 -12.97 58.55
CA GLU G 172 9.00 -12.10 59.42
C GLU G 172 9.92 -11.17 58.62
N TRP G 173 10.20 -11.50 57.37
CA TRP G 173 10.85 -10.51 56.50
C TRP G 173 9.90 -9.38 56.15
N LEU G 174 8.63 -9.71 55.87
CA LEU G 174 7.68 -8.66 55.51
C LEU G 174 7.22 -7.85 56.71
N PHE G 175 7.33 -8.37 57.93
CA PHE G 175 6.96 -7.59 59.10
C PHE G 175 7.93 -6.46 59.40
N ARG G 176 9.13 -6.48 58.82
CA ARG G 176 10.12 -5.43 59.03
C ARG G 176 10.20 -4.46 57.87
N SER G 177 9.06 -4.19 57.21
CA SER G 177 9.08 -3.35 56.01
C SER G 177 9.30 -1.89 56.32
N ASN G 178 8.87 -1.42 57.49
CA ASN G 178 9.07 -0.03 57.86
C ASN G 178 10.52 0.28 58.23
N ASP G 179 11.36 -0.73 58.40
CA ASP G 179 12.75 -0.49 58.74
C ASP G 179 13.53 0.11 57.56
N SER G 180 13.13 -0.20 56.35
CA SER G 180 13.73 0.35 55.15
C SER G 180 12.78 1.32 54.48
N GLN G 181 13.28 2.01 53.46
CA GLN G 181 12.43 2.94 52.71
C GLN G 181 11.54 2.18 51.73
N LEU G 182 12.06 1.14 51.11
CA LEU G 182 11.28 0.32 50.18
C LEU G 182 11.89 -1.07 50.19
N LEU G 183 11.27 -1.98 50.94
CA LEU G 183 11.76 -3.34 51.03
C LEU G 183 11.48 -4.10 49.75
N ILE G 184 12.52 -4.56 49.09
CA ILE G 184 12.39 -5.36 47.89
C ILE G 184 13.07 -6.70 48.12
N MET G 185 12.47 -7.76 47.58
CA MET G 185 12.82 -9.14 47.88
C MET G 185 12.85 -9.92 46.58
N ALA G 186 13.61 -11.00 46.56
CA ALA G 186 13.76 -11.80 45.36
C ALA G 186 13.60 -13.28 45.69
N PHE G 187 12.89 -13.99 44.83
CA PHE G 187 12.75 -15.44 44.93
C PHE G 187 13.44 -16.03 43.71
N VAL G 188 14.63 -16.60 43.91
CA VAL G 188 15.49 -17.03 42.82
C VAL G 188 15.61 -18.54 42.86
N GLY G 189 15.37 -19.18 41.71
CA GLY G 189 15.52 -20.61 41.60
C GLY G 189 15.34 -21.03 40.16
N MET G 190 15.48 -22.33 39.92
CA MET G 190 15.32 -22.85 38.58
C MET G 190 13.83 -22.98 38.24
N GLY G 191 13.55 -23.43 37.03
CA GLY G 191 12.18 -23.44 36.53
C GLY G 191 11.37 -24.55 37.15
N GLY G 192 10.19 -24.20 37.65
CA GLY G 192 9.31 -25.17 38.26
C GLY G 192 9.83 -25.67 39.58
N LEU G 193 10.00 -24.79 40.54
CA LEU G 193 10.60 -25.11 41.82
C LEU G 193 9.72 -24.77 43.00
N GLY G 194 8.83 -23.78 42.87
CA GLY G 194 7.95 -23.44 43.96
C GLY G 194 7.88 -21.96 44.25
N LYS G 195 8.38 -21.14 43.33
CA LYS G 195 8.52 -19.71 43.58
C LYS G 195 7.17 -19.00 43.59
N THR G 196 6.38 -19.22 42.54
CA THR G 196 5.06 -18.59 42.50
C THR G 196 4.15 -19.19 43.56
N THR G 197 4.34 -20.45 43.89
CA THR G 197 3.51 -21.07 44.92
C THR G 197 3.85 -20.54 46.31
N ILE G 198 5.14 -20.28 46.58
CA ILE G 198 5.45 -19.73 47.89
C ILE G 198 5.04 -18.26 47.95
N ALA G 199 5.02 -17.55 46.81
CA ALA G 199 4.51 -16.19 46.81
C ALA G 199 3.01 -16.14 47.06
N GLN G 200 2.27 -17.02 46.39
CA GLN G 200 0.82 -17.15 46.62
C GLN G 200 0.52 -17.62 48.03
N GLU G 201 1.37 -18.49 48.58
CA GLU G 201 1.18 -18.93 49.95
C GLU G 201 1.44 -17.79 50.93
N VAL G 202 2.34 -16.86 50.59
CA VAL G 202 2.59 -15.74 51.47
C VAL G 202 1.43 -14.77 51.46
N PHE G 203 1.14 -14.15 50.30
CA PHE G 203 0.26 -12.98 50.43
C PHE G 203 -1.21 -13.33 50.30
N ASN G 204 -1.58 -14.60 50.32
CA ASN G 204 -2.96 -14.97 50.57
C ASN G 204 -3.19 -15.34 52.03
N ASP G 205 -2.21 -15.12 52.89
CA ASP G 205 -2.43 -15.31 54.31
C ASP G 205 -3.22 -14.13 54.86
N LYS G 206 -3.79 -14.32 56.05
CA LYS G 206 -4.67 -13.30 56.61
C LYS G 206 -3.87 -12.16 57.23
N GLU G 207 -2.73 -12.48 57.86
CA GLU G 207 -1.97 -11.46 58.58
C GLU G 207 -1.33 -10.46 57.64
N ILE G 208 -1.02 -10.88 56.42
CA ILE G 208 -0.49 -9.95 55.42
C ILE G 208 -1.57 -8.96 54.98
N GLU G 209 -2.80 -9.45 54.80
CA GLU G 209 -3.92 -8.55 54.52
C GLU G 209 -4.24 -7.65 55.71
N HIS G 210 -3.97 -8.10 56.94
CA HIS G 210 -4.01 -7.18 58.07
C HIS G 210 -2.92 -6.12 57.95
N ARG G 211 -1.73 -6.51 57.48
CA ARG G 211 -0.64 -5.54 57.35
C ARG G 211 -0.82 -4.69 56.10
N PHE G 212 -0.79 -5.31 54.93
CA PHE G 212 -0.88 -4.59 53.66
C PHE G 212 -2.33 -4.46 53.24
N GLU G 213 -2.72 -3.24 52.86
CA GLU G 213 -4.12 -3.00 52.52
C GLU G 213 -4.37 -3.13 51.03
N ARG G 214 -3.33 -3.03 50.22
CA ARG G 214 -3.44 -3.19 48.77
C ARG G 214 -2.40 -4.18 48.29
N ARG G 215 -2.85 -5.33 47.82
CA ARG G 215 -2.00 -6.42 47.37
C ARG G 215 -2.13 -6.53 45.86
N ILE G 216 -1.02 -6.47 45.15
CA ILE G 216 -1.04 -6.38 43.69
C ILE G 216 -0.21 -7.53 43.12
N TRP G 217 -0.85 -8.35 42.30
CA TRP G 217 -0.18 -9.39 41.53
C TRP G 217 0.01 -8.88 40.11
N VAL G 218 1.24 -8.98 39.60
CA VAL G 218 1.56 -8.57 38.24
C VAL G 218 2.29 -9.70 37.55
N SER G 219 1.71 -10.21 36.47
CA SER G 219 2.31 -11.32 35.73
C SER G 219 3.09 -10.77 34.57
N VAL G 220 4.40 -10.63 34.74
CA VAL G 220 5.30 -10.20 33.68
C VAL G 220 5.82 -11.45 32.99
N SER G 221 5.38 -11.70 31.77
CA SER G 221 5.88 -12.86 31.05
C SER G 221 7.24 -12.54 30.44
N GLN G 222 7.76 -13.49 29.66
CA GLN G 222 8.97 -13.21 28.92
C GLN G 222 8.73 -12.32 27.71
N THR G 223 7.49 -12.24 27.24
CA THR G 223 7.10 -11.34 26.16
C THR G 223 6.05 -10.39 26.71
N PHE G 224 6.34 -9.09 26.65
CA PHE G 224 5.52 -8.13 27.35
C PHE G 224 5.68 -6.75 26.71
N THR G 225 5.06 -5.77 27.34
CA THR G 225 5.34 -4.36 27.10
C THR G 225 5.08 -3.62 28.41
N GLU G 226 5.55 -2.37 28.46
CA GLU G 226 5.41 -1.58 29.68
C GLU G 226 3.96 -1.20 29.92
N GLU G 227 3.23 -0.93 28.83
CA GLU G 227 1.86 -0.42 28.89
C GLU G 227 0.93 -1.40 29.59
N GLN G 228 0.99 -2.67 29.22
CA GLN G 228 0.10 -3.64 29.84
C GLN G 228 0.47 -3.92 31.29
N ILE G 229 1.76 -3.78 31.62
CA ILE G 229 2.20 -3.95 33.01
C ILE G 229 1.61 -2.87 33.89
N MET G 230 1.75 -1.61 33.48
CA MET G 230 1.28 -0.53 34.34
C MET G 230 -0.24 -0.41 34.34
N ARG G 231 -0.91 -0.76 33.24
CA ARG G 231 -2.36 -0.76 33.32
C ARG G 231 -2.89 -1.95 34.10
N SER G 232 -2.13 -3.05 34.17
CA SER G 232 -2.51 -4.15 35.05
C SER G 232 -2.31 -3.76 36.51
N ILE G 233 -1.29 -2.93 36.78
CA ILE G 233 -1.14 -2.36 38.12
C ILE G 233 -2.36 -1.51 38.48
N LEU G 234 -2.83 -0.70 37.54
CA LEU G 234 -4.03 0.10 37.82
C LEU G 234 -5.29 -0.76 37.94
N ARG G 235 -5.37 -1.86 37.19
CA ARG G 235 -6.52 -2.75 37.32
C ARG G 235 -6.52 -3.45 38.67
N ASN G 236 -5.34 -3.81 39.17
CA ASN G 236 -5.26 -4.33 40.53
C ASN G 236 -5.51 -3.26 41.58
N LEU G 237 -5.26 -1.99 41.27
CA LEU G 237 -5.57 -0.92 42.19
C LEU G 237 -7.06 -0.60 42.28
N GLY G 238 -7.89 -1.20 41.44
CA GLY G 238 -9.31 -0.94 41.46
C GLY G 238 -9.76 0.18 40.57
N ASP G 239 -8.84 0.92 39.97
CA ASP G 239 -9.20 1.89 38.94
C ASP G 239 -9.65 1.15 37.69
N ALA G 240 -10.52 1.81 36.93
CA ALA G 240 -11.06 1.20 35.72
C ALA G 240 -10.00 1.15 34.63
N SER G 241 -10.19 0.22 33.70
CA SER G 241 -9.29 0.04 32.57
C SER G 241 -9.50 1.19 31.60
N VAL G 242 -8.69 2.23 31.74
CA VAL G 242 -8.80 3.41 30.89
C VAL G 242 -7.84 3.26 29.72
N GLY G 243 -8.37 3.43 28.51
CA GLY G 243 -7.52 3.50 27.33
C GLY G 243 -6.69 4.77 27.37
N ASP G 244 -5.40 4.65 27.63
CA ASP G 244 -4.64 5.79 28.13
C ASP G 244 -3.17 5.60 27.76
N ASP G 245 -2.41 6.69 27.81
CA ASP G 245 -1.00 6.66 27.47
C ASP G 245 -0.13 6.66 28.73
N ILE G 246 1.18 6.57 28.52
CA ILE G 246 2.07 5.94 29.50
C ILE G 246 2.31 6.85 30.70
N GLY G 247 2.65 8.12 30.45
CA GLY G 247 2.98 9.02 31.54
C GLY G 247 1.80 9.34 32.42
N THR G 248 0.61 9.40 31.84
CA THR G 248 -0.62 9.53 32.63
C THR G 248 -0.83 8.31 33.51
N LEU G 249 -0.47 7.12 33.02
CA LEU G 249 -0.55 5.93 33.84
C LEU G 249 0.43 5.94 34.99
N LEU G 250 1.65 6.43 34.78
CA LEU G 250 2.58 6.57 35.89
C LEU G 250 2.09 7.60 36.91
N ARG G 251 1.48 8.68 36.43
CA ARG G 251 0.92 9.66 37.35
C ARG G 251 -0.20 9.07 38.18
N LYS G 252 -1.07 8.26 37.55
CA LYS G 252 -2.15 7.62 38.29
C LYS G 252 -1.63 6.61 39.30
N ILE G 253 -0.64 5.80 38.91
CA ILE G 253 -0.03 4.82 39.82
C ILE G 253 0.62 5.51 41.00
N GLN G 254 1.26 6.65 40.77
CA GLN G 254 1.81 7.41 41.89
C GLN G 254 0.70 7.98 42.77
N GLN G 255 -0.39 8.45 42.15
CA GLN G 255 -1.43 9.12 42.93
C GLN G 255 -2.26 8.15 43.77
N TYR G 256 -2.45 6.92 43.32
CA TYR G 256 -3.26 6.00 44.11
C TYR G 256 -2.50 5.34 45.25
N LEU G 257 -1.25 5.72 45.51
CA LEU G 257 -0.44 5.05 46.51
C LEU G 257 0.08 6.01 47.58
N LEU G 258 -0.72 7.01 47.95
CA LEU G 258 -0.32 7.91 49.02
C LEU G 258 -0.82 7.39 50.36
N GLY G 259 0.11 7.23 51.30
CA GLY G 259 -0.23 6.79 52.64
C GLY G 259 -0.71 5.37 52.75
N LYS G 260 -0.39 4.53 51.76
CA LYS G 260 -0.94 3.18 51.69
C LYS G 260 0.20 2.17 51.73
N ARG G 261 0.14 1.25 52.68
CA ARG G 261 1.16 0.24 52.86
C ARG G 261 0.98 -0.82 51.80
N TYR G 262 1.67 -0.67 50.67
CA TYR G 262 1.40 -1.46 49.48
C TYR G 262 2.37 -2.62 49.36
N LEU G 263 1.88 -3.69 48.75
CA LEU G 263 2.65 -4.90 48.48
C LEU G 263 2.40 -5.29 47.05
N ILE G 264 3.45 -5.31 46.23
CA ILE G 264 3.34 -5.76 44.85
C ILE G 264 4.22 -6.99 44.68
N VAL G 265 3.73 -7.95 43.91
CA VAL G 265 4.45 -9.18 43.62
C VAL G 265 4.55 -9.30 42.12
N MET G 266 5.77 -9.23 41.61
CA MET G 266 6.01 -9.23 40.18
C MET G 266 6.64 -10.56 39.81
N ASP G 267 5.98 -11.27 38.91
CA ASP G 267 6.26 -12.68 38.68
C ASP G 267 6.98 -12.86 37.35
N ASP G 268 7.91 -13.81 37.32
CA ASP G 268 8.61 -14.28 36.11
C ASP G 268 9.35 -13.14 35.43
N VAL G 269 10.07 -12.35 36.20
CA VAL G 269 10.84 -11.23 35.66
C VAL G 269 12.11 -11.77 35.03
N TRP G 270 12.34 -11.41 33.77
CA TRP G 270 13.52 -11.84 33.04
C TRP G 270 14.49 -10.68 32.86
N ASP G 271 15.62 -10.98 32.21
CA ASP G 271 16.68 -10.01 31.97
C ASP G 271 16.66 -9.45 30.55
N LYS G 272 15.48 -9.28 29.97
CA LYS G 272 15.33 -8.84 28.60
C LYS G 272 14.58 -7.52 28.58
N ASN G 273 15.29 -6.45 28.19
CA ASN G 273 14.79 -5.07 28.18
C ASN G 273 14.27 -4.65 29.56
N LEU G 274 15.04 -4.95 30.59
CA LEU G 274 14.66 -4.83 31.99
C LEU G 274 14.60 -3.38 32.48
N SER G 275 14.98 -2.41 31.64
CA SER G 275 15.04 -1.01 32.02
C SER G 275 13.70 -0.43 32.46
N TRP G 276 12.59 -1.09 32.09
CA TRP G 276 11.26 -0.72 32.57
C TRP G 276 11.19 -0.65 34.08
N TRP G 277 11.98 -1.50 34.77
CA TRP G 277 12.07 -1.46 36.22
C TRP G 277 12.43 -0.09 36.73
N ASP G 278 13.54 0.49 36.27
CA ASP G 278 13.82 1.83 36.75
C ASP G 278 13.26 2.90 35.84
N LYS G 279 12.16 2.59 35.16
CA LYS G 279 11.22 3.60 34.74
C LYS G 279 9.99 3.61 35.63
N ILE G 280 9.79 2.59 36.46
CA ILE G 280 8.70 2.59 37.43
C ILE G 280 9.20 2.57 38.86
N TYR G 281 10.50 2.33 39.09
CA TYR G 281 11.02 2.28 40.46
C TYR G 281 10.98 3.65 41.11
N GLN G 282 11.14 4.72 40.33
CA GLN G 282 11.01 6.05 40.87
C GLN G 282 9.55 6.46 41.04
N GLY G 283 8.63 5.75 40.42
CA GLY G 283 7.22 6.02 40.57
C GLY G 283 6.58 5.41 41.78
N LEU G 284 7.33 4.70 42.60
CA LEU G 284 6.76 4.03 43.76
C LEU G 284 7.05 4.86 45.00
N PRO G 285 6.03 5.16 45.81
CA PRO G 285 6.27 5.99 47.00
C PRO G 285 7.06 5.26 48.06
N ARG G 286 8.01 5.97 48.65
CA ARG G 286 8.92 5.40 49.63
C ARG G 286 8.57 5.89 51.03
N GLY G 287 9.12 5.19 52.02
CA GLY G 287 8.88 5.52 53.41
C GLY G 287 7.53 5.11 53.94
N GLN G 288 6.67 4.53 53.12
CA GLN G 288 5.35 4.10 53.55
C GLN G 288 5.33 2.65 54.03
N GLY G 289 6.45 1.95 53.94
CA GLY G 289 6.49 0.55 54.30
C GLY G 289 6.11 -0.38 53.19
N GLY G 290 6.18 0.06 51.94
CA GLY G 290 5.82 -0.78 50.82
C GLY G 290 6.84 -1.88 50.57
N SER G 291 6.40 -2.92 49.88
CA SER G 291 7.23 -4.09 49.68
C SER G 291 7.00 -4.64 48.28
N VAL G 292 8.10 -5.01 47.63
CA VAL G 292 8.07 -5.60 46.30
C VAL G 292 8.66 -7.00 46.41
N ILE G 293 8.01 -7.98 45.83
CA ILE G 293 8.52 -9.35 45.79
C ILE G 293 8.67 -9.74 44.33
N VAL G 294 9.90 -9.90 43.88
CA VAL G 294 10.19 -10.26 42.50
C VAL G 294 10.54 -11.73 42.47
N THR G 295 9.73 -12.54 41.81
CA THR G 295 10.03 -13.95 41.65
C THR G 295 10.60 -14.16 40.26
N THR G 296 11.71 -14.88 40.17
CA THR G 296 12.46 -14.89 38.91
C THR G 296 13.35 -16.12 38.84
N ARG G 297 14.03 -16.28 37.71
CA ARG G 297 14.94 -17.39 37.50
C ARG G 297 16.40 -16.96 37.42
N SER G 298 16.75 -15.81 37.98
CA SER G 298 18.10 -15.30 37.81
C SER G 298 18.56 -14.58 39.06
N GLU G 299 19.86 -14.67 39.34
CA GLU G 299 20.49 -13.78 40.31
C GLU G 299 20.94 -12.49 39.68
N SER G 300 21.12 -12.48 38.35
CA SER G 300 21.51 -11.26 37.67
C SER G 300 20.42 -10.20 37.76
N VAL G 301 19.17 -10.62 37.62
CA VAL G 301 18.09 -9.67 37.86
C VAL G 301 17.91 -9.41 39.34
N ALA G 302 18.37 -10.30 40.21
CA ALA G 302 18.27 -10.04 41.65
C ALA G 302 19.25 -8.97 42.08
N LYS G 303 20.36 -8.83 41.35
CA LYS G 303 21.29 -7.74 41.59
C LYS G 303 20.98 -6.51 40.77
N ARG G 304 20.34 -6.66 39.61
CA ARG G 304 19.92 -5.50 38.83
C ARG G 304 18.77 -4.77 39.50
N VAL G 305 17.83 -5.53 40.07
CA VAL G 305 16.84 -4.96 40.97
C VAL G 305 17.46 -4.60 42.31
N GLN G 306 18.62 -5.20 42.63
CA GLN G 306 19.39 -5.05 43.89
C GLN G 306 18.51 -5.14 45.14
N ALA G 307 17.97 -6.35 45.33
CA ALA G 307 17.15 -6.62 46.51
C ALA G 307 17.95 -6.50 47.80
N ARG G 308 18.86 -7.45 48.03
CA ARG G 308 19.95 -7.45 48.98
C ARG G 308 20.59 -8.82 48.79
N ASP G 309 21.80 -9.01 49.33
CA ASP G 309 22.40 -10.34 49.28
C ASP G 309 21.74 -11.28 50.28
N ASP G 310 21.05 -10.75 51.29
CA ASP G 310 20.41 -11.56 52.30
C ASP G 310 18.91 -11.72 52.10
N LYS G 311 18.25 -10.74 51.49
CA LYS G 311 16.82 -10.81 51.29
C LYS G 311 16.38 -11.77 50.18
N THR G 312 17.31 -12.39 49.46
CA THR G 312 16.93 -13.35 48.44
C THR G 312 16.63 -14.70 49.09
N HIS G 313 15.47 -15.25 48.75
CA HIS G 313 15.06 -16.57 49.22
C HIS G 313 15.18 -17.56 48.08
N ARG G 314 15.77 -18.72 48.36
CA ARG G 314 15.93 -19.76 47.36
C ARG G 314 15.21 -21.01 47.83
N PRO G 315 14.11 -21.41 47.18
CA PRO G 315 13.44 -22.65 47.57
C PRO G 315 14.29 -23.86 47.23
N GLU G 316 14.11 -24.91 48.01
CA GLU G 316 14.90 -26.11 47.86
C GLU G 316 14.06 -27.24 47.30
N LEU G 317 14.75 -28.27 46.80
CA LEU G 317 14.10 -29.46 46.29
C LEU G 317 13.39 -30.20 47.43
N LEU G 318 12.41 -31.00 47.06
CA LEU G 318 11.55 -31.62 48.05
C LEU G 318 12.21 -32.86 48.64
N SER G 319 11.92 -33.11 49.92
CA SER G 319 12.36 -34.32 50.59
C SER G 319 11.56 -35.51 50.04
N PRO G 320 12.09 -36.74 50.15
CA PRO G 320 11.37 -37.89 49.59
C PRO G 320 10.05 -38.20 50.27
N ASP G 321 9.90 -37.92 51.56
CA ASP G 321 8.61 -38.08 52.21
C ASP G 321 7.61 -37.05 51.70
N ASN G 322 8.05 -35.80 51.58
CA ASN G 322 7.17 -34.72 51.11
C ASN G 322 6.79 -34.94 49.66
N SER G 323 7.75 -35.35 48.83
CA SER G 323 7.46 -35.63 47.44
C SER G 323 6.56 -36.86 47.29
N TRP G 324 6.70 -37.83 48.20
CA TRP G 324 5.84 -39.00 48.12
C TRP G 324 4.39 -38.67 48.46
N LEU G 325 4.16 -37.85 49.49
CA LEU G 325 2.75 -37.56 49.71
C LEU G 325 2.21 -36.53 48.74
N LEU G 326 3.08 -35.74 48.10
CA LEU G 326 2.63 -34.96 46.94
C LEU G 326 2.16 -35.86 45.81
N PHE G 327 2.93 -36.91 45.51
CA PHE G 327 2.56 -37.81 44.43
C PHE G 327 1.31 -38.62 44.77
N CYS G 328 1.13 -38.96 46.05
CA CYS G 328 -0.11 -39.60 46.46
C CYS G 328 -1.30 -38.66 46.33
N ASN G 329 -1.10 -37.39 46.66
CA ASN G 329 -2.18 -36.42 46.60
C ASN G 329 -2.55 -36.09 45.17
N VAL G 330 -1.62 -36.26 44.23
CA VAL G 330 -1.93 -35.99 42.83
C VAL G 330 -2.46 -37.24 42.11
N ALA G 331 -1.70 -38.33 42.15
CA ALA G 331 -1.99 -39.49 41.30
C ALA G 331 -3.20 -40.27 41.80
N PHE G 332 -3.25 -40.55 43.09
CA PHE G 332 -4.37 -41.31 43.65
C PHE G 332 -5.48 -40.38 44.13
N ALA G 333 -5.89 -39.46 43.26
CA ALA G 333 -6.82 -38.40 43.64
C ALA G 333 -8.25 -38.89 43.86
N ALA G 334 -8.56 -40.13 43.48
CA ALA G 334 -9.90 -40.65 43.66
C ALA G 334 -10.20 -40.89 45.13
N ASN G 335 -9.42 -41.75 45.78
CA ASN G 335 -9.68 -42.14 47.17
C ASN G 335 -8.83 -41.28 48.09
N ASP G 336 -9.12 -39.97 48.09
CA ASP G 336 -8.67 -39.01 49.09
C ASP G 336 -7.15 -38.85 49.11
N GLY G 337 -6.50 -39.05 47.97
CA GLY G 337 -5.06 -38.96 47.92
C GLY G 337 -4.33 -40.05 48.66
N THR G 338 -4.94 -41.22 48.79
CA THR G 338 -4.36 -42.34 49.52
C THR G 338 -4.11 -43.50 48.57
N CYS G 339 -3.04 -44.25 48.85
CA CYS G 339 -2.75 -45.44 48.06
C CYS G 339 -3.71 -46.56 48.46
N GLU G 340 -4.23 -47.26 47.46
CA GLU G 340 -5.26 -48.26 47.69
C GLU G 340 -4.73 -49.68 47.68
N ARG G 341 -3.82 -49.99 46.75
CA ARG G 341 -3.30 -51.33 46.59
C ARG G 341 -1.78 -51.29 46.72
N PRO G 342 -1.21 -52.23 47.47
CA PRO G 342 0.21 -52.10 47.86
C PRO G 342 1.21 -52.64 46.85
N GLU G 343 0.80 -53.18 45.71
CA GLU G 343 1.78 -53.64 44.74
C GLU G 343 2.35 -52.51 43.90
N LEU G 344 1.82 -51.30 44.04
CA LEU G 344 2.29 -50.15 43.29
C LEU G 344 3.21 -49.26 44.10
N GLU G 345 3.42 -49.56 45.39
CA GLU G 345 4.16 -48.66 46.25
C GLU G 345 5.65 -48.70 45.98
N ASP G 346 6.18 -49.87 45.64
CA ASP G 346 7.61 -49.96 45.36
C ASP G 346 7.95 -49.28 44.05
N VAL G 347 7.16 -49.55 43.01
CA VAL G 347 7.36 -48.89 41.72
C VAL G 347 7.06 -47.41 41.80
N GLY G 348 6.02 -47.05 42.57
CA GLY G 348 5.69 -45.65 42.75
C GLY G 348 6.77 -44.87 43.48
N LYS G 349 7.30 -45.43 44.58
CA LYS G 349 8.38 -44.77 45.29
C LYS G 349 9.66 -44.75 44.48
N GLU G 350 9.88 -45.74 43.61
CA GLU G 350 11.02 -45.68 42.70
C GLU G 350 10.88 -44.52 41.72
N ILE G 351 9.68 -44.32 41.16
CA ILE G 351 9.45 -43.19 40.26
C ILE G 351 9.63 -41.87 40.99
N VAL G 352 9.12 -41.78 42.21
CA VAL G 352 9.18 -40.53 42.97
C VAL G 352 10.61 -40.19 43.36
N THR G 353 11.37 -41.19 43.83
CA THR G 353 12.77 -40.93 44.15
C THR G 353 13.62 -40.72 42.91
N LYS G 354 13.14 -41.12 41.75
CA LYS G 354 13.89 -40.86 40.54
C LYS G 354 13.52 -39.50 39.91
N CYS G 355 12.37 -38.93 40.27
CA CYS G 355 12.01 -37.59 39.78
C CYS G 355 12.91 -36.51 40.36
N LYS G 356 13.46 -36.74 41.55
CA LYS G 356 14.46 -35.89 42.22
C LYS G 356 13.96 -34.47 42.48
N GLY G 357 12.94 -34.37 43.32
CA GLY G 357 12.68 -33.13 44.02
C GLY G 357 11.84 -32.05 43.35
N LEU G 358 11.83 -31.97 42.03
CA LEU G 358 11.04 -30.92 41.38
C LEU G 358 9.56 -31.22 41.50
N PRO G 359 8.75 -30.28 41.98
CA PRO G 359 7.30 -30.50 42.00
C PRO G 359 6.69 -30.55 40.63
N LEU G 360 7.32 -29.92 39.64
CA LEU G 360 6.78 -29.89 38.28
C LEU G 360 6.78 -31.27 37.65
N THR G 361 7.91 -31.98 37.73
CA THR G 361 7.97 -33.32 37.16
C THR G 361 7.09 -34.30 37.93
N ILE G 362 6.95 -34.11 39.24
CA ILE G 362 6.12 -34.99 40.05
C ILE G 362 4.65 -34.81 39.68
N LYS G 363 4.19 -33.57 39.55
CA LYS G 363 2.80 -33.36 39.14
C LYS G 363 2.58 -33.73 37.68
N ALA G 364 3.61 -33.67 36.85
CA ALA G 364 3.46 -34.13 35.47
C ALA G 364 3.32 -35.64 35.40
N VAL G 365 4.12 -36.37 36.18
CA VAL G 365 4.00 -37.83 36.21
C VAL G 365 2.68 -38.25 36.86
N GLY G 366 2.21 -37.46 37.84
CA GLY G 366 0.90 -37.72 38.41
C GLY G 366 -0.23 -37.52 37.43
N GLY G 367 -0.17 -36.44 36.64
CA GLY G 367 -1.16 -36.23 35.61
C GLY G 367 -1.06 -37.23 34.47
N LEU G 368 0.14 -37.77 34.24
CA LEU G 368 0.30 -38.83 33.25
C LEU G 368 -0.30 -40.14 33.73
N LEU G 369 -0.05 -40.52 34.97
CA LEU G 369 -0.60 -41.76 35.51
C LEU G 369 -2.04 -41.64 35.97
N LEU G 370 -2.62 -40.44 35.93
CA LEU G 370 -4.01 -40.29 36.34
C LEU G 370 -4.96 -40.88 35.30
N CYS G 371 -4.56 -40.93 34.04
CA CYS G 371 -5.40 -41.45 32.97
C CYS G 371 -5.04 -42.88 32.60
N LYS G 372 -4.65 -43.70 33.56
CA LYS G 372 -4.38 -45.11 33.33
C LYS G 372 -5.30 -45.95 34.21
N ASP G 373 -5.14 -47.27 34.12
CA ASP G 373 -6.01 -48.21 34.82
C ASP G 373 -5.35 -48.82 36.04
N HIS G 374 -4.20 -48.27 36.46
CA HIS G 374 -3.53 -48.57 37.73
C HIS G 374 -3.07 -50.03 37.84
N VAL G 375 -2.89 -50.70 36.72
CA VAL G 375 -2.34 -52.04 36.77
C VAL G 375 -0.83 -51.94 36.64
N TYR G 376 -0.14 -53.02 37.02
CA TYR G 376 1.27 -52.97 37.39
C TYR G 376 2.18 -52.68 36.21
N HIS G 377 1.81 -53.11 35.01
CA HIS G 377 2.80 -53.18 33.94
C HIS G 377 3.14 -51.82 33.35
N GLU G 378 2.16 -50.93 33.13
CA GLU G 378 2.51 -49.60 32.62
C GLU G 378 3.26 -48.78 33.67
N TRP G 379 2.96 -48.99 34.94
CA TRP G 379 3.69 -48.35 36.01
C TRP G 379 5.14 -48.81 36.03
N ARG G 380 5.38 -50.10 35.83
CA ARG G 380 6.75 -50.61 35.83
C ARG G 380 7.53 -50.12 34.61
N ARG G 381 6.89 -50.07 33.44
CA ARG G 381 7.65 -49.63 32.29
C ARG G 381 7.87 -48.13 32.28
N ILE G 382 6.95 -47.34 32.85
CA ILE G 382 7.23 -45.93 33.05
C ILE G 382 8.33 -45.75 34.08
N ALA G 383 8.42 -46.65 35.06
CA ALA G 383 9.56 -46.65 35.97
C ALA G 383 10.87 -47.00 35.27
N GLU G 384 10.83 -47.72 34.15
CA GLU G 384 12.09 -47.96 33.44
C GLU G 384 12.20 -47.28 32.09
N HIS G 385 11.12 -46.73 31.53
CA HIS G 385 11.20 -45.77 30.42
C HIS G 385 10.55 -44.49 30.92
N PHE G 386 11.35 -43.46 31.17
CA PHE G 386 10.85 -42.29 31.86
C PHE G 386 10.96 -41.02 31.04
N GLN G 387 12.12 -40.77 30.44
CA GLN G 387 12.37 -39.53 29.72
C GLN G 387 11.58 -39.43 28.43
N ASP G 388 11.26 -40.56 27.81
CA ASP G 388 10.64 -40.57 26.48
C ASP G 388 9.18 -40.18 26.51
N GLU G 389 8.54 -40.13 27.67
CA GLU G 389 7.14 -39.78 27.78
C GLU G 389 6.93 -38.32 28.16
N LEU G 390 7.78 -37.81 29.04
CA LEU G 390 7.75 -36.40 29.41
C LEU G 390 8.27 -35.50 28.30
N ARG G 391 8.88 -36.05 27.26
CA ARG G 391 9.19 -35.27 26.07
C ARG G 391 8.12 -35.42 25.00
N GLY G 392 7.12 -36.28 25.22
CA GLY G 392 5.94 -36.30 24.39
C GLY G 392 4.86 -35.44 25.02
N ASN G 393 5.03 -35.20 26.33
CA ASN G 393 4.19 -34.30 27.14
C ASN G 393 2.73 -34.75 27.16
N THR G 394 2.52 -36.07 27.12
CA THR G 394 1.23 -36.72 26.87
C THR G 394 0.58 -36.12 25.62
N SER G 395 1.38 -36.06 24.56
CA SER G 395 1.08 -35.36 23.30
C SER G 395 0.68 -33.90 23.55
N GLU G 396 1.62 -33.16 24.14
CA GLU G 396 1.59 -31.69 24.25
C GLU G 396 0.37 -31.19 25.04
N THR G 397 0.37 -31.49 26.34
CA THR G 397 -0.67 -30.96 27.22
C THR G 397 -0.12 -30.33 28.50
N ASP G 398 0.98 -30.83 29.08
CA ASP G 398 1.50 -30.29 30.32
C ASP G 398 2.79 -29.51 30.14
N ASN G 399 3.69 -30.04 29.30
CA ASN G 399 4.85 -29.33 28.78
C ASN G 399 5.85 -28.89 29.84
N VAL G 400 6.47 -29.87 30.51
CA VAL G 400 7.65 -29.59 31.31
C VAL G 400 8.80 -29.12 30.43
N MET G 401 8.96 -29.77 29.28
CA MET G 401 10.05 -29.45 28.35
C MET G 401 9.92 -28.06 27.80
N SER G 402 8.70 -27.54 27.64
CA SER G 402 8.57 -26.15 27.22
C SER G 402 8.96 -25.20 28.33
N SER G 403 8.63 -25.53 29.59
CA SER G 403 8.91 -24.64 30.69
C SER G 403 10.40 -24.57 31.00
N LEU G 404 11.15 -25.61 30.64
CA LEU G 404 12.60 -25.48 30.73
C LEU G 404 13.23 -24.97 29.44
N GLN G 405 12.61 -25.24 28.29
CA GLN G 405 13.17 -24.79 27.04
C GLN G 405 12.99 -23.29 26.85
N LEU G 406 12.03 -22.68 27.53
CA LEU G 406 11.94 -21.22 27.47
C LEU G 406 13.06 -20.59 28.29
N SER G 407 13.55 -21.28 29.31
CA SER G 407 14.76 -20.81 29.98
C SER G 407 15.99 -21.07 29.13
N TYR G 408 15.96 -22.11 28.30
CA TYR G 408 17.04 -22.31 27.34
C TYR G 408 17.04 -21.25 26.26
N ASP G 409 15.86 -20.78 25.85
CA ASP G 409 15.71 -19.98 24.64
C ASP G 409 15.82 -18.50 24.87
N GLU G 410 16.40 -18.06 25.97
CA GLU G 410 16.75 -16.65 26.13
C GLU G 410 18.22 -16.45 26.40
N LEU G 411 19.04 -17.46 26.16
CA LEU G 411 20.47 -17.28 26.24
C LEU G 411 20.98 -16.58 24.99
N PRO G 412 22.09 -15.87 25.09
CA PRO G 412 22.84 -15.51 23.88
C PRO G 412 23.38 -16.76 23.20
N SER G 413 23.68 -16.62 21.91
CA SER G 413 23.95 -17.78 21.06
C SER G 413 25.24 -18.49 21.46
N HIS G 414 26.25 -17.73 21.88
CA HIS G 414 27.45 -18.37 22.40
C HIS G 414 27.18 -19.05 23.72
N LEU G 415 26.28 -18.51 24.54
CA LEU G 415 25.91 -19.23 25.76
C LEU G 415 25.03 -20.43 25.46
N LYS G 416 24.28 -20.39 24.35
CA LYS G 416 23.56 -21.59 23.90
C LYS G 416 24.53 -22.69 23.55
N SER G 417 25.59 -22.34 22.81
CA SER G 417 26.62 -23.32 22.48
C SER G 417 27.36 -23.81 23.72
N CYS G 418 27.63 -22.93 24.69
CA CYS G 418 28.33 -23.33 25.89
C CYS G 418 27.48 -24.23 26.78
N ILE G 419 26.18 -23.98 26.87
CA ILE G 419 25.34 -24.84 27.69
C ILE G 419 25.06 -26.14 26.95
N LEU G 420 25.23 -26.16 25.64
CA LEU G 420 24.90 -27.37 24.89
C LEU G 420 25.89 -28.50 25.12
N THR G 421 27.12 -28.20 25.52
CA THR G 421 28.14 -29.23 25.68
C THR G 421 27.98 -30.04 26.95
N LEU G 422 27.01 -29.73 27.81
CA LEU G 422 26.80 -30.51 29.02
C LEU G 422 25.86 -31.69 28.80
N SER G 423 25.53 -31.98 27.55
CA SER G 423 24.84 -33.22 27.16
C SER G 423 25.82 -34.34 26.90
N LEU G 424 27.03 -34.23 27.40
CA LEU G 424 28.13 -35.06 27.00
C LEU G 424 28.72 -35.79 28.20
N TYR G 425 28.02 -35.77 29.32
CA TYR G 425 28.46 -36.22 30.63
C TYR G 425 27.53 -37.29 31.19
N PRO G 426 28.01 -38.14 32.09
CA PRO G 426 27.15 -39.17 32.70
C PRO G 426 26.15 -38.63 33.71
N GLU G 427 25.52 -39.56 34.45
CA GLU G 427 24.20 -39.32 35.06
C GLU G 427 24.24 -38.23 36.12
N ASP G 428 25.12 -38.35 37.11
CA ASP G 428 25.22 -37.31 38.13
C ASP G 428 26.65 -36.99 38.46
N CYS G 429 27.52 -36.97 37.44
CA CYS G 429 28.92 -36.68 37.65
C CYS G 429 29.10 -35.22 38.06
N VAL G 430 30.16 -34.97 38.82
CA VAL G 430 30.44 -33.65 39.36
C VAL G 430 31.50 -33.03 38.47
N ILE G 431 31.10 -32.09 37.64
CA ILE G 431 31.93 -31.62 36.54
C ILE G 431 32.86 -30.52 37.03
N PRO G 432 34.16 -30.61 36.79
CA PRO G 432 35.06 -29.51 37.14
C PRO G 432 34.85 -28.33 36.21
N LYS G 433 34.96 -27.12 36.78
CA LYS G 433 34.80 -25.90 36.00
C LYS G 433 35.89 -25.74 34.95
N GLN G 434 37.12 -26.11 35.32
CA GLN G 434 38.30 -25.79 34.53
C GLN G 434 38.30 -26.50 33.19
N GLN G 435 37.84 -27.74 33.15
CA GLN G 435 37.76 -28.49 31.90
C GLN G 435 36.73 -27.89 30.95
N LEU G 436 35.58 -27.47 31.49
CA LEU G 436 34.57 -26.82 30.68
C LEU G 436 35.07 -25.51 30.10
N VAL G 437 35.74 -24.71 30.93
CA VAL G 437 36.24 -23.41 30.49
C VAL G 437 37.32 -23.59 29.42
N HIS G 438 38.19 -24.58 29.59
CA HIS G 438 39.22 -24.79 28.59
C HIS G 438 38.65 -25.34 27.29
N GLY G 439 37.60 -26.16 27.36
CA GLY G 439 36.95 -26.60 26.12
C GLY G 439 36.29 -25.45 25.38
N TRP G 440 35.63 -24.56 26.13
CA TRP G 440 34.98 -23.40 25.53
C TRP G 440 35.98 -22.45 24.90
N ILE G 441 37.13 -22.26 25.54
CA ILE G 441 38.18 -21.44 24.95
C ILE G 441 38.78 -22.12 23.74
N GLY G 442 38.96 -23.44 23.82
CA GLY G 442 39.58 -24.20 22.77
C GLY G 442 38.81 -24.22 21.47
N GLU G 443 37.63 -24.83 21.45
CA GLU G 443 36.99 -24.97 20.15
C GLU G 443 36.20 -23.73 19.72
N GLY G 444 36.26 -22.65 20.48
CA GLY G 444 35.87 -21.36 19.94
C GLY G 444 34.44 -20.93 20.19
N PHE G 445 33.88 -21.28 21.34
CA PHE G 445 32.60 -20.72 21.75
C PHE G 445 32.76 -19.37 22.43
N VAL G 446 33.99 -18.92 22.61
CA VAL G 446 34.30 -17.67 23.28
C VAL G 446 35.09 -16.79 22.33
N MET G 447 34.60 -15.59 22.09
CA MET G 447 35.34 -14.58 21.35
C MET G 447 35.76 -13.47 22.29
N TRP G 448 36.79 -12.73 21.89
CA TRP G 448 37.35 -11.72 22.76
C TRP G 448 38.07 -10.67 21.93
N ARG G 449 37.86 -9.42 22.27
CA ARG G 449 38.80 -8.43 21.77
C ARG G 449 39.29 -7.45 22.83
N ASN G 450 38.41 -7.02 23.73
CA ASN G 450 38.68 -5.85 24.57
C ASN G 450 39.36 -6.22 25.89
N GLY G 451 40.42 -7.00 25.78
CA GLY G 451 41.19 -7.36 26.96
C GLY G 451 40.67 -8.57 27.71
N ARG G 452 39.37 -8.84 27.63
CA ARG G 452 38.79 -10.01 28.29
C ARG G 452 39.16 -11.28 27.54
N SER G 453 40.44 -11.64 27.53
CA SER G 453 40.94 -12.47 26.44
C SER G 453 40.61 -13.94 26.62
N ALA G 454 41.19 -14.58 27.61
CA ALA G 454 41.00 -16.03 27.70
C ALA G 454 40.28 -16.45 28.97
N THR G 455 40.84 -16.18 30.14
CA THR G 455 40.35 -16.85 31.33
C THR G 455 39.14 -16.15 31.89
N GLU G 456 39.17 -14.81 31.94
CA GLU G 456 38.05 -14.04 32.47
C GLU G 456 36.81 -14.12 31.60
N SER G 457 36.96 -14.36 30.30
CA SER G 457 35.79 -14.59 29.46
C SER G 457 35.19 -15.97 29.71
N GLY G 458 36.02 -16.98 29.99
CA GLY G 458 35.47 -18.23 30.46
C GLY G 458 34.80 -18.10 31.82
N GLU G 459 35.36 -17.23 32.66
CA GLU G 459 34.78 -16.97 33.98
C GLU G 459 33.41 -16.32 33.87
N ASP G 460 33.26 -15.31 33.01
CA ASP G 460 31.95 -14.67 32.98
C ASP G 460 30.95 -15.41 32.10
N CYS G 461 31.41 -16.27 31.16
CA CYS G 461 30.46 -17.20 30.54
C CYS G 461 29.96 -18.23 31.53
N PHE G 462 30.84 -18.75 32.38
CA PHE G 462 30.41 -19.72 33.39
C PHE G 462 29.50 -19.08 34.42
N SER G 463 29.79 -17.83 34.81
CA SER G 463 28.91 -17.15 35.74
C SER G 463 27.61 -16.75 35.07
N GLY G 464 27.62 -16.49 33.76
CA GLY G 464 26.38 -16.26 33.06
C GLY G 464 25.50 -17.48 32.99
N LEU G 465 26.11 -18.66 32.89
CA LEU G 465 25.30 -19.88 32.95
C LEU G 465 24.80 -20.17 34.36
N THR G 466 25.63 -19.97 35.38
CA THR G 466 25.17 -20.25 36.73
C THR G 466 24.21 -19.19 37.25
N ASN G 467 24.18 -18.00 36.64
CA ASN G 467 23.20 -17.00 37.03
C ASN G 467 21.86 -17.16 36.35
N ARG G 468 21.75 -18.06 35.38
CA ARG G 468 20.45 -18.41 34.82
C ARG G 468 19.80 -19.56 35.57
N CYS G 469 20.42 -20.02 36.65
CA CYS G 469 20.03 -21.23 37.39
C CYS G 469 19.98 -22.47 36.49
N LEU G 470 20.89 -22.55 35.52
CA LEU G 470 21.01 -23.76 34.73
C LEU G 470 22.07 -24.70 35.29
N ILE G 471 23.23 -24.17 35.67
CA ILE G 471 24.30 -24.95 36.27
C ILE G 471 24.40 -24.55 37.72
N GLU G 472 24.35 -25.53 38.62
CA GLU G 472 24.48 -25.25 40.04
C GLU G 472 25.87 -25.66 40.51
N VAL G 473 26.33 -25.00 41.57
CA VAL G 473 27.67 -25.24 42.07
C VAL G 473 27.66 -26.47 42.97
N VAL G 474 28.85 -26.98 43.28
CA VAL G 474 29.01 -28.11 44.18
C VAL G 474 29.82 -27.71 45.41
N ASP G 475 31.04 -27.24 45.20
CA ASP G 475 31.86 -26.76 46.29
C ASP G 475 32.56 -25.47 45.90
N LYS G 476 32.85 -24.65 46.91
CA LYS G 476 33.38 -23.31 46.71
C LYS G 476 34.48 -23.10 47.74
N THR G 477 35.56 -22.46 47.32
CA THR G 477 36.72 -22.31 48.19
C THR G 477 36.48 -21.16 49.18
N TYR G 478 37.53 -20.80 49.93
CA TYR G 478 37.44 -19.65 50.82
C TYR G 478 37.29 -18.36 50.04
N SER G 479 37.86 -18.30 48.85
CA SER G 479 37.94 -17.09 48.05
C SER G 479 36.73 -16.91 47.14
N GLY G 480 35.66 -17.67 47.35
CA GLY G 480 34.47 -17.54 46.56
C GLY G 480 34.52 -18.12 45.16
N THR G 481 35.69 -18.54 44.69
CA THR G 481 35.75 -19.11 43.35
C THR G 481 35.20 -20.52 43.35
N ILE G 482 34.74 -20.95 42.19
CA ILE G 482 34.02 -22.20 42.02
C ILE G 482 34.94 -23.16 41.30
N ILE G 483 34.97 -24.41 41.73
CA ILE G 483 35.84 -25.42 41.15
C ILE G 483 35.05 -26.56 40.51
N THR G 484 33.95 -26.99 41.11
CA THR G 484 33.16 -28.08 40.55
C THR G 484 31.68 -27.71 40.53
N CYS G 485 30.99 -28.19 39.50
CA CYS G 485 29.60 -27.84 39.27
C CYS G 485 28.86 -29.05 38.71
N LYS G 486 27.54 -29.02 38.86
CA LYS G 486 26.70 -30.08 38.33
C LYS G 486 25.40 -29.47 37.86
N ILE G 487 24.56 -30.29 37.21
CA ILE G 487 23.28 -29.84 36.70
C ILE G 487 22.19 -30.81 37.11
N HIS G 488 20.97 -30.28 37.19
CA HIS G 488 19.80 -31.11 37.42
C HIS G 488 19.51 -31.92 36.16
N ASP G 489 19.01 -33.14 36.34
CA ASP G 489 18.93 -34.07 35.23
C ASP G 489 17.84 -33.75 34.22
N MET G 490 16.82 -32.99 34.62
CA MET G 490 15.83 -32.55 33.65
C MET G 490 16.42 -31.53 32.69
N VAL G 491 17.29 -30.67 33.19
CA VAL G 491 18.10 -29.82 32.33
C VAL G 491 19.01 -30.66 31.47
N ARG G 492 19.50 -31.79 32.01
CA ARG G 492 20.47 -32.61 31.29
C ARG G 492 19.82 -33.28 30.09
N ASP G 493 18.65 -33.91 30.27
CA ASP G 493 18.06 -34.52 29.08
C ASP G 493 17.34 -33.52 28.20
N LEU G 494 17.02 -32.32 28.70
CA LEU G 494 16.66 -31.24 27.80
C LEU G 494 17.81 -30.91 26.85
N VAL G 495 19.02 -30.80 27.39
CA VAL G 495 20.17 -30.46 26.54
C VAL G 495 20.54 -31.64 25.65
N ILE G 496 20.26 -32.88 26.09
CA ILE G 496 20.43 -34.03 25.21
C ILE G 496 19.45 -33.99 24.04
N ASP G 497 18.18 -33.68 24.32
CA ASP G 497 17.17 -33.62 23.27
C ASP G 497 17.42 -32.46 22.31
N ILE G 498 18.05 -31.38 22.78
CA ILE G 498 18.46 -30.34 21.86
C ILE G 498 19.70 -30.77 21.09
N ALA G 499 20.54 -31.60 21.69
CA ALA G 499 21.64 -32.21 20.94
C ALA G 499 21.17 -33.34 20.03
N LYS G 500 19.94 -33.82 20.19
CA LYS G 500 19.35 -34.79 19.27
C LYS G 500 18.99 -34.14 17.94
N LYS G 501 19.00 -32.80 17.88
CA LYS G 501 18.98 -32.00 16.66
C LYS G 501 20.36 -32.05 16.02
N ASP G 502 20.73 -30.94 15.37
CA ASP G 502 22.03 -30.70 14.72
C ASP G 502 23.22 -31.36 15.42
N SER G 503 24.15 -31.91 14.65
CA SER G 503 24.87 -33.13 15.01
C SER G 503 25.96 -32.95 16.06
N PHE G 504 25.80 -31.92 16.89
CA PHE G 504 26.54 -31.66 18.11
C PHE G 504 26.83 -32.93 18.92
N SER G 505 25.79 -33.63 19.36
CA SER G 505 25.99 -34.86 20.13
C SER G 505 24.83 -35.80 19.85
N ASN G 506 25.03 -36.71 18.91
CA ASN G 506 24.16 -37.81 18.50
C ASN G 506 23.94 -38.98 19.46
N PRO G 507 24.70 -39.15 20.56
CA PRO G 507 25.59 -40.32 20.70
C PRO G 507 24.98 -41.71 20.51
N GLU G 508 24.59 -41.95 19.27
CA GLU G 508 24.43 -43.25 18.63
C GLU G 508 24.40 -42.96 17.14
N GLY G 509 24.88 -43.91 16.36
CA GLY G 509 24.90 -43.73 14.92
C GLY G 509 26.11 -42.98 14.40
N LEU G 510 26.00 -42.40 13.21
CA LEU G 510 27.15 -41.93 12.46
C LEU G 510 27.50 -40.48 12.75
N ASN G 511 26.59 -39.56 12.47
CA ASN G 511 26.93 -38.15 12.31
C ASN G 511 27.07 -37.51 13.69
N CYS G 512 28.30 -37.29 14.12
CA CYS G 512 28.61 -36.55 15.32
C CYS G 512 29.62 -35.47 15.01
N ARG G 513 29.55 -34.37 15.76
CA ARG G 513 30.55 -33.33 15.65
C ARG G 513 31.60 -33.38 16.73
N HIS G 514 31.27 -33.98 17.88
CA HIS G 514 32.25 -34.25 18.93
C HIS G 514 31.71 -35.32 19.86
N LEU G 515 32.61 -35.94 20.61
CA LEU G 515 32.32 -37.17 21.32
C LEU G 515 32.94 -37.11 22.71
N GLY G 516 32.26 -37.73 23.66
CA GLY G 516 32.77 -37.84 25.01
C GLY G 516 32.85 -39.29 25.45
N ILE G 517 34.00 -39.68 25.97
CA ILE G 517 34.25 -41.06 26.35
C ILE G 517 33.99 -41.23 27.85
N SER G 518 33.29 -42.30 28.20
CA SER G 518 33.05 -42.70 29.58
C SER G 518 34.13 -43.70 30.00
N GLY G 519 33.91 -44.42 31.09
CA GLY G 519 34.94 -45.31 31.61
C GLY G 519 35.02 -46.65 30.91
N ASN G 520 36.26 -47.13 30.79
CA ASN G 520 36.59 -48.51 30.40
C ASN G 520 36.10 -48.86 28.99
N PHE G 521 36.62 -48.12 28.01
CA PHE G 521 36.41 -48.43 26.61
C PHE G 521 37.62 -49.11 25.98
N ASP G 522 38.28 -49.98 26.74
CA ASP G 522 39.34 -50.81 26.19
C ASP G 522 38.82 -51.82 25.20
N GLU G 523 37.55 -52.22 25.30
CA GLU G 523 37.00 -53.32 24.55
C GLU G 523 35.71 -53.02 23.80
N LYS G 524 35.10 -51.85 24.01
CA LYS G 524 33.76 -51.61 23.48
C LYS G 524 33.74 -50.89 22.14
N GLN G 525 34.87 -50.31 21.70
CA GLN G 525 35.11 -49.87 20.31
C GLN G 525 34.11 -48.80 19.87
N ILE G 526 34.28 -47.61 20.46
CA ILE G 526 33.48 -46.45 20.09
C ILE G 526 33.68 -46.11 18.62
N LYS G 527 32.57 -45.97 17.90
CA LYS G 527 32.60 -45.50 16.53
C LYS G 527 33.07 -44.05 16.45
N VAL G 528 33.95 -43.78 15.48
CA VAL G 528 34.57 -42.47 15.29
C VAL G 528 34.59 -42.21 13.80
N ASN G 529 33.83 -41.22 13.35
CA ASN G 529 33.93 -40.80 11.96
C ASN G 529 34.93 -39.65 11.87
N HIS G 530 35.04 -39.05 10.69
CA HIS G 530 36.11 -38.11 10.41
C HIS G 530 35.70 -36.67 10.68
N LYS G 531 34.55 -36.44 11.30
CA LYS G 531 34.15 -35.06 11.57
C LYS G 531 34.79 -34.55 12.86
N LEU G 532 34.36 -35.08 14.01
CA LEU G 532 34.99 -35.03 15.34
C LEU G 532 35.70 -33.75 15.76
N ARG G 533 34.99 -32.64 15.93
CA ARG G 533 35.64 -31.41 16.35
C ARG G 533 36.15 -31.43 17.79
N GLY G 534 35.73 -32.39 18.61
CA GLY G 534 36.24 -32.49 19.98
C GLY G 534 36.16 -33.91 20.47
N VAL G 535 37.05 -34.26 21.39
CA VAL G 535 37.02 -35.55 22.07
C VAL G 535 37.30 -35.28 23.54
N VAL G 536 36.30 -35.44 24.39
CA VAL G 536 36.50 -35.17 25.80
C VAL G 536 36.40 -36.47 26.59
N SER G 537 36.92 -36.44 27.81
CA SER G 537 36.95 -37.60 28.69
C SER G 537 36.15 -37.26 29.95
N THR G 538 35.02 -37.91 30.11
CA THR G 538 34.08 -37.61 31.20
C THR G 538 34.09 -38.76 32.18
N THR G 539 34.58 -38.52 33.39
CA THR G 539 34.62 -39.53 34.44
C THR G 539 33.76 -39.11 35.61
N LYS G 540 33.22 -40.10 36.32
CA LYS G 540 32.28 -39.85 37.40
C LYS G 540 33.01 -39.87 38.74
N THR G 541 33.85 -38.85 38.91
CA THR G 541 34.67 -38.53 40.10
C THR G 541 35.31 -39.75 40.78
N GLY G 542 36.23 -40.38 40.05
CA GLY G 542 37.01 -41.45 40.63
C GLY G 542 37.38 -42.59 39.71
N GLU G 543 36.67 -42.76 38.61
CA GLU G 543 37.01 -43.82 37.68
C GLU G 543 38.07 -43.33 36.69
N VAL G 544 38.72 -44.29 36.04
CA VAL G 544 39.74 -44.03 35.05
C VAL G 544 39.35 -44.75 33.76
N ASN G 545 39.37 -44.01 32.65
CA ASN G 545 38.95 -44.56 31.36
C ASN G 545 40.02 -45.52 30.86
N LYS G 546 39.78 -46.81 30.98
CA LYS G 546 40.73 -47.80 30.48
C LYS G 546 40.67 -47.83 28.96
N LEU G 547 41.73 -47.35 28.32
CA LEU G 547 41.78 -47.22 26.87
C LEU G 547 42.90 -48.07 26.29
N ASN G 548 42.67 -48.54 25.08
CA ASN G 548 43.64 -49.30 24.31
C ASN G 548 44.35 -48.39 23.31
N SER G 549 45.13 -49.00 22.43
CA SER G 549 46.00 -48.21 21.56
C SER G 549 45.31 -47.76 20.29
N ASP G 550 44.43 -48.59 19.73
CA ASP G 550 43.88 -48.32 18.40
C ASP G 550 42.90 -47.14 18.40
N LEU G 551 42.16 -46.94 19.49
CA LEU G 551 41.30 -45.76 19.59
C LEU G 551 42.13 -44.49 19.62
N ALA G 552 43.25 -44.51 20.35
CA ALA G 552 44.12 -43.35 20.38
C ALA G 552 44.87 -43.17 19.07
N LYS G 553 45.04 -44.22 18.29
CA LYS G 553 45.57 -44.04 16.94
C LYS G 553 44.52 -43.41 16.03
N LYS G 554 43.26 -43.82 16.19
CA LYS G 554 42.19 -43.28 15.36
C LYS G 554 41.79 -41.86 15.78
N PHE G 555 42.19 -41.42 16.97
CA PHE G 555 42.02 -40.01 17.33
C PHE G 555 42.86 -39.12 16.43
N THR G 556 44.05 -39.59 16.06
CA THR G 556 44.93 -38.81 15.20
C THR G 556 44.54 -38.86 13.73
N ASP G 557 43.53 -39.64 13.37
CA ASP G 557 43.04 -39.67 12.00
C ASP G 557 42.02 -38.57 11.72
N CYS G 558 41.50 -37.92 12.76
CA CYS G 558 40.51 -36.87 12.58
C CYS G 558 41.20 -35.58 12.15
N LYS G 559 40.90 -35.13 10.93
CA LYS G 559 41.54 -33.93 10.40
C LYS G 559 41.12 -32.67 11.15
N TYR G 560 39.86 -32.60 11.55
CA TYR G 560 39.28 -31.39 12.11
C TYR G 560 38.95 -31.66 13.56
N LEU G 561 39.92 -31.50 14.45
CA LEU G 561 39.78 -31.86 15.85
C LEU G 561 40.42 -30.75 16.66
N ARG G 562 39.59 -29.95 17.33
CA ARG G 562 40.08 -28.77 18.03
C ARG G 562 40.29 -29.01 19.51
N VAL G 563 39.52 -29.90 20.12
CA VAL G 563 39.60 -30.16 21.55
C VAL G 563 39.98 -31.62 21.74
N LEU G 564 41.11 -31.86 22.39
CA LEU G 564 41.54 -33.20 22.75
C LEU G 564 42.03 -33.14 24.20
N ASP G 565 41.15 -33.49 25.13
CA ASP G 565 41.51 -33.55 26.54
C ASP G 565 41.28 -34.96 27.07
N ILE G 566 42.32 -35.53 27.65
CA ILE G 566 42.34 -36.90 28.14
C ILE G 566 42.68 -36.80 29.61
N SER G 567 41.67 -36.93 30.48
CA SER G 567 41.84 -36.55 31.88
C SER G 567 42.11 -37.72 32.81
N LYS G 568 41.44 -38.86 32.63
CA LYS G 568 41.65 -40.01 33.50
C LYS G 568 41.77 -41.23 32.60
N SER G 569 42.96 -41.53 32.11
CA SER G 569 43.10 -42.68 31.24
C SER G 569 44.44 -43.37 31.43
N ILE G 570 44.41 -44.69 31.31
CA ILE G 570 45.59 -45.53 31.36
C ILE G 570 45.72 -46.21 30.00
N PHE G 571 46.85 -46.01 29.34
CA PHE G 571 47.08 -46.56 28.02
C PHE G 571 48.02 -47.75 28.09
N ASP G 572 48.15 -48.44 26.96
CA ASP G 572 48.97 -49.63 26.88
C ASP G 572 50.40 -49.34 26.49
N ALA G 573 50.62 -48.41 25.57
CA ALA G 573 51.93 -48.03 25.09
C ALA G 573 52.25 -46.65 25.62
N PRO G 574 53.53 -46.25 25.64
CA PRO G 574 53.85 -44.85 25.94
C PRO G 574 53.27 -43.89 24.92
N LEU G 575 52.92 -42.70 25.39
CA LEU G 575 52.24 -41.71 24.57
C LEU G 575 53.16 -40.99 23.59
N SER G 576 54.46 -41.27 23.62
CA SER G 576 55.38 -40.66 22.66
C SER G 576 55.14 -41.22 21.26
N GLU G 577 54.99 -42.53 21.15
CA GLU G 577 54.74 -43.14 19.85
C GLU G 577 53.26 -43.28 19.54
N ILE G 578 52.39 -43.15 20.54
CA ILE G 578 50.95 -43.19 20.28
C ILE G 578 50.51 -41.94 19.53
N LEU G 579 50.90 -40.78 20.03
CA LEU G 579 50.54 -39.50 19.42
C LEU G 579 51.66 -39.00 18.54
N ASP G 580 52.38 -39.90 17.87
CA ASP G 580 53.50 -39.50 17.03
C ASP G 580 53.03 -38.80 15.77
N GLU G 581 51.83 -39.11 15.29
CA GLU G 581 51.32 -38.55 14.04
C GLU G 581 50.33 -37.40 14.29
N ILE G 582 50.58 -36.60 15.34
CA ILE G 582 49.81 -35.37 15.56
C ILE G 582 50.23 -34.25 14.63
N ALA G 583 51.19 -34.48 13.75
CA ALA G 583 51.43 -33.55 12.66
C ALA G 583 50.24 -33.52 11.70
N SER G 584 49.52 -34.63 11.59
CA SER G 584 48.27 -34.65 10.85
C SER G 584 47.22 -33.78 11.50
N LEU G 585 47.23 -33.68 12.83
CA LEU G 585 46.44 -32.66 13.50
C LEU G 585 47.02 -31.30 13.19
N GLN G 586 46.19 -30.40 12.67
CA GLN G 586 46.66 -29.07 12.32
C GLN G 586 45.92 -27.98 13.09
N HIS G 587 44.60 -28.07 13.14
CA HIS G 587 43.80 -27.08 13.86
C HIS G 587 43.39 -27.62 15.22
N LEU G 588 44.40 -27.90 16.04
CA LEU G 588 44.20 -28.34 17.41
C LEU G 588 44.43 -27.17 18.34
N ALA G 589 43.49 -26.95 19.26
CA ALA G 589 43.54 -25.78 20.11
C ALA G 589 43.91 -26.07 21.55
N CYS G 590 43.51 -27.21 22.11
CA CYS G 590 43.79 -27.49 23.51
C CYS G 590 44.24 -28.93 23.68
N LEU G 591 45.07 -29.14 24.70
CA LEU G 591 45.47 -30.47 25.14
C LEU G 591 45.59 -30.44 26.65
N SER G 592 44.76 -31.22 27.35
CA SER G 592 44.98 -31.42 28.77
C SER G 592 45.30 -32.89 28.92
N LEU G 593 46.59 -33.21 28.83
CA LEU G 593 47.05 -34.57 29.09
C LEU G 593 47.32 -34.78 30.58
N SER G 594 46.32 -34.50 31.39
CA SER G 594 46.44 -34.67 32.84
C SER G 594 46.17 -36.12 33.20
N ASN G 595 46.93 -36.62 34.17
CA ASN G 595 46.68 -37.89 34.87
C ASN G 595 46.60 -39.08 33.92
N THR G 596 47.68 -39.30 33.18
CA THR G 596 47.83 -40.48 32.33
C THR G 596 49.09 -41.21 32.74
N HIS G 597 48.99 -42.55 32.86
CA HIS G 597 50.14 -43.33 33.31
C HIS G 597 51.30 -43.34 32.31
N PRO G 598 51.14 -43.76 31.04
CA PRO G 598 52.35 -43.98 30.24
C PRO G 598 52.99 -42.72 29.68
N LEU G 599 52.61 -41.54 30.17
CA LEU G 599 53.18 -40.29 29.71
C LEU G 599 54.52 -40.05 30.41
N ILE G 600 55.59 -40.07 29.64
CA ILE G 600 56.91 -39.65 30.09
C ILE G 600 57.42 -38.49 29.24
N GLN G 601 57.37 -38.63 27.93
CA GLN G 601 57.77 -37.58 27.00
C GLN G 601 56.68 -37.42 25.96
N PHE G 602 56.08 -36.24 25.91
CA PHE G 602 55.13 -35.92 24.87
C PHE G 602 55.86 -35.85 23.52
N PRO G 603 55.20 -36.23 22.41
CA PRO G 603 55.92 -36.55 21.17
C PRO G 603 56.62 -35.36 20.53
N ARG G 604 57.69 -35.68 19.79
CA ARG G 604 58.54 -34.66 19.21
C ARG G 604 58.09 -34.21 17.83
N SER G 605 56.86 -34.54 17.43
CA SER G 605 56.33 -34.07 16.17
C SER G 605 55.48 -32.83 16.38
N MET G 606 55.79 -32.06 17.43
CA MET G 606 54.98 -30.94 17.87
C MET G 606 55.55 -29.61 17.36
N GLU G 607 56.09 -29.60 16.16
CA GLU G 607 56.62 -28.38 15.57
C GLU G 607 55.62 -27.68 14.68
N ASP G 608 54.75 -28.44 14.01
CA ASP G 608 53.76 -27.85 13.12
C ASP G 608 52.45 -27.51 13.80
N LEU G 609 52.31 -27.79 15.09
CA LEU G 609 51.13 -27.32 15.81
C LEU G 609 51.29 -25.83 16.07
N HIS G 610 50.87 -25.01 15.11
CA HIS G 610 51.07 -23.58 15.21
C HIS G 610 49.89 -22.86 15.83
N ASN G 611 48.79 -23.54 16.13
CA ASN G 611 47.65 -22.84 16.71
C ASN G 611 47.70 -22.91 18.23
N LEU G 612 47.44 -24.11 18.78
CA LEU G 612 47.73 -24.59 20.15
C LEU G 612 47.53 -23.52 21.22
N GLN G 613 46.26 -23.14 21.42
CA GLN G 613 45.96 -21.96 22.23
C GLN G 613 46.29 -22.17 23.70
N ILE G 614 45.99 -23.35 24.25
CA ILE G 614 46.43 -23.67 25.60
C ILE G 614 47.15 -25.01 25.55
N LEU G 615 47.81 -25.33 26.65
CA LEU G 615 48.53 -26.60 26.79
C LEU G 615 48.55 -26.94 28.27
N ASP G 616 47.84 -27.99 28.65
CA ASP G 616 47.71 -28.38 30.04
C ASP G 616 48.30 -29.77 30.22
N ALA G 617 49.07 -29.93 31.30
CA ALA G 617 49.48 -31.24 31.78
C ALA G 617 49.70 -31.06 33.28
N SER G 618 48.68 -31.40 34.06
CA SER G 618 48.72 -31.21 35.50
C SER G 618 48.66 -32.57 36.18
N TYR G 619 49.35 -32.66 37.32
CA TYR G 619 49.41 -33.83 38.19
C TYR G 619 49.93 -35.07 37.49
N CYS G 620 50.78 -34.90 36.49
CA CYS G 620 51.49 -36.01 35.87
C CYS G 620 52.92 -35.98 36.38
N GLN G 621 53.25 -36.91 37.27
CA GLN G 621 54.45 -36.81 38.07
C GLN G 621 55.72 -37.16 37.30
N ASN G 622 55.60 -37.75 36.11
CA ASN G 622 56.75 -38.14 35.31
C ASN G 622 56.71 -37.42 33.96
N LEU G 623 57.21 -36.19 33.96
CA LEU G 623 57.33 -35.36 32.76
C LEU G 623 58.72 -34.75 32.79
N LYS G 624 59.70 -35.46 32.24
CA LYS G 624 61.09 -35.05 32.44
C LYS G 624 61.46 -33.83 31.60
N GLN G 625 61.36 -33.94 30.29
CA GLN G 625 61.82 -32.89 29.40
C GLN G 625 60.61 -32.25 28.71
N LEU G 626 60.53 -30.92 28.78
CA LEU G 626 59.68 -30.18 27.88
C LEU G 626 60.51 -29.70 26.70
N GLN G 627 60.01 -29.94 25.50
CA GLN G 627 60.74 -29.72 24.26
C GLN G 627 60.90 -28.23 24.00
N PRO G 628 61.91 -27.84 23.21
CA PRO G 628 62.05 -26.42 22.85
C PRO G 628 61.06 -25.91 21.82
N CYS G 629 60.11 -26.73 21.38
CA CYS G 629 59.11 -26.32 20.41
C CYS G 629 57.90 -25.64 21.05
N ILE G 630 57.94 -25.36 22.34
CA ILE G 630 56.86 -24.67 23.03
C ILE G 630 57.39 -23.27 23.31
N VAL G 631 58.21 -22.79 22.39
CA VAL G 631 58.70 -21.42 22.43
C VAL G 631 58.20 -20.63 21.23
N LEU G 632 58.26 -21.24 20.05
CA LEU G 632 58.23 -20.47 18.82
C LEU G 632 56.83 -20.17 18.29
N PHE G 633 55.80 -20.84 18.80
CA PHE G 633 54.50 -20.72 18.15
C PHE G 633 53.69 -19.51 18.59
N LYS G 634 54.13 -18.82 19.66
CA LYS G 634 53.72 -17.49 20.11
C LYS G 634 52.22 -17.19 20.17
N LYS G 635 51.37 -18.22 20.23
CA LYS G 635 49.93 -18.01 20.32
C LYS G 635 49.36 -18.89 21.41
N LEU G 636 49.99 -18.84 22.57
CA LEU G 636 49.61 -19.64 23.72
C LEU G 636 48.86 -18.77 24.71
N LEU G 637 47.94 -19.37 25.44
CA LEU G 637 47.18 -18.67 26.47
C LEU G 637 47.41 -19.23 27.86
N VAL G 638 47.35 -20.55 28.03
CA VAL G 638 47.50 -21.20 29.32
C VAL G 638 48.55 -22.29 29.20
N LEU G 639 49.57 -22.22 30.06
CA LEU G 639 50.52 -23.31 30.25
C LEU G 639 50.46 -23.71 31.71
N ASP G 640 50.06 -24.95 31.97
CA ASP G 640 49.59 -25.35 33.30
C ASP G 640 50.25 -26.67 33.71
N MET G 641 51.37 -26.57 34.41
CA MET G 641 52.01 -27.72 35.04
C MET G 641 51.95 -27.53 36.55
N THR G 642 50.85 -27.93 37.17
CA THR G 642 50.76 -27.92 38.63
C THR G 642 51.18 -29.28 39.17
N ASN G 643 52.06 -29.25 40.17
CA ASN G 643 52.46 -30.40 40.98
C ASN G 643 53.11 -31.51 40.16
N CYS G 644 53.66 -31.18 39.00
CA CYS G 644 54.45 -32.15 38.23
C CYS G 644 55.84 -32.18 38.83
N GLY G 645 56.11 -33.19 39.64
CA GLY G 645 57.33 -33.24 40.44
C GLY G 645 58.60 -33.40 39.64
N SER G 646 58.78 -34.56 39.01
CA SER G 646 59.99 -34.82 38.25
C SER G 646 59.89 -34.08 36.93
N LEU G 647 60.51 -32.91 36.87
CA LEU G 647 60.44 -32.07 35.69
C LEU G 647 61.64 -31.15 35.68
N GLU G 648 62.26 -31.00 34.50
CA GLU G 648 63.52 -30.25 34.37
C GLU G 648 63.28 -28.78 34.09
N CYS G 649 62.13 -28.32 34.54
CA CYS G 649 61.80 -27.02 35.13
C CYS G 649 61.64 -25.81 34.21
N PHE G 650 62.08 -25.87 32.91
CA PHE G 650 61.47 -25.35 31.67
C PHE G 650 62.42 -25.40 30.49
N PRO G 651 61.93 -25.14 29.26
CA PRO G 651 62.82 -24.65 28.20
C PRO G 651 63.21 -23.19 28.38
N LYS G 652 63.90 -22.63 27.38
CA LYS G 652 64.55 -21.34 27.52
C LYS G 652 63.61 -20.17 27.25
N GLY G 653 63.05 -20.11 26.05
CA GLY G 653 62.32 -18.92 25.64
C GLY G 653 60.88 -18.85 26.10
N ILE G 654 60.65 -18.87 27.41
CA ILE G 654 59.30 -18.74 27.93
C ILE G 654 58.81 -17.30 27.77
N GLY G 655 59.69 -16.34 27.98
CA GLY G 655 59.36 -14.93 27.76
C GLY G 655 59.26 -14.52 26.31
N SER G 656 59.53 -15.43 25.37
CA SER G 656 59.41 -15.09 23.95
C SER G 656 57.95 -14.95 23.55
N LEU G 657 57.14 -15.97 23.83
CA LEU G 657 55.70 -15.85 23.63
C LEU G 657 55.12 -14.92 24.69
N VAL G 658 54.20 -14.06 24.27
CA VAL G 658 53.77 -12.94 25.10
C VAL G 658 52.28 -12.97 25.43
N LYS G 659 51.45 -13.66 24.65
CA LYS G 659 50.01 -13.53 24.79
C LYS G 659 49.41 -14.53 25.76
N LEU G 660 50.16 -15.00 26.75
CA LEU G 660 49.63 -16.00 27.66
C LEU G 660 49.18 -15.35 28.96
N GLU G 661 48.22 -15.99 29.62
CA GLU G 661 47.60 -15.44 30.81
C GLU G 661 47.84 -16.25 32.07
N VAL G 662 48.01 -17.56 31.97
CA VAL G 662 48.15 -18.42 33.13
C VAL G 662 49.45 -19.20 32.99
N LEU G 663 50.29 -19.11 34.01
CA LEU G 663 51.58 -19.81 34.03
C LEU G 663 51.73 -20.40 35.43
N LEU G 664 51.38 -21.67 35.58
CA LEU G 664 51.37 -22.33 36.88
C LEU G 664 52.46 -23.37 36.97
N GLY G 665 53.16 -23.38 38.10
CA GLY G 665 54.28 -24.27 38.28
C GLY G 665 55.47 -23.86 37.44
N PHE G 666 56.06 -22.73 37.75
CA PHE G 666 57.10 -22.17 36.89
C PHE G 666 58.41 -22.92 37.05
N LYS G 667 58.83 -23.19 38.30
CA LYS G 667 60.11 -23.81 38.68
C LYS G 667 61.29 -23.05 38.08
N PRO G 668 61.65 -21.88 38.61
CA PRO G 668 62.73 -21.09 37.99
C PRO G 668 64.08 -21.80 38.08
N ALA G 669 64.76 -21.86 36.95
CA ALA G 669 65.90 -22.76 36.76
C ALA G 669 67.16 -22.22 37.44
N ARG G 670 68.24 -22.96 37.26
CA ARG G 670 69.54 -22.58 37.79
C ARG G 670 70.27 -21.71 36.77
N SER G 671 71.58 -21.54 36.93
CA SER G 671 72.35 -20.62 36.10
C SER G 671 72.40 -21.01 34.63
N ASN G 672 73.08 -22.10 34.30
CA ASN G 672 73.13 -22.58 32.92
C ASN G 672 72.06 -23.65 32.68
N ASN G 673 70.83 -23.34 33.04
CA ASN G 673 69.72 -24.27 32.93
C ASN G 673 68.47 -23.47 32.59
N GLY G 674 67.56 -24.13 31.85
CA GLY G 674 66.17 -23.74 31.65
C GLY G 674 65.86 -22.29 31.36
N CYS G 675 65.17 -21.64 32.30
CA CYS G 675 64.91 -20.21 32.20
C CYS G 675 64.77 -19.64 33.61
N LYS G 676 65.23 -18.41 33.78
CA LYS G 676 65.24 -17.75 35.07
C LYS G 676 63.96 -16.94 35.24
N LEU G 677 63.93 -16.05 36.24
CA LEU G 677 62.81 -15.14 36.41
C LEU G 677 62.99 -13.82 35.67
N SER G 678 64.01 -13.71 34.83
CA SER G 678 64.27 -12.43 34.17
C SER G 678 63.25 -12.14 33.09
N GLU G 679 62.84 -13.16 32.34
CA GLU G 679 61.89 -12.97 31.25
C GLU G 679 60.45 -12.85 31.71
N VAL G 680 60.20 -13.03 33.02
CA VAL G 680 58.86 -12.86 33.56
C VAL G 680 58.44 -11.40 33.48
N LYS G 681 59.40 -10.48 33.49
CA LYS G 681 59.13 -9.08 33.19
C LYS G 681 58.62 -8.86 31.77
N ASN G 682 58.92 -9.77 30.85
CA ASN G 682 58.42 -9.65 29.49
C ASN G 682 56.96 -10.06 29.37
N LEU G 683 56.44 -10.82 30.34
CA LEU G 683 55.12 -11.41 30.22
C LEU G 683 54.08 -10.46 30.81
N THR G 684 53.81 -9.40 30.07
CA THR G 684 52.99 -8.31 30.58
C THR G 684 51.49 -8.59 30.54
N ASN G 685 51.07 -9.78 30.14
CA ASN G 685 49.64 -10.08 30.02
C ASN G 685 49.12 -11.08 31.03
N LEU G 686 49.98 -11.70 31.82
CA LEU G 686 49.48 -12.78 32.66
C LEU G 686 48.83 -12.23 33.92
N ARG G 687 47.91 -13.02 34.46
CA ARG G 687 47.16 -12.64 35.65
C ARG G 687 47.10 -13.72 36.71
N LYS G 688 47.44 -14.97 36.40
CA LYS G 688 47.64 -16.00 37.39
C LYS G 688 49.05 -16.55 37.22
N LEU G 689 49.75 -16.75 38.33
CA LEU G 689 51.15 -17.14 38.27
C LEU G 689 51.43 -18.08 39.42
N GLY G 690 52.10 -19.19 39.12
CA GLY G 690 52.39 -20.19 40.13
C GLY G 690 53.86 -20.54 40.25
N LEU G 691 54.44 -20.25 41.41
CA LEU G 691 55.84 -20.54 41.65
C LEU G 691 55.97 -21.77 42.52
N SER G 692 57.05 -22.52 42.29
CA SER G 692 57.43 -23.61 43.16
C SER G 692 58.93 -23.67 43.25
N LEU G 693 59.45 -23.69 44.48
CA LEU G 693 60.85 -23.45 44.75
C LEU G 693 61.45 -24.67 45.45
N THR G 694 62.70 -24.98 45.11
CA THR G 694 63.36 -26.19 45.62
C THR G 694 64.58 -25.88 46.45
N ARG G 695 65.47 -25.02 45.99
CA ARG G 695 66.66 -24.68 46.76
C ARG G 695 67.07 -23.24 46.43
N GLY G 696 68.26 -22.85 46.88
CA GLY G 696 68.61 -21.44 46.90
C GLY G 696 68.93 -20.87 45.54
N ASP G 697 69.59 -21.65 44.69
CA ASP G 697 70.03 -21.15 43.39
C ASP G 697 68.93 -21.19 42.33
N GLN G 698 67.68 -21.43 42.72
CA GLN G 698 66.57 -21.32 41.78
C GLN G 698 66.35 -19.89 41.31
N ILE G 699 66.69 -18.90 42.13
CA ILE G 699 66.47 -17.50 41.81
C ILE G 699 67.79 -16.75 41.90
N GLU G 700 67.81 -15.59 41.25
CA GLU G 700 69.02 -14.79 41.07
C GLU G 700 68.82 -13.45 41.75
N GLU G 701 69.93 -12.79 42.11
CA GLU G 701 69.91 -11.58 42.92
C GLU G 701 69.18 -10.42 42.22
N GLU G 702 69.70 -9.99 41.07
CA GLU G 702 69.08 -8.83 40.43
C GLU G 702 67.76 -9.17 39.72
N GLU G 703 67.33 -10.43 39.73
CA GLU G 703 66.00 -10.80 39.30
C GLU G 703 64.98 -10.73 40.43
N LEU G 704 65.41 -10.39 41.65
CA LEU G 704 64.50 -10.38 42.79
C LEU G 704 63.46 -9.26 42.74
N ASP G 705 63.60 -8.30 41.84
CA ASP G 705 62.57 -7.31 41.56
C ASP G 705 61.80 -7.64 40.29
N SER G 706 61.70 -8.93 39.95
CA SER G 706 61.07 -9.32 38.70
C SER G 706 59.55 -9.32 38.75
N LEU G 707 58.94 -8.98 39.88
CA LEU G 707 57.50 -9.09 40.05
C LEU G 707 56.90 -7.76 40.47
N ILE G 708 57.38 -6.65 39.91
CA ILE G 708 56.83 -5.34 40.19
C ILE G 708 56.23 -4.70 38.96
N ASN G 709 56.58 -5.20 37.78
CA ASN G 709 56.10 -4.59 36.55
C ASN G 709 54.98 -5.38 35.90
N LEU G 710 54.47 -6.41 36.57
CA LEU G 710 53.33 -7.16 36.06
C LEU G 710 52.08 -6.34 36.37
N SER G 711 51.59 -5.62 35.36
CA SER G 711 50.53 -4.66 35.60
C SER G 711 49.18 -5.35 35.81
N LYS G 712 48.90 -6.41 35.06
CA LYS G 712 47.60 -7.04 35.06
C LYS G 712 47.56 -8.31 35.91
N LEU G 713 48.47 -8.45 36.86
CA LEU G 713 48.55 -9.65 37.67
C LEU G 713 47.49 -9.65 38.76
N MET G 714 46.92 -10.81 39.03
CA MET G 714 45.86 -10.94 40.03
C MET G 714 46.20 -11.88 41.16
N SER G 715 46.87 -13.00 40.90
CA SER G 715 47.06 -14.01 41.93
C SER G 715 48.43 -14.65 41.82
N ILE G 716 48.96 -15.07 42.97
CA ILE G 716 50.26 -15.70 43.09
C ILE G 716 50.11 -16.93 43.98
N SER G 717 50.63 -18.07 43.54
CA SER G 717 50.72 -19.25 44.39
C SER G 717 52.18 -19.67 44.48
N ILE G 718 52.66 -19.84 45.71
CA ILE G 718 54.04 -20.21 45.98
C ILE G 718 54.06 -21.57 46.64
N ASN G 719 54.78 -22.52 46.03
CA ASN G 719 54.81 -23.91 46.47
C ASN G 719 56.23 -24.27 46.87
N CYS G 720 56.60 -23.96 48.10
CA CYS G 720 57.94 -24.28 48.59
C CYS G 720 57.94 -25.64 49.29
N TYR G 721 57.51 -26.67 48.55
CA TYR G 721 57.30 -27.99 49.12
C TYR G 721 58.62 -28.69 49.40
N ASP G 722 59.43 -28.92 48.37
CA ASP G 722 60.69 -29.65 48.54
C ASP G 722 61.80 -28.62 48.70
N SER G 723 61.70 -27.84 49.77
CA SER G 723 62.70 -26.84 50.07
C SER G 723 63.89 -27.48 50.76
N TYR G 724 65.06 -26.85 50.60
CA TYR G 724 66.31 -27.43 51.09
C TYR G 724 66.96 -26.64 52.20
N GLY G 725 67.31 -25.37 51.96
CA GLY G 725 68.19 -24.65 52.85
C GLY G 725 67.65 -23.28 53.21
N ASP G 726 68.33 -22.66 54.20
CA ASP G 726 67.95 -21.33 54.67
C ASP G 726 68.30 -20.23 53.68
N ASP G 727 69.16 -20.53 52.70
CA ASP G 727 69.43 -19.56 51.63
C ASP G 727 68.19 -19.25 50.82
N LEU G 728 67.34 -20.27 50.61
CA LEU G 728 66.04 -20.04 49.97
C LEU G 728 65.17 -19.12 50.81
N ILE G 729 65.21 -19.28 52.14
CA ILE G 729 64.41 -18.45 53.03
C ILE G 729 64.91 -17.00 52.98
N THR G 730 66.22 -16.81 52.93
CA THR G 730 66.76 -15.45 52.85
C THR G 730 66.52 -14.82 51.48
N LYS G 731 66.51 -15.63 50.42
CA LYS G 731 66.33 -15.09 49.08
C LYS G 731 64.88 -14.92 48.67
N ILE G 732 63.93 -15.55 49.38
CA ILE G 732 62.52 -15.28 49.11
C ILE G 732 62.16 -13.85 49.46
N ASP G 733 62.69 -13.35 50.57
CA ASP G 733 62.22 -12.11 51.21
C ASP G 733 62.42 -10.84 50.39
N ALA G 734 63.04 -10.93 49.22
CA ALA G 734 63.15 -9.79 48.31
C ALA G 734 62.17 -9.87 47.15
N LEU G 735 61.47 -10.99 46.98
CA LEU G 735 60.46 -11.11 45.94
C LEU G 735 59.23 -10.31 46.35
N THR G 736 59.07 -9.12 45.77
CA THR G 736 57.96 -8.26 46.11
C THR G 736 56.88 -8.37 45.05
N PRO G 737 55.66 -8.73 45.43
CA PRO G 737 54.53 -8.73 44.48
C PRO G 737 54.15 -7.31 44.10
N PRO G 738 53.32 -7.13 43.07
CA PRO G 738 52.88 -5.78 42.73
C PRO G 738 51.91 -5.24 43.77
N HIS G 739 51.68 -3.92 43.70
CA HIS G 739 50.79 -3.30 44.67
C HIS G 739 49.34 -3.69 44.44
N GLN G 740 48.99 -4.10 43.22
CA GLN G 740 47.72 -4.76 42.99
C GLN G 740 47.96 -6.26 43.08
N LEU G 741 47.17 -6.93 43.91
CA LEU G 741 47.30 -8.36 44.13
C LEU G 741 46.02 -8.78 44.82
N HIS G 742 45.32 -9.76 44.27
CA HIS G 742 44.01 -10.10 44.79
C HIS G 742 44.04 -11.31 45.72
N GLU G 743 44.82 -12.33 45.37
CA GLU G 743 44.93 -13.55 46.18
C GLU G 743 46.39 -13.97 46.20
N LEU G 744 46.91 -14.34 47.36
CA LEU G 744 48.16 -15.07 47.38
C LEU G 744 48.01 -16.29 48.28
N SER G 745 48.72 -17.36 47.89
CA SER G 745 48.68 -18.62 48.63
C SER G 745 50.10 -19.18 48.67
N LEU G 746 50.84 -18.79 49.70
CA LEU G 746 52.05 -19.50 50.05
C LEU G 746 51.65 -20.71 50.88
N GLN G 747 52.21 -21.87 50.55
CA GLN G 747 51.63 -23.09 51.07
C GLN G 747 52.60 -24.11 51.67
N PHE G 748 53.91 -23.98 51.48
CA PHE G 748 54.71 -24.85 52.32
C PHE G 748 55.82 -24.14 53.07
N TYR G 749 56.43 -23.09 52.49
CA TYR G 749 57.11 -21.96 53.14
C TYR G 749 57.99 -22.32 54.34
N PRO G 750 59.23 -22.77 54.12
CA PRO G 750 60.04 -23.27 55.24
C PRO G 750 60.49 -22.21 56.24
N GLY G 751 60.27 -20.93 55.97
CA GLY G 751 60.70 -19.89 56.88
C GLY G 751 59.92 -19.89 58.17
N LYS G 752 60.48 -19.22 59.18
CA LYS G 752 59.88 -19.17 60.50
C LYS G 752 59.14 -17.87 60.78
N SER G 753 59.61 -16.76 60.21
CA SER G 753 58.92 -15.49 60.34
C SER G 753 58.09 -15.22 59.10
N SER G 754 57.44 -14.07 59.07
CA SER G 754 56.75 -13.63 57.87
C SER G 754 57.77 -13.25 56.80
N PRO G 755 57.38 -13.29 55.52
CA PRO G 755 58.36 -13.00 54.45
C PRO G 755 58.81 -11.56 54.29
N SER G 756 58.45 -10.68 55.23
CA SER G 756 58.86 -9.28 55.38
C SER G 756 58.37 -8.37 54.26
N TRP G 757 57.53 -8.84 53.34
CA TRP G 757 56.73 -7.95 52.53
C TRP G 757 55.25 -8.03 52.88
N LEU G 758 54.85 -9.01 53.68
CA LEU G 758 53.45 -9.21 54.02
C LEU G 758 53.00 -8.10 54.94
N SER G 759 52.61 -7.00 54.32
CA SER G 759 52.30 -5.76 55.00
C SER G 759 51.32 -5.00 54.12
N PRO G 760 50.43 -4.19 54.71
CA PRO G 760 49.57 -3.33 53.89
C PRO G 760 50.32 -2.24 53.14
N HIS G 761 51.57 -1.97 53.50
CA HIS G 761 52.35 -0.98 52.75
C HIS G 761 52.82 -1.54 51.41
N LYS G 762 53.22 -2.82 51.39
CA LYS G 762 53.75 -3.39 50.16
C LYS G 762 52.66 -3.87 49.22
N LEU G 763 51.50 -4.20 49.74
CA LEU G 763 50.37 -4.64 48.93
C LEU G 763 49.07 -4.22 49.60
N PRO G 764 48.50 -3.09 49.19
CA PRO G 764 47.35 -2.55 49.91
C PRO G 764 46.05 -3.25 49.57
N MET G 765 45.91 -3.67 48.32
CA MET G 765 44.64 -4.14 47.79
C MET G 765 44.46 -5.65 47.89
N LEU G 766 45.10 -6.28 48.86
CA LEU G 766 44.91 -7.71 49.05
C LEU G 766 43.56 -7.97 49.70
N ARG G 767 42.79 -8.87 49.09
CA ARG G 767 41.47 -9.21 49.61
C ARG G 767 41.39 -10.62 50.18
N TYR G 768 41.97 -11.60 49.49
CA TYR G 768 41.90 -13.00 49.89
C TYR G 768 43.31 -13.53 50.08
N MET G 769 43.47 -14.45 51.03
CA MET G 769 44.79 -14.92 51.42
C MET G 769 44.65 -16.25 52.14
N SER G 770 45.52 -17.20 51.80
CA SER G 770 45.55 -18.47 52.49
C SER G 770 46.98 -18.85 52.80
N ILE G 771 47.17 -19.48 53.95
CA ILE G 771 48.45 -20.06 54.34
C ILE G 771 48.21 -21.51 54.71
N CYS G 772 48.76 -22.42 53.91
CA CYS G 772 48.73 -23.85 54.19
C CYS G 772 49.91 -24.18 55.10
N SER G 773 50.34 -25.46 55.11
CA SER G 773 51.43 -25.99 55.92
C SER G 773 52.70 -25.14 55.91
N GLY G 774 53.48 -25.21 56.97
CA GLY G 774 54.67 -24.37 57.02
C GLY G 774 55.40 -24.51 58.33
N ASN G 775 56.64 -24.04 58.31
CA ASN G 775 57.47 -23.92 59.51
C ASN G 775 57.38 -22.53 60.13
N LEU G 776 56.27 -21.83 59.90
CA LEU G 776 56.16 -20.44 60.30
C LEU G 776 55.84 -20.38 61.78
N VAL G 777 56.56 -19.53 62.49
CA VAL G 777 56.43 -19.48 63.95
C VAL G 777 55.61 -18.26 64.36
N LYS G 778 56.02 -17.08 63.93
CA LYS G 778 55.30 -15.87 64.28
C LYS G 778 55.41 -14.86 63.15
N MET G 779 54.57 -13.84 63.23
CA MET G 779 54.56 -12.76 62.25
C MET G 779 55.41 -11.60 62.74
N GLN G 780 56.08 -10.94 61.79
CA GLN G 780 56.91 -9.80 62.13
C GLN G 780 56.05 -8.58 62.42
N GLU G 781 56.69 -7.54 62.91
CA GLU G 781 56.05 -6.25 63.17
C GLU G 781 55.53 -5.50 61.93
N PRO G 782 56.13 -5.59 60.73
CA PRO G 782 55.44 -5.02 59.56
C PRO G 782 54.13 -5.72 59.20
N PHE G 783 53.88 -6.94 59.68
CA PHE G 783 52.65 -7.63 59.35
C PHE G 783 51.43 -6.98 59.99
N TRP G 784 51.62 -6.27 61.10
CA TRP G 784 50.48 -5.58 61.71
C TRP G 784 50.33 -4.17 61.16
N GLY G 785 51.34 -3.32 61.34
CA GLY G 785 51.43 -1.99 60.74
C GLY G 785 50.26 -1.08 61.01
N ASN G 786 49.80 -1.01 62.25
CA ASN G 786 48.48 -0.48 62.57
C ASN G 786 48.51 0.97 63.04
N GLU G 787 49.41 1.80 62.49
CA GLU G 787 49.38 3.21 62.86
C GLU G 787 48.18 3.91 62.21
N ASN G 788 48.06 3.80 60.89
CA ASN G 788 46.84 4.17 60.18
C ASN G 788 46.45 3.20 59.10
N THR G 789 47.38 2.40 58.57
CA THR G 789 47.10 1.49 57.48
C THR G 789 46.52 0.18 58.01
N HIS G 790 45.64 -0.41 57.21
CA HIS G 790 45.04 -1.69 57.54
C HIS G 790 45.02 -2.55 56.28
N TRP G 791 44.61 -3.80 56.45
CA TRP G 791 44.75 -4.78 55.37
C TRP G 791 43.72 -4.57 54.27
N ARG G 792 42.48 -4.23 54.64
CA ARG G 792 41.31 -4.35 53.77
C ARG G 792 41.22 -5.74 53.16
N ILE G 793 41.47 -6.74 54.00
CA ILE G 793 41.47 -8.14 53.58
C ILE G 793 40.12 -8.72 54.00
N GLU G 794 39.70 -9.76 53.31
CA GLU G 794 38.33 -10.19 53.55
C GLU G 794 38.20 -11.68 53.84
N GLY G 795 38.99 -12.51 53.19
CA GLY G 795 38.96 -13.94 53.43
C GLY G 795 40.34 -14.45 53.79
N LEU G 796 40.40 -15.24 54.87
CA LEU G 796 41.68 -15.69 55.39
C LEU G 796 41.60 -17.16 55.74
N MET G 797 42.65 -17.91 55.42
CA MET G 797 42.69 -19.34 55.66
C MET G 797 44.05 -19.73 56.23
N LEU G 798 44.02 -20.49 57.33
CA LEU G 798 45.24 -20.97 57.99
C LEU G 798 45.08 -22.48 58.11
N SER G 799 45.69 -23.25 57.21
CA SER G 799 45.28 -24.65 57.08
C SER G 799 45.93 -25.54 58.14
N SER G 800 47.24 -25.75 58.05
CA SER G 800 47.87 -26.73 58.94
C SER G 800 49.17 -26.13 59.47
N LEU G 801 49.08 -25.38 60.55
CA LEU G 801 50.23 -24.71 61.14
C LEU G 801 50.35 -25.12 62.60
N SER G 802 51.45 -25.80 62.93
CA SER G 802 51.69 -26.25 64.28
C SER G 802 52.69 -25.39 65.03
N ASP G 803 53.16 -24.29 64.44
CA ASP G 803 54.09 -23.39 65.09
C ASP G 803 53.60 -21.95 65.11
N LEU G 804 52.47 -21.65 64.45
CA LEU G 804 51.99 -20.29 64.27
C LEU G 804 51.20 -19.82 65.49
N ASP G 805 51.63 -18.70 66.07
CA ASP G 805 50.98 -18.14 67.26
C ASP G 805 50.66 -16.67 67.03
N MET G 806 49.39 -16.31 67.21
CA MET G 806 48.95 -14.92 67.20
C MET G 806 47.65 -14.82 67.96
N ASP G 807 47.15 -13.61 68.09
CA ASP G 807 45.92 -13.34 68.83
C ASP G 807 44.73 -13.21 67.91
N TRP G 808 43.59 -12.89 68.51
CA TRP G 808 42.32 -12.76 67.80
C TRP G 808 41.82 -11.32 67.73
N GLU G 809 41.77 -10.64 68.88
CA GLU G 809 41.38 -9.23 68.87
C GLU G 809 42.43 -8.34 68.24
N VAL G 810 43.69 -8.79 68.21
CA VAL G 810 44.71 -8.05 67.49
C VAL G 810 44.48 -8.16 65.99
N LEU G 811 44.02 -9.33 65.53
CA LEU G 811 43.58 -9.45 64.14
C LEU G 811 42.36 -8.60 63.86
N GLN G 812 41.40 -8.59 64.78
CA GLN G 812 40.18 -7.82 64.55
C GLN G 812 40.41 -6.32 64.64
N GLN G 813 41.47 -5.86 65.29
CA GLN G 813 41.83 -4.45 65.21
C GLN G 813 42.86 -4.18 64.13
N SER G 814 43.41 -5.21 63.49
CA SER G 814 44.31 -5.01 62.36
C SER G 814 43.67 -5.33 61.03
N MET G 815 42.58 -6.11 61.01
CA MET G 815 41.87 -6.47 59.79
C MET G 815 40.41 -6.09 59.97
N PRO G 816 40.03 -4.85 59.70
CA PRO G 816 38.65 -4.41 59.98
C PRO G 816 37.61 -4.93 59.01
N TYR G 817 38.00 -5.59 57.92
CA TYR G 817 37.07 -5.93 56.86
C TYR G 817 36.96 -7.44 56.65
N LEU G 818 37.20 -8.22 57.71
CA LEU G 818 37.07 -9.66 57.58
C LEU G 818 35.62 -10.08 57.51
N ARG G 819 35.37 -11.19 56.81
CA ARG G 819 34.08 -11.86 56.84
C ARG G 819 34.19 -13.25 57.43
N THR G 820 35.07 -14.08 56.89
CA THR G 820 35.26 -15.46 57.34
C THR G 820 36.74 -15.75 57.50
N VAL G 821 37.09 -16.48 58.54
CA VAL G 821 38.45 -16.97 58.76
C VAL G 821 38.35 -18.47 58.96
N THR G 822 38.87 -19.24 58.00
CA THR G 822 38.74 -20.70 58.03
C THR G 822 40.09 -21.29 58.44
N ALA G 823 40.19 -21.70 59.69
CA ALA G 823 41.38 -22.39 60.19
C ALA G 823 40.94 -23.75 60.73
N ASN G 824 41.70 -24.79 60.40
CA ASN G 824 41.27 -26.13 60.77
C ASN G 824 42.34 -27.04 61.35
N TRP G 825 43.64 -26.71 61.26
CA TRP G 825 44.66 -27.47 61.99
C TRP G 825 45.68 -26.48 62.55
N CYS G 826 45.39 -25.96 63.74
CA CYS G 826 46.31 -25.08 64.45
C CYS G 826 46.16 -25.38 65.93
N PRO G 827 46.94 -26.32 66.45
CA PRO G 827 46.71 -26.82 67.81
C PRO G 827 47.20 -25.90 68.93
N GLU G 828 47.49 -24.64 68.64
CA GLU G 828 48.28 -23.82 69.52
C GLU G 828 47.75 -22.41 69.73
N LEU G 829 46.66 -22.02 69.07
CA LEU G 829 46.11 -20.69 69.28
C LEU G 829 45.19 -20.68 70.49
N GLU G 830 44.08 -21.42 70.40
CA GLU G 830 43.02 -21.52 71.42
C GLU G 830 42.53 -20.15 71.90
N SER G 831 42.48 -19.20 70.98
CA SER G 831 41.99 -17.87 71.29
C SER G 831 41.00 -17.37 70.26
N PHE G 832 40.73 -18.14 69.22
CA PHE G 832 39.86 -17.64 68.18
C PHE G 832 38.40 -17.95 68.53
N ALA G 833 37.50 -17.34 67.76
CA ALA G 833 36.08 -17.45 68.03
C ALA G 833 35.47 -18.72 67.47
N ILE G 834 36.21 -19.50 66.68
CA ILE G 834 35.67 -20.72 66.11
C ILE G 834 35.65 -21.82 67.18
N GLU G 835 34.97 -22.93 66.85
CA GLU G 835 34.66 -23.96 67.84
C GLU G 835 35.92 -24.68 68.31
N ASP G 836 36.82 -25.02 67.39
CA ASP G 836 38.16 -25.46 67.76
C ASP G 836 39.13 -25.08 66.65
N VAL G 837 40.14 -24.30 67.01
CA VAL G 837 41.19 -23.95 66.06
C VAL G 837 42.19 -25.08 65.93
N GLY G 838 42.06 -26.11 66.75
CA GLY G 838 43.01 -27.19 66.79
C GLY G 838 42.59 -28.25 65.81
N PHE G 839 41.95 -29.30 66.28
CA PHE G 839 41.79 -30.51 65.48
C PHE G 839 40.79 -30.33 64.35
N ARG G 840 39.58 -29.90 64.66
CA ARG G 840 38.60 -29.64 63.61
C ARG G 840 38.69 -28.19 63.17
N GLY G 841 37.72 -27.73 62.40
CA GLY G 841 37.77 -26.38 61.88
C GLY G 841 36.41 -25.73 61.89
N GLY G 842 36.44 -24.40 61.95
CA GLY G 842 35.25 -23.58 61.83
C GLY G 842 35.47 -22.53 60.78
N VAL G 843 34.51 -21.63 60.60
CA VAL G 843 34.63 -20.59 59.57
C VAL G 843 34.56 -19.19 60.13
N TRP G 844 33.93 -18.98 61.29
CA TRP G 844 33.64 -17.67 61.87
C TRP G 844 32.91 -16.77 60.86
N MET G 845 31.70 -17.18 60.54
CA MET G 845 30.85 -16.36 59.68
C MET G 845 30.20 -15.28 60.53
N LYS G 846 30.77 -14.09 60.53
CA LYS G 846 30.30 -13.01 61.36
C LYS G 846 29.04 -12.39 60.77
N THR G 847 28.45 -11.46 61.52
CA THR G 847 27.22 -10.80 61.09
C THR G 847 27.51 -9.75 60.02
C2 U5P H . -2.53 69.22 -51.64
N3 U5P H . -2.27 69.32 -52.94
C4 U5P H . -2.60 70.40 -53.65
C5 U5P H . -3.25 71.46 -53.05
C6 U5P H . -3.54 71.38 -51.69
O2 U5P H . -2.20 68.18 -51.04
O4 U5P H . -2.34 70.45 -54.87
C1' U5P H . -3.55 70.33 -49.58
C2' U5P H . -4.89 69.68 -49.57
O2' U5P H . -5.91 70.66 -49.35
C3' U5P H . -4.84 68.73 -48.40
C4' U5P H . -3.42 68.75 -47.86
O3' U5P H . -5.73 69.27 -47.42
O4' U5P H . -2.67 69.61 -48.70
C5' U5P H . -2.82 67.35 -47.86
O5' U5P H . -1.61 67.39 -47.12
P U5P H . -1.42 66.47 -45.82
O1P U5P H . -2.07 65.12 -46.06
O2P U5P H . -2.05 67.12 -44.62
N1 U5P I . 10.98 64.51 -40.64
C2 U5P I . 12.17 64.56 -41.28
N3 U5P I . 12.91 65.69 -41.22
C4 U5P I . 12.45 66.73 -40.55
C5 U5P I . 11.26 66.67 -39.91
C6 U5P I . 10.52 65.53 -39.96
O2 U5P I . 12.56 63.61 -41.88
O4 U5P I . 13.10 67.71 -40.51
C1' U5P I . 10.23 63.32 -40.70
C2' U5P I . 9.94 62.90 -39.31
O2' U5P I . 10.79 61.79 -38.99
C3' U5P I . 8.54 62.44 -39.32
C4' U5P I . 7.97 62.79 -40.64
O3' U5P I . 8.52 61.02 -39.20
O4' U5P I . 8.95 63.62 -41.34
C5' U5P I . 6.69 63.52 -40.47
O5' U5P I . 5.89 63.23 -41.58
P U5P I . 5.63 64.64 -42.36
O1P U5P I . 6.90 65.34 -42.52
O3P U5P I . 4.96 64.35 -43.83
PG DTP J . -8.73 24.14 0.50
O1G DTP J . -8.87 23.23 -0.70
O2G DTP J . -7.32 24.25 0.98
O3G DTP J . -9.71 23.82 1.60
PB DTP J . -9.45 26.89 0.89
O1B DTP J . -10.48 26.49 1.88
O2B DTP J . -9.70 28.04 -0.01
O3B DTP J . -9.13 25.61 0.00
PA DTP J . -8.02 27.64 3.19
O1A DTP J . -9.26 28.42 3.43
O2A DTP J . -7.69 26.48 4.08
O3A DTP J . -8.08 27.11 1.68
O5' DTP J . -6.77 28.64 3.15
C5' DTP J . -5.44 28.10 3.08
C4' DTP J . -4.48 29.07 3.73
O4' DTP J . -4.82 30.40 3.29
C3' DTP J . -4.53 29.09 5.25
O3' DTP J . -3.22 29.26 5.76
C2' DTP J . -5.38 30.32 5.55
C1' DTP J . -4.96 31.24 4.43
N9 DTP J . -5.95 32.23 4.10
C8 DTP J . -7.01 32.08 3.25
N7 DTP J . -7.75 33.16 3.16
C5 DTP J . -7.14 34.07 4.00
C6 DTP J . -7.44 35.41 4.34
N6 DTP J . -8.48 36.07 3.85
N1 DTP J . -6.62 36.03 5.22
C2 DTP J . -5.57 35.34 5.71
N3 DTP J . -5.20 34.09 5.46
C4 DTP J . -6.03 33.51 4.59
PG DTP K . -33.06 -3.94 -3.51
O1G DTP K . -33.36 -4.35 -2.09
O2G DTP K . -32.18 -4.92 -4.24
O3G DTP K . -32.55 -2.53 -3.61
PB DTP K . -35.72 -3.01 -3.92
O1B DTP K . -35.84 -3.00 -2.44
O2B DTP K . -36.88 -3.41 -4.76
O3B DTP K . -34.46 -3.94 -4.28
PA DTP K . -35.43 -0.26 -3.48
O1A DTP K . -36.72 -0.44 -2.76
O2A DTP K . -34.18 -0.03 -2.69
O3A DTP K . -35.21 -1.57 -4.37
O5' DTP K . -35.58 0.89 -4.58
C5' DTP K . -34.43 1.32 -5.34
C4' DTP K . -34.68 2.71 -5.85
O4' DTP K . -36.00 2.75 -6.43
C3' DTP K . -34.62 3.81 -4.80
O3' DTP K . -34.02 4.98 -5.36
C2' DTP K . -36.10 4.08 -4.51
C1' DTP K . -36.71 3.86 -5.89
N9 DTP K . -38.10 3.47 -5.82
C8 DTP K . -38.60 2.21 -5.66
N7 DTP K . -39.91 2.17 -5.65
C5 DTP K . -40.30 3.49 -5.79
C6 DTP K . -41.55 4.13 -5.84
N6 DTP K . -42.71 3.47 -5.76
N1 DTP K . -41.57 5.47 -6.00
C2 DTP K . -40.40 6.12 -6.08
N3 DTP K . -39.16 5.64 -6.04
C4 DTP K . -39.19 4.31 -5.90
PG DTP L . 16.84 13.80 25.65
O1G DTP L . 16.20 14.92 24.88
O2G DTP L . 17.50 12.78 24.77
O3G DTP L . 15.91 13.20 26.66
PB DTP L . 17.77 15.26 27.90
O1B DTP L . 16.31 15.49 28.03
O2B DTP L . 18.72 16.40 28.01
O3B DTP L . 18.00 14.49 26.52
PA DTP L . 17.26 13.60 30.13
O1A DTP L . 16.66 14.80 30.79
O2A DTP L . 16.37 12.55 29.59
O3A DTP L . 18.19 14.13 28.95
O5' DTP L . 18.33 12.95 31.12
C5' DTP L . 18.96 11.70 30.76
C4' DTP L . 19.56 11.08 32.00
O4' DTP L . 20.40 12.07 32.64
C3' DTP L . 18.55 10.63 33.05
O3' DTP L . 18.97 9.39 33.61
C2' DTP L . 18.63 11.74 34.11
C1' DTP L . 20.09 12.13 34.02
N9 DTP L . 20.30 13.50 34.44
C8 DTP L . 20.20 14.61 33.65
N7 DTP L . 20.47 15.72 34.31
C5 DTP L . 20.76 15.31 35.59
C6 DTP L . 21.11 16.00 36.76
N6 DTP L . 21.24 17.31 36.83
N1 DTP L . 21.32 15.26 37.87
C2 DTP L . 21.19 13.93 37.80
N3 DTP L . 20.86 13.17 36.76
C4 DTP L . 20.66 13.93 35.68
PG DTP M . -22.30 -31.83 19.27
O1G DTP M . -21.28 -32.36 20.25
O2G DTP M . -21.77 -31.79 17.86
O3G DTP M . -22.91 -30.54 19.71
PB DTP M . -24.93 -32.77 19.99
O1B DTP M . -24.73 -32.28 21.39
O2B DTP M . -25.69 -34.03 19.77
O3B DTP M . -23.50 -32.88 19.27
PA DTP M . -27.19 -31.26 19.25
O1A DTP M . -27.62 -31.75 20.59
O2A DTP M . -27.38 -29.82 18.90
O3A DTP M . -25.63 -31.62 19.15
O5' DTP M . -27.81 -32.18 18.10
C5' DTP M . -28.01 -31.64 16.77
C4' DTP M . -29.49 -31.53 16.51
O4' DTP M . -30.13 -32.69 17.07
C3' DTP M . -30.19 -30.33 17.14
O3' DTP M . -30.49 -29.35 16.15
C2' DTP M . -31.47 -30.90 17.76
C1' DTP M . -31.48 -32.37 17.35
N9 DTP M . -31.87 -33.24 18.44
C8 DTP M . -31.02 -33.90 19.29
N7 DTP M . -31.66 -34.62 20.17
C5 DTP M . -33.01 -34.41 19.89
C6 DTP M . -34.18 -34.90 20.47
N6 DTP M . -34.21 -35.73 21.52
N1 DTP M . -35.35 -34.48 19.95
C2 DTP M . -35.33 -33.64 18.90
N3 DTP M . -34.28 -33.12 18.27
C4 DTP M . -33.13 -33.55 18.82
PG DTP N . 8.16 -20.92 37.41
O1G DTP N . 9.26 -20.68 36.41
O2G DTP N . 7.21 -21.98 36.98
O3G DTP N . 7.47 -19.64 37.83
PB DTP N . 8.18 -21.76 40.14
O1B DTP N . 7.36 -20.56 40.49
O2B DTP N . 9.22 -22.24 41.09
O3B DTP N . 8.86 -21.48 38.72
PA DTP N . 5.58 -22.84 40.00
O1A DTP N . 5.33 -21.99 41.19
O2A DTP N . 4.99 -22.45 38.69
O3A DTP N . 7.17 -22.95 39.82
O5' DTP N . 5.19 -24.36 40.35
C5' DTP N . 5.14 -25.34 39.29
C4' DTP N . 4.32 -26.51 39.76
O4' DTP N . 4.88 -26.99 40.99
C3' DTP N . 2.85 -26.22 40.04
O3' DTP N . 2.05 -27.30 39.56
C2' DTP N . 2.79 -26.15 41.56
C1' DTP N . 3.83 -27.19 41.93
N9 DTP N . 4.40 -26.97 43.25
C8 DTP N . 5.45 -26.17 43.55
N7 DTP N . 5.74 -26.17 44.83
C5 DTP N . 4.83 -27.05 45.39
C6 DTP N . 4.60 -27.48 46.71
N6 DTP N . 5.34 -27.10 47.75
N1 DTP N . 3.60 -28.36 46.91
C2 DTP N . 2.86 -28.75 45.86
N3 DTP N . 2.98 -28.41 44.59
C4 DTP N . 3.99 -27.54 44.42
#